data_1WYU
#
_entry.id   1WYU
#
_cell.length_a   134.874
_cell.length_b   166.673
_cell.length_c   189.007
_cell.angle_alpha   90.00
_cell.angle_beta   90.00
_cell.angle_gamma   90.00
#
_symmetry.space_group_name_H-M   'P 21 21 21'
#
loop_
_entity.id
_entity.type
_entity.pdbx_description
1 polymer 'glycine dehydrogenase (decarboxylating) subunit 1'
2 polymer 'glycine dehydrogenase subunit 2 (P-protein)'
3 non-polymer "PYRIDOXAL-5'-PHOSPHATE"
4 water water
#
loop_
_entity_poly.entity_id
_entity_poly.type
_entity_poly.pdbx_seq_one_letter_code
_entity_poly.pdbx_strand_id
1 'polypeptide(L)'
;MDYTPHTEEEIREMLRRVGAASLEDLFAHLPKEILSPPIDLPEPLPEWKVLEELRRLAAQNLPAHKAFLGGGVRSHHVPP
VVQALAARGEFLTAYTPYQPEVSQGVLQATFEYQTMIAELAGLEIANASMYDGATALAEGVLLALRETGRMGVLVSQGVH
PEYRAVLRAYLEAVGAKLLTLPLEGGRTPLPEVGEEVGAVVVQNPNFLGALEDLGPFAEAAHGAGALFVAVADPLSLGVL
KPPGAYGADIAVGDGQSLGLPMGFGGPHFGFLATKKAFVRQLPGRLVSETVDVEGRRGFILTLQAREQYIRRAKAKSNIT
TNAQLTALMGAMYLAALGPEGLREVALKSVEMAHKLHALLLEVPGVRPFTPKPFFNEFALALPKDPEAVRRALAERGFHG
ATPVPREYGENLALFAATELHEEEDLLALREALKEVLA
;
A,C,E,G
2 'polypeptide(L)'
;MSFPLIFERSRKGRRGLKLVKAVPKAEDLIPKEHLREVPPRLPEVDELTLVRHYTGLSRRQVGVDTTFYPLGSCTMKYNP
KLHEEAARLFADLHPYQDPRTAQGALRLMWELGEYLKALTGMDAITLEPAAGAHGELTGILIIRAYHEDRGEGRTRRVVL
VPDSAHGSNPATASMAGYQVREIPSGPEGEVDLEALKRELGPHVAALMLTNPNTLGLFERRILEISRLCKEAGVQLYYDG
ANLNAIMGWARPGDMGFDVVHLNLHKTFTVPHGGGGPGSGPVGVKAHLAPYLPVPLVERGEEGFYLDFDRPKSIGRVRSF
YGNFLALVRAWAYIRTLGLEGLKKAAALAVLNARYLKELLKEKGYRVPYDGPSMHEFVAQPPEGFRALDLAKGLLELGFH
PPTVYFPLIVKEALMVEPTETEAKETLEAFAEAMGALLKKPKEWLENAPYSTPVRRLDELRANKHPKLTYFDEG
;
B,D,F,H
#
# COMPACT_ATOMS: atom_id res chain seq x y z
N MET A 1 -37.18 3.67 -9.01
CA MET A 1 -35.86 3.43 -8.37
C MET A 1 -35.74 1.93 -8.10
N ASP A 2 -34.60 1.48 -7.58
CA ASP A 2 -34.45 0.07 -7.28
C ASP A 2 -33.18 -0.24 -6.50
N TYR A 3 -32.99 -1.50 -6.17
CA TYR A 3 -31.84 -1.93 -5.37
C TYR A 3 -30.86 -2.87 -6.06
N THR A 4 -30.97 -3.04 -7.38
CA THR A 4 -30.03 -3.91 -8.07
C THR A 4 -28.70 -3.17 -8.27
N PRO A 5 -27.58 -3.87 -8.04
CA PRO A 5 -26.26 -3.27 -8.19
C PRO A 5 -25.69 -3.24 -9.61
N HIS A 6 -26.20 -4.12 -10.47
CA HIS A 6 -25.70 -4.27 -11.85
C HIS A 6 -25.56 -3.02 -12.72
N THR A 7 -24.38 -2.83 -13.29
CA THR A 7 -24.13 -1.73 -14.20
C THR A 7 -24.46 -2.34 -15.57
N GLU A 8 -24.59 -1.51 -16.60
CA GLU A 8 -24.92 -2.02 -17.93
C GLU A 8 -23.81 -2.93 -18.47
N GLU A 9 -22.55 -2.60 -18.19
CA GLU A 9 -21.45 -3.43 -18.66
C GLU A 9 -21.47 -4.82 -18.03
N GLU A 10 -21.83 -4.89 -16.75
CA GLU A 10 -21.89 -6.18 -16.07
C GLU A 10 -23.03 -7.02 -16.65
N ILE A 11 -24.17 -6.39 -16.87
CA ILE A 11 -25.33 -7.08 -17.42
C ILE A 11 -24.96 -7.67 -18.79
N ARG A 12 -24.33 -6.83 -19.60
CA ARG A 12 -23.89 -7.23 -20.94
C ARG A 12 -22.99 -8.48 -20.86
N GLU A 13 -22.02 -8.46 -19.97
CA GLU A 13 -21.11 -9.59 -19.82
C GLU A 13 -21.82 -10.84 -19.32
N MET A 14 -22.69 -10.67 -18.33
CA MET A 14 -23.43 -11.79 -17.78
C MET A 14 -24.34 -12.45 -18.80
N LEU A 15 -25.01 -11.63 -19.62
CA LEU A 15 -25.91 -12.15 -20.65
C LEU A 15 -25.11 -12.99 -21.64
N ARG A 16 -23.91 -12.50 -21.99
CA ARG A 16 -23.06 -13.22 -22.93
C ARG A 16 -22.72 -14.57 -22.32
N ARG A 17 -22.35 -14.56 -21.05
CA ARG A 17 -21.96 -15.77 -20.35
C ARG A 17 -23.06 -16.84 -20.29
N VAL A 18 -24.31 -16.42 -20.18
CA VAL A 18 -25.40 -17.38 -20.11
C VAL A 18 -26.04 -17.61 -21.48
N GLY A 19 -25.47 -16.96 -22.50
CA GLY A 19 -25.96 -17.12 -23.85
C GLY A 19 -27.33 -16.53 -24.16
N ALA A 20 -27.66 -15.42 -23.49
CA ALA A 20 -28.92 -14.74 -23.72
C ALA A 20 -28.62 -13.44 -24.46
N ALA A 21 -29.48 -13.07 -25.39
CA ALA A 21 -29.28 -11.84 -26.17
C ALA A 21 -29.69 -10.58 -25.41
N SER A 22 -30.57 -10.74 -24.44
CA SER A 22 -31.05 -9.61 -23.66
C SER A 22 -31.77 -10.13 -22.45
N LEU A 23 -32.22 -9.20 -21.62
CA LEU A 23 -32.96 -9.53 -20.41
C LEU A 23 -34.25 -10.27 -20.77
N GLU A 24 -34.97 -9.79 -21.79
CA GLU A 24 -36.22 -10.45 -22.18
C GLU A 24 -35.97 -11.85 -22.75
N ASP A 25 -34.79 -12.06 -23.32
CA ASP A 25 -34.48 -13.35 -23.89
C ASP A 25 -34.42 -14.41 -22.78
N LEU A 26 -34.25 -13.97 -21.54
CA LEU A 26 -34.20 -14.88 -20.40
C LEU A 26 -35.54 -15.58 -20.20
N PHE A 27 -36.61 -15.00 -20.74
CA PHE A 27 -37.95 -15.57 -20.59
C PHE A 27 -38.53 -16.08 -21.91
N ALA A 28 -37.70 -16.12 -22.95
CA ALA A 28 -38.12 -16.54 -24.28
C ALA A 28 -38.68 -17.95 -24.36
N HIS A 29 -38.27 -18.81 -23.42
CA HIS A 29 -38.76 -20.18 -23.43
C HIS A 29 -40.14 -20.31 -22.79
N LEU A 30 -40.67 -19.21 -22.25
CA LEU A 30 -42.00 -19.25 -21.64
C LEU A 30 -43.04 -19.23 -22.76
N PRO A 31 -44.23 -19.80 -22.50
CA PRO A 31 -45.23 -19.77 -23.57
C PRO A 31 -45.51 -18.33 -23.98
N LYS A 32 -45.45 -18.07 -25.27
CA LYS A 32 -45.66 -16.74 -25.84
C LYS A 32 -46.94 -16.05 -25.37
N GLU A 33 -48.01 -16.83 -25.18
CA GLU A 33 -49.28 -16.27 -24.78
C GLU A 33 -49.36 -15.65 -23.38
N ILE A 34 -48.42 -15.96 -22.49
CA ILE A 34 -48.49 -15.37 -21.16
C ILE A 34 -47.51 -14.22 -20.97
N LEU A 35 -46.70 -13.95 -22.00
CA LEU A 35 -45.74 -12.86 -21.92
C LEU A 35 -46.43 -11.52 -22.14
N SER A 36 -45.74 -10.43 -21.78
CA SER A 36 -46.30 -9.09 -21.92
C SER A 36 -47.67 -8.95 -21.29
N PRO A 37 -47.84 -9.40 -20.04
CA PRO A 37 -49.18 -9.25 -19.45
C PRO A 37 -49.47 -7.79 -19.18
N PRO A 38 -50.75 -7.41 -19.18
CA PRO A 38 -51.15 -6.01 -18.93
C PRO A 38 -51.20 -5.76 -17.42
N ILE A 39 -50.09 -5.32 -16.85
CA ILE A 39 -50.05 -5.06 -15.42
C ILE A 39 -50.10 -3.56 -15.16
N ASP A 40 -51.10 -3.15 -14.38
CA ASP A 40 -51.27 -1.74 -14.04
C ASP A 40 -50.78 -1.45 -12.63
N LEU A 41 -49.68 -0.70 -12.54
CA LEU A 41 -49.08 -0.34 -11.27
C LEU A 41 -48.69 1.12 -11.35
N PRO A 42 -48.75 1.84 -10.22
CA PRO A 42 -48.36 3.25 -10.31
C PRO A 42 -46.90 3.41 -10.70
N GLU A 43 -46.57 4.54 -11.32
CA GLU A 43 -45.20 4.81 -11.74
C GLU A 43 -44.27 4.85 -10.52
N PRO A 44 -43.00 4.46 -10.70
CA PRO A 44 -42.04 4.47 -9.61
C PRO A 44 -41.80 5.82 -8.96
N LEU A 45 -41.48 5.82 -7.67
CA LEU A 45 -41.23 7.04 -6.92
C LEU A 45 -39.96 6.91 -6.08
N PRO A 46 -39.18 8.00 -5.94
CA PRO A 46 -37.95 7.94 -5.13
C PRO A 46 -38.36 7.75 -3.66
N GLU A 47 -37.45 7.21 -2.85
CA GLU A 47 -37.73 6.95 -1.45
C GLU A 47 -38.34 8.10 -0.63
N TRP A 48 -37.90 9.33 -0.86
CA TRP A 48 -38.44 10.46 -0.11
C TRP A 48 -39.91 10.70 -0.49
N LYS A 49 -40.25 10.42 -1.75
CA LYS A 49 -41.61 10.61 -2.19
C LYS A 49 -42.49 9.48 -1.65
N VAL A 50 -41.93 8.27 -1.61
CA VAL A 50 -42.68 7.14 -1.07
C VAL A 50 -43.01 7.43 0.39
N LEU A 51 -42.04 7.96 1.12
CA LEU A 51 -42.24 8.32 2.51
C LEU A 51 -43.29 9.43 2.63
N GLU A 52 -43.22 10.40 1.72
CA GLU A 52 -44.18 11.50 1.73
C GLU A 52 -45.59 10.93 1.60
N GLU A 53 -45.77 9.97 0.69
CA GLU A 53 -47.08 9.38 0.51
C GLU A 53 -47.51 8.64 1.78
N LEU A 54 -46.58 7.90 2.40
CA LEU A 54 -46.92 7.17 3.62
C LEU A 54 -47.36 8.17 4.69
N ARG A 55 -46.64 9.29 4.77
CA ARG A 55 -46.95 10.34 5.73
C ARG A 55 -48.38 10.84 5.51
N ARG A 56 -48.74 11.06 4.25
CA ARG A 56 -50.07 11.53 3.91
C ARG A 56 -51.13 10.54 4.37
N LEU A 57 -50.84 9.25 4.19
CA LEU A 57 -51.77 8.20 4.61
C LEU A 57 -51.92 8.17 6.12
N ALA A 58 -50.80 8.25 6.83
CA ALA A 58 -50.82 8.23 8.28
C ALA A 58 -51.54 9.47 8.82
N ALA A 59 -51.38 10.59 8.12
CA ALA A 59 -52.00 11.84 8.52
C ALA A 59 -53.51 11.72 8.47
N GLN A 60 -54.02 10.77 7.70
CA GLN A 60 -55.45 10.54 7.58
C GLN A 60 -56.01 9.83 8.82
N ASN A 61 -55.13 9.14 9.54
CA ASN A 61 -55.55 8.38 10.71
C ASN A 61 -55.43 9.16 12.03
N LEU A 62 -56.27 8.77 12.99
CA LEU A 62 -56.24 9.36 14.32
C LEU A 62 -55.44 8.32 15.10
N PRO A 63 -54.21 8.65 15.51
CA PRO A 63 -53.40 7.69 16.27
C PRO A 63 -54.10 7.14 17.51
N ALA A 64 -53.81 5.88 17.83
CA ALA A 64 -54.43 5.20 18.95
C ALA A 64 -53.56 5.12 20.21
N HIS A 65 -52.54 5.95 20.30
CA HIS A 65 -51.69 5.93 21.48
C HIS A 65 -52.57 6.36 22.67
N LYS A 66 -52.54 5.59 23.75
CA LYS A 66 -53.34 5.85 24.95
C LYS A 66 -54.85 5.61 24.77
N ALA A 67 -55.19 4.81 23.77
CA ALA A 67 -56.58 4.47 23.50
C ALA A 67 -57.15 3.68 24.68
N PHE A 68 -58.47 3.69 24.82
CA PHE A 68 -59.13 2.96 25.88
C PHE A 68 -59.84 1.75 25.27
N LEU A 69 -59.45 1.41 24.04
CA LEU A 69 -60.01 0.28 23.33
C LEU A 69 -59.38 -1.01 23.85
N GLY A 70 -60.19 -2.07 23.91
CA GLY A 70 -59.68 -3.35 24.38
C GLY A 70 -60.06 -4.44 23.40
N GLY A 71 -60.21 -5.66 23.90
CA GLY A 71 -60.58 -6.75 23.02
C GLY A 71 -59.41 -7.53 22.45
N GLY A 72 -58.34 -7.66 23.22
CA GLY A 72 -57.20 -8.43 22.71
C GLY A 72 -55.96 -7.62 22.41
N VAL A 73 -56.13 -6.34 22.11
CA VAL A 73 -55.02 -5.46 21.83
C VAL A 73 -55.22 -4.20 22.66
N ARG A 74 -54.16 -3.73 23.31
CA ARG A 74 -54.27 -2.54 24.13
C ARG A 74 -53.05 -1.66 23.90
N SER A 75 -53.18 -0.37 24.20
CA SER A 75 -52.09 0.56 24.03
C SER A 75 -51.17 0.58 25.24
N HIS A 76 -50.20 -0.33 25.25
CA HIS A 76 -49.23 -0.41 26.34
C HIS A 76 -47.98 0.32 25.87
N HIS A 77 -47.10 0.66 26.80
CA HIS A 77 -45.87 1.37 26.47
C HIS A 77 -44.91 0.46 25.67
N VAL A 78 -44.44 0.97 24.54
CA VAL A 78 -43.51 0.22 23.69
C VAL A 78 -42.12 0.79 24.04
N PRO A 79 -41.35 0.07 24.88
CA PRO A 79 -40.02 0.57 25.26
C PRO A 79 -39.01 0.70 24.12
N PRO A 80 -38.52 1.92 23.90
CA PRO A 80 -37.54 2.14 22.84
C PRO A 80 -36.31 1.25 22.95
N VAL A 81 -35.94 0.85 24.16
CA VAL A 81 -34.77 0.01 24.32
C VAL A 81 -35.02 -1.34 23.64
N VAL A 82 -36.23 -1.86 23.75
CA VAL A 82 -36.55 -3.14 23.11
C VAL A 82 -36.57 -2.99 21.58
N GLN A 83 -37.22 -1.95 21.09
CA GLN A 83 -37.29 -1.72 19.67
C GLN A 83 -35.90 -1.44 19.07
N ALA A 84 -35.02 -0.83 19.84
CA ALA A 84 -33.67 -0.56 19.34
C ALA A 84 -32.92 -1.88 19.20
N LEU A 85 -33.07 -2.76 20.19
CA LEU A 85 -32.40 -4.05 20.15
C LEU A 85 -32.95 -4.95 19.04
N ALA A 86 -34.26 -4.94 18.85
CA ALA A 86 -34.88 -5.76 17.81
C ALA A 86 -34.66 -5.18 16.41
N ALA A 87 -34.15 -3.96 16.34
CA ALA A 87 -33.89 -3.33 15.06
C ALA A 87 -32.50 -3.69 14.51
N ARG A 88 -31.68 -4.33 15.35
CA ARG A 88 -30.34 -4.75 14.93
C ARG A 88 -30.46 -5.58 13.64
N GLY A 89 -29.67 -5.23 12.63
CA GLY A 89 -29.75 -5.93 11.36
C GLY A 89 -29.63 -7.44 11.40
N GLU A 90 -28.81 -7.95 12.32
CA GLU A 90 -28.62 -9.39 12.43
C GLU A 90 -29.92 -10.11 12.83
N PHE A 91 -30.69 -9.51 13.75
CA PHE A 91 -31.95 -10.12 14.17
C PHE A 91 -33.01 -9.91 13.11
N LEU A 92 -33.04 -8.70 12.58
CA LEU A 92 -34.01 -8.33 11.58
C LEU A 92 -33.92 -9.08 10.25
N THR A 93 -32.71 -9.26 9.74
CA THR A 93 -32.52 -9.89 8.43
C THR A 93 -32.06 -11.34 8.35
N ALA A 94 -31.94 -12.00 9.49
CA ALA A 94 -31.52 -13.40 9.49
C ALA A 94 -32.70 -14.27 9.03
N TYR A 95 -32.40 -15.48 8.60
CA TYR A 95 -33.46 -16.41 8.19
C TYR A 95 -33.54 -17.47 9.31
N THR A 96 -34.50 -18.37 9.21
CA THR A 96 -34.63 -19.46 10.19
C THR A 96 -33.21 -20.00 10.39
N PRO A 97 -32.78 -20.18 11.65
CA PRO A 97 -31.42 -20.67 11.94
C PRO A 97 -31.08 -22.13 11.62
N TYR A 98 -30.95 -22.45 10.34
CA TYR A 98 -30.63 -23.82 9.94
C TYR A 98 -29.14 -24.16 10.03
N GLN A 99 -28.29 -23.14 9.93
CA GLN A 99 -26.84 -23.32 10.05
C GLN A 99 -26.52 -22.74 11.42
N PRO A 100 -26.68 -23.54 12.48
CA PRO A 100 -26.45 -23.12 13.85
C PRO A 100 -25.11 -22.47 14.22
N GLU A 101 -24.04 -22.90 13.58
CA GLU A 101 -22.71 -22.35 13.89
C GLU A 101 -22.62 -20.84 13.80
N VAL A 102 -23.38 -20.24 12.88
CA VAL A 102 -23.38 -18.79 12.69
C VAL A 102 -24.69 -18.15 13.11
N SER A 103 -25.57 -18.92 13.73
CA SER A 103 -26.86 -18.42 14.15
C SER A 103 -27.12 -18.60 15.64
N GLN A 104 -26.06 -18.63 16.43
CA GLN A 104 -26.21 -18.79 17.88
C GLN A 104 -26.92 -17.61 18.51
N GLY A 105 -26.87 -16.45 17.88
CA GLY A 105 -27.55 -15.28 18.43
C GLY A 105 -29.05 -15.52 18.46
N VAL A 106 -29.62 -15.85 17.31
CA VAL A 106 -31.04 -16.11 17.20
C VAL A 106 -31.43 -17.39 17.96
N LEU A 107 -30.58 -18.42 17.85
CA LEU A 107 -30.85 -19.68 18.52
C LEU A 107 -30.95 -19.52 20.05
N GLN A 108 -29.97 -18.85 20.64
CA GLN A 108 -29.99 -18.66 22.09
C GLN A 108 -31.14 -17.75 22.51
N ALA A 109 -31.37 -16.69 21.74
CA ALA A 109 -32.45 -15.74 22.04
C ALA A 109 -33.78 -16.49 22.04
N THR A 110 -33.91 -17.47 21.15
CA THR A 110 -35.14 -18.24 21.04
C THR A 110 -35.25 -19.21 22.22
N PHE A 111 -34.12 -19.80 22.62
CA PHE A 111 -34.10 -20.72 23.75
C PHE A 111 -34.57 -19.93 24.98
N GLU A 112 -34.05 -18.71 25.13
CA GLU A 112 -34.43 -17.85 26.25
C GLU A 112 -35.92 -17.48 26.17
N TYR A 113 -36.40 -17.22 24.95
CA TYR A 113 -37.82 -16.91 24.78
C TYR A 113 -38.67 -18.10 25.23
N GLN A 114 -38.32 -19.30 24.78
CA GLN A 114 -39.06 -20.49 25.15
C GLN A 114 -39.12 -20.60 26.68
N THR A 115 -37.97 -20.37 27.32
CA THR A 115 -37.87 -20.44 28.78
C THR A 115 -38.80 -19.44 29.47
N MET A 116 -38.81 -18.20 29.00
CA MET A 116 -39.63 -17.16 29.60
C MET A 116 -41.13 -17.42 29.44
N ILE A 117 -41.54 -17.92 28.29
CA ILE A 117 -42.95 -18.22 28.06
C ILE A 117 -43.42 -19.36 28.94
N ALA A 118 -42.62 -20.42 29.03
CA ALA A 118 -42.98 -21.57 29.85
C ALA A 118 -43.17 -21.12 31.29
N GLU A 119 -42.22 -20.31 31.77
CA GLU A 119 -42.26 -19.79 33.13
C GLU A 119 -43.53 -18.99 33.38
N LEU A 120 -43.78 -18.04 32.49
CA LEU A 120 -44.95 -17.18 32.60
C LEU A 120 -46.23 -18.04 32.67
N ALA A 121 -46.30 -19.06 31.82
CA ALA A 121 -47.46 -19.94 31.77
C ALA A 121 -47.52 -20.94 32.92
N GLY A 122 -46.42 -21.08 33.65
CA GLY A 122 -46.38 -22.01 34.77
C GLY A 122 -46.22 -23.43 34.23
N LEU A 123 -45.79 -23.54 32.98
CA LEU A 123 -45.61 -24.84 32.35
C LEU A 123 -44.15 -25.21 32.14
N GLU A 124 -43.90 -26.30 31.42
CA GLU A 124 -42.54 -26.78 31.24
C GLU A 124 -41.81 -26.50 29.92
N ILE A 125 -42.55 -26.44 28.82
CA ILE A 125 -41.94 -26.16 27.51
C ILE A 125 -42.84 -25.27 26.67
N ALA A 126 -42.27 -24.74 25.60
CA ALA A 126 -43.00 -23.87 24.67
C ALA A 126 -42.26 -23.89 23.33
N ASN A 127 -42.99 -23.78 22.22
CA ASN A 127 -42.31 -23.76 20.92
C ASN A 127 -41.76 -22.36 20.65
N ALA A 128 -41.08 -22.20 19.52
CA ALA A 128 -40.45 -20.93 19.13
C ALA A 128 -41.38 -19.78 18.77
N SER A 129 -42.69 -20.07 18.72
CA SER A 129 -43.76 -19.10 18.43
C SER A 129 -44.77 -19.55 17.40
N MET A 130 -45.97 -19.01 17.54
CA MET A 130 -47.09 -19.29 16.66
C MET A 130 -47.39 -17.95 15.99
N TYR A 131 -48.27 -17.94 14.98
CA TYR A 131 -48.59 -16.71 14.25
C TYR A 131 -49.19 -15.63 15.14
N ASP A 132 -50.16 -16.03 15.96
CA ASP A 132 -50.85 -15.12 16.86
C ASP A 132 -51.59 -15.96 17.88
N GLY A 133 -52.32 -15.31 18.78
CA GLY A 133 -53.04 -16.04 19.81
C GLY A 133 -54.10 -16.99 19.29
N ALA A 134 -54.87 -16.54 18.30
CA ALA A 134 -55.94 -17.35 17.73
C ALA A 134 -55.44 -18.67 17.14
N THR A 135 -54.44 -18.58 16.27
CA THR A 135 -53.92 -19.80 15.66
C THR A 135 -53.13 -20.63 16.68
N ALA A 136 -52.61 -19.98 17.72
CA ALA A 136 -51.88 -20.71 18.74
C ALA A 136 -52.90 -21.61 19.43
N LEU A 137 -54.09 -21.04 19.67
CA LEU A 137 -55.17 -21.79 20.31
C LEU A 137 -55.58 -22.97 19.43
N ALA A 138 -55.80 -22.71 18.15
CA ALA A 138 -56.19 -23.76 17.23
C ALA A 138 -55.17 -24.89 17.28
N GLU A 139 -53.89 -24.54 17.14
CA GLU A 139 -52.81 -25.51 17.15
C GLU A 139 -52.75 -26.22 18.50
N GLY A 140 -53.00 -25.47 19.57
CA GLY A 140 -52.98 -26.04 20.91
C GLY A 140 -54.10 -27.05 21.10
N VAL A 141 -55.29 -26.74 20.58
CA VAL A 141 -56.41 -27.66 20.70
C VAL A 141 -56.14 -28.92 19.89
N LEU A 142 -55.64 -28.75 18.68
CA LEU A 142 -55.33 -29.87 17.81
C LEU A 142 -54.28 -30.76 18.48
N LEU A 143 -53.35 -30.16 19.21
CA LEU A 143 -52.31 -30.91 19.90
C LEU A 143 -53.00 -31.83 20.90
N ALA A 144 -53.92 -31.26 21.68
CA ALA A 144 -54.68 -32.01 22.68
C ALA A 144 -55.51 -33.14 22.10
N LEU A 145 -56.12 -32.90 20.94
CA LEU A 145 -56.95 -33.93 20.32
C LEU A 145 -56.08 -35.06 19.79
N ARG A 146 -54.89 -34.71 19.28
CA ARG A 146 -53.98 -35.72 18.78
C ARG A 146 -53.45 -36.53 19.97
N GLU A 147 -53.11 -35.83 21.05
CA GLU A 147 -52.60 -36.47 22.26
C GLU A 147 -53.62 -37.38 22.93
N THR A 148 -54.87 -36.94 23.01
CA THR A 148 -55.93 -37.73 23.64
C THR A 148 -56.58 -38.71 22.68
N GLY A 149 -56.40 -38.48 21.38
CA GLY A 149 -56.98 -39.35 20.39
C GLY A 149 -58.49 -39.17 20.30
N ARG A 150 -58.99 -38.05 20.79
CA ARG A 150 -60.42 -37.77 20.75
C ARG A 150 -60.72 -36.66 19.75
N MET A 151 -62.01 -36.43 19.50
CA MET A 151 -62.43 -35.41 18.53
C MET A 151 -63.38 -34.35 19.08
N GLY A 152 -63.68 -34.42 20.37
CA GLY A 152 -64.59 -33.45 20.95
C GLY A 152 -63.90 -32.28 21.66
N VAL A 153 -64.47 -31.09 21.51
CA VAL A 153 -63.91 -29.91 22.15
C VAL A 153 -64.99 -29.05 22.79
N LEU A 154 -64.75 -28.63 24.03
CA LEU A 154 -65.67 -27.77 24.75
C LEU A 154 -64.95 -26.43 24.91
N VAL A 155 -65.55 -25.36 24.43
CA VAL A 155 -64.89 -24.06 24.55
C VAL A 155 -65.82 -23.04 25.19
N SER A 156 -65.31 -22.33 26.18
CA SER A 156 -66.08 -21.30 26.86
C SER A 156 -66.36 -20.15 25.90
N GLN A 157 -67.58 -19.61 25.96
CA GLN A 157 -67.95 -18.48 25.12
C GLN A 157 -67.10 -17.29 25.57
N GLY A 158 -66.47 -17.44 26.74
CA GLY A 158 -65.62 -16.40 27.29
C GLY A 158 -64.33 -16.23 26.50
N VAL A 159 -64.07 -17.15 25.57
CA VAL A 159 -62.88 -17.06 24.74
C VAL A 159 -63.20 -16.03 23.68
N HIS A 160 -62.23 -15.16 23.36
CA HIS A 160 -62.42 -14.11 22.36
C HIS A 160 -63.15 -14.69 21.14
N PRO A 161 -64.25 -14.05 20.73
CA PRO A 161 -65.02 -14.52 19.57
C PRO A 161 -64.20 -14.84 18.33
N GLU A 162 -63.16 -14.04 18.06
CA GLU A 162 -62.32 -14.29 16.90
C GLU A 162 -61.49 -15.56 17.09
N TYR A 163 -61.05 -15.79 18.32
CA TYR A 163 -60.27 -16.98 18.62
C TYR A 163 -61.13 -18.23 18.39
N ARG A 164 -62.40 -18.13 18.77
CA ARG A 164 -63.31 -19.25 18.60
C ARG A 164 -63.61 -19.50 17.13
N ALA A 165 -63.72 -18.42 16.35
CA ALA A 165 -63.98 -18.54 14.92
C ALA A 165 -62.81 -19.27 14.26
N VAL A 166 -61.59 -18.86 14.61
CA VAL A 166 -60.39 -19.48 14.05
C VAL A 166 -60.32 -20.94 14.49
N LEU A 167 -60.60 -21.18 15.77
CA LEU A 167 -60.58 -22.54 16.30
C LEU A 167 -61.52 -23.42 15.49
N ARG A 168 -62.75 -22.93 15.28
CA ARG A 168 -63.74 -23.69 14.52
C ARG A 168 -63.24 -24.03 13.13
N ALA A 169 -62.63 -23.07 12.45
CA ALA A 169 -62.11 -23.29 11.10
C ALA A 169 -61.11 -24.44 11.08
N TYR A 170 -60.15 -24.42 12.01
CA TYR A 170 -59.15 -25.47 12.09
C TYR A 170 -59.74 -26.82 12.50
N LEU A 171 -60.68 -26.77 13.43
CA LEU A 171 -61.34 -27.98 13.94
C LEU A 171 -62.20 -28.70 12.90
N GLU A 172 -63.08 -27.96 12.23
CA GLU A 172 -63.95 -28.57 11.24
C GLU A 172 -63.15 -29.13 10.07
N ALA A 173 -61.99 -28.54 9.80
CA ALA A 173 -61.14 -28.99 8.71
C ALA A 173 -60.72 -30.45 8.92
N VAL A 174 -60.43 -30.83 10.16
CA VAL A 174 -60.03 -32.19 10.47
C VAL A 174 -61.18 -33.06 10.96
N GLY A 175 -62.38 -32.51 10.95
CA GLY A 175 -63.54 -33.26 11.39
C GLY A 175 -63.81 -33.26 12.88
N ALA A 176 -63.16 -32.37 13.61
CA ALA A 176 -63.37 -32.30 15.06
C ALA A 176 -64.71 -31.61 15.33
N LYS A 177 -65.25 -31.83 16.52
CA LYS A 177 -66.53 -31.22 16.89
C LYS A 177 -66.30 -30.17 17.98
N LEU A 178 -67.01 -29.05 17.87
CA LEU A 178 -66.85 -27.98 18.84
C LEU A 178 -68.17 -27.60 19.50
N LEU A 179 -68.18 -27.60 20.82
CA LEU A 179 -69.36 -27.21 21.57
C LEU A 179 -69.00 -25.98 22.39
N THR A 180 -69.81 -24.93 22.27
CA THR A 180 -69.57 -23.69 22.98
C THR A 180 -70.36 -23.59 24.26
N LEU A 181 -69.68 -23.25 25.35
CA LEU A 181 -70.30 -23.11 26.66
C LEU A 181 -70.65 -21.64 26.87
N PRO A 182 -71.95 -21.30 26.77
CA PRO A 182 -72.39 -19.92 26.95
C PRO A 182 -72.04 -19.33 28.31
N LEU A 183 -71.71 -18.05 28.30
CA LEU A 183 -71.37 -17.33 29.51
C LEU A 183 -72.64 -17.07 30.33
N GLU A 184 -72.50 -17.15 31.65
CA GLU A 184 -73.61 -16.90 32.56
C GLU A 184 -73.16 -15.86 33.58
N GLY A 185 -73.79 -14.69 33.55
CA GLY A 185 -73.40 -13.65 34.48
C GLY A 185 -71.97 -13.19 34.22
N GLY A 186 -71.51 -13.35 32.98
CA GLY A 186 -70.16 -12.92 32.64
C GLY A 186 -69.07 -13.94 32.88
N ARG A 187 -69.43 -15.09 33.46
CA ARG A 187 -68.47 -16.15 33.73
C ARG A 187 -68.91 -17.48 33.14
N THR A 188 -67.97 -18.41 33.03
CA THR A 188 -68.24 -19.72 32.46
C THR A 188 -68.65 -20.75 33.50
N PRO A 189 -69.89 -21.25 33.44
CA PRO A 189 -70.30 -22.25 34.43
C PRO A 189 -69.57 -23.57 34.22
N LEU A 190 -69.27 -24.26 35.31
CA LEU A 190 -68.57 -25.55 35.23
C LEU A 190 -69.42 -26.54 34.44
N PRO A 191 -68.86 -27.10 33.36
CA PRO A 191 -69.60 -28.06 32.55
C PRO A 191 -69.33 -29.51 32.92
N GLU A 192 -70.21 -30.38 32.45
CA GLU A 192 -70.08 -31.81 32.67
C GLU A 192 -69.29 -32.25 31.44
N VAL A 193 -68.17 -32.92 31.65
CA VAL A 193 -67.33 -33.33 30.52
C VAL A 193 -67.42 -34.83 30.21
N GLY A 194 -67.83 -35.14 28.99
CA GLY A 194 -67.93 -36.53 28.57
C GLY A 194 -66.59 -37.07 28.09
N GLU A 195 -66.49 -38.39 28.05
CA GLU A 195 -65.25 -39.05 27.62
C GLU A 195 -64.91 -38.84 26.15
N GLU A 196 -65.85 -38.27 25.39
CA GLU A 196 -65.60 -38.02 23.97
C GLU A 196 -64.88 -36.68 23.80
N VAL A 197 -64.74 -35.95 24.91
CA VAL A 197 -64.08 -34.66 24.91
C VAL A 197 -62.59 -34.77 25.12
N GLY A 198 -61.82 -34.24 24.17
CA GLY A 198 -60.38 -34.28 24.28
C GLY A 198 -59.80 -32.98 24.81
N ALA A 199 -60.57 -31.90 24.69
CA ALA A 199 -60.10 -30.61 25.16
C ALA A 199 -61.17 -29.67 25.69
N VAL A 200 -60.88 -29.05 26.84
CA VAL A 200 -61.77 -28.09 27.48
C VAL A 200 -60.98 -26.78 27.43
N VAL A 201 -61.56 -25.76 26.82
CA VAL A 201 -60.90 -24.48 26.64
C VAL A 201 -61.56 -23.30 27.36
N VAL A 202 -60.77 -22.58 28.15
CA VAL A 202 -61.26 -21.43 28.90
C VAL A 202 -60.22 -20.30 28.82
N GLN A 203 -60.68 -19.06 28.83
CA GLN A 203 -59.79 -17.89 28.76
C GLN A 203 -59.82 -17.12 30.08
N ASN A 204 -58.65 -16.69 30.55
CA ASN A 204 -58.56 -15.94 31.80
C ASN A 204 -57.44 -14.88 31.73
N PRO A 205 -57.80 -13.59 31.86
CA PRO A 205 -59.15 -13.05 32.05
C PRO A 205 -59.92 -13.36 30.77
N ASN A 206 -61.25 -13.47 30.83
CA ASN A 206 -61.97 -13.79 29.62
C ASN A 206 -62.22 -12.55 28.75
N PHE A 207 -62.85 -12.77 27.61
CA PHE A 207 -63.12 -11.70 26.66
C PHE A 207 -63.77 -10.46 27.28
N LEU A 208 -64.63 -10.66 28.26
CA LEU A 208 -65.30 -9.54 28.91
C LEU A 208 -64.46 -8.99 30.05
N GLY A 209 -63.28 -9.58 30.24
CA GLY A 209 -62.38 -9.12 31.29
C GLY A 209 -62.55 -9.77 32.65
N ALA A 210 -63.60 -10.58 32.82
CA ALA A 210 -63.85 -11.23 34.09
C ALA A 210 -62.83 -12.31 34.40
N LEU A 211 -62.44 -12.42 35.67
CA LEU A 211 -61.50 -13.45 36.07
C LEU A 211 -62.30 -14.75 36.21
N GLU A 212 -61.75 -15.82 35.69
CA GLU A 212 -62.41 -17.13 35.72
C GLU A 212 -61.70 -18.04 36.73
N ASP A 213 -62.43 -18.95 37.37
CA ASP A 213 -61.82 -19.86 38.33
C ASP A 213 -61.44 -21.13 37.59
N LEU A 214 -60.18 -21.19 37.15
CA LEU A 214 -59.66 -22.30 36.36
C LEU A 214 -59.50 -23.66 37.04
N GLY A 215 -59.26 -23.65 38.35
CA GLY A 215 -59.08 -24.90 39.08
C GLY A 215 -60.08 -25.99 38.74
N PRO A 216 -61.37 -25.80 39.08
CA PRO A 216 -62.39 -26.81 38.79
C PRO A 216 -62.48 -27.24 37.33
N PHE A 217 -62.13 -26.34 36.41
CA PHE A 217 -62.18 -26.67 34.98
C PHE A 217 -61.15 -27.72 34.64
N ALA A 218 -59.95 -27.54 35.18
CA ALA A 218 -58.87 -28.47 34.95
C ALA A 218 -59.28 -29.84 35.51
N GLU A 219 -59.79 -29.83 36.74
CA GLU A 219 -60.21 -31.06 37.40
C GLU A 219 -61.33 -31.75 36.64
N ALA A 220 -62.30 -30.97 36.16
CA ALA A 220 -63.42 -31.52 35.41
C ALA A 220 -62.91 -32.19 34.13
N ALA A 221 -61.93 -31.55 33.49
CA ALA A 221 -61.36 -32.08 32.27
C ALA A 221 -60.60 -33.38 32.54
N HIS A 222 -59.68 -33.33 33.50
CA HIS A 222 -58.88 -34.51 33.85
C HIS A 222 -59.73 -35.68 34.32
N GLY A 223 -60.85 -35.39 34.98
CA GLY A 223 -61.73 -36.44 35.45
C GLY A 223 -62.34 -37.21 34.31
N ALA A 224 -62.44 -36.59 33.13
CA ALA A 224 -63.03 -37.25 31.97
C ALA A 224 -61.96 -37.76 30.99
N GLY A 225 -60.70 -37.54 31.32
CA GLY A 225 -59.63 -37.97 30.45
C GLY A 225 -59.24 -36.90 29.44
N ALA A 226 -59.90 -35.76 29.49
CA ALA A 226 -59.60 -34.65 28.59
C ALA A 226 -58.46 -33.77 29.10
N LEU A 227 -57.90 -32.97 28.21
CA LEU A 227 -56.83 -32.06 28.59
C LEU A 227 -57.42 -30.66 28.73
N PHE A 228 -56.83 -29.85 29.60
CA PHE A 228 -57.32 -28.50 29.81
C PHE A 228 -56.43 -27.50 29.10
N VAL A 229 -57.05 -26.70 28.23
CA VAL A 229 -56.33 -25.67 27.48
C VAL A 229 -56.76 -24.30 27.97
N ALA A 230 -55.79 -23.52 28.40
CA ALA A 230 -56.06 -22.17 28.89
C ALA A 230 -55.55 -21.10 27.94
N VAL A 231 -56.38 -20.10 27.70
CA VAL A 231 -56.01 -18.96 26.86
C VAL A 231 -55.74 -17.87 27.89
N ALA A 232 -54.55 -17.28 27.86
CA ALA A 232 -54.22 -16.26 28.83
C ALA A 232 -53.33 -15.14 28.31
N ASP A 233 -53.70 -13.90 28.60
CA ASP A 233 -52.91 -12.75 28.19
C ASP A 233 -51.61 -12.83 28.98
N PRO A 234 -50.46 -12.79 28.29
CA PRO A 234 -49.15 -12.88 28.93
C PRO A 234 -48.88 -11.84 30.03
N LEU A 235 -49.22 -10.58 29.78
CA LEU A 235 -48.99 -9.55 30.79
C LEU A 235 -49.71 -9.89 32.11
N SER A 236 -50.96 -10.36 32.01
CA SER A 236 -51.73 -10.70 33.20
C SER A 236 -50.99 -11.74 34.05
N LEU A 237 -50.27 -12.63 33.38
CA LEU A 237 -49.53 -13.69 34.05
C LEU A 237 -48.45 -13.15 34.98
N GLY A 238 -48.25 -11.83 34.93
CA GLY A 238 -47.25 -11.22 35.79
C GLY A 238 -47.77 -11.09 37.22
N VAL A 239 -49.08 -11.20 37.39
CA VAL A 239 -49.67 -11.08 38.71
C VAL A 239 -50.69 -12.16 39.02
N LEU A 240 -51.31 -12.72 37.99
CA LEU A 240 -52.31 -13.77 38.19
C LEU A 240 -51.70 -15.15 38.24
N LYS A 241 -52.29 -16.02 39.06
CA LYS A 241 -51.81 -17.40 39.16
C LYS A 241 -51.89 -17.97 37.74
N PRO A 242 -50.79 -18.57 37.27
CA PRO A 242 -50.73 -19.15 35.92
C PRO A 242 -51.54 -20.43 35.71
N PRO A 243 -51.97 -20.68 34.47
CA PRO A 243 -52.76 -21.88 34.17
C PRO A 243 -52.05 -23.15 34.62
N GLY A 244 -50.73 -23.14 34.56
CA GLY A 244 -49.95 -24.30 34.97
C GLY A 244 -50.14 -24.58 36.45
N ALA A 245 -50.40 -23.52 37.21
CA ALA A 245 -50.61 -23.62 38.64
C ALA A 245 -51.94 -24.27 38.95
N TYR A 246 -52.91 -24.10 38.05
CA TYR A 246 -54.23 -24.70 38.25
C TYR A 246 -54.30 -26.12 37.71
N GLY A 247 -53.27 -26.54 36.99
CA GLY A 247 -53.26 -27.88 36.43
C GLY A 247 -53.52 -27.91 34.94
N ALA A 248 -53.41 -26.76 34.29
CA ALA A 248 -53.62 -26.68 32.84
C ALA A 248 -52.56 -27.52 32.15
N ASP A 249 -52.93 -28.14 31.04
CA ASP A 249 -51.99 -28.97 30.28
C ASP A 249 -51.34 -28.16 29.16
N ILE A 250 -52.09 -27.19 28.66
CA ILE A 250 -51.65 -26.34 27.56
C ILE A 250 -52.08 -24.91 27.82
N ALA A 251 -51.21 -23.97 27.47
CA ALA A 251 -51.52 -22.55 27.63
C ALA A 251 -51.11 -21.84 26.33
N VAL A 252 -52.00 -20.97 25.84
CA VAL A 252 -51.74 -20.22 24.62
C VAL A 252 -52.14 -18.77 24.85
N GLY A 253 -51.70 -17.91 23.94
CA GLY A 253 -52.02 -16.51 24.07
C GLY A 253 -51.31 -15.66 23.02
N ASP A 254 -51.67 -14.39 22.97
CA ASP A 254 -51.07 -13.46 22.02
C ASP A 254 -50.07 -12.59 22.76
N GLY A 255 -48.92 -12.32 22.14
CA GLY A 255 -47.90 -11.52 22.79
C GLY A 255 -47.93 -10.00 22.65
N GLN A 256 -48.98 -9.45 22.05
CA GLN A 256 -49.06 -8.00 21.85
C GLN A 256 -48.88 -7.19 23.13
N SER A 257 -49.49 -7.67 24.22
CA SER A 257 -49.42 -6.98 25.51
C SER A 257 -48.01 -6.94 26.11
N LEU A 258 -47.05 -7.55 25.42
CA LEU A 258 -45.68 -7.51 25.92
C LEU A 258 -44.88 -6.43 25.20
N GLY A 259 -45.38 -5.20 25.28
CA GLY A 259 -44.71 -4.07 24.67
C GLY A 259 -44.67 -3.96 23.16
N LEU A 260 -45.49 -4.73 22.47
CA LEU A 260 -45.49 -4.69 21.01
C LEU A 260 -46.39 -3.63 20.44
N PRO A 261 -45.93 -2.93 19.38
CA PRO A 261 -46.80 -1.91 18.79
C PRO A 261 -48.08 -2.56 18.31
N MET A 262 -49.19 -1.88 18.49
CA MET A 262 -50.48 -2.41 18.09
C MET A 262 -50.51 -2.69 16.58
N GLY A 263 -49.86 -1.82 15.81
CA GLY A 263 -49.77 -1.99 14.36
C GLY A 263 -51.03 -2.39 13.63
N PHE A 264 -52.17 -1.88 14.08
CA PHE A 264 -53.46 -2.15 13.47
C PHE A 264 -53.77 -3.65 13.35
N GLY A 265 -53.28 -4.44 14.30
CA GLY A 265 -53.57 -5.86 14.29
C GLY A 265 -52.45 -6.84 13.97
N GLY A 266 -51.29 -6.33 13.58
CA GLY A 266 -50.19 -7.24 13.28
C GLY A 266 -48.97 -6.63 12.64
N PRO A 267 -47.83 -7.32 12.71
CA PRO A 267 -47.76 -8.62 13.35
C PRO A 267 -47.37 -8.58 14.83
N HIS A 268 -47.78 -9.60 15.55
CA HIS A 268 -47.45 -9.78 16.96
C HIS A 268 -46.95 -11.22 16.94
N PHE A 269 -47.34 -12.01 17.93
CA PHE A 269 -46.95 -13.41 17.93
C PHE A 269 -47.86 -14.13 18.90
N GLY A 270 -47.89 -15.46 18.80
CA GLY A 270 -48.70 -16.25 19.70
C GLY A 270 -47.76 -17.21 20.37
N PHE A 271 -48.06 -17.62 21.59
CA PHE A 271 -47.22 -18.57 22.30
C PHE A 271 -48.02 -19.84 22.58
N LEU A 272 -47.31 -20.95 22.69
CA LEU A 272 -47.93 -22.24 22.96
C LEU A 272 -47.02 -22.93 23.96
N ALA A 273 -47.54 -23.15 25.16
CA ALA A 273 -46.78 -23.80 26.24
C ALA A 273 -47.50 -25.06 26.69
N THR A 274 -46.73 -26.06 27.12
CA THR A 274 -47.32 -27.30 27.58
C THR A 274 -46.35 -28.12 28.43
N LYS A 275 -46.70 -29.39 28.65
CA LYS A 275 -45.87 -30.31 29.43
C LYS A 275 -44.82 -30.94 28.53
N LYS A 276 -43.65 -31.20 29.11
CA LYS A 276 -42.57 -31.81 28.35
C LYS A 276 -43.03 -33.19 27.88
N ALA A 277 -43.95 -33.80 28.63
CA ALA A 277 -44.49 -35.11 28.31
C ALA A 277 -45.27 -35.13 27.00
N PHE A 278 -45.73 -33.97 26.54
CA PHE A 278 -46.49 -33.92 25.29
C PHE A 278 -45.68 -33.34 24.13
N VAL A 279 -44.36 -33.26 24.29
CA VAL A 279 -43.50 -32.68 23.25
C VAL A 279 -43.60 -33.29 21.85
N ARG A 280 -43.85 -34.60 21.77
CA ARG A 280 -43.94 -35.26 20.46
C ARG A 280 -45.06 -34.72 19.57
N GLN A 281 -46.10 -34.15 20.18
CA GLN A 281 -47.23 -33.60 19.43
C GLN A 281 -47.13 -32.10 19.23
N LEU A 282 -46.08 -31.49 19.78
CA LEU A 282 -45.90 -30.04 19.68
C LEU A 282 -45.55 -29.58 18.27
N PRO A 283 -46.32 -28.61 17.72
CA PRO A 283 -46.03 -28.12 16.37
C PRO A 283 -45.02 -26.96 16.45
N GLY A 284 -44.41 -26.63 15.32
CA GLY A 284 -43.49 -25.50 15.29
C GLY A 284 -42.04 -25.79 15.61
N ARG A 285 -41.24 -24.73 15.64
CA ARG A 285 -39.83 -24.89 15.92
C ARG A 285 -39.56 -25.01 17.41
N LEU A 286 -38.51 -25.76 17.73
CA LEU A 286 -38.15 -26.01 19.12
C LEU A 286 -36.63 -26.00 19.23
N VAL A 287 -36.10 -25.14 20.10
CA VAL A 287 -34.67 -25.03 20.29
C VAL A 287 -34.22 -25.79 21.54
N SER A 288 -33.12 -26.50 21.42
CA SER A 288 -32.57 -27.24 22.54
C SER A 288 -31.12 -26.87 22.77
N GLU A 289 -30.70 -26.92 24.02
CA GLU A 289 -29.30 -26.64 24.31
C GLU A 289 -28.57 -27.92 23.95
N THR A 290 -27.29 -27.81 23.65
CA THR A 290 -26.47 -28.96 23.32
C THR A 290 -25.02 -28.51 23.44
N VAL A 291 -24.12 -29.20 22.79
CA VAL A 291 -22.73 -28.82 22.89
C VAL A 291 -22.05 -29.00 21.54
N ASP A 292 -20.98 -28.27 21.29
CA ASP A 292 -20.29 -28.40 20.01
C ASP A 292 -19.18 -29.46 20.09
N VAL A 293 -18.48 -29.65 18.98
CA VAL A 293 -17.43 -30.66 18.90
C VAL A 293 -16.37 -30.62 20.00
N GLU A 294 -16.16 -29.45 20.60
CA GLU A 294 -15.16 -29.33 21.66
C GLU A 294 -15.78 -29.22 23.05
N GLY A 295 -17.10 -29.26 23.11
CA GLY A 295 -17.77 -29.17 24.40
C GLY A 295 -18.30 -27.77 24.73
N ARG A 296 -18.32 -26.87 23.76
CA ARG A 296 -18.83 -25.52 23.99
C ARG A 296 -20.35 -25.53 24.00
N ARG A 297 -20.95 -24.73 24.87
CA ARG A 297 -22.40 -24.66 24.93
C ARG A 297 -22.95 -24.08 23.64
N GLY A 298 -24.00 -24.72 23.11
CA GLY A 298 -24.59 -24.25 21.88
C GLY A 298 -26.07 -24.54 21.86
N PHE A 299 -26.77 -23.95 20.90
CA PHE A 299 -28.21 -24.16 20.79
C PHE A 299 -28.51 -24.58 19.36
N ILE A 300 -29.54 -25.41 19.20
CA ILE A 300 -29.88 -25.92 17.89
C ILE A 300 -31.35 -26.32 17.78
N LEU A 301 -31.91 -26.23 16.57
CA LEU A 301 -33.29 -26.64 16.36
C LEU A 301 -33.33 -28.15 16.58
N THR A 302 -34.36 -28.65 17.25
CA THR A 302 -34.42 -30.07 17.54
C THR A 302 -35.78 -30.73 17.30
N LEU A 303 -35.80 -32.05 17.40
CA LEU A 303 -37.01 -32.84 17.21
C LEU A 303 -37.77 -32.37 15.99
N GLN A 304 -37.06 -32.26 14.88
CA GLN A 304 -37.67 -31.76 13.65
C GLN A 304 -38.60 -32.70 12.90
N ALA A 305 -38.83 -33.90 13.44
CA ALA A 305 -39.74 -34.85 12.82
C ALA A 305 -41.17 -34.39 13.07
N ARG A 306 -41.32 -33.38 13.92
CA ARG A 306 -42.63 -32.80 14.23
C ARG A 306 -42.98 -31.77 13.15
N GLU A 307 -41.98 -31.41 12.34
CA GLU A 307 -42.15 -30.38 11.30
C GLU A 307 -42.25 -30.85 9.86
N GLN A 308 -42.77 -29.95 9.00
CA GLN A 308 -43.00 -30.24 7.59
C GLN A 308 -41.86 -30.75 6.70
N TYR A 309 -40.66 -30.20 6.86
CA TYR A 309 -39.56 -30.66 6.01
C TYR A 309 -39.38 -32.16 6.05
N ILE A 310 -39.20 -32.70 7.25
CA ILE A 310 -39.01 -34.12 7.45
C ILE A 310 -40.27 -34.98 7.38
N ARG A 311 -41.33 -34.52 8.03
CA ARG A 311 -42.57 -35.28 8.11
C ARG A 311 -43.59 -35.05 7.00
N ARG A 312 -43.47 -33.94 6.28
CA ARG A 312 -44.38 -33.60 5.21
C ARG A 312 -45.86 -33.84 5.54
N ALA A 313 -46.51 -34.76 4.84
CA ALA A 313 -47.93 -35.04 5.07
C ALA A 313 -48.29 -35.39 6.52
N LYS A 314 -47.36 -35.95 7.26
CA LYS A 314 -47.66 -36.31 8.64
C LYS A 314 -47.10 -35.35 9.68
N ALA A 315 -46.65 -34.18 9.25
CA ALA A 315 -46.12 -33.19 10.16
C ALA A 315 -47.27 -32.78 11.10
N LYS A 316 -46.92 -32.31 12.29
CA LYS A 316 -47.95 -31.89 13.25
C LYS A 316 -48.69 -30.65 12.77
N SER A 317 -48.02 -29.86 11.95
CA SER A 317 -48.58 -28.65 11.39
C SER A 317 -47.79 -28.32 10.14
N ASN A 318 -48.37 -27.49 9.25
CA ASN A 318 -47.68 -27.11 8.03
C ASN A 318 -46.81 -25.88 8.29
N ILE A 319 -46.86 -25.37 9.52
CA ILE A 319 -46.11 -24.16 9.85
C ILE A 319 -44.62 -24.19 9.53
N THR A 320 -44.17 -23.14 8.85
CA THR A 320 -42.78 -22.99 8.45
C THR A 320 -42.35 -21.64 9.03
N THR A 321 -42.51 -20.56 8.28
CA THR A 321 -42.19 -19.24 8.80
C THR A 321 -43.07 -19.09 10.05
N ASN A 322 -42.53 -18.55 11.13
CA ASN A 322 -43.33 -18.36 12.33
C ASN A 322 -43.40 -16.87 12.66
N ALA A 323 -43.25 -16.50 13.93
CA ALA A 323 -43.29 -15.09 14.34
C ALA A 323 -42.07 -14.84 15.21
N GLN A 324 -40.92 -15.31 14.75
CA GLN A 324 -39.69 -15.20 15.54
C GLN A 324 -39.30 -13.81 16.04
N LEU A 325 -39.17 -12.85 15.15
CA LEU A 325 -38.73 -11.52 15.56
C LEU A 325 -39.61 -10.87 16.63
N THR A 326 -40.93 -10.92 16.47
CA THR A 326 -41.81 -10.33 17.46
C THR A 326 -41.80 -11.14 18.76
N ALA A 327 -41.58 -12.45 18.65
CA ALA A 327 -41.52 -13.29 19.85
C ALA A 327 -40.27 -12.84 20.61
N LEU A 328 -39.21 -12.54 19.87
CA LEU A 328 -37.96 -12.10 20.48
C LEU A 328 -38.16 -10.73 21.15
N MET A 329 -39.01 -9.89 20.57
CA MET A 329 -39.31 -8.59 21.17
C MET A 329 -40.00 -8.85 22.52
N GLY A 330 -40.85 -9.88 22.52
CA GLY A 330 -41.56 -10.25 23.73
C GLY A 330 -40.59 -10.71 24.79
N ALA A 331 -39.60 -11.49 24.38
CA ALA A 331 -38.59 -11.97 25.31
C ALA A 331 -37.79 -10.81 25.87
N MET A 332 -37.44 -9.87 25.00
CA MET A 332 -36.68 -8.69 25.41
C MET A 332 -37.45 -7.89 26.46
N TYR A 333 -38.75 -7.70 26.22
CA TYR A 333 -39.63 -6.98 27.14
C TYR A 333 -39.67 -7.70 28.49
N LEU A 334 -39.88 -9.00 28.45
CA LEU A 334 -39.93 -9.82 29.67
C LEU A 334 -38.62 -9.66 30.43
N ALA A 335 -37.51 -9.68 29.71
CA ALA A 335 -36.19 -9.54 30.32
C ALA A 335 -35.98 -8.12 30.86
N ALA A 336 -36.42 -7.12 30.09
CA ALA A 336 -36.27 -5.73 30.49
C ALA A 336 -37.04 -5.38 31.78
N LEU A 337 -38.21 -5.98 31.96
CA LEU A 337 -39.02 -5.70 33.14
C LEU A 337 -38.74 -6.62 34.32
N GLY A 338 -38.48 -7.90 34.04
CA GLY A 338 -38.23 -8.84 35.12
C GLY A 338 -39.54 -9.21 35.78
N PRO A 339 -39.53 -10.10 36.78
CA PRO A 339 -40.77 -10.49 37.46
C PRO A 339 -41.51 -9.35 38.16
N GLU A 340 -40.78 -8.50 38.86
CA GLU A 340 -41.43 -7.40 39.57
C GLU A 340 -41.87 -6.29 38.63
N GLY A 341 -41.03 -5.94 37.67
CA GLY A 341 -41.40 -4.91 36.71
C GLY A 341 -42.67 -5.28 35.96
N LEU A 342 -42.79 -6.55 35.59
CA LEU A 342 -43.98 -7.02 34.87
C LEU A 342 -45.20 -6.99 35.80
N ARG A 343 -45.00 -7.38 37.05
CA ARG A 343 -46.07 -7.39 38.03
C ARG A 343 -46.62 -5.97 38.20
N GLU A 344 -45.71 -5.01 38.32
CA GLU A 344 -46.10 -3.60 38.50
C GLU A 344 -46.91 -3.08 37.30
N VAL A 345 -46.47 -3.40 36.10
CA VAL A 345 -47.17 -2.94 34.90
C VAL A 345 -48.58 -3.53 34.88
N ALA A 346 -48.69 -4.83 35.11
CA ALA A 346 -49.99 -5.48 35.12
C ALA A 346 -50.89 -4.83 36.19
N LEU A 347 -50.37 -4.65 37.38
CA LEU A 347 -51.14 -4.05 38.48
C LEU A 347 -51.61 -2.63 38.17
N LYS A 348 -50.71 -1.82 37.61
CA LYS A 348 -51.07 -0.44 37.29
C LYS A 348 -52.19 -0.42 36.26
N SER A 349 -52.15 -1.34 35.30
CA SER A 349 -53.20 -1.38 34.28
C SER A 349 -54.53 -1.78 34.92
N VAL A 350 -54.49 -2.71 35.87
CA VAL A 350 -55.71 -3.15 36.55
C VAL A 350 -56.26 -2.00 37.39
N GLU A 351 -55.36 -1.32 38.11
CA GLU A 351 -55.76 -0.19 38.94
C GLU A 351 -56.47 0.88 38.12
N MET A 352 -55.87 1.27 37.01
CA MET A 352 -56.48 2.29 36.16
C MET A 352 -57.78 1.81 35.54
N ALA A 353 -57.87 0.52 35.25
CA ALA A 353 -59.09 -0.03 34.66
C ALA A 353 -60.23 0.05 35.67
N HIS A 354 -59.92 -0.31 36.92
CA HIS A 354 -60.93 -0.25 37.97
C HIS A 354 -61.30 1.21 38.23
N LYS A 355 -60.29 2.08 38.30
CA LYS A 355 -60.54 3.50 38.52
C LYS A 355 -61.48 4.02 37.43
N LEU A 356 -61.21 3.59 36.19
CA LEU A 356 -62.01 4.01 35.05
C LEU A 356 -63.43 3.43 35.13
N HIS A 357 -63.53 2.17 35.54
CA HIS A 357 -64.80 1.48 35.66
C HIS A 357 -65.75 2.25 36.57
N ALA A 358 -65.24 2.70 37.71
CA ALA A 358 -66.04 3.44 38.67
C ALA A 358 -66.50 4.78 38.09
N LEU A 359 -65.60 5.46 37.37
CA LEU A 359 -65.92 6.75 36.77
C LEU A 359 -67.02 6.69 35.71
N LEU A 360 -66.87 5.77 34.76
CA LEU A 360 -67.85 5.64 33.69
C LEU A 360 -69.22 5.22 34.23
N LEU A 361 -69.22 4.51 35.34
CA LEU A 361 -70.46 4.06 35.95
C LEU A 361 -71.28 5.22 36.50
N GLU A 362 -70.65 6.38 36.61
CA GLU A 362 -71.32 7.56 37.12
C GLU A 362 -72.12 8.26 36.02
N VAL A 363 -71.78 7.96 34.77
CA VAL A 363 -72.48 8.56 33.64
C VAL A 363 -73.89 7.98 33.61
N PRO A 364 -74.92 8.84 33.64
CA PRO A 364 -76.31 8.39 33.62
C PRO A 364 -76.64 7.42 32.49
N GLY A 365 -77.30 6.33 32.84
CA GLY A 365 -77.67 5.33 31.84
C GLY A 365 -76.65 4.20 31.69
N VAL A 366 -75.42 4.46 32.12
CA VAL A 366 -74.36 3.45 32.03
C VAL A 366 -74.51 2.43 33.14
N ARG A 367 -74.59 1.15 32.77
CA ARG A 367 -74.74 0.09 33.74
C ARG A 367 -73.62 -0.93 33.59
N PRO A 368 -73.23 -1.59 34.69
CA PRO A 368 -72.17 -2.59 34.61
C PRO A 368 -72.63 -3.90 33.97
N PHE A 369 -71.68 -4.68 33.46
CA PHE A 369 -72.00 -5.97 32.87
C PHE A 369 -70.98 -6.98 33.33
N THR A 370 -69.71 -6.70 33.08
CA THR A 370 -68.65 -7.59 33.53
C THR A 370 -68.68 -7.54 35.06
N PRO A 371 -68.83 -8.70 35.72
CA PRO A 371 -68.87 -8.75 37.19
C PRO A 371 -67.48 -8.66 37.80
N LYS A 372 -67.44 -8.36 39.09
CA LYS A 372 -66.17 -8.32 39.80
C LYS A 372 -65.93 -9.77 40.21
N PRO A 373 -64.68 -10.22 40.22
CA PRO A 373 -63.50 -9.43 39.88
C PRO A 373 -63.16 -9.50 38.39
N PHE A 374 -62.72 -8.37 37.83
CA PHE A 374 -62.33 -8.31 36.44
C PHE A 374 -60.88 -7.81 36.40
N PHE A 375 -60.23 -7.88 35.24
CA PHE A 375 -58.83 -7.47 35.17
C PHE A 375 -58.61 -6.04 34.64
N ASN A 376 -57.94 -5.89 33.50
CA ASN A 376 -57.69 -4.55 32.98
C ASN A 376 -58.63 -4.15 31.85
N GLU A 377 -59.67 -4.96 31.66
CA GLU A 377 -60.70 -4.71 30.66
C GLU A 377 -62.03 -5.04 31.31
N PHE A 378 -63.09 -4.40 30.83
CA PHE A 378 -64.42 -4.65 31.37
C PHE A 378 -65.46 -4.18 30.39
N ALA A 379 -66.60 -4.86 30.37
CA ALA A 379 -67.67 -4.48 29.47
C ALA A 379 -68.78 -3.80 30.26
N LEU A 380 -69.37 -2.77 29.66
CA LEU A 380 -70.45 -2.05 30.31
C LEU A 380 -71.66 -2.09 29.39
N ALA A 381 -72.83 -1.87 29.98
CA ALA A 381 -74.07 -1.82 29.22
C ALA A 381 -74.30 -0.34 29.01
N LEU A 382 -74.35 0.10 27.76
CA LEU A 382 -74.55 1.52 27.47
C LEU A 382 -75.96 1.84 27.00
N PRO A 383 -76.40 3.09 27.21
CA PRO A 383 -77.74 3.49 26.80
C PRO A 383 -77.82 3.71 25.29
N LYS A 384 -76.68 3.69 24.62
CA LYS A 384 -76.62 3.87 23.16
C LYS A 384 -75.84 2.76 22.46
N ASP A 385 -76.07 2.61 21.17
CA ASP A 385 -75.38 1.60 20.38
C ASP A 385 -73.87 1.77 20.52
N PRO A 386 -73.17 0.69 20.90
CA PRO A 386 -71.71 0.76 21.07
C PRO A 386 -70.96 1.33 19.87
N GLU A 387 -71.29 0.88 18.66
CA GLU A 387 -70.61 1.39 17.47
C GLU A 387 -70.84 2.91 17.34
N ALA A 388 -72.07 3.34 17.64
CA ALA A 388 -72.42 4.75 17.57
C ALA A 388 -71.61 5.53 18.59
N VAL A 389 -71.46 4.93 19.78
CA VAL A 389 -70.70 5.55 20.85
C VAL A 389 -69.23 5.63 20.46
N ARG A 390 -68.70 4.58 19.85
CA ARG A 390 -67.30 4.58 19.46
C ARG A 390 -67.02 5.71 18.47
N ARG A 391 -67.92 5.90 17.52
CA ARG A 391 -67.76 6.94 16.52
C ARG A 391 -67.82 8.34 17.14
N ALA A 392 -68.84 8.58 17.97
CA ALA A 392 -69.02 9.88 18.62
C ALA A 392 -67.81 10.20 19.48
N LEU A 393 -67.27 9.18 20.14
CA LEU A 393 -66.11 9.36 20.99
C LEU A 393 -64.90 9.73 20.12
N ALA A 394 -64.81 9.10 18.95
CA ALA A 394 -63.70 9.35 18.04
C ALA A 394 -63.77 10.77 17.46
N GLU A 395 -64.98 11.24 17.17
CA GLU A 395 -65.15 12.58 16.63
C GLU A 395 -64.67 13.60 17.65
N ARG A 396 -64.62 13.20 18.91
CA ARG A 396 -64.17 14.08 19.98
C ARG A 396 -62.70 13.86 20.31
N GLY A 397 -62.05 13.00 19.53
CA GLY A 397 -60.64 12.72 19.75
C GLY A 397 -60.32 11.60 20.73
N PHE A 398 -61.32 10.81 21.10
CA PHE A 398 -61.09 9.69 22.02
C PHE A 398 -61.32 8.34 21.37
N HIS A 399 -60.45 7.39 21.68
CA HIS A 399 -60.58 6.02 21.17
C HIS A 399 -61.09 5.16 22.31
N GLY A 400 -62.33 4.71 22.20
CA GLY A 400 -62.90 3.88 23.25
C GLY A 400 -64.22 3.27 22.85
N ALA A 401 -64.72 2.38 23.71
CA ALA A 401 -65.98 1.69 23.46
C ALA A 401 -65.83 0.67 22.34
N THR A 402 -65.13 -0.42 22.64
CA THR A 402 -64.95 -1.48 21.66
C THR A 402 -66.28 -2.24 21.61
N PRO A 403 -66.99 -2.18 20.47
CA PRO A 403 -68.27 -2.89 20.38
C PRO A 403 -68.17 -4.39 20.65
N VAL A 404 -69.05 -4.88 21.51
CA VAL A 404 -69.11 -6.29 21.87
C VAL A 404 -70.24 -6.94 21.07
N PRO A 405 -69.95 -8.05 20.38
CA PRO A 405 -70.98 -8.73 19.60
C PRO A 405 -72.20 -9.13 20.44
N ARG A 406 -73.38 -9.01 19.85
CA ARG A 406 -74.65 -9.33 20.52
C ARG A 406 -74.76 -10.72 21.16
N GLU A 407 -73.94 -11.67 20.73
CA GLU A 407 -74.00 -13.00 21.31
C GLU A 407 -73.76 -12.94 22.82
N TYR A 408 -73.14 -11.86 23.28
CA TYR A 408 -72.85 -11.67 24.69
C TYR A 408 -73.96 -10.88 25.38
N GLY A 409 -74.67 -10.08 24.60
CA GLY A 409 -75.74 -9.27 25.15
C GLY A 409 -75.92 -8.04 24.29
N GLU A 410 -76.90 -7.22 24.62
CA GLU A 410 -77.19 -6.01 23.85
C GLU A 410 -76.48 -4.77 24.37
N ASN A 411 -76.13 -3.87 23.46
CA ASN A 411 -75.48 -2.60 23.78
C ASN A 411 -74.29 -2.70 24.72
N LEU A 412 -73.43 -3.69 24.49
CA LEU A 412 -72.25 -3.87 25.34
C LEU A 412 -71.01 -3.31 24.68
N ALA A 413 -70.16 -2.66 25.46
CA ALA A 413 -68.93 -2.09 24.94
C ALA A 413 -67.79 -2.34 25.93
N LEU A 414 -66.62 -2.68 25.40
CA LEU A 414 -65.45 -2.96 26.22
C LEU A 414 -64.57 -1.73 26.36
N PHE A 415 -63.98 -1.57 27.54
CA PHE A 415 -63.07 -0.47 27.81
C PHE A 415 -61.85 -1.11 28.47
N ALA A 416 -60.70 -0.52 28.23
CA ALA A 416 -59.46 -1.04 28.81
C ALA A 416 -58.60 0.13 29.23
N ALA A 417 -57.70 -0.12 30.17
CA ALA A 417 -56.78 0.92 30.64
C ALA A 417 -55.42 0.26 30.79
N THR A 418 -54.36 1.05 30.61
CA THR A 418 -53.02 0.50 30.71
C THR A 418 -52.17 1.32 31.66
N GLU A 419 -50.89 0.94 31.77
CA GLU A 419 -49.95 1.62 32.64
C GLU A 419 -49.60 3.04 32.19
N LEU A 420 -49.92 3.40 30.95
CA LEU A 420 -49.60 4.75 30.50
C LEU A 420 -50.77 5.71 30.66
N HIS A 421 -51.83 5.24 31.32
CA HIS A 421 -53.01 6.05 31.57
C HIS A 421 -52.93 6.68 32.94
N GLU A 422 -53.25 7.97 33.02
CA GLU A 422 -53.23 8.68 34.29
C GLU A 422 -54.65 9.13 34.62
N GLU A 423 -54.85 9.56 35.86
CA GLU A 423 -56.17 10.02 36.32
C GLU A 423 -56.81 10.99 35.34
N GLU A 424 -56.05 12.00 34.93
CA GLU A 424 -56.55 13.00 33.99
C GLU A 424 -57.08 12.40 32.69
N ASP A 425 -56.51 11.26 32.29
CA ASP A 425 -56.95 10.61 31.05
C ASP A 425 -58.32 9.97 31.26
N LEU A 426 -58.51 9.32 32.40
CA LEU A 426 -59.77 8.66 32.71
C LEU A 426 -60.91 9.69 32.81
N LEU A 427 -60.62 10.79 33.50
CA LEU A 427 -61.61 11.87 33.66
C LEU A 427 -62.00 12.46 32.32
N ALA A 428 -61.02 12.66 31.44
CA ALA A 428 -61.30 13.22 30.13
C ALA A 428 -62.24 12.31 29.34
N LEU A 429 -62.01 11.01 29.45
CA LEU A 429 -62.86 10.04 28.74
C LEU A 429 -64.28 10.06 29.29
N ARG A 430 -64.42 10.05 30.61
CA ARG A 430 -65.74 10.07 31.22
C ARG A 430 -66.53 11.30 30.78
N GLU A 431 -65.88 12.45 30.76
CA GLU A 431 -66.54 13.68 30.34
C GLU A 431 -67.01 13.60 28.91
N ALA A 432 -66.18 13.01 28.04
CA ALA A 432 -66.55 12.87 26.64
C ALA A 432 -67.73 11.91 26.51
N LEU A 433 -67.67 10.80 27.25
CA LEU A 433 -68.75 9.81 27.22
C LEU A 433 -70.04 10.45 27.72
N LYS A 434 -69.91 11.27 28.76
CA LYS A 434 -71.06 11.95 29.34
C LYS A 434 -71.72 12.78 28.24
N GLU A 435 -70.89 13.39 27.40
CA GLU A 435 -71.38 14.20 26.29
C GLU A 435 -72.08 13.37 25.20
N VAL A 436 -71.44 12.28 24.77
CA VAL A 436 -72.03 11.44 23.74
C VAL A 436 -73.35 10.83 24.18
N LEU A 437 -73.44 10.48 25.45
CA LEU A 437 -74.67 9.89 25.99
C LEU A 437 -75.73 10.91 26.38
N SER B 2 -17.74 -18.55 24.15
CA SER B 2 -18.67 -18.66 25.32
C SER B 2 -19.50 -17.38 25.43
N PHE B 3 -20.76 -17.52 25.83
CA PHE B 3 -21.66 -16.37 25.96
C PHE B 3 -22.73 -16.71 26.98
N PRO B 4 -22.83 -15.93 28.05
CA PRO B 4 -23.84 -16.18 29.10
C PRO B 4 -25.31 -16.10 28.70
N LEU B 5 -26.13 -16.89 29.38
CA LEU B 5 -27.57 -16.90 29.16
C LEU B 5 -28.07 -15.69 29.95
N ILE B 6 -29.16 -15.07 29.49
CA ILE B 6 -29.71 -13.91 30.17
C ILE B 6 -30.04 -14.27 31.62
N PHE B 7 -30.41 -15.53 31.85
CA PHE B 7 -30.75 -15.99 33.18
C PHE B 7 -29.53 -16.03 34.09
N GLU B 8 -28.36 -16.23 33.51
CA GLU B 8 -27.12 -16.28 34.29
C GLU B 8 -26.66 -14.87 34.64
N ARG B 9 -27.13 -13.88 33.88
CA ARG B 9 -26.76 -12.48 34.13
C ARG B 9 -27.62 -11.91 35.25
N SER B 10 -28.71 -12.59 35.56
CA SER B 10 -29.62 -12.14 36.62
C SER B 10 -28.99 -12.07 38.00
N ARG B 11 -29.52 -11.17 38.81
CA ARG B 11 -29.09 -11.00 40.20
C ARG B 11 -30.38 -10.71 40.98
N LYS B 12 -30.58 -11.46 42.06
CA LYS B 12 -31.77 -11.34 42.88
C LYS B 12 -32.16 -9.92 43.27
N GLY B 13 -33.39 -9.55 42.95
CA GLY B 13 -33.88 -8.22 43.29
C GLY B 13 -33.45 -7.10 42.36
N ARG B 14 -32.54 -7.36 41.43
CA ARG B 14 -32.10 -6.30 40.52
C ARG B 14 -33.23 -5.88 39.59
N ARG B 15 -33.35 -4.58 39.37
CA ARG B 15 -34.40 -4.04 38.52
C ARG B 15 -33.91 -3.49 37.20
N GLY B 16 -34.79 -3.53 36.21
CA GLY B 16 -34.48 -3.01 34.90
C GLY B 16 -35.39 -1.81 34.67
N LEU B 17 -36.33 -1.93 33.73
CA LEU B 17 -37.25 -0.84 33.46
C LEU B 17 -38.19 -0.65 34.65
N LYS B 18 -38.51 0.60 34.93
CA LYS B 18 -39.39 0.98 36.04
C LYS B 18 -40.44 1.88 35.41
N LEU B 19 -41.55 1.28 35.00
CA LEU B 19 -42.61 2.00 34.31
C LEU B 19 -43.76 2.48 35.18
N VAL B 20 -43.71 2.16 36.47
CA VAL B 20 -44.77 2.54 37.39
C VAL B 20 -44.27 3.40 38.55
N LYS B 21 -44.84 4.58 38.68
CA LYS B 21 -44.47 5.52 39.73
C LYS B 21 -44.98 5.07 41.11
N ALA B 22 -46.30 4.92 41.23
CA ALA B 22 -46.92 4.50 42.49
C ALA B 22 -47.54 3.12 42.33
N VAL B 23 -46.81 2.10 42.74
CA VAL B 23 -47.27 0.72 42.62
C VAL B 23 -48.39 0.35 43.60
N PRO B 24 -49.57 -0.01 43.06
CA PRO B 24 -50.68 -0.38 43.93
C PRO B 24 -50.44 -1.74 44.59
N LYS B 25 -51.16 -2.03 45.66
CA LYS B 25 -51.01 -3.32 46.32
C LYS B 25 -51.97 -4.31 45.71
N ALA B 26 -51.44 -5.45 45.28
CA ALA B 26 -52.25 -6.49 44.64
C ALA B 26 -53.52 -6.78 45.43
N GLU B 27 -53.38 -6.94 46.74
CA GLU B 27 -54.51 -7.24 47.62
C GLU B 27 -55.70 -6.31 47.41
N ASP B 28 -55.43 -5.06 47.08
CA ASP B 28 -56.51 -4.09 46.88
C ASP B 28 -57.23 -4.18 45.54
N LEU B 29 -56.66 -4.92 44.59
CA LEU B 29 -57.27 -5.04 43.28
C LEU B 29 -57.65 -6.46 42.87
N ILE B 30 -56.89 -7.44 43.34
CA ILE B 30 -57.17 -8.82 42.98
C ILE B 30 -57.40 -9.74 44.17
N PRO B 31 -58.46 -10.55 44.13
CA PRO B 31 -58.74 -11.46 45.24
C PRO B 31 -57.58 -12.43 45.40
N LYS B 32 -57.24 -12.71 46.66
CA LYS B 32 -56.11 -13.58 46.99
C LYS B 32 -56.04 -14.90 46.23
N GLU B 33 -57.17 -15.60 46.09
CA GLU B 33 -57.17 -16.87 45.40
C GLU B 33 -56.71 -16.78 43.94
N HIS B 34 -56.84 -15.60 43.33
CA HIS B 34 -56.44 -15.40 41.94
C HIS B 34 -55.00 -14.91 41.78
N LEU B 35 -54.40 -14.48 42.89
CA LEU B 35 -53.03 -13.96 42.87
C LEU B 35 -51.95 -15.01 42.71
N ARG B 36 -50.95 -14.69 41.90
CA ARG B 36 -49.83 -15.59 41.68
C ARG B 36 -48.99 -15.58 42.95
N GLU B 37 -48.66 -16.76 43.45
CA GLU B 37 -47.89 -16.88 44.68
C GLU B 37 -46.38 -16.89 44.40
N VAL B 38 -45.99 -17.67 43.40
CA VAL B 38 -44.58 -17.78 43.04
C VAL B 38 -44.32 -17.01 41.76
N PRO B 39 -43.51 -15.95 41.83
CA PRO B 39 -43.19 -15.12 40.67
C PRO B 39 -42.55 -15.94 39.55
N PRO B 40 -42.79 -15.55 38.29
CA PRO B 40 -42.18 -16.33 37.21
C PRO B 40 -40.68 -16.06 37.28
N ARG B 41 -39.87 -17.07 37.00
CA ARG B 41 -38.44 -16.90 37.05
C ARG B 41 -37.90 -16.20 35.80
N LEU B 42 -38.32 -14.95 35.65
CA LEU B 42 -37.90 -14.10 34.55
C LEU B 42 -36.54 -13.52 34.91
N PRO B 43 -35.76 -13.09 33.91
CA PRO B 43 -34.48 -12.54 34.32
C PRO B 43 -34.61 -11.23 35.11
N GLU B 44 -33.61 -10.95 35.94
CA GLU B 44 -33.59 -9.72 36.74
C GLU B 44 -32.28 -9.03 36.39
N VAL B 45 -32.34 -8.19 35.36
CA VAL B 45 -31.16 -7.48 34.88
C VAL B 45 -31.45 -6.00 34.68
N ASP B 46 -30.41 -5.18 34.80
CA ASP B 46 -30.55 -3.75 34.59
C ASP B 46 -30.57 -3.51 33.08
N GLU B 47 -30.86 -2.29 32.67
CA GLU B 47 -30.96 -1.98 31.25
C GLU B 47 -29.64 -2.08 30.48
N LEU B 48 -28.53 -1.68 31.10
CA LEU B 48 -27.23 -1.74 30.41
C LEU B 48 -26.93 -3.21 30.13
N THR B 49 -27.22 -4.07 31.10
CA THR B 49 -26.97 -5.50 30.93
C THR B 49 -27.85 -6.05 29.81
N LEU B 50 -29.12 -5.65 29.78
CA LEU B 50 -30.04 -6.10 28.73
C LEU B 50 -29.45 -5.73 27.36
N VAL B 51 -29.02 -4.49 27.22
CA VAL B 51 -28.44 -4.02 25.97
C VAL B 51 -27.20 -4.79 25.56
N ARG B 52 -26.29 -5.02 26.51
CA ARG B 52 -25.09 -5.77 26.20
C ARG B 52 -25.42 -7.21 25.83
N HIS B 53 -26.43 -7.76 26.47
CA HIS B 53 -26.82 -9.13 26.21
C HIS B 53 -27.27 -9.31 24.76
N TYR B 54 -28.31 -8.56 24.38
CA TYR B 54 -28.85 -8.68 23.03
C TYR B 54 -27.93 -8.12 21.95
N THR B 55 -27.15 -7.10 22.27
CA THR B 55 -26.25 -6.56 21.28
C THR B 55 -25.21 -7.66 21.05
N GLY B 56 -24.77 -8.26 22.14
CA GLY B 56 -23.80 -9.34 22.07
C GLY B 56 -24.36 -10.52 21.28
N LEU B 57 -25.63 -10.83 21.48
CA LEU B 57 -26.23 -11.94 20.74
C LEU B 57 -26.28 -11.63 19.25
N SER B 58 -26.57 -10.38 18.89
CA SER B 58 -26.66 -10.00 17.48
C SER B 58 -25.30 -10.15 16.81
N ARG B 59 -24.23 -9.93 17.59
CA ARG B 59 -22.87 -10.03 17.07
C ARG B 59 -22.44 -11.49 16.86
N ARG B 60 -23.24 -12.41 17.40
CA ARG B 60 -23.02 -13.85 17.26
C ARG B 60 -24.04 -14.36 16.25
N GLN B 61 -24.47 -13.47 15.35
CA GLN B 61 -25.48 -13.81 14.34
C GLN B 61 -25.17 -13.15 13.00
N VAL B 62 -25.61 -13.79 11.92
CA VAL B 62 -25.42 -13.22 10.59
C VAL B 62 -26.78 -13.03 9.95
N GLY B 63 -26.85 -12.17 8.94
CA GLY B 63 -28.10 -11.91 8.24
C GLY B 63 -27.82 -11.33 6.87
N VAL B 64 -28.85 -11.02 6.12
CA VAL B 64 -28.64 -10.45 4.79
C VAL B 64 -27.84 -9.15 4.92
N ASP B 65 -28.07 -8.42 6.02
CA ASP B 65 -27.37 -7.17 6.30
C ASP B 65 -25.86 -7.37 6.45
N THR B 66 -25.44 -8.60 6.75
CA THR B 66 -24.01 -8.84 6.93
C THR B 66 -23.43 -9.84 5.95
N THR B 67 -24.26 -10.71 5.41
CA THR B 67 -23.75 -11.77 4.56
C THR B 67 -24.60 -12.21 3.37
N PHE B 68 -23.93 -12.66 2.32
CA PHE B 68 -24.59 -13.17 1.12
C PHE B 68 -25.31 -14.44 1.59
N TYR B 69 -26.61 -14.50 1.37
CA TYR B 69 -27.46 -15.62 1.80
C TYR B 69 -28.18 -16.26 0.62
N PRO B 70 -27.45 -17.02 -0.23
CA PRO B 70 -28.07 -17.65 -1.40
C PRO B 70 -29.00 -18.82 -1.08
N LEU B 71 -29.95 -18.60 -0.17
CA LEU B 71 -30.87 -19.66 0.21
C LEU B 71 -32.01 -19.94 -0.76
N GLY B 72 -31.96 -21.11 -1.39
CA GLY B 72 -33.00 -21.47 -2.32
C GLY B 72 -34.34 -21.55 -1.60
N SER B 73 -35.40 -21.13 -2.28
CA SER B 73 -36.74 -21.14 -1.71
C SER B 73 -36.95 -20.14 -0.57
N CYS B 74 -36.05 -19.16 -0.44
CA CYS B 74 -36.17 -18.17 0.63
C CYS B 74 -36.10 -16.72 0.17
N THR B 75 -35.58 -16.50 -1.04
CA THR B 75 -35.43 -15.16 -1.61
C THR B 75 -34.87 -14.19 -0.57
N MET B 76 -33.62 -14.40 -0.21
CA MET B 76 -32.95 -13.54 0.77
C MET B 76 -32.44 -12.25 0.14
N LYS B 77 -33.36 -11.44 -0.36
CA LYS B 77 -32.98 -10.17 -0.99
C LYS B 77 -32.84 -9.08 0.07
N TYR B 78 -32.23 -7.97 -0.31
CA TYR B 78 -32.04 -6.85 0.60
C TYR B 78 -33.38 -6.33 1.11
N ASN B 79 -33.43 -6.05 2.41
CA ASN B 79 -34.63 -5.53 3.07
C ASN B 79 -34.34 -4.05 3.28
N PRO B 80 -34.89 -3.19 2.42
CA PRO B 80 -34.64 -1.74 2.56
C PRO B 80 -34.96 -1.12 3.91
N LYS B 81 -33.99 -0.41 4.45
CA LYS B 81 -34.15 0.26 5.74
C LYS B 81 -35.31 1.24 5.68
N LEU B 82 -35.55 1.77 4.48
CA LEU B 82 -36.65 2.70 4.25
C LEU B 82 -37.95 2.09 4.79
N HIS B 83 -38.15 0.80 4.56
CA HIS B 83 -39.36 0.11 4.99
C HIS B 83 -39.58 0.05 6.51
N GLU B 84 -38.49 0.04 7.28
CA GLU B 84 -38.63 0.01 8.74
C GLU B 84 -39.17 1.35 9.21
N GLU B 85 -38.76 2.42 8.52
CA GLU B 85 -39.25 3.74 8.87
C GLU B 85 -40.70 3.84 8.39
N ALA B 86 -41.01 3.15 7.29
CA ALA B 86 -42.37 3.17 6.76
C ALA B 86 -43.33 2.55 7.78
N ALA B 87 -42.94 1.40 8.34
CA ALA B 87 -43.76 0.70 9.31
C ALA B 87 -43.97 1.48 10.62
N ARG B 88 -42.93 2.16 11.07
CA ARG B 88 -42.99 2.94 12.30
C ARG B 88 -44.12 3.97 12.26
N LEU B 89 -44.40 4.49 11.08
CA LEU B 89 -45.45 5.49 10.88
C LEU B 89 -46.85 4.98 11.21
N PHE B 90 -47.03 3.66 11.26
CA PHE B 90 -48.34 3.08 11.54
C PHE B 90 -48.37 2.20 12.79
N ALA B 91 -47.37 2.33 13.65
CA ALA B 91 -47.30 1.53 14.86
C ALA B 91 -48.47 1.73 15.82
N ASP B 92 -48.89 2.98 16.01
CA ASP B 92 -49.98 3.27 16.94
C ASP B 92 -51.39 3.30 16.35
N LEU B 93 -51.84 2.16 15.86
CA LEU B 93 -53.18 2.03 15.32
C LEU B 93 -53.79 0.81 16.00
N HIS B 94 -55.04 0.93 16.42
CA HIS B 94 -55.73 -0.18 17.08
C HIS B 94 -56.70 -0.78 16.08
N PRO B 95 -56.68 -2.12 15.94
CA PRO B 95 -57.58 -2.79 14.99
C PRO B 95 -59.07 -2.52 15.20
N TYR B 96 -59.45 -2.11 16.40
CA TYR B 96 -60.86 -1.84 16.64
C TYR B 96 -61.21 -0.36 16.75
N GLN B 97 -60.30 0.52 16.35
CA GLN B 97 -60.63 1.93 16.42
C GLN B 97 -61.60 2.23 15.29
N ASP B 98 -62.41 3.28 15.46
CA ASP B 98 -63.39 3.64 14.45
C ASP B 98 -62.73 3.69 13.06
N PRO B 99 -63.22 2.86 12.12
CA PRO B 99 -62.67 2.80 10.77
C PRO B 99 -62.60 4.15 10.06
N ARG B 100 -63.42 5.11 10.50
CA ARG B 100 -63.42 6.43 9.90
C ARG B 100 -62.15 7.16 10.30
N THR B 101 -61.46 6.64 11.31
CA THR B 101 -60.22 7.25 11.78
C THR B 101 -59.01 6.42 11.38
N ALA B 102 -59.23 5.43 10.50
CA ALA B 102 -58.16 4.57 10.04
C ALA B 102 -58.18 4.42 8.52
N GLN B 103 -58.71 5.43 7.84
CA GLN B 103 -58.81 5.39 6.38
C GLN B 103 -57.45 5.29 5.70
N GLY B 104 -56.41 5.81 6.34
CA GLY B 104 -55.08 5.73 5.77
C GLY B 104 -54.59 4.29 5.74
N ALA B 105 -54.77 3.58 6.86
CA ALA B 105 -54.35 2.19 6.95
C ALA B 105 -55.19 1.34 6.00
N LEU B 106 -56.50 1.58 5.97
CA LEU B 106 -57.37 0.80 5.09
C LEU B 106 -57.08 1.08 3.62
N ARG B 107 -56.78 2.33 3.28
CA ARG B 107 -56.48 2.64 1.89
C ARG B 107 -55.23 1.87 1.48
N LEU B 108 -54.23 1.87 2.34
CA LEU B 108 -52.98 1.18 2.06
C LEU B 108 -53.26 -0.30 1.82
N MET B 109 -54.10 -0.89 2.66
CA MET B 109 -54.45 -2.30 2.51
C MET B 109 -55.15 -2.54 1.17
N TRP B 110 -56.10 -1.69 0.83
CA TRP B 110 -56.82 -1.86 -0.44
C TRP B 110 -55.87 -1.76 -1.62
N GLU B 111 -55.02 -0.73 -1.61
CA GLU B 111 -54.07 -0.52 -2.69
C GLU B 111 -53.13 -1.71 -2.88
N LEU B 112 -52.53 -2.18 -1.80
CA LEU B 112 -51.63 -3.34 -1.91
C LEU B 112 -52.37 -4.54 -2.51
N GLY B 113 -53.61 -4.73 -2.07
CA GLY B 113 -54.40 -5.84 -2.58
C GLY B 113 -54.55 -5.72 -4.08
N GLU B 114 -54.78 -4.51 -4.57
CA GLU B 114 -54.94 -4.28 -6.00
C GLU B 114 -53.63 -4.54 -6.73
N TYR B 115 -52.52 -4.08 -6.16
CA TYR B 115 -51.22 -4.28 -6.79
C TYR B 115 -50.89 -5.77 -6.89
N LEU B 116 -51.13 -6.51 -5.81
CA LEU B 116 -50.84 -7.94 -5.80
C LEU B 116 -51.75 -8.68 -6.78
N LYS B 117 -52.99 -8.25 -6.89
CA LYS B 117 -53.91 -8.87 -7.83
C LYS B 117 -53.45 -8.58 -9.26
N ALA B 118 -52.85 -7.41 -9.46
CA ALA B 118 -52.36 -7.02 -10.77
C ALA B 118 -51.18 -7.90 -11.20
N LEU B 119 -50.27 -8.14 -10.27
CA LEU B 119 -49.10 -8.96 -10.52
C LEU B 119 -49.40 -10.45 -10.66
N THR B 120 -50.47 -10.90 -10.04
CA THR B 120 -50.85 -12.32 -10.08
C THR B 120 -51.98 -12.68 -11.04
N GLY B 121 -52.75 -11.70 -11.47
CA GLY B 121 -53.85 -11.98 -12.38
C GLY B 121 -55.04 -12.57 -11.65
N MET B 122 -55.17 -12.23 -10.36
CA MET B 122 -56.28 -12.73 -9.54
C MET B 122 -57.40 -11.69 -9.47
N ASP B 123 -58.61 -12.15 -9.14
CA ASP B 123 -59.78 -11.27 -9.08
C ASP B 123 -60.12 -10.72 -7.69
N ALA B 124 -59.90 -11.51 -6.66
CA ALA B 124 -60.18 -11.08 -5.29
C ALA B 124 -59.04 -11.57 -4.41
N ILE B 125 -58.78 -10.85 -3.33
CA ILE B 125 -57.66 -11.21 -2.48
C ILE B 125 -57.85 -10.93 -1.00
N THR B 126 -57.26 -11.78 -0.17
CA THR B 126 -57.28 -11.59 1.27
C THR B 126 -55.85 -11.38 1.71
N LEU B 127 -55.63 -10.38 2.56
CA LEU B 127 -54.30 -10.07 3.07
C LEU B 127 -54.15 -10.58 4.51
N GLU B 128 -55.13 -11.35 4.95
CA GLU B 128 -55.18 -11.88 6.30
C GLU B 128 -54.16 -12.95 6.74
N PRO B 129 -53.95 -13.99 5.92
CA PRO B 129 -52.99 -15.04 6.31
C PRO B 129 -51.62 -14.55 6.77
N ALA B 130 -51.11 -15.15 7.83
CA ALA B 130 -49.83 -14.75 8.43
C ALA B 130 -48.54 -15.22 7.79
N ALA B 131 -48.63 -16.09 6.80
CA ALA B 131 -47.43 -16.61 6.14
C ALA B 131 -47.83 -17.48 4.98
N GLY B 132 -46.83 -17.89 4.18
CA GLY B 132 -47.11 -18.73 3.03
C GLY B 132 -47.90 -19.98 3.36
N ALA B 133 -47.44 -20.76 4.33
CA ALA B 133 -48.12 -21.99 4.71
C ALA B 133 -49.52 -21.70 5.21
N HIS B 134 -49.70 -20.56 5.87
CA HIS B 134 -51.02 -20.19 6.36
C HIS B 134 -51.89 -19.91 5.14
N GLY B 135 -51.27 -19.31 4.12
CA GLY B 135 -51.99 -19.01 2.89
C GLY B 135 -52.38 -20.31 2.19
N GLU B 136 -51.50 -21.30 2.25
CA GLU B 136 -51.79 -22.60 1.64
C GLU B 136 -53.05 -23.20 2.25
N LEU B 137 -53.11 -23.23 3.58
CA LEU B 137 -54.27 -23.77 4.28
C LEU B 137 -55.52 -22.99 3.86
N THR B 138 -55.39 -21.68 3.87
CA THR B 138 -56.49 -20.79 3.48
C THR B 138 -56.99 -21.15 2.08
N GLY B 139 -56.05 -21.26 1.14
CA GLY B 139 -56.41 -21.59 -0.24
C GLY B 139 -56.99 -22.97 -0.42
N ILE B 140 -56.44 -23.96 0.29
CA ILE B 140 -56.95 -25.33 0.17
C ILE B 140 -58.33 -25.44 0.81
N LEU B 141 -58.57 -24.67 1.87
CA LEU B 141 -59.87 -24.67 2.53
C LEU B 141 -60.88 -24.02 1.60
N ILE B 142 -60.41 -23.06 0.82
CA ILE B 142 -61.28 -22.37 -0.13
C ILE B 142 -61.70 -23.36 -1.22
N ILE B 143 -60.74 -24.11 -1.73
CA ILE B 143 -61.02 -25.11 -2.76
C ILE B 143 -61.99 -26.17 -2.23
N ARG B 144 -61.86 -26.54 -0.95
CA ARG B 144 -62.74 -27.51 -0.34
C ARG B 144 -64.15 -26.94 -0.23
N ALA B 145 -64.26 -25.68 0.17
CA ALA B 145 -65.57 -25.06 0.30
C ALA B 145 -66.23 -25.04 -1.09
N TYR B 146 -65.41 -24.78 -2.11
CA TYR B 146 -65.86 -24.73 -3.49
C TYR B 146 -66.47 -26.07 -3.90
N HIS B 147 -65.72 -27.15 -3.70
CA HIS B 147 -66.23 -28.47 -4.06
C HIS B 147 -67.46 -28.86 -3.26
N GLU B 148 -67.45 -28.60 -1.96
CA GLU B 148 -68.59 -28.94 -1.12
C GLU B 148 -69.86 -28.20 -1.56
N ASP B 149 -69.68 -26.94 -1.93
CA ASP B 149 -70.78 -26.09 -2.37
C ASP B 149 -71.39 -26.65 -3.67
N ARG B 150 -70.57 -27.36 -4.44
CA ARG B 150 -71.03 -27.95 -5.69
C ARG B 150 -71.48 -29.39 -5.48
N GLY B 151 -71.55 -29.80 -4.21
CA GLY B 151 -71.99 -31.13 -3.89
C GLY B 151 -71.03 -32.27 -4.20
N GLU B 152 -69.75 -31.96 -4.35
CA GLU B 152 -68.76 -33.00 -4.65
C GLU B 152 -67.77 -33.12 -3.50
N GLY B 153 -68.19 -32.67 -2.32
CA GLY B 153 -67.33 -32.71 -1.15
C GLY B 153 -66.97 -34.11 -0.69
N ARG B 154 -67.85 -35.06 -0.94
CA ARG B 154 -67.61 -36.44 -0.52
C ARG B 154 -66.63 -37.14 -1.46
N THR B 155 -66.69 -36.80 -2.74
CA THR B 155 -65.83 -37.42 -3.74
C THR B 155 -64.48 -36.74 -3.98
N ARG B 156 -64.42 -35.42 -3.82
CA ARG B 156 -63.16 -34.70 -4.01
C ARG B 156 -62.42 -34.83 -2.69
N ARG B 157 -61.47 -35.76 -2.61
CA ARG B 157 -60.75 -35.99 -1.35
C ARG B 157 -59.24 -36.04 -1.43
N VAL B 158 -58.68 -35.89 -2.63
CA VAL B 158 -57.23 -35.95 -2.78
C VAL B 158 -56.60 -34.67 -3.34
N VAL B 159 -55.40 -34.39 -2.84
CA VAL B 159 -54.63 -33.23 -3.27
C VAL B 159 -53.35 -33.77 -3.91
N LEU B 160 -53.07 -33.34 -5.13
CA LEU B 160 -51.87 -33.77 -5.82
C LEU B 160 -50.76 -32.76 -5.63
N VAL B 161 -49.54 -33.25 -5.43
CA VAL B 161 -48.38 -32.38 -5.27
C VAL B 161 -47.17 -33.03 -5.94
N PRO B 162 -46.31 -32.22 -6.58
CA PRO B 162 -45.14 -32.82 -7.23
C PRO B 162 -44.18 -33.37 -6.18
N ASP B 163 -43.35 -34.32 -6.57
CA ASP B 163 -42.39 -34.92 -5.66
C ASP B 163 -41.40 -33.86 -5.17
N SER B 164 -41.25 -32.79 -5.94
CA SER B 164 -40.34 -31.71 -5.60
C SER B 164 -40.97 -30.60 -4.77
N ALA B 165 -42.21 -30.80 -4.35
CA ALA B 165 -42.90 -29.78 -3.56
C ALA B 165 -42.32 -29.57 -2.16
N HIS B 166 -42.51 -28.36 -1.65
CA HIS B 166 -42.08 -27.99 -0.31
C HIS B 166 -42.96 -28.79 0.66
N GLY B 167 -42.36 -29.27 1.75
CA GLY B 167 -43.10 -30.06 2.72
C GLY B 167 -44.41 -29.47 3.21
N SER B 168 -44.51 -28.15 3.22
CA SER B 168 -45.74 -27.49 3.68
C SER B 168 -46.95 -27.88 2.83
N ASN B 169 -46.75 -28.14 1.55
CA ASN B 169 -47.86 -28.50 0.66
C ASN B 169 -48.61 -29.73 1.14
N PRO B 170 -47.91 -30.89 1.25
CA PRO B 170 -48.61 -32.09 1.72
C PRO B 170 -49.08 -31.93 3.16
N ALA B 171 -48.31 -31.20 3.96
CA ALA B 171 -48.69 -30.97 5.35
C ALA B 171 -50.01 -30.20 5.41
N THR B 172 -50.18 -29.26 4.49
CA THR B 172 -51.39 -28.45 4.42
C THR B 172 -52.59 -29.31 4.05
N ALA B 173 -52.40 -30.20 3.08
CA ALA B 173 -53.47 -31.09 2.65
C ALA B 173 -54.05 -31.83 3.85
N SER B 174 -53.16 -32.26 4.76
CA SER B 174 -53.58 -32.97 5.97
C SER B 174 -54.37 -32.08 6.93
N MET B 175 -53.85 -30.88 7.22
CA MET B 175 -54.55 -29.97 8.12
C MET B 175 -55.94 -29.66 7.59
N ALA B 176 -56.13 -29.79 6.28
CA ALA B 176 -57.40 -29.51 5.63
C ALA B 176 -58.28 -30.74 5.44
N GLY B 177 -57.88 -31.86 6.01
CA GLY B 177 -58.66 -33.08 5.91
C GLY B 177 -58.58 -33.84 4.60
N TYR B 178 -57.63 -33.46 3.75
CA TYR B 178 -57.47 -34.12 2.47
C TYR B 178 -56.38 -35.19 2.48
N GLN B 179 -56.49 -36.12 1.53
CA GLN B 179 -55.48 -37.15 1.37
C GLN B 179 -54.50 -36.49 0.43
N VAL B 180 -53.28 -36.99 0.34
CA VAL B 180 -52.31 -36.41 -0.55
C VAL B 180 -51.60 -37.48 -1.35
N ARG B 181 -51.44 -37.21 -2.65
CA ARG B 181 -50.79 -38.12 -3.57
C ARG B 181 -49.70 -37.35 -4.31
N GLU B 182 -48.47 -37.84 -4.28
CA GLU B 182 -47.37 -37.17 -4.95
C GLU B 182 -47.22 -37.69 -6.37
N ILE B 183 -46.99 -36.79 -7.32
CA ILE B 183 -46.80 -37.17 -8.71
C ILE B 183 -45.33 -36.98 -9.05
N PRO B 184 -44.74 -37.93 -9.78
CA PRO B 184 -43.33 -37.84 -10.16
C PRO B 184 -43.05 -36.84 -11.27
N SER B 185 -41.87 -36.25 -11.23
CA SER B 185 -41.45 -35.29 -12.23
C SER B 185 -40.86 -36.05 -13.40
N GLY B 186 -40.80 -35.39 -14.56
CA GLY B 186 -40.24 -36.01 -15.74
C GLY B 186 -38.73 -35.95 -15.76
N PRO B 187 -38.09 -36.43 -16.85
CA PRO B 187 -36.64 -36.43 -16.98
C PRO B 187 -35.99 -35.05 -17.02
N GLU B 188 -36.76 -34.02 -17.31
CA GLU B 188 -36.21 -32.67 -17.35
C GLU B 188 -36.52 -31.87 -16.08
N GLY B 189 -37.12 -32.52 -15.10
CA GLY B 189 -37.44 -31.84 -13.86
C GLY B 189 -38.77 -31.11 -13.87
N GLU B 190 -39.54 -31.29 -14.94
CA GLU B 190 -40.85 -30.67 -15.04
C GLU B 190 -41.93 -31.70 -14.78
N VAL B 191 -43.18 -31.26 -14.73
CA VAL B 191 -44.29 -32.17 -14.47
C VAL B 191 -44.42 -33.25 -15.54
N ASP B 192 -44.65 -34.49 -15.10
CA ASP B 192 -44.82 -35.62 -16.00
C ASP B 192 -46.29 -35.65 -16.40
N LEU B 193 -46.60 -35.12 -17.57
CA LEU B 193 -47.97 -35.08 -18.05
C LEU B 193 -48.67 -36.43 -18.07
N GLU B 194 -47.90 -37.50 -18.28
CA GLU B 194 -48.48 -38.84 -18.32
C GLU B 194 -48.89 -39.32 -16.93
N ALA B 195 -48.02 -39.07 -15.94
CA ALA B 195 -48.33 -39.48 -14.58
C ALA B 195 -49.46 -38.61 -14.04
N LEU B 196 -49.57 -37.39 -14.54
CA LEU B 196 -50.61 -36.47 -14.09
C LEU B 196 -51.99 -36.97 -14.54
N LYS B 197 -52.08 -37.35 -15.82
CA LYS B 197 -53.34 -37.83 -16.37
C LYS B 197 -53.81 -39.10 -15.69
N ARG B 198 -52.89 -39.96 -15.26
CA ARG B 198 -53.29 -41.19 -14.59
C ARG B 198 -53.86 -40.88 -13.21
N GLU B 199 -53.50 -39.71 -12.67
CA GLU B 199 -53.97 -39.30 -11.36
C GLU B 199 -55.22 -38.42 -11.41
N LEU B 200 -55.36 -37.62 -12.46
CA LEU B 200 -56.51 -36.73 -12.58
C LEU B 200 -57.84 -37.46 -12.71
N GLY B 201 -58.80 -37.04 -11.88
CA GLY B 201 -60.12 -37.64 -11.89
C GLY B 201 -61.07 -36.94 -10.93
N PRO B 202 -62.35 -37.33 -10.90
CA PRO B 202 -63.34 -36.71 -10.02
C PRO B 202 -63.04 -36.82 -8.52
N HIS B 203 -62.01 -37.58 -8.17
CA HIS B 203 -61.64 -37.74 -6.77
C HIS B 203 -60.58 -36.72 -6.36
N VAL B 204 -60.00 -36.03 -7.35
CA VAL B 204 -58.97 -35.04 -7.09
C VAL B 204 -59.58 -33.65 -6.84
N ALA B 205 -59.23 -33.06 -5.70
CA ALA B 205 -59.72 -31.74 -5.33
C ALA B 205 -58.85 -30.62 -5.90
N ALA B 206 -57.53 -30.82 -5.86
CA ALA B 206 -56.65 -29.80 -6.38
C ALA B 206 -55.26 -30.32 -6.72
N LEU B 207 -54.51 -29.49 -7.44
CA LEU B 207 -53.14 -29.77 -7.82
C LEU B 207 -52.36 -28.55 -7.37
N MET B 208 -51.33 -28.75 -6.54
CA MET B 208 -50.51 -27.65 -6.03
C MET B 208 -49.16 -27.61 -6.73
N LEU B 209 -48.82 -26.45 -7.29
CA LEU B 209 -47.55 -26.28 -7.98
C LEU B 209 -46.91 -24.92 -7.77
N THR B 210 -45.58 -24.90 -7.87
CA THR B 210 -44.84 -23.65 -7.82
C THR B 210 -44.45 -23.54 -9.29
N ASN B 211 -44.25 -22.33 -9.78
CA ASN B 211 -43.83 -22.14 -11.16
C ASN B 211 -43.19 -20.77 -11.26
N PRO B 212 -41.87 -20.72 -11.50
CA PRO B 212 -40.94 -21.86 -11.66
C PRO B 212 -41.03 -22.85 -10.50
N ASN B 213 -40.70 -24.12 -10.77
CA ASN B 213 -40.74 -25.13 -9.72
C ASN B 213 -39.51 -25.03 -8.80
N THR B 214 -39.43 -25.93 -7.82
CA THR B 214 -38.33 -25.88 -6.86
C THR B 214 -36.94 -26.26 -7.41
N LEU B 215 -36.88 -26.61 -8.68
CA LEU B 215 -35.61 -26.90 -9.33
C LEU B 215 -35.23 -25.60 -10.06
N GLY B 216 -36.08 -24.59 -9.90
CA GLY B 216 -35.85 -23.30 -10.54
C GLY B 216 -36.20 -23.32 -12.01
N LEU B 217 -36.97 -24.32 -12.41
CA LEU B 217 -37.35 -24.47 -13.81
C LEU B 217 -38.79 -24.08 -14.08
N PHE B 218 -39.01 -23.35 -15.17
CA PHE B 218 -40.36 -22.96 -15.53
C PHE B 218 -41.07 -24.18 -16.10
N GLU B 219 -42.34 -24.33 -15.75
CA GLU B 219 -43.14 -25.45 -16.26
C GLU B 219 -43.67 -25.04 -17.63
N ARG B 220 -42.90 -25.35 -18.66
CA ARG B 220 -43.24 -24.99 -20.03
C ARG B 220 -44.61 -25.47 -20.53
N ARG B 221 -45.12 -26.56 -19.97
CA ARG B 221 -46.42 -27.07 -20.39
C ARG B 221 -47.53 -26.66 -19.42
N ILE B 222 -47.31 -25.60 -18.65
CA ILE B 222 -48.30 -25.17 -17.66
C ILE B 222 -49.71 -24.98 -18.23
N LEU B 223 -49.81 -24.48 -19.47
CA LEU B 223 -51.13 -24.27 -20.07
C LEU B 223 -51.84 -25.59 -20.32
N GLU B 224 -51.09 -26.62 -20.70
CA GLU B 224 -51.70 -27.93 -20.94
C GLU B 224 -52.07 -28.54 -19.58
N ILE B 225 -51.23 -28.30 -18.58
CA ILE B 225 -51.49 -28.81 -17.23
C ILE B 225 -52.82 -28.23 -16.77
N SER B 226 -52.99 -26.93 -16.99
CA SER B 226 -54.21 -26.23 -16.61
C SER B 226 -55.41 -26.79 -17.38
N ARG B 227 -55.23 -27.00 -18.69
CA ARG B 227 -56.30 -27.54 -19.52
C ARG B 227 -56.76 -28.88 -18.95
N LEU B 228 -55.80 -29.75 -18.64
CA LEU B 228 -56.11 -31.05 -18.08
C LEU B 228 -56.86 -30.93 -16.76
N CYS B 229 -56.33 -30.11 -15.85
CA CYS B 229 -56.98 -29.93 -14.55
C CYS B 229 -58.41 -29.42 -14.73
N LYS B 230 -58.55 -28.35 -15.51
CA LYS B 230 -59.85 -27.74 -15.76
C LYS B 230 -60.84 -28.77 -16.31
N GLU B 231 -60.37 -29.59 -17.23
CA GLU B 231 -61.18 -30.62 -17.84
C GLU B 231 -61.69 -31.62 -16.81
N ALA B 232 -60.88 -31.89 -15.79
CA ALA B 232 -61.27 -32.83 -14.75
C ALA B 232 -61.93 -32.14 -13.53
N GLY B 233 -62.10 -30.83 -13.62
CA GLY B 233 -62.70 -30.10 -12.52
C GLY B 233 -61.78 -29.89 -11.34
N VAL B 234 -60.51 -30.20 -11.52
CA VAL B 234 -59.50 -30.04 -10.46
C VAL B 234 -59.00 -28.60 -10.40
N GLN B 235 -59.00 -28.03 -9.19
CA GLN B 235 -58.53 -26.66 -9.02
C GLN B 235 -57.00 -26.62 -8.98
N LEU B 236 -56.43 -25.62 -9.64
CA LEU B 236 -54.98 -25.45 -9.74
C LEU B 236 -54.47 -24.42 -8.74
N TYR B 237 -53.74 -24.87 -7.74
CA TYR B 237 -53.21 -24.01 -6.70
C TYR B 237 -51.77 -23.58 -6.99
N TYR B 238 -51.51 -22.29 -6.83
CA TYR B 238 -50.20 -21.73 -7.07
C TYR B 238 -49.44 -21.38 -5.79
N ASP B 239 -48.37 -22.12 -5.53
CA ASP B 239 -47.52 -21.85 -4.38
C ASP B 239 -46.62 -20.73 -4.90
N GLY B 240 -46.91 -19.50 -4.50
CA GLY B 240 -46.14 -18.36 -4.99
C GLY B 240 -44.78 -18.06 -4.41
N ALA B 241 -44.15 -19.03 -3.76
CA ALA B 241 -42.85 -18.78 -3.18
C ALA B 241 -41.78 -18.42 -4.22
N ASN B 242 -41.99 -18.81 -5.47
CA ASN B 242 -41.01 -18.53 -6.52
C ASN B 242 -41.40 -17.42 -7.49
N LEU B 243 -42.31 -16.56 -7.05
CA LEU B 243 -42.79 -15.45 -7.85
C LEU B 243 -41.66 -14.49 -8.25
N ASN B 244 -40.64 -14.34 -7.41
CA ASN B 244 -39.55 -13.42 -7.71
C ASN B 244 -38.95 -13.68 -9.09
N ALA B 245 -39.03 -14.91 -9.55
CA ALA B 245 -38.48 -15.27 -10.86
C ALA B 245 -39.25 -14.67 -12.03
N ILE B 246 -40.55 -14.45 -11.87
CA ILE B 246 -41.34 -13.95 -12.98
C ILE B 246 -42.22 -12.71 -12.78
N MET B 247 -42.19 -12.09 -11.61
CA MET B 247 -43.06 -10.93 -11.42
C MET B 247 -42.84 -9.89 -12.50
N GLY B 248 -43.94 -9.43 -13.09
CA GLY B 248 -43.87 -8.44 -14.13
C GLY B 248 -43.73 -9.07 -15.51
N TRP B 249 -43.23 -10.30 -15.58
CA TRP B 249 -43.07 -10.98 -16.87
C TRP B 249 -44.19 -11.96 -17.19
N ALA B 250 -44.66 -12.70 -16.18
CA ALA B 250 -45.76 -13.65 -16.38
C ALA B 250 -46.56 -13.71 -15.08
N ARG B 251 -47.85 -14.00 -15.22
CA ARG B 251 -48.74 -14.08 -14.07
C ARG B 251 -49.40 -15.46 -13.94
N PRO B 252 -49.44 -16.01 -12.73
CA PRO B 252 -50.06 -17.32 -12.55
C PRO B 252 -51.51 -17.35 -13.04
N GLY B 253 -52.22 -16.23 -12.91
CA GLY B 253 -53.60 -16.19 -13.36
C GLY B 253 -53.73 -16.47 -14.84
N ASP B 254 -52.78 -15.98 -15.63
CA ASP B 254 -52.82 -16.19 -17.07
C ASP B 254 -52.36 -17.60 -17.43
N MET B 255 -51.75 -18.28 -16.47
CA MET B 255 -51.27 -19.65 -16.67
C MET B 255 -52.40 -20.64 -16.41
N GLY B 256 -53.48 -20.16 -15.80
CA GLY B 256 -54.61 -21.03 -15.52
C GLY B 256 -54.80 -21.37 -14.05
N PHE B 257 -53.99 -20.79 -13.17
CA PHE B 257 -54.13 -21.05 -11.73
C PHE B 257 -55.41 -20.41 -11.18
N ASP B 258 -56.08 -21.14 -10.31
CA ASP B 258 -57.34 -20.70 -9.70
C ASP B 258 -57.18 -19.92 -8.40
N VAL B 259 -56.13 -20.24 -7.66
CA VAL B 259 -55.86 -19.58 -6.39
C VAL B 259 -54.35 -19.54 -6.19
N VAL B 260 -53.87 -18.51 -5.51
CA VAL B 260 -52.44 -18.37 -5.27
C VAL B 260 -52.20 -17.78 -3.89
N HIS B 261 -51.02 -18.01 -3.35
CA HIS B 261 -50.66 -17.40 -2.08
C HIS B 261 -49.31 -16.78 -2.39
N LEU B 262 -49.00 -15.67 -1.76
CA LEU B 262 -47.73 -14.99 -1.97
C LEU B 262 -46.99 -14.95 -0.64
N ASN B 263 -45.69 -14.72 -0.70
CA ASN B 263 -44.86 -14.62 0.52
C ASN B 263 -44.21 -13.25 0.48
N LEU B 264 -44.80 -12.30 1.20
CA LEU B 264 -44.27 -10.94 1.25
C LEU B 264 -42.87 -10.91 1.85
N HIS B 265 -42.60 -11.83 2.77
CA HIS B 265 -41.30 -11.91 3.43
C HIS B 265 -40.25 -12.57 2.55
N LYS B 266 -40.65 -12.97 1.35
CA LYS B 266 -39.68 -13.55 0.43
C LYS B 266 -39.56 -12.63 -0.77
N THR B 267 -40.56 -12.68 -1.64
CA THR B 267 -40.59 -11.87 -2.84
C THR B 267 -40.63 -10.34 -2.67
N PHE B 268 -41.34 -9.86 -1.65
CA PHE B 268 -41.48 -8.42 -1.47
C PHE B 268 -40.73 -7.68 -0.34
N THR B 269 -39.56 -8.22 0.02
CA THR B 269 -38.65 -7.65 1.01
C THR B 269 -38.99 -7.60 2.50
N VAL B 270 -40.17 -8.06 2.89
CA VAL B 270 -40.47 -8.06 4.32
C VAL B 270 -39.34 -8.87 4.96
N PRO B 271 -38.70 -8.35 6.01
CA PRO B 271 -37.60 -9.05 6.68
C PRO B 271 -37.91 -10.46 7.19
N HIS B 272 -36.92 -11.33 7.09
CA HIS B 272 -37.11 -12.72 7.52
C HIS B 272 -37.15 -12.86 9.04
N GLY B 273 -36.60 -11.87 9.74
CA GLY B 273 -36.63 -11.86 11.20
C GLY B 273 -36.20 -13.11 11.95
N GLY B 274 -35.25 -13.85 11.40
CA GLY B 274 -34.78 -15.06 12.05
C GLY B 274 -35.82 -16.17 12.08
N GLY B 275 -36.80 -16.09 11.18
CA GLY B 275 -37.82 -17.12 11.13
C GLY B 275 -39.20 -16.57 10.87
N GLY B 276 -39.42 -15.32 11.24
CA GLY B 276 -40.71 -14.68 11.05
C GLY B 276 -40.72 -13.36 11.79
N PRO B 277 -41.86 -12.64 11.83
CA PRO B 277 -43.13 -13.01 11.21
C PRO B 277 -43.15 -12.69 9.71
N GLY B 278 -44.21 -13.11 9.03
CA GLY B 278 -44.32 -12.84 7.61
C GLY B 278 -45.72 -12.45 7.21
N SER B 279 -46.09 -12.78 5.98
CA SER B 279 -47.41 -12.47 5.45
C SER B 279 -47.66 -13.30 4.20
N GLY B 280 -48.80 -14.01 4.18
CA GLY B 280 -49.10 -14.85 3.04
C GLY B 280 -50.43 -14.53 2.37
N PRO B 281 -50.52 -13.40 1.64
CA PRO B 281 -51.77 -13.04 0.97
C PRO B 281 -52.24 -14.14 0.03
N VAL B 282 -53.56 -14.33 -0.04
CA VAL B 282 -54.14 -15.34 -0.92
C VAL B 282 -55.10 -14.69 -1.91
N GLY B 283 -54.82 -14.87 -3.21
CA GLY B 283 -55.67 -14.30 -4.23
C GLY B 283 -56.38 -15.42 -4.96
N VAL B 284 -57.57 -15.13 -5.50
CA VAL B 284 -58.32 -16.15 -6.22
C VAL B 284 -59.06 -15.60 -7.43
N LYS B 285 -59.46 -16.51 -8.31
CA LYS B 285 -60.24 -16.15 -9.49
C LYS B 285 -61.65 -15.99 -8.96
N ALA B 286 -62.46 -15.23 -9.68
CA ALA B 286 -63.84 -14.95 -9.28
C ALA B 286 -64.68 -16.14 -8.78
N HIS B 287 -64.61 -17.29 -9.44
CA HIS B 287 -65.42 -18.42 -9.01
C HIS B 287 -65.13 -18.93 -7.60
N LEU B 288 -63.95 -18.61 -7.08
CA LEU B 288 -63.56 -19.03 -5.73
C LEU B 288 -63.63 -17.89 -4.74
N ALA B 289 -63.81 -16.67 -5.24
CA ALA B 289 -63.88 -15.48 -4.38
C ALA B 289 -64.90 -15.55 -3.24
N PRO B 290 -66.09 -16.09 -3.49
CA PRO B 290 -67.08 -16.16 -2.41
C PRO B 290 -66.69 -16.94 -1.15
N TYR B 291 -65.64 -17.76 -1.25
CA TYR B 291 -65.21 -18.56 -0.09
C TYR B 291 -64.02 -17.94 0.66
N LEU B 292 -63.57 -16.78 0.22
CA LEU B 292 -62.45 -16.12 0.90
C LEU B 292 -62.78 -15.83 2.35
N PRO B 293 -61.77 -15.91 3.22
CA PRO B 293 -62.01 -15.65 4.65
C PRO B 293 -62.32 -14.16 4.83
N VAL B 294 -62.96 -13.83 5.94
CA VAL B 294 -63.30 -12.44 6.23
C VAL B 294 -62.32 -11.85 7.22
N PRO B 295 -62.17 -10.52 7.23
CA PRO B 295 -62.87 -9.57 6.35
C PRO B 295 -62.03 -9.20 5.12
N LEU B 296 -62.68 -8.62 4.11
CA LEU B 296 -61.99 -8.21 2.90
C LEU B 296 -62.05 -6.68 2.84
N VAL B 297 -60.98 -6.05 2.36
CA VAL B 297 -60.97 -4.60 2.28
C VAL B 297 -61.66 -4.16 0.99
N GLU B 298 -62.71 -3.36 1.12
CA GLU B 298 -63.46 -2.88 -0.01
C GLU B 298 -63.57 -1.37 0.11
N ARG B 299 -63.86 -0.71 -1.00
CA ARG B 299 -64.02 0.73 -0.95
C ARG B 299 -65.46 1.04 -1.30
N GLY B 300 -66.19 1.60 -0.34
CA GLY B 300 -67.58 1.94 -0.55
C GLY B 300 -67.68 3.42 -0.85
N GLU B 301 -68.89 3.96 -0.83
CA GLU B 301 -69.03 5.37 -1.08
C GLU B 301 -68.66 6.15 0.17
N GLU B 302 -68.73 5.49 1.33
CA GLU B 302 -68.37 6.15 2.57
C GLU B 302 -66.85 6.34 2.49
N GLY B 303 -66.15 5.21 2.40
CA GLY B 303 -64.70 5.20 2.31
C GLY B 303 -64.31 3.73 2.29
N PHE B 304 -63.06 3.44 2.63
CA PHE B 304 -62.61 2.05 2.67
C PHE B 304 -63.20 1.40 3.91
N TYR B 305 -63.53 0.11 3.84
CA TYR B 305 -64.07 -0.61 4.99
C TYR B 305 -63.75 -2.10 4.96
N LEU B 306 -63.90 -2.73 6.12
CA LEU B 306 -63.65 -4.16 6.26
C LEU B 306 -65.00 -4.84 6.03
N ASP B 307 -65.09 -5.63 4.97
CA ASP B 307 -66.33 -6.32 4.62
C ASP B 307 -66.41 -7.73 5.20
N PHE B 308 -67.38 -7.92 6.08
CA PHE B 308 -67.62 -9.20 6.74
C PHE B 308 -68.83 -9.93 6.14
N ASP B 309 -69.57 -9.27 5.27
CA ASP B 309 -70.76 -9.89 4.69
C ASP B 309 -70.39 -10.81 3.54
N ARG B 310 -70.00 -12.02 3.89
CA ARG B 310 -69.58 -13.03 2.93
C ARG B 310 -70.20 -14.36 3.35
N PRO B 311 -71.48 -14.57 3.05
CA PRO B 311 -72.18 -15.81 3.41
C PRO B 311 -71.49 -17.13 3.15
N LYS B 312 -70.67 -17.22 2.11
CA LYS B 312 -69.99 -18.48 1.81
C LYS B 312 -68.54 -18.53 2.27
N SER B 313 -68.12 -17.52 3.02
CA SER B 313 -66.75 -17.47 3.53
C SER B 313 -66.37 -18.71 4.33
N ILE B 314 -65.11 -19.11 4.27
CA ILE B 314 -64.64 -20.25 5.04
C ILE B 314 -64.52 -19.82 6.50
N GLY B 315 -64.62 -18.52 6.73
CA GLY B 315 -64.53 -17.99 8.08
C GLY B 315 -63.31 -17.10 8.32
N ARG B 316 -62.66 -17.30 9.47
CA ARG B 316 -61.47 -16.54 9.87
C ARG B 316 -60.30 -17.50 10.08
N VAL B 317 -59.11 -17.13 9.62
CA VAL B 317 -57.95 -18.00 9.78
C VAL B 317 -56.94 -17.47 10.82
N ARG B 318 -57.14 -16.22 11.26
CA ARG B 318 -56.28 -15.63 12.29
C ARG B 318 -56.98 -14.36 12.79
N SER B 319 -56.52 -13.81 13.91
CA SER B 319 -57.12 -12.61 14.49
C SER B 319 -56.94 -11.33 13.70
N PHE B 320 -57.92 -10.43 13.85
CA PHE B 320 -57.87 -9.15 13.20
C PHE B 320 -57.91 -9.24 11.67
N TYR B 321 -57.06 -8.48 10.98
CA TYR B 321 -57.13 -8.45 9.52
C TYR B 321 -55.88 -8.82 8.72
N GLY B 322 -54.78 -9.12 9.40
CA GLY B 322 -53.56 -9.45 8.71
C GLY B 322 -52.39 -8.75 9.37
N ASN B 323 -51.16 -9.11 9.00
CA ASN B 323 -49.99 -8.49 9.57
C ASN B 323 -49.76 -7.16 8.89
N PHE B 324 -50.57 -6.20 9.28
CA PHE B 324 -50.55 -4.88 8.70
C PHE B 324 -49.19 -4.22 8.51
N LEU B 325 -48.33 -4.26 9.51
CA LEU B 325 -47.03 -3.63 9.36
C LEU B 325 -46.21 -4.27 8.24
N ALA B 326 -46.41 -5.56 8.00
CA ALA B 326 -45.68 -6.21 6.91
C ALA B 326 -46.29 -5.71 5.61
N LEU B 327 -47.60 -5.50 5.60
CA LEU B 327 -48.28 -5.01 4.41
C LEU B 327 -47.76 -3.61 4.04
N VAL B 328 -47.51 -2.79 5.04
CA VAL B 328 -46.99 -1.44 4.80
C VAL B 328 -45.67 -1.54 4.03
N ARG B 329 -44.81 -2.45 4.48
CA ARG B 329 -43.51 -2.64 3.86
C ARG B 329 -43.60 -3.05 2.40
N ALA B 330 -44.47 -4.01 2.09
CA ALA B 330 -44.63 -4.49 0.72
C ALA B 330 -45.21 -3.39 -0.18
N TRP B 331 -46.12 -2.60 0.38
CA TRP B 331 -46.72 -1.49 -0.37
C TRP B 331 -45.59 -0.51 -0.73
N ALA B 332 -44.72 -0.22 0.23
CA ALA B 332 -43.61 0.70 0.01
C ALA B 332 -42.70 0.19 -1.11
N TYR B 333 -42.44 -1.11 -1.08
CA TYR B 333 -41.58 -1.75 -2.05
C TYR B 333 -42.12 -1.59 -3.46
N ILE B 334 -43.39 -1.94 -3.63
CA ILE B 334 -44.02 -1.84 -4.94
C ILE B 334 -44.15 -0.40 -5.44
N ARG B 335 -44.41 0.54 -4.53
CA ARG B 335 -44.54 1.94 -4.92
C ARG B 335 -43.19 2.57 -5.26
N THR B 336 -42.11 1.95 -4.80
CA THR B 336 -40.77 2.45 -5.08
C THR B 336 -40.34 1.97 -6.47
N LEU B 337 -40.43 0.66 -6.70
CA LEU B 337 -40.03 0.06 -7.97
C LEU B 337 -40.98 0.18 -9.15
N GLY B 338 -42.28 0.06 -8.90
CA GLY B 338 -43.23 0.13 -10.01
C GLY B 338 -43.06 -1.13 -10.85
N LEU B 339 -43.80 -1.23 -11.95
CA LEU B 339 -43.71 -2.39 -12.84
C LEU B 339 -42.32 -2.60 -13.44
N GLU B 340 -41.70 -1.54 -13.95
CA GLU B 340 -40.39 -1.70 -14.56
C GLU B 340 -39.34 -2.11 -13.54
N GLY B 341 -39.46 -1.62 -12.32
CA GLY B 341 -38.51 -2.00 -11.29
C GLY B 341 -38.66 -3.46 -10.88
N LEU B 342 -39.90 -3.92 -10.80
CA LEU B 342 -40.17 -5.30 -10.41
C LEU B 342 -39.74 -6.25 -11.55
N LYS B 343 -39.99 -5.83 -12.78
CA LYS B 343 -39.58 -6.64 -13.93
C LYS B 343 -38.07 -6.72 -13.98
N LYS B 344 -37.40 -5.61 -13.71
CA LYS B 344 -35.95 -5.59 -13.73
C LYS B 344 -35.43 -6.50 -12.63
N ALA B 345 -36.07 -6.43 -11.46
CA ALA B 345 -35.70 -7.25 -10.32
C ALA B 345 -35.80 -8.74 -10.68
N ALA B 346 -36.91 -9.13 -11.30
CA ALA B 346 -37.12 -10.51 -11.69
C ALA B 346 -36.07 -10.96 -12.70
N ALA B 347 -35.80 -10.11 -13.69
CA ALA B 347 -34.82 -10.44 -14.73
C ALA B 347 -33.40 -10.60 -14.17
N LEU B 348 -33.01 -9.72 -13.27
CA LEU B 348 -31.68 -9.78 -12.70
C LEU B 348 -31.54 -10.91 -11.67
N ALA B 349 -32.66 -11.33 -11.08
CA ALA B 349 -32.63 -12.43 -10.13
C ALA B 349 -32.36 -13.68 -10.96
N VAL B 350 -33.02 -13.74 -12.12
CA VAL B 350 -32.84 -14.87 -13.04
C VAL B 350 -31.42 -14.83 -13.63
N LEU B 351 -30.96 -13.65 -14.02
CA LEU B 351 -29.63 -13.51 -14.60
C LEU B 351 -28.56 -13.93 -13.60
N ASN B 352 -28.72 -13.48 -12.35
CA ASN B 352 -27.76 -13.83 -11.31
C ASN B 352 -27.72 -15.34 -11.09
N ALA B 353 -28.87 -15.99 -11.12
CA ALA B 353 -28.96 -17.43 -10.91
C ALA B 353 -28.34 -18.22 -12.07
N ARG B 354 -28.70 -17.84 -13.29
CA ARG B 354 -28.21 -18.50 -14.47
C ARG B 354 -26.70 -18.29 -14.61
N TYR B 355 -26.24 -17.08 -14.27
CA TYR B 355 -24.83 -16.75 -14.33
C TYR B 355 -24.06 -17.56 -13.30
N LEU B 356 -24.51 -17.51 -12.05
CA LEU B 356 -23.85 -18.26 -10.98
C LEU B 356 -23.85 -19.76 -11.28
N LYS B 357 -24.89 -20.24 -11.96
CA LYS B 357 -24.95 -21.67 -12.28
C LYS B 357 -23.78 -22.01 -13.19
N GLU B 358 -23.55 -21.18 -14.21
CA GLU B 358 -22.45 -21.43 -15.13
C GLU B 358 -21.12 -21.44 -14.39
N LEU B 359 -20.93 -20.51 -13.46
CA LEU B 359 -19.68 -20.46 -12.71
C LEU B 359 -19.47 -21.75 -11.92
N LEU B 360 -20.53 -22.22 -11.26
CA LEU B 360 -20.43 -23.43 -10.45
C LEU B 360 -20.17 -24.68 -11.29
N LYS B 361 -20.81 -24.80 -12.44
CA LYS B 361 -20.60 -25.96 -13.29
C LYS B 361 -19.15 -25.99 -13.77
N GLU B 362 -18.54 -24.82 -13.93
CA GLU B 362 -17.15 -24.75 -14.38
C GLU B 362 -16.18 -25.12 -13.27
N LYS B 363 -16.67 -25.16 -12.04
CA LYS B 363 -15.86 -25.54 -10.88
C LYS B 363 -16.00 -27.04 -10.63
N GLY B 364 -16.85 -27.69 -11.39
CA GLY B 364 -17.05 -29.12 -11.22
C GLY B 364 -18.37 -29.54 -10.64
N TYR B 365 -19.24 -28.59 -10.32
CA TYR B 365 -20.54 -28.94 -9.77
C TYR B 365 -21.49 -29.40 -10.86
N ARG B 366 -22.33 -30.38 -10.54
CA ARG B 366 -23.29 -30.92 -11.50
C ARG B 366 -24.68 -30.33 -11.30
N VAL B 367 -25.44 -30.27 -12.38
CA VAL B 367 -26.81 -29.77 -12.37
C VAL B 367 -27.64 -30.84 -13.10
N PRO B 368 -28.22 -31.79 -12.35
CA PRO B 368 -29.03 -32.88 -12.92
C PRO B 368 -30.17 -32.44 -13.83
N TYR B 369 -30.78 -31.31 -13.52
CA TYR B 369 -31.88 -30.79 -14.32
C TYR B 369 -31.48 -29.38 -14.75
N ASP B 370 -30.73 -29.26 -15.84
CA ASP B 370 -30.34 -27.90 -16.20
C ASP B 370 -30.92 -27.27 -17.46
N GLY B 371 -32.23 -27.11 -17.47
CA GLY B 371 -32.87 -26.43 -18.57
C GLY B 371 -32.58 -24.98 -18.21
N PRO B 372 -33.09 -24.00 -18.97
CA PRO B 372 -32.80 -22.60 -18.61
C PRO B 372 -33.22 -22.25 -17.19
N SER B 373 -32.24 -21.95 -16.34
CA SER B 373 -32.53 -21.63 -14.94
C SER B 373 -33.25 -20.32 -14.74
N MET B 374 -34.20 -20.32 -13.82
CA MET B 374 -34.92 -19.09 -13.52
C MET B 374 -34.25 -18.40 -12.34
N HIS B 375 -34.98 -18.18 -11.25
CA HIS B 375 -34.41 -17.48 -10.09
C HIS B 375 -33.49 -18.31 -9.19
N GLU B 376 -33.45 -19.62 -9.41
CA GLU B 376 -32.61 -20.51 -8.63
C GLU B 376 -32.31 -21.76 -9.43
N PHE B 377 -31.40 -22.59 -8.93
CA PHE B 377 -31.04 -23.83 -9.59
C PHE B 377 -30.57 -24.79 -8.53
N VAL B 378 -30.61 -26.07 -8.86
CA VAL B 378 -30.18 -27.08 -7.91
C VAL B 378 -28.96 -27.80 -8.45
N ALA B 379 -27.87 -27.71 -7.71
CA ALA B 379 -26.63 -28.35 -8.10
C ALA B 379 -26.33 -29.43 -7.08
N GLN B 380 -25.35 -30.25 -7.38
CA GLN B 380 -24.93 -31.29 -6.46
C GLN B 380 -23.42 -31.31 -6.56
N PRO B 381 -22.74 -31.58 -5.44
CA PRO B 381 -21.29 -31.61 -5.47
C PRO B 381 -20.78 -32.75 -6.33
N PRO B 382 -19.50 -32.67 -6.75
CA PRO B 382 -19.00 -33.77 -7.58
C PRO B 382 -19.05 -35.03 -6.72
N GLU B 383 -19.01 -36.19 -7.36
CA GLU B 383 -19.07 -37.44 -6.63
C GLU B 383 -18.06 -37.48 -5.49
N GLY B 384 -18.50 -37.96 -4.34
CA GLY B 384 -17.61 -38.05 -3.19
C GLY B 384 -17.73 -36.96 -2.14
N PHE B 385 -18.34 -35.83 -2.49
CA PHE B 385 -18.48 -34.73 -1.54
C PHE B 385 -19.90 -34.62 -1.01
N ARG B 386 -20.02 -34.28 0.27
CA ARG B 386 -21.31 -34.12 0.91
C ARG B 386 -21.67 -32.63 0.97
N ALA B 387 -22.91 -32.33 0.59
CA ALA B 387 -23.38 -30.95 0.62
C ALA B 387 -23.19 -30.41 2.03
N LEU B 388 -23.56 -31.22 3.01
CA LEU B 388 -23.42 -30.84 4.42
C LEU B 388 -22.02 -30.33 4.71
N ASP B 389 -21.01 -31.06 4.28
CA ASP B 389 -19.63 -30.66 4.52
C ASP B 389 -19.23 -29.39 3.78
N LEU B 390 -19.67 -29.26 2.54
CA LEU B 390 -19.34 -28.08 1.75
C LEU B 390 -20.02 -26.86 2.39
N ALA B 391 -21.19 -27.09 2.96
CA ALA B 391 -21.94 -26.03 3.63
C ALA B 391 -21.15 -25.52 4.82
N LYS B 392 -20.67 -26.44 5.65
CA LYS B 392 -19.88 -26.06 6.82
C LYS B 392 -18.58 -25.41 6.38
N GLY B 393 -18.01 -25.90 5.27
CA GLY B 393 -16.77 -25.33 4.77
C GLY B 393 -16.98 -23.87 4.40
N LEU B 394 -18.11 -23.58 3.78
CA LEU B 394 -18.47 -22.23 3.35
C LEU B 394 -18.51 -21.29 4.56
N LEU B 395 -19.08 -21.78 5.65
CA LEU B 395 -19.18 -21.04 6.90
C LEU B 395 -17.78 -20.62 7.35
N GLU B 396 -16.84 -21.56 7.32
CA GLU B 396 -15.48 -21.29 7.73
C GLU B 396 -14.88 -20.20 6.86
N LEU B 397 -15.32 -20.15 5.60
CA LEU B 397 -14.82 -19.16 4.65
C LEU B 397 -15.50 -17.79 4.72
N GLY B 398 -16.41 -17.63 5.67
CA GLY B 398 -17.08 -16.34 5.81
C GLY B 398 -18.30 -16.17 4.92
N PHE B 399 -18.73 -17.26 4.30
CA PHE B 399 -19.90 -17.20 3.44
C PHE B 399 -21.01 -17.97 4.13
N HIS B 400 -22.21 -17.90 3.58
CA HIS B 400 -23.33 -18.65 4.12
C HIS B 400 -23.71 -19.62 3.01
N PRO B 401 -23.96 -20.89 3.34
CA PRO B 401 -24.33 -21.83 2.30
C PRO B 401 -25.71 -21.62 1.73
N PRO B 402 -26.00 -22.27 0.59
CA PRO B 402 -27.31 -22.14 -0.04
C PRO B 402 -28.18 -23.10 0.74
N THR B 403 -29.39 -23.37 0.25
CA THR B 403 -30.25 -24.32 0.91
C THR B 403 -29.69 -25.69 0.55
N VAL B 404 -29.68 -26.61 1.51
CA VAL B 404 -29.16 -27.95 1.24
C VAL B 404 -30.19 -29.05 1.51
N TYR B 405 -30.07 -30.15 0.77
CA TYR B 405 -30.96 -31.30 0.90
C TYR B 405 -32.42 -31.03 0.57
N PHE B 406 -32.65 -30.12 -0.37
CA PHE B 406 -33.98 -29.79 -0.85
C PHE B 406 -33.80 -29.13 -2.20
N PRO B 407 -34.66 -29.45 -3.19
CA PRO B 407 -35.78 -30.39 -3.06
C PRO B 407 -35.29 -31.82 -2.80
N LEU B 408 -36.20 -32.67 -2.37
CA LEU B 408 -35.88 -34.05 -2.03
C LEU B 408 -35.52 -34.98 -3.18
N ILE B 409 -35.83 -34.58 -4.42
CA ILE B 409 -35.53 -35.45 -5.57
C ILE B 409 -34.10 -35.36 -6.09
N VAL B 410 -33.26 -34.60 -5.41
CA VAL B 410 -31.86 -34.50 -5.83
C VAL B 410 -30.95 -34.77 -4.64
N LYS B 411 -30.11 -35.79 -4.78
CA LYS B 411 -29.18 -36.17 -3.72
C LYS B 411 -28.13 -35.08 -3.51
N GLU B 412 -27.79 -34.84 -2.24
CA GLU B 412 -26.78 -33.84 -1.89
C GLU B 412 -27.11 -32.52 -2.58
N ALA B 413 -28.40 -32.21 -2.66
CA ALA B 413 -28.86 -31.00 -3.31
C ALA B 413 -28.31 -29.69 -2.75
N LEU B 414 -27.91 -28.80 -3.66
CA LEU B 414 -27.43 -27.47 -3.32
C LEU B 414 -28.41 -26.56 -4.06
N MET B 415 -29.40 -26.06 -3.33
CA MET B 415 -30.44 -25.20 -3.90
C MET B 415 -30.05 -23.73 -3.75
N VAL B 416 -29.50 -23.17 -4.82
CA VAL B 416 -28.98 -21.81 -4.84
C VAL B 416 -29.88 -20.73 -5.42
N GLU B 417 -30.17 -19.71 -4.61
CA GLU B 417 -30.99 -18.57 -5.05
C GLU B 417 -30.29 -17.29 -4.59
N PRO B 418 -29.59 -16.61 -5.51
CA PRO B 418 -28.90 -15.37 -5.12
C PRO B 418 -29.74 -14.12 -4.96
N THR B 419 -30.85 -14.06 -5.69
CA THR B 419 -31.76 -12.90 -5.71
C THR B 419 -31.11 -11.79 -6.53
N GLU B 420 -31.90 -10.79 -6.89
CA GLU B 420 -31.41 -9.70 -7.72
C GLU B 420 -30.52 -8.66 -7.04
N THR B 421 -30.56 -8.57 -5.72
CA THR B 421 -29.77 -7.56 -5.04
C THR B 421 -28.30 -7.87 -4.79
N GLU B 422 -27.86 -9.06 -5.19
CA GLU B 422 -26.46 -9.43 -5.01
C GLU B 422 -25.67 -9.03 -6.27
N ALA B 423 -24.42 -8.63 -6.06
CA ALA B 423 -23.58 -8.18 -7.17
C ALA B 423 -22.80 -9.26 -7.87
N LYS B 424 -22.45 -8.98 -9.12
CA LYS B 424 -21.68 -9.89 -9.95
C LYS B 424 -20.44 -10.40 -9.22
N GLU B 425 -19.64 -9.47 -8.69
CA GLU B 425 -18.41 -9.84 -7.99
C GLU B 425 -18.68 -10.71 -6.76
N THR B 426 -19.85 -10.56 -6.16
CA THR B 426 -20.20 -11.37 -4.99
C THR B 426 -20.51 -12.79 -5.44
N LEU B 427 -21.17 -12.92 -6.58
CA LEU B 427 -21.50 -14.23 -7.13
C LEU B 427 -20.20 -14.95 -7.47
N GLU B 428 -19.25 -14.20 -8.02
CA GLU B 428 -17.96 -14.77 -8.42
C GLU B 428 -17.11 -15.18 -7.20
N ALA B 429 -17.15 -14.39 -6.13
CA ALA B 429 -16.38 -14.72 -4.94
C ALA B 429 -16.95 -15.98 -4.31
N PHE B 430 -18.27 -16.12 -4.37
CA PHE B 430 -18.96 -17.29 -3.81
C PHE B 430 -18.56 -18.53 -4.61
N ALA B 431 -18.55 -18.38 -5.94
CA ALA B 431 -18.19 -19.49 -6.82
C ALA B 431 -16.73 -19.90 -6.57
N GLU B 432 -15.88 -18.90 -6.34
CA GLU B 432 -14.48 -19.17 -6.10
C GLU B 432 -14.35 -19.99 -4.80
N ALA B 433 -15.14 -19.63 -3.80
CA ALA B 433 -15.13 -20.34 -2.52
C ALA B 433 -15.61 -21.77 -2.71
N MET B 434 -16.68 -21.95 -3.48
CA MET B 434 -17.22 -23.28 -3.74
C MET B 434 -16.17 -24.12 -4.46
N GLY B 435 -15.42 -23.47 -5.35
CA GLY B 435 -14.38 -24.18 -6.07
C GLY B 435 -13.24 -24.58 -5.14
N ALA B 436 -12.76 -23.63 -4.35
CA ALA B 436 -11.66 -23.89 -3.43
C ALA B 436 -11.97 -25.03 -2.46
N LEU B 437 -13.23 -25.14 -2.03
CA LEU B 437 -13.62 -26.19 -1.09
C LEU B 437 -13.44 -27.60 -1.66
N LEU B 438 -13.57 -27.73 -2.98
CA LEU B 438 -13.42 -29.04 -3.61
C LEU B 438 -11.97 -29.48 -3.60
N LYS B 439 -11.06 -28.54 -3.33
CA LYS B 439 -9.64 -28.84 -3.28
C LYS B 439 -9.16 -29.06 -1.84
N LYS B 440 -10.05 -28.84 -0.87
CA LYS B 440 -9.68 -29.03 0.54
C LYS B 440 -9.73 -30.50 0.91
N PRO B 441 -8.80 -30.96 1.77
CA PRO B 441 -8.80 -32.37 2.16
C PRO B 441 -10.10 -32.79 2.84
N LYS B 442 -10.44 -34.05 2.67
CA LYS B 442 -11.66 -34.61 3.23
C LYS B 442 -11.81 -34.33 4.73
N GLU B 443 -10.73 -34.50 5.48
CA GLU B 443 -10.78 -34.28 6.92
C GLU B 443 -11.06 -32.82 7.30
N TRP B 444 -10.57 -31.90 6.49
CA TRP B 444 -10.78 -30.48 6.76
C TRP B 444 -12.27 -30.15 6.63
N LEU B 445 -12.87 -30.57 5.53
CA LEU B 445 -14.28 -30.32 5.27
C LEU B 445 -15.20 -30.96 6.32
N GLU B 446 -14.93 -32.22 6.64
CA GLU B 446 -15.74 -32.95 7.62
C GLU B 446 -15.67 -32.38 9.04
N ASN B 447 -14.61 -31.64 9.34
CA ASN B 447 -14.47 -31.07 10.67
C ASN B 447 -14.70 -29.57 10.72
N ALA B 448 -15.13 -29.01 9.59
CA ALA B 448 -15.43 -27.58 9.50
C ALA B 448 -16.80 -27.38 10.14
N PRO B 449 -17.08 -26.17 10.67
CA PRO B 449 -16.21 -25.00 10.71
C PRO B 449 -15.28 -25.00 11.91
N TYR B 450 -14.38 -24.03 11.96
CA TYR B 450 -13.40 -23.93 13.04
C TYR B 450 -13.38 -22.58 13.75
N SER B 451 -13.58 -21.50 12.99
CA SER B 451 -13.51 -20.14 13.52
C SER B 451 -14.83 -19.50 13.94
N THR B 452 -15.94 -20.18 13.73
CA THR B 452 -17.23 -19.62 14.09
C THR B 452 -17.42 -19.65 15.62
N PRO B 453 -18.33 -18.81 16.15
CA PRO B 453 -18.57 -18.78 17.60
C PRO B 453 -18.74 -20.16 18.22
N VAL B 454 -19.21 -21.10 17.41
CA VAL B 454 -19.41 -22.47 17.86
C VAL B 454 -19.13 -23.37 16.66
N ARG B 455 -18.54 -24.54 16.90
CA ARG B 455 -18.27 -25.47 15.81
C ARG B 455 -19.47 -26.41 15.66
N ARG B 456 -19.36 -27.46 14.85
CA ARG B 456 -20.50 -28.36 14.68
C ARG B 456 -21.12 -28.78 16.00
N LEU B 457 -22.45 -28.74 16.06
CA LEU B 457 -23.19 -29.09 17.26
C LEU B 457 -23.63 -30.54 17.28
N ASP B 458 -23.81 -31.06 18.49
CA ASP B 458 -24.23 -32.44 18.67
C ASP B 458 -25.74 -32.55 18.51
N GLU B 459 -26.18 -32.85 17.30
CA GLU B 459 -27.60 -33.00 17.01
C GLU B 459 -28.22 -34.21 17.67
N LEU B 460 -27.48 -35.31 17.74
CA LEU B 460 -28.00 -36.51 18.37
C LEU B 460 -28.34 -36.24 19.83
N ARG B 461 -27.43 -35.56 20.53
CA ARG B 461 -27.67 -35.22 21.93
C ARG B 461 -28.90 -34.35 22.10
N ALA B 462 -29.04 -33.36 21.22
CA ALA B 462 -30.17 -32.44 21.29
C ALA B 462 -31.47 -33.17 21.05
N ASN B 463 -31.41 -34.25 20.28
CA ASN B 463 -32.61 -35.01 19.99
C ASN B 463 -32.85 -36.14 21.00
N LYS B 464 -31.78 -36.75 21.49
CA LYS B 464 -31.91 -37.82 22.47
C LYS B 464 -32.14 -37.28 23.88
N HIS B 465 -31.39 -36.26 24.25
CA HIS B 465 -31.52 -35.64 25.57
C HIS B 465 -31.80 -34.15 25.41
N PRO B 466 -33.00 -33.81 24.91
CA PRO B 466 -33.35 -32.40 24.72
C PRO B 466 -33.51 -31.57 26.00
N LYS B 467 -32.92 -30.38 25.99
CA LYS B 467 -33.04 -29.45 27.12
C LYS B 467 -33.73 -28.26 26.44
N LEU B 468 -35.03 -28.16 26.66
CA LEU B 468 -35.88 -27.16 26.03
C LEU B 468 -36.03 -25.80 26.70
N THR B 469 -35.61 -25.69 27.95
CA THR B 469 -35.67 -24.41 28.67
C THR B 469 -34.48 -24.38 29.64
N TYR B 470 -34.17 -23.19 30.14
CA TYR B 470 -33.08 -23.02 31.08
C TYR B 470 -33.35 -23.84 32.34
N PHE B 471 -34.62 -23.93 32.72
CA PHE B 471 -34.99 -24.67 33.92
C PHE B 471 -35.19 -26.17 33.69
N ASP B 472 -35.39 -26.56 32.44
CA ASP B 472 -35.54 -27.96 32.09
C ASP B 472 -36.48 -28.68 33.06
N GLU B 473 -37.67 -28.12 33.26
CA GLU B 473 -38.67 -28.70 34.17
C GLU B 473 -39.44 -29.83 33.49
N GLY B 474 -40.03 -30.69 34.31
CA GLY B 474 -40.81 -31.80 33.78
C GLY B 474 -40.00 -33.07 33.59
N MET C 1 -37.06 7.39 38.10
CA MET C 1 -36.46 6.09 37.72
C MET C 1 -34.96 6.30 37.46
N ASP C 2 -34.21 5.21 37.35
CA ASP C 2 -32.78 5.32 37.10
C ASP C 2 -32.19 4.09 36.42
N TYR C 3 -30.89 4.18 36.12
CA TYR C 3 -30.19 3.11 35.42
C TYR C 3 -29.15 2.34 36.21
N THR C 4 -29.10 2.52 37.52
CA THR C 4 -28.11 1.79 38.31
C THR C 4 -28.60 0.37 38.59
N PRO C 5 -27.70 -0.63 38.43
CA PRO C 5 -28.01 -2.04 38.66
C PRO C 5 -27.99 -2.47 40.12
N HIS C 6 -27.26 -1.75 40.95
CA HIS C 6 -27.10 -2.09 42.37
C HIS C 6 -28.35 -2.42 43.18
N THR C 7 -28.32 -3.57 43.84
CA THR C 7 -29.42 -3.98 44.71
C THR C 7 -29.02 -3.52 46.10
N GLU C 8 -29.97 -3.49 47.04
CA GLU C 8 -29.62 -3.04 48.38
C GLU C 8 -28.53 -3.88 49.06
N GLU C 9 -28.57 -5.19 48.85
CA GLU C 9 -27.56 -6.05 49.46
C GLU C 9 -26.17 -5.79 48.88
N GLU C 10 -26.12 -5.46 47.58
CA GLU C 10 -24.83 -5.17 46.94
C GLU C 10 -24.29 -3.86 47.49
N ILE C 11 -25.18 -2.89 47.70
CA ILE C 11 -24.75 -1.61 48.22
C ILE C 11 -24.20 -1.78 49.65
N ARG C 12 -24.89 -2.56 50.47
CA ARG C 12 -24.42 -2.79 51.84
C ARG C 12 -23.01 -3.37 51.86
N GLU C 13 -22.79 -4.42 51.08
CA GLU C 13 -21.49 -5.05 51.02
C GLU C 13 -20.40 -4.13 50.53
N MET C 14 -20.70 -3.35 49.49
CA MET C 14 -19.72 -2.44 48.93
C MET C 14 -19.36 -1.32 49.92
N LEU C 15 -20.36 -0.76 50.57
CA LEU C 15 -20.12 0.30 51.57
C LEU C 15 -19.21 -0.25 52.66
N ARG C 16 -19.51 -1.45 53.12
CA ARG C 16 -18.73 -2.09 54.17
C ARG C 16 -17.29 -2.30 53.71
N ARG C 17 -17.13 -2.71 52.45
CA ARG C 17 -15.80 -2.97 51.88
C ARG C 17 -14.95 -1.71 51.73
N VAL C 18 -15.58 -0.56 51.49
CA VAL C 18 -14.83 0.69 51.33
C VAL C 18 -14.75 1.51 52.61
N GLY C 19 -15.35 1.00 53.67
CA GLY C 19 -15.32 1.70 54.94
C GLY C 19 -16.25 2.90 55.05
N ALA C 20 -17.38 2.84 54.35
CA ALA C 20 -18.34 3.93 54.41
C ALA C 20 -19.56 3.47 55.19
N ALA C 21 -20.12 4.35 56.00
CA ALA C 21 -21.28 4.00 56.82
C ALA C 21 -22.57 4.07 56.02
N SER C 22 -22.56 4.82 54.92
CA SER C 22 -23.73 4.99 54.09
C SER C 22 -23.31 5.76 52.85
N LEU C 23 -24.25 5.93 51.91
CA LEU C 23 -23.96 6.66 50.70
C LEU C 23 -23.57 8.10 51.03
N GLU C 24 -24.33 8.73 51.93
CA GLU C 24 -24.06 10.10 52.34
C GLU C 24 -22.67 10.21 52.96
N ASP C 25 -22.21 9.13 53.57
CA ASP C 25 -20.90 9.12 54.21
C ASP C 25 -19.76 9.22 53.20
N LEU C 26 -20.03 8.83 51.95
CA LEU C 26 -19.03 8.89 50.89
C LEU C 26 -18.62 10.34 50.63
N PHE C 27 -19.45 11.28 51.05
CA PHE C 27 -19.19 12.71 50.84
C PHE C 27 -18.90 13.46 52.14
N ALA C 28 -18.73 12.72 53.23
CA ALA C 28 -18.49 13.33 54.54
C ALA C 28 -17.22 14.17 54.65
N HIS C 29 -16.28 14.00 53.72
CA HIS C 29 -15.03 14.75 53.77
C HIS C 29 -15.07 16.07 53.01
N LEU C 30 -16.22 16.42 52.45
CA LEU C 30 -16.32 17.69 51.72
C LEU C 30 -16.67 18.75 52.75
N PRO C 31 -16.26 20.01 52.49
CA PRO C 31 -16.58 21.07 53.45
C PRO C 31 -18.08 21.11 53.72
N LYS C 32 -18.43 21.00 55.00
CA LYS C 32 -19.82 21.00 55.46
C LYS C 32 -20.69 22.09 54.85
N GLU C 33 -20.11 23.25 54.58
CA GLU C 33 -20.87 24.37 54.04
C GLU C 33 -21.44 24.18 52.64
N ILE C 34 -20.85 23.30 51.83
CA ILE C 34 -21.34 23.09 50.48
C ILE C 34 -22.30 21.90 50.35
N LEU C 35 -22.46 21.14 51.44
CA LEU C 35 -23.34 19.98 51.43
C LEU C 35 -24.80 20.39 51.55
N SER C 36 -25.69 19.49 51.15
CA SER C 36 -27.13 19.74 51.19
C SER C 36 -27.55 21.00 50.42
N PRO C 37 -27.01 21.20 49.20
CA PRO C 37 -27.39 22.38 48.44
C PRO C 37 -28.89 22.41 48.10
N PRO C 38 -29.49 23.61 48.09
CA PRO C 38 -30.92 23.74 47.77
C PRO C 38 -31.20 23.61 46.27
N ILE C 39 -31.18 22.38 45.76
CA ILE C 39 -31.42 22.12 44.35
C ILE C 39 -32.89 21.82 44.08
N ASP C 40 -33.48 22.56 43.16
CA ASP C 40 -34.88 22.39 42.81
C ASP C 40 -35.02 21.84 41.39
N LEU C 41 -35.47 20.58 41.29
CA LEU C 41 -35.66 19.92 40.01
C LEU C 41 -37.01 19.21 40.03
N PRO C 42 -37.67 19.11 38.86
CA PRO C 42 -38.97 18.43 38.86
C PRO C 42 -38.83 16.97 39.30
N GLU C 43 -39.91 16.42 39.86
CA GLU C 43 -39.89 15.06 40.34
C GLU C 43 -39.67 14.06 39.20
N PRO C 44 -38.94 12.97 39.48
CA PRO C 44 -38.65 11.93 38.47
C PRO C 44 -39.89 11.37 37.79
N LEU C 45 -39.73 11.01 36.52
CA LEU C 45 -40.83 10.47 35.73
C LEU C 45 -40.44 9.20 35.00
N PRO C 46 -41.36 8.23 34.90
CA PRO C 46 -41.04 6.99 34.19
C PRO C 46 -40.85 7.32 32.71
N GLU C 47 -40.08 6.49 32.00
CA GLU C 47 -39.78 6.73 30.60
C GLU C 47 -40.96 7.04 29.68
N TRP C 48 -42.08 6.35 29.85
CA TRP C 48 -43.22 6.64 28.98
C TRP C 48 -43.75 8.05 29.24
N LYS C 49 -43.60 8.53 30.47
CA LYS C 49 -44.07 9.87 30.81
C LYS C 49 -43.11 10.91 30.25
N VAL C 50 -41.82 10.62 30.31
CA VAL C 50 -40.81 11.53 29.77
C VAL C 50 -41.09 11.69 28.27
N LEU C 51 -41.46 10.59 27.61
CA LEU C 51 -41.76 10.64 26.19
C LEU C 51 -43.01 11.48 25.93
N GLU C 52 -44.02 11.30 26.79
CA GLU C 52 -45.26 12.05 26.65
C GLU C 52 -44.96 13.55 26.70
N GLU C 53 -44.12 13.95 27.65
CA GLU C 53 -43.76 15.35 27.80
C GLU C 53 -43.01 15.87 26.57
N LEU C 54 -42.13 15.03 26.00
CA LEU C 54 -41.38 15.41 24.82
C LEU C 54 -42.35 15.62 23.66
N ARG C 55 -43.26 14.68 23.47
CA ARG C 55 -44.23 14.78 22.41
C ARG C 55 -45.08 16.03 22.58
N ARG C 56 -45.36 16.39 23.83
CA ARG C 56 -46.15 17.58 24.07
C ARG C 56 -45.37 18.80 23.61
N LEU C 57 -44.07 18.83 23.90
CA LEU C 57 -43.23 19.94 23.47
C LEU C 57 -43.16 19.97 21.95
N ALA C 58 -42.94 18.80 21.35
CA ALA C 58 -42.85 18.68 19.90
C ALA C 58 -44.15 19.13 19.23
N ALA C 59 -45.28 18.80 19.85
CA ALA C 59 -46.59 19.17 19.33
C ALA C 59 -46.75 20.69 19.27
N GLN C 60 -45.96 21.41 20.06
CA GLN C 60 -46.02 22.86 20.09
C GLN C 60 -45.33 23.47 18.86
N ASN C 61 -44.40 22.74 18.26
CA ASN C 61 -43.69 23.25 17.11
C ASN C 61 -44.39 22.96 15.79
N LEU C 62 -43.97 23.67 14.76
CA LEU C 62 -44.48 23.48 13.41
C LEU C 62 -43.27 22.87 12.72
N PRO C 63 -43.32 21.57 12.39
CA PRO C 63 -42.18 20.92 11.72
C PRO C 63 -41.72 21.64 10.47
N ALA C 64 -40.41 21.66 10.26
CA ALA C 64 -39.80 22.34 9.12
C ALA C 64 -39.52 21.43 7.94
N HIS C 65 -40.13 20.25 7.92
CA HIS C 65 -39.93 19.34 6.81
C HIS C 65 -40.43 20.05 5.54
N LYS C 66 -39.63 20.04 4.49
CA LYS C 66 -39.98 20.71 3.24
C LYS C 66 -40.07 22.24 3.39
N ALA C 67 -39.35 22.78 4.37
CA ALA C 67 -39.33 24.23 4.58
C ALA C 67 -38.54 24.88 3.44
N PHE C 68 -38.80 26.16 3.20
CA PHE C 68 -38.08 26.90 2.15
C PHE C 68 -37.07 27.85 2.76
N LEU C 69 -36.76 27.59 4.03
CA LEU C 69 -35.80 28.41 4.76
C LEU C 69 -34.39 28.02 4.37
N GLY C 70 -33.49 28.99 4.40
CA GLY C 70 -32.10 28.71 4.04
C GLY C 70 -31.16 29.28 5.08
N GLY C 71 -30.08 29.90 4.62
CA GLY C 71 -29.12 30.48 5.53
C GLY C 71 -28.09 29.50 6.09
N GLY C 72 -27.82 28.43 5.35
CA GLY C 72 -26.84 27.47 5.84
C GLY C 72 -27.40 26.12 6.21
N VAL C 73 -28.72 26.04 6.43
CA VAL C 73 -29.38 24.80 6.77
C VAL C 73 -30.63 24.70 5.89
N ARG C 74 -30.85 23.53 5.28
CA ARG C 74 -32.00 23.32 4.40
C ARG C 74 -32.64 21.95 4.67
N SER C 75 -33.91 21.83 4.31
CA SER C 75 -34.62 20.58 4.52
C SER C 75 -34.35 19.60 3.39
N HIS C 76 -33.25 18.85 3.50
CA HIS C 76 -32.88 17.85 2.50
C HIS C 76 -33.37 16.50 3.01
N HIS C 77 -33.44 15.53 2.11
CA HIS C 77 -33.89 14.18 2.48
C HIS C 77 -32.87 13.52 3.42
N VAL C 78 -33.37 12.99 4.53
CA VAL C 78 -32.52 12.30 5.52
C VAL C 78 -32.76 10.82 5.23
N PRO C 79 -31.83 10.18 4.51
CA PRO C 79 -32.05 8.76 4.21
C PRO C 79 -32.08 7.81 5.39
N PRO C 80 -33.18 7.05 5.52
CA PRO C 80 -33.30 6.10 6.63
C PRO C 80 -32.16 5.09 6.67
N VAL C 81 -31.62 4.71 5.51
CA VAL C 81 -30.53 3.74 5.52
C VAL C 81 -29.32 4.33 6.26
N VAL C 82 -29.08 5.62 6.07
CA VAL C 82 -27.95 6.26 6.74
C VAL C 82 -28.21 6.34 8.25
N GLN C 83 -29.39 6.78 8.63
CA GLN C 83 -29.70 6.87 10.04
C GLN C 83 -29.68 5.50 10.70
N ALA C 84 -30.17 4.47 10.01
CA ALA C 84 -30.18 3.11 10.56
C ALA C 84 -28.75 2.65 10.88
N LEU C 85 -27.83 2.88 9.96
CA LEU C 85 -26.44 2.46 10.17
C LEU C 85 -25.74 3.26 11.28
N ALA C 86 -25.97 4.57 11.30
CA ALA C 86 -25.34 5.43 12.30
C ALA C 86 -25.95 5.19 13.68
N ALA C 87 -27.07 4.47 13.74
CA ALA C 87 -27.70 4.17 15.00
C ALA C 87 -27.15 2.88 15.60
N ARG C 88 -26.28 2.18 14.87
CA ARG C 88 -25.68 0.95 15.39
C ARG C 88 -25.01 1.30 16.71
N GLY C 89 -25.31 0.53 17.75
CA GLY C 89 -24.75 0.78 19.06
C GLY C 89 -23.24 0.97 19.12
N GLU C 90 -22.49 0.25 18.29
CA GLU C 90 -21.05 0.35 18.31
C GLU C 90 -20.55 1.73 17.88
N PHE C 91 -21.19 2.30 16.86
CA PHE C 91 -20.80 3.63 16.39
C PHE C 91 -21.29 4.69 17.37
N LEU C 92 -22.52 4.54 17.80
CA LEU C 92 -23.15 5.48 18.72
C LEU C 92 -22.50 5.61 20.10
N THR C 93 -22.11 4.49 20.69
CA THR C 93 -21.56 4.53 22.05
C THR C 93 -20.05 4.31 22.23
N ALA C 94 -19.30 4.28 21.13
CA ALA C 94 -17.86 4.12 21.25
C ALA C 94 -17.24 5.45 21.65
N TYR C 95 -16.07 5.40 22.27
CA TYR C 95 -15.37 6.62 22.66
C TYR C 95 -14.30 6.86 21.59
N THR C 96 -13.60 7.98 21.67
CA THR C 96 -12.54 8.28 20.72
C THR C 96 -11.68 7.01 20.65
N PRO C 97 -11.32 6.57 19.44
CA PRO C 97 -10.51 5.35 19.22
C PRO C 97 -9.04 5.37 19.62
N TYR C 98 -8.75 5.35 20.92
CA TYR C 98 -7.37 5.34 21.41
C TYR C 98 -6.79 3.94 21.55
N GLN C 99 -7.64 2.93 21.45
CA GLN C 99 -7.25 1.53 21.56
C GLN C 99 -7.62 0.96 20.18
N PRO C 100 -6.80 1.27 19.16
CA PRO C 100 -6.98 0.86 17.76
C PRO C 100 -7.35 -0.59 17.49
N GLU C 101 -6.78 -1.52 18.23
CA GLU C 101 -7.05 -2.94 18.01
C GLU C 101 -8.53 -3.31 18.03
N VAL C 102 -9.32 -2.60 18.83
CA VAL C 102 -10.74 -2.90 18.94
C VAL C 102 -11.61 -1.76 18.39
N SER C 103 -10.98 -0.80 17.72
CA SER C 103 -11.68 0.35 17.16
C SER C 103 -11.50 0.54 15.66
N GLN C 104 -11.19 -0.54 14.95
CA GLN C 104 -11.00 -0.42 13.50
C GLN C 104 -12.27 0.00 12.78
N GLY C 105 -13.42 -0.28 13.37
CA GLY C 105 -14.66 0.12 12.75
C GLY C 105 -14.67 1.63 12.59
N VAL C 106 -14.55 2.34 13.72
CA VAL C 106 -14.53 3.79 13.72
C VAL C 106 -13.30 4.34 13.00
N LEU C 107 -12.14 3.74 13.23
CA LEU C 107 -10.91 4.21 12.59
C LEU C 107 -11.01 4.17 11.06
N GLN C 108 -11.38 3.03 10.50
CA GLN C 108 -11.51 2.91 9.05
C GLN C 108 -12.58 3.85 8.50
N ALA C 109 -13.70 3.95 9.21
CA ALA C 109 -14.79 4.81 8.78
C ALA C 109 -14.32 6.25 8.71
N THR C 110 -13.53 6.66 9.70
CA THR C 110 -13.01 8.02 9.75
C THR C 110 -12.02 8.24 8.61
N PHE C 111 -11.20 7.24 8.33
CA PHE C 111 -10.22 7.32 7.24
C PHE C 111 -10.98 7.50 5.93
N GLU C 112 -12.10 6.81 5.78
CA GLU C 112 -12.90 6.89 4.57
C GLU C 112 -13.57 8.27 4.49
N TYR C 113 -14.00 8.77 5.63
CA TYR C 113 -14.61 10.10 5.69
C TYR C 113 -13.57 11.13 5.20
N GLN C 114 -12.36 11.03 5.72
CA GLN C 114 -11.28 11.95 5.34
C GLN C 114 -11.06 11.95 3.83
N THR C 115 -11.05 10.76 3.25
CA THR C 115 -10.86 10.59 1.81
C THR C 115 -11.97 11.28 1.00
N MET C 116 -13.21 11.07 1.44
CA MET C 116 -14.35 11.65 0.75
C MET C 116 -14.37 13.17 0.81
N ILE C 117 -14.06 13.73 1.98
CA ILE C 117 -14.04 15.17 2.14
C ILE C 117 -12.95 15.77 1.25
N ALA C 118 -11.77 15.16 1.29
CA ALA C 118 -10.65 15.61 0.48
C ALA C 118 -11.07 15.64 -0.99
N GLU C 119 -11.64 14.53 -1.46
CA GLU C 119 -12.09 14.43 -2.85
C GLU C 119 -13.14 15.50 -3.17
N LEU C 120 -14.11 15.65 -2.29
CA LEU C 120 -15.17 16.62 -2.50
C LEU C 120 -14.60 18.04 -2.67
N ALA C 121 -13.62 18.38 -1.84
CA ALA C 121 -12.99 19.71 -1.89
C ALA C 121 -11.92 19.84 -2.96
N GLY C 122 -11.58 18.73 -3.60
CA GLY C 122 -10.55 18.77 -4.64
C GLY C 122 -9.19 18.95 -4.01
N LEU C 123 -9.09 18.70 -2.71
CA LEU C 123 -7.83 18.84 -1.99
C LEU C 123 -7.22 17.48 -1.64
N GLU C 124 -6.11 17.50 -0.89
CA GLU C 124 -5.37 16.28 -0.57
C GLU C 124 -5.65 15.58 0.75
N ILE C 125 -5.83 16.35 1.82
CA ILE C 125 -6.09 15.77 3.14
C ILE C 125 -7.19 16.52 3.87
N ALA C 126 -7.71 15.91 4.94
CA ALA C 126 -8.76 16.50 5.76
C ALA C 126 -8.66 15.90 7.16
N ASN C 127 -9.07 16.65 8.19
CA ASN C 127 -9.02 16.10 9.54
C ASN C 127 -10.27 15.27 9.79
N ALA C 128 -10.39 14.70 10.99
CA ALA C 128 -11.51 13.83 11.34
C ALA C 128 -12.84 14.53 11.60
N SER C 129 -12.83 15.86 11.54
CA SER C 129 -14.00 16.72 11.71
C SER C 129 -13.83 17.84 12.73
N MET C 130 -14.61 18.89 12.51
CA MET C 130 -14.64 20.06 13.38
C MET C 130 -16.08 20.13 13.91
N TYR C 131 -16.34 21.01 14.87
CA TYR C 131 -17.68 21.13 15.46
C TYR C 131 -18.76 21.49 14.44
N ASP C 132 -18.44 22.46 13.58
CA ASP C 132 -19.38 22.92 12.57
C ASP C 132 -18.66 23.76 11.53
N GLY C 133 -19.42 24.31 10.60
CA GLY C 133 -18.85 25.12 9.55
C GLY C 133 -18.13 26.36 10.04
N ALA C 134 -18.76 27.09 10.96
CA ALA C 134 -18.19 28.31 11.50
C ALA C 134 -16.85 28.10 12.21
N THR C 135 -16.80 27.12 13.10
CA THR C 135 -15.56 26.86 13.83
C THR C 135 -14.51 26.27 12.90
N ALA C 136 -14.95 25.52 11.89
CA ALA C 136 -14.00 24.96 10.93
C ALA C 136 -13.30 26.13 10.24
N LEU C 137 -14.06 27.14 9.85
CA LEU C 137 -13.49 28.31 9.19
C LEU C 137 -12.46 29.00 10.08
N ALA C 138 -12.83 29.21 11.34
CA ALA C 138 -11.93 29.86 12.28
C ALA C 138 -10.62 29.09 12.38
N GLU C 139 -10.73 27.76 12.50
CA GLU C 139 -9.54 26.91 12.61
C GLU C 139 -8.76 26.90 11.30
N GLY C 140 -9.47 26.97 10.18
CA GLY C 140 -8.79 26.97 8.89
C GLY C 140 -7.97 28.24 8.73
N VAL C 141 -8.54 29.36 9.14
CA VAL C 141 -7.83 30.63 9.03
C VAL C 141 -6.65 30.67 9.98
N LEU C 142 -6.86 30.25 11.23
CA LEU C 142 -5.77 30.24 12.21
C LEU C 142 -4.64 29.38 11.66
N LEU C 143 -5.00 28.31 10.96
CA LEU C 143 -4.02 27.41 10.37
C LEU C 143 -3.20 28.20 9.35
N ALA C 144 -3.91 28.93 8.49
CA ALA C 144 -3.27 29.74 7.45
C ALA C 144 -2.32 30.79 8.04
N LEU C 145 -2.72 31.41 9.14
CA LEU C 145 -1.90 32.42 9.79
C LEU C 145 -0.64 31.82 10.42
N ARG C 146 -0.75 30.60 10.95
CA ARG C 146 0.40 29.94 11.57
C ARG C 146 1.37 29.51 10.49
N GLU C 147 0.83 29.10 9.35
CA GLU C 147 1.63 28.66 8.21
C GLU C 147 2.39 29.80 7.56
N THR C 148 1.72 30.93 7.37
CA THR C 148 2.36 32.09 6.75
C THR C 148 3.06 32.95 7.78
N GLY C 149 2.65 32.83 9.04
CA GLY C 149 3.26 33.61 10.10
C GLY C 149 2.77 35.04 10.13
N ARG C 150 1.70 35.32 9.39
CA ARG C 150 1.13 36.66 9.35
C ARG C 150 -0.10 36.77 10.24
N MET C 151 -0.62 37.99 10.40
CA MET C 151 -1.79 38.21 11.25
C MET C 151 -2.98 38.87 10.57
N GLY C 152 -2.83 39.24 9.30
CA GLY C 152 -3.92 39.90 8.59
C GLY C 152 -4.85 38.94 7.87
N VAL C 153 -6.14 39.28 7.84
CA VAL C 153 -7.13 38.43 7.18
C VAL C 153 -8.18 39.22 6.40
N LEU C 154 -8.40 38.84 5.15
CA LEU C 154 -9.42 39.47 4.33
C LEU C 154 -10.55 38.47 4.18
N VAL C 155 -11.76 38.88 4.53
CA VAL C 155 -12.91 37.99 4.40
C VAL C 155 -14.05 38.66 3.64
N SER C 156 -14.57 37.97 2.63
CA SER C 156 -15.68 38.50 1.86
C SER C 156 -16.90 38.60 2.74
N GLN C 157 -17.72 39.62 2.53
CA GLN C 157 -18.95 39.79 3.30
C GLN C 157 -19.92 38.69 2.84
N GLY C 158 -19.58 38.09 1.70
CA GLY C 158 -20.39 37.01 1.14
C GLY C 158 -20.35 35.77 2.02
N VAL C 159 -19.45 35.77 2.99
CA VAL C 159 -19.36 34.65 3.92
C VAL C 159 -20.47 34.83 4.96
N HIS C 160 -21.20 33.76 5.25
CA HIS C 160 -22.30 33.80 6.22
C HIS C 160 -21.91 34.68 7.40
N PRO C 161 -22.79 35.62 7.79
CA PRO C 161 -22.49 36.52 8.92
C PRO C 161 -22.10 35.83 10.23
N GLU C 162 -22.74 34.72 10.54
CA GLU C 162 -22.41 33.98 11.77
C GLU C 162 -21.00 33.40 11.65
N TYR C 163 -20.64 32.94 10.46
CA TYR C 163 -19.30 32.39 10.25
C TYR C 163 -18.29 33.51 10.49
N ARG C 164 -18.56 34.68 9.91
CA ARG C 164 -17.67 35.82 10.08
C ARG C 164 -17.57 36.25 11.54
N ALA C 165 -18.68 36.15 12.28
CA ALA C 165 -18.68 36.52 13.69
C ALA C 165 -17.81 35.55 14.49
N VAL C 166 -17.96 34.27 14.25
CA VAL C 166 -17.16 33.27 14.95
C VAL C 166 -15.68 33.48 14.59
N LEU C 167 -15.42 33.69 13.30
CA LEU C 167 -14.07 33.91 12.83
C LEU C 167 -13.43 35.08 13.57
N ARG C 168 -14.17 36.18 13.71
CA ARG C 168 -13.66 37.36 14.39
C ARG C 168 -13.26 37.04 15.84
N ALA C 169 -14.12 36.33 16.54
CA ALA C 169 -13.85 35.97 17.93
C ALA C 169 -12.55 35.19 18.09
N TYR C 170 -12.37 34.16 17.26
CA TYR C 170 -11.15 33.36 17.33
C TYR C 170 -9.92 34.17 16.94
N LEU C 171 -10.10 35.05 15.97
CA LEU C 171 -9.02 35.90 15.48
C LEU C 171 -8.53 36.92 16.51
N GLU C 172 -9.44 37.72 17.01
CA GLU C 172 -9.08 38.74 17.98
C GLU C 172 -8.50 38.13 19.26
N ALA C 173 -8.92 36.91 19.58
CA ALA C 173 -8.42 36.23 20.76
C ALA C 173 -6.90 36.04 20.65
N VAL C 174 -6.44 35.72 19.45
CA VAL C 174 -5.02 35.50 19.21
C VAL C 174 -4.32 36.76 18.69
N GLY C 175 -5.07 37.87 18.65
CA GLY C 175 -4.51 39.13 18.21
C GLY C 175 -4.41 39.37 16.71
N ALA C 176 -5.06 38.54 15.91
CA ALA C 176 -5.03 38.71 14.47
C ALA C 176 -5.99 39.84 14.07
N LYS C 177 -5.83 40.35 12.85
CA LYS C 177 -6.68 41.44 12.37
C LYS C 177 -7.55 40.99 11.20
N LEU C 178 -8.81 41.40 11.21
CA LEU C 178 -9.75 41.02 10.17
C LEU C 178 -10.38 42.21 9.44
N LEU C 179 -10.34 42.17 8.11
CA LEU C 179 -10.95 43.22 7.32
C LEU C 179 -12.01 42.58 6.43
N THR C 180 -13.23 43.12 6.47
CA THR C 180 -14.32 42.58 5.68
C THR C 180 -14.45 43.28 4.33
N LEU C 181 -14.61 42.50 3.27
CA LEU C 181 -14.76 43.04 1.93
C LEU C 181 -16.24 43.06 1.58
N PRO C 182 -16.87 44.24 1.60
CA PRO C 182 -18.29 44.36 1.28
C PRO C 182 -18.66 43.84 -0.10
N LEU C 183 -19.85 43.28 -0.21
CA LEU C 183 -20.32 42.77 -1.49
C LEU C 183 -20.76 43.93 -2.35
N GLU C 184 -20.69 43.74 -3.66
CA GLU C 184 -21.13 44.74 -4.62
C GLU C 184 -21.97 44.01 -5.64
N GLY C 185 -23.25 44.37 -5.70
CA GLY C 185 -24.13 43.71 -6.64
C GLY C 185 -24.26 42.24 -6.31
N GLY C 186 -24.17 41.92 -5.03
CA GLY C 186 -24.30 40.53 -4.59
C GLY C 186 -23.05 39.68 -4.67
N ARG C 187 -21.97 40.24 -5.21
CA ARG C 187 -20.72 39.49 -5.32
C ARG C 187 -19.53 40.28 -4.77
N THR C 188 -18.46 39.58 -4.43
CA THR C 188 -17.31 40.27 -3.87
C THR C 188 -16.25 40.64 -4.91
N PRO C 189 -15.92 41.93 -4.99
CA PRO C 189 -14.92 42.42 -5.93
C PRO C 189 -13.53 41.94 -5.56
N LEU C 190 -12.69 41.74 -6.56
CA LEU C 190 -11.33 41.29 -6.34
C LEU C 190 -10.57 42.36 -5.55
N PRO C 191 -10.03 42.00 -4.38
CA PRO C 191 -9.29 42.97 -3.58
C PRO C 191 -7.80 42.96 -3.88
N GLU C 192 -7.13 44.00 -3.41
CA GLU C 192 -5.69 44.08 -3.57
C GLU C 192 -5.19 43.47 -2.26
N VAL C 193 -4.33 42.46 -2.35
CA VAL C 193 -3.84 41.79 -1.16
C VAL C 193 -2.43 42.24 -0.77
N GLY C 194 -2.30 42.78 0.44
CA GLY C 194 -1.01 43.23 0.93
C GLY C 194 -0.21 42.09 1.54
N GLU C 195 1.07 42.33 1.77
CA GLU C 195 1.94 41.31 2.33
C GLU C 195 1.72 41.06 3.82
N GLU C 196 0.80 41.81 4.42
CA GLU C 196 0.51 41.61 5.83
C GLU C 196 -0.65 40.62 5.97
N VAL C 197 -1.30 40.32 4.84
CA VAL C 197 -2.43 39.41 4.81
C VAL C 197 -1.98 37.94 4.71
N GLY C 198 -2.39 37.14 5.69
CA GLY C 198 -2.03 35.73 5.70
C GLY C 198 -3.12 34.86 5.08
N ALA C 199 -4.36 35.35 5.11
CA ALA C 199 -5.47 34.57 4.55
C ALA C 199 -6.54 35.42 3.89
N VAL C 200 -7.06 34.89 2.80
CA VAL C 200 -8.15 35.52 2.04
C VAL C 200 -9.28 34.50 2.07
N VAL C 201 -10.44 34.93 2.54
CA VAL C 201 -11.59 34.06 2.69
C VAL C 201 -12.79 34.46 1.84
N VAL C 202 -13.33 33.50 1.10
CA VAL C 202 -14.49 33.72 0.25
C VAL C 202 -15.37 32.46 0.28
N GLN C 203 -16.68 32.66 0.26
CA GLN C 203 -17.62 31.54 0.28
C GLN C 203 -18.31 31.39 -1.07
N ASN C 204 -18.47 30.13 -1.50
CA ASN C 204 -19.13 29.84 -2.77
C ASN C 204 -19.94 28.54 -2.71
N PRO C 205 -21.26 28.62 -2.95
CA PRO C 205 -22.01 29.85 -3.26
C PRO C 205 -21.96 30.71 -2.00
N ASN C 206 -22.03 32.04 -2.15
CA ASN C 206 -21.98 32.89 -0.96
C ASN C 206 -23.31 32.94 -0.21
N PHE C 207 -23.33 33.68 0.90
CA PHE C 207 -24.51 33.78 1.75
C PHE C 207 -25.82 34.09 1.03
N LEU C 208 -25.76 34.90 -0.01
CA LEU C 208 -26.96 35.27 -0.76
C LEU C 208 -27.27 34.26 -1.87
N GLY C 209 -26.49 33.17 -1.92
CA GLY C 209 -26.70 32.14 -2.92
C GLY C 209 -25.97 32.35 -4.23
N ALA C 210 -25.25 33.46 -4.34
CA ALA C 210 -24.53 33.79 -5.56
C ALA C 210 -23.24 33.00 -5.77
N LEU C 211 -23.01 32.59 -7.02
CA LEU C 211 -21.81 31.87 -7.38
C LEU C 211 -20.71 32.92 -7.53
N GLU C 212 -19.53 32.60 -7.01
CA GLU C 212 -18.41 33.52 -7.04
C GLU C 212 -17.26 32.91 -7.86
N ASP C 213 -16.51 33.73 -8.59
CA ASP C 213 -15.39 33.22 -9.38
C ASP C 213 -14.16 33.21 -8.47
N LEU C 214 -13.89 32.05 -7.88
CA LEU C 214 -12.77 31.90 -6.96
C LEU C 214 -11.37 32.02 -7.56
N GLY C 215 -11.21 31.55 -8.80
CA GLY C 215 -9.92 31.61 -9.47
C GLY C 215 -9.05 32.82 -9.16
N PRO C 216 -9.46 34.02 -9.59
CA PRO C 216 -8.69 35.24 -9.36
C PRO C 216 -8.38 35.53 -7.89
N PHE C 217 -9.25 35.09 -6.98
CA PHE C 217 -9.03 35.32 -5.56
C PHE C 217 -7.84 34.50 -5.07
N ALA C 218 -7.73 33.27 -5.57
CA ALA C 218 -6.63 32.40 -5.19
C ALA C 218 -5.31 32.99 -5.70
N GLU C 219 -5.34 33.46 -6.94
CA GLU C 219 -4.16 34.07 -7.56
C GLU C 219 -3.75 35.30 -6.77
N ALA C 220 -4.71 36.17 -6.51
CA ALA C 220 -4.45 37.40 -5.76
C ALA C 220 -3.80 37.05 -4.43
N ALA C 221 -4.36 36.07 -3.74
CA ALA C 221 -3.81 35.65 -2.45
C ALA C 221 -2.37 35.17 -2.60
N HIS C 222 -2.16 34.21 -3.49
CA HIS C 222 -0.83 33.66 -3.71
C HIS C 222 0.17 34.74 -4.14
N GLY C 223 -0.30 35.69 -4.94
CA GLY C 223 0.56 36.76 -5.40
C GLY C 223 1.17 37.54 -4.25
N ALA C 224 0.46 37.58 -3.13
CA ALA C 224 0.93 38.31 -1.95
C ALA C 224 1.57 37.42 -0.89
N GLY C 225 1.60 36.12 -1.14
CA GLY C 225 2.17 35.21 -0.16
C GLY C 225 1.15 34.79 0.88
N ALA C 226 -0.12 35.04 0.58
CA ALA C 226 -1.20 34.68 1.50
C ALA C 226 -1.86 33.39 1.04
N LEU C 227 -2.54 32.72 1.96
CA LEU C 227 -3.23 31.48 1.62
C LEU C 227 -4.69 31.83 1.34
N PHE C 228 -5.32 31.02 0.48
CA PHE C 228 -6.71 31.25 0.14
C PHE C 228 -7.59 30.20 0.81
N VAL C 229 -8.54 30.66 1.61
CA VAL C 229 -9.45 29.77 2.31
C VAL C 229 -10.84 29.86 1.67
N ALA C 230 -11.34 28.73 1.20
CA ALA C 230 -12.65 28.70 0.57
C ALA C 230 -13.69 28.05 1.47
N VAL C 231 -14.84 28.71 1.60
CA VAL C 231 -15.93 28.17 2.39
C VAL C 231 -16.93 27.66 1.37
N ALA C 232 -17.23 26.37 1.41
CA ALA C 232 -18.17 25.80 0.43
C ALA C 232 -19.10 24.72 0.98
N ASP C 233 -20.36 24.80 0.57
CA ASP C 233 -21.36 23.83 0.98
C ASP C 233 -20.95 22.52 0.32
N PRO C 234 -20.83 21.43 1.11
CA PRO C 234 -20.43 20.14 0.54
C PRO C 234 -21.31 19.58 -0.58
N LEU C 235 -22.62 19.73 -0.44
CA LEU C 235 -23.53 19.23 -1.47
C LEU C 235 -23.26 19.91 -2.80
N SER C 236 -22.99 21.22 -2.75
CA SER C 236 -22.72 21.96 -3.98
C SER C 236 -21.50 21.41 -4.71
N LEU C 237 -20.52 20.90 -3.94
CA LEU C 237 -19.31 20.35 -4.55
C LEU C 237 -19.60 19.15 -5.43
N GLY C 238 -20.84 18.67 -5.39
CA GLY C 238 -21.22 17.54 -6.22
C GLY C 238 -21.37 17.95 -7.66
N VAL C 239 -21.46 19.25 -7.93
CA VAL C 239 -21.62 19.72 -9.30
C VAL C 239 -20.77 20.94 -9.64
N LEU C 240 -20.37 21.72 -8.63
CA LEU C 240 -19.56 22.91 -8.87
C LEU C 240 -18.07 22.61 -8.76
N LYS C 241 -17.29 23.30 -9.59
CA LYS C 241 -15.84 23.14 -9.58
C LYS C 241 -15.39 23.41 -8.14
N PRO C 242 -14.70 22.44 -7.53
CA PRO C 242 -14.23 22.59 -6.15
C PRO C 242 -13.10 23.59 -5.96
N PRO C 243 -13.02 24.19 -4.76
CA PRO C 243 -11.96 25.18 -4.48
C PRO C 243 -10.57 24.64 -4.83
N GLY C 244 -10.39 23.34 -4.64
CA GLY C 244 -9.12 22.72 -4.94
C GLY C 244 -8.70 22.94 -6.39
N ALA C 245 -9.68 22.92 -7.29
CA ALA C 245 -9.41 23.13 -8.71
C ALA C 245 -9.15 24.61 -9.02
N TYR C 246 -9.52 25.48 -8.08
CA TYR C 246 -9.32 26.92 -8.26
C TYR C 246 -7.96 27.35 -7.71
N GLY C 247 -7.32 26.46 -6.96
CA GLY C 247 -6.03 26.77 -6.39
C GLY C 247 -6.13 27.08 -4.91
N ALA C 248 -7.30 26.82 -4.33
CA ALA C 248 -7.50 27.08 -2.91
C ALA C 248 -6.55 26.21 -2.08
N ASP C 249 -6.10 26.73 -0.95
CA ASP C 249 -5.17 26.01 -0.07
C ASP C 249 -5.90 25.26 1.05
N ILE C 250 -7.03 25.83 1.45
CA ILE C 250 -7.82 25.25 2.53
C ILE C 250 -9.30 25.38 2.18
N ALA C 251 -10.07 24.35 2.51
CA ALA C 251 -11.50 24.35 2.24
C ALA C 251 -12.26 23.92 3.50
N VAL C 252 -13.29 24.68 3.85
CA VAL C 252 -14.10 24.36 5.01
C VAL C 252 -15.58 24.48 4.71
N GLY C 253 -16.40 23.89 5.57
CA GLY C 253 -17.84 23.93 5.37
C GLY C 253 -18.58 23.14 6.42
N ASP C 254 -19.91 23.25 6.42
CA ASP C 254 -20.74 22.53 7.37
C ASP C 254 -21.36 21.33 6.64
N GLY C 255 -21.47 20.21 7.32
CA GLY C 255 -22.00 19.02 6.70
C GLY C 255 -23.50 18.75 6.78
N GLN C 256 -24.28 19.68 7.31
CA GLN C 256 -25.72 19.47 7.43
C GLN C 256 -26.36 19.09 6.10
N SER C 257 -25.94 19.75 5.01
CA SER C 257 -26.52 19.48 3.70
C SER C 257 -26.27 18.06 3.19
N LEU C 258 -25.46 17.28 3.91
CA LEU C 258 -25.21 15.90 3.49
C LEU C 258 -26.17 14.94 4.20
N GLY C 259 -27.47 15.16 4.00
CA GLY C 259 -28.50 14.31 4.56
C GLY C 259 -28.69 14.32 6.07
N LEU C 260 -28.17 15.34 6.74
CA LEU C 260 -28.29 15.43 8.20
C LEU C 260 -29.57 16.07 8.69
N PRO C 261 -30.13 15.56 9.79
CA PRO C 261 -31.36 16.18 10.28
C PRO C 261 -31.05 17.62 10.69
N MET C 262 -31.98 18.54 10.41
CA MET C 262 -31.76 19.95 10.75
C MET C 262 -31.55 20.14 12.25
N GLY C 263 -32.30 19.39 13.05
CA GLY C 263 -32.16 19.46 14.50
C GLY C 263 -32.08 20.84 15.13
N PHE C 264 -32.86 21.78 14.58
CA PHE C 264 -32.88 23.14 15.11
C PHE C 264 -31.48 23.72 15.27
N GLY C 265 -30.59 23.39 14.34
CA GLY C 265 -29.25 23.92 14.38
C GLY C 265 -28.13 23.04 14.90
N GLY C 266 -28.44 21.84 15.38
CA GLY C 266 -27.35 20.99 15.86
C GLY C 266 -27.74 19.68 16.50
N PRO C 267 -26.82 18.71 16.54
CA PRO C 267 -25.47 18.84 15.99
C PRO C 267 -25.35 18.41 14.53
N HIS C 268 -24.30 18.91 13.90
CA HIS C 268 -23.96 18.57 12.52
C HIS C 268 -22.45 18.38 12.61
N PHE C 269 -21.70 18.82 11.61
CA PHE C 269 -20.25 18.71 11.69
C PHE C 269 -19.62 19.68 10.70
N GLY C 270 -18.35 19.96 10.90
CA GLY C 270 -17.63 20.84 10.00
C GLY C 270 -16.46 20.08 9.42
N PHE C 271 -16.05 20.43 8.21
CA PHE C 271 -14.93 19.75 7.58
C PHE C 271 -13.82 20.74 7.28
N LEU C 272 -12.59 20.25 7.29
CA LEU C 272 -11.42 21.06 7.01
C LEU C 272 -10.47 20.25 6.15
N ALA C 273 -10.31 20.67 4.90
CA ALA C 273 -9.44 20.00 3.96
C ALA C 273 -8.33 20.98 3.54
N THR C 274 -7.15 20.44 3.25
CA THR C 274 -6.03 21.29 2.85
C THR C 274 -4.99 20.46 2.11
N LYS C 275 -3.82 21.05 1.90
CA LYS C 275 -2.72 20.36 1.21
C LYS C 275 -1.93 19.54 2.23
N LYS C 276 -1.40 18.40 1.80
CA LYS C 276 -0.63 17.57 2.73
C LYS C 276 0.56 18.36 3.27
N ALA C 277 1.04 19.32 2.47
CA ALA C 277 2.17 20.15 2.86
C ALA C 277 1.89 21.01 4.09
N PHE C 278 0.62 21.15 4.46
CA PHE C 278 0.27 21.96 5.63
C PHE C 278 -0.16 21.08 6.81
N VAL C 279 0.03 19.78 6.69
CA VAL C 279 -0.40 18.86 7.74
C VAL C 279 0.12 19.21 9.13
N ARG C 280 1.32 19.80 9.22
CA ARG C 280 1.87 20.14 10.53
C ARG C 280 1.00 21.13 11.32
N GLN C 281 0.36 22.05 10.63
CA GLN C 281 -0.48 23.06 11.27
C GLN C 281 -1.94 22.62 11.42
N LEU C 282 -2.26 21.46 10.88
CA LEU C 282 -3.61 20.93 10.93
C LEU C 282 -4.10 20.58 12.34
N PRO C 283 -5.24 21.15 12.75
CA PRO C 283 -5.80 20.89 14.08
C PRO C 283 -6.74 19.69 14.02
N GLY C 284 -7.08 19.13 15.18
CA GLY C 284 -7.99 18.00 15.21
C GLY C 284 -7.36 16.62 15.03
N ARG C 285 -8.19 15.59 15.07
CA ARG C 285 -7.71 14.22 14.91
C ARG C 285 -7.46 13.89 13.43
N LEU C 286 -6.53 12.98 13.19
CA LEU C 286 -6.17 12.55 11.84
C LEU C 286 -5.90 11.06 11.85
N VAL C 287 -6.54 10.33 10.94
CA VAL C 287 -6.35 8.89 10.86
C VAL C 287 -5.45 8.55 9.68
N SER C 288 -4.52 7.62 9.90
CA SER C 288 -3.61 7.18 8.87
C SER C 288 -3.67 5.67 8.71
N GLU C 289 -3.42 5.20 7.50
CA GLU C 289 -3.40 3.77 7.24
C GLU C 289 -2.04 3.28 7.73
N THR C 290 -1.99 2.03 8.19
CA THR C 290 -0.74 1.46 8.66
C THR C 290 -0.91 -0.06 8.58
N VAL C 291 -0.08 -0.79 9.32
CA VAL C 291 -0.15 -2.24 9.31
C VAL C 291 0.12 -2.77 10.72
N ASP C 292 -0.38 -3.96 11.02
CA ASP C 292 -0.15 -4.56 12.33
C ASP C 292 1.03 -5.51 12.22
N VAL C 293 1.46 -6.06 13.35
CA VAL C 293 2.60 -6.96 13.41
C VAL C 293 2.58 -8.12 12.40
N GLU C 294 1.39 -8.60 12.06
CA GLU C 294 1.28 -9.71 11.12
C GLU C 294 1.12 -9.27 9.67
N GLY C 295 1.14 -7.96 9.46
CA GLY C 295 1.00 -7.44 8.11
C GLY C 295 -0.44 -7.12 7.70
N ARG C 296 -1.36 -7.11 8.65
CA ARG C 296 -2.75 -6.80 8.32
C ARG C 296 -2.95 -5.29 8.24
N ARG C 297 -3.75 -4.85 7.27
CA ARG C 297 -4.02 -3.43 7.12
C ARG C 297 -4.73 -2.94 8.38
N GLY C 298 -4.37 -1.74 8.84
CA GLY C 298 -4.99 -1.19 10.01
C GLY C 298 -5.03 0.32 9.90
N PHE C 299 -5.76 0.96 10.81
CA PHE C 299 -5.87 2.40 10.80
C PHE C 299 -5.62 2.88 12.21
N ILE C 300 -5.07 4.08 12.34
CA ILE C 300 -4.74 4.62 13.65
C ILE C 300 -4.64 6.14 13.61
N LEU C 301 -4.89 6.76 14.76
CA LEU C 301 -4.77 8.21 14.90
C LEU C 301 -3.28 8.52 14.79
N THR C 302 -2.93 9.57 14.05
CA THR C 302 -1.52 9.89 13.87
C THR C 302 -1.16 11.36 14.08
N LEU C 303 0.15 11.63 14.02
CA LEU C 303 0.69 12.97 14.19
C LEU C 303 0.01 13.70 15.34
N GLN C 304 -0.10 13.03 16.47
CA GLN C 304 -0.76 13.59 17.64
C GLN C 304 -0.08 14.75 18.36
N ALA C 305 1.08 15.17 17.87
CA ALA C 305 1.80 16.29 18.47
C ALA C 305 1.05 17.59 18.16
N ARG C 306 0.13 17.53 17.20
CA ARG C 306 -0.68 18.69 16.83
C ARG C 306 -1.82 18.87 17.83
N GLU C 307 -2.06 17.85 18.65
CA GLU C 307 -3.16 17.87 19.61
C GLU C 307 -2.81 18.18 21.06
N GLN C 308 -3.86 18.43 21.86
CA GLN C 308 -3.72 18.80 23.27
C GLN C 308 -3.09 17.84 24.27
N TYR C 309 -3.37 16.54 24.15
CA TYR C 309 -2.78 15.61 25.10
C TYR C 309 -1.26 15.70 25.15
N ILE C 310 -0.64 15.70 23.97
CA ILE C 310 0.81 15.78 23.89
C ILE C 310 1.39 17.18 23.88
N ARG C 311 0.82 18.09 23.09
CA ARG C 311 1.35 19.45 22.98
C ARG C 311 0.82 20.45 24.00
N ARG C 312 -0.31 20.14 24.62
CA ARG C 312 -0.91 21.01 25.63
C ARG C 312 -0.93 22.49 25.20
N ALA C 313 -0.14 23.33 25.86
CA ALA C 313 -0.10 24.75 25.54
C ALA C 313 0.23 25.08 24.08
N LYS C 314 1.05 24.24 23.44
CA LYS C 314 1.42 24.50 22.06
C LYS C 314 0.62 23.69 21.04
N ALA C 315 -0.45 23.05 21.50
CA ALA C 315 -1.30 22.27 20.61
C ALA C 315 -1.87 23.22 19.58
N LYS C 316 -2.15 22.73 18.38
CA LYS C 316 -2.69 23.57 17.33
C LYS C 316 -4.07 24.09 17.73
N SER C 317 -4.74 23.32 18.56
CA SER C 317 -6.07 23.67 19.05
C SER C 317 -6.32 22.90 20.35
N ASN C 318 -7.35 23.31 21.08
CA ASN C 318 -7.70 22.64 22.33
C ASN C 318 -8.74 21.56 22.06
N ILE C 319 -9.19 21.46 20.81
CA ILE C 319 -10.22 20.48 20.47
C ILE C 319 -9.91 19.06 20.89
N THR C 320 -10.86 18.48 21.62
CA THR C 320 -10.75 17.11 22.11
C THR C 320 -11.91 16.40 21.42
N THR C 321 -13.09 16.42 22.05
CA THR C 321 -14.27 15.83 21.45
C THR C 321 -14.50 16.59 20.15
N ASN C 322 -14.84 15.89 19.07
CA ASN C 322 -15.07 16.56 17.79
C ASN C 322 -16.53 16.39 17.38
N ALA C 323 -16.78 15.96 16.15
CA ALA C 323 -18.15 15.72 15.68
C ALA C 323 -18.13 14.43 14.87
N GLN C 324 -17.46 13.41 15.41
CA GLN C 324 -17.31 12.15 14.71
C GLN C 324 -18.55 11.46 14.16
N LEU C 325 -19.53 11.19 15.03
CA LEU C 325 -20.73 10.48 14.57
C LEU C 325 -21.43 11.14 13.40
N THR C 326 -21.63 12.46 13.49
CA THR C 326 -22.29 13.18 12.41
C THR C 326 -21.39 13.24 11.17
N ALA C 327 -20.08 13.26 11.37
CA ALA C 327 -19.16 13.28 10.25
C ALA C 327 -19.31 11.94 9.53
N LEU C 328 -19.47 10.88 10.31
CA LEU C 328 -19.64 9.53 9.76
C LEU C 328 -20.95 9.44 8.99
N MET C 329 -21.98 10.13 9.47
CA MET C 329 -23.27 10.13 8.78
C MET C 329 -23.06 10.79 7.41
N GLY C 330 -22.23 11.81 7.37
CA GLY C 330 -21.94 12.50 6.12
C GLY C 330 -21.24 11.57 5.16
N ALA C 331 -20.26 10.83 5.69
CA ALA C 331 -19.50 9.87 4.90
C ALA C 331 -20.44 8.80 4.34
N MET C 332 -21.38 8.33 5.16
CA MET C 332 -22.33 7.32 4.73
C MET C 332 -23.20 7.88 3.61
N TYR C 333 -23.58 9.15 3.73
CA TYR C 333 -24.42 9.83 2.74
C TYR C 333 -23.68 9.91 1.40
N LEU C 334 -22.42 10.33 1.47
CA LEU C 334 -21.59 10.44 0.27
C LEU C 334 -21.42 9.06 -0.37
N ALA C 335 -21.24 8.04 0.46
CA ALA C 335 -21.10 6.67 -0.05
C ALA C 335 -22.41 6.16 -0.63
N ALA C 336 -23.51 6.44 0.04
CA ALA C 336 -24.81 5.97 -0.42
C ALA C 336 -25.20 6.56 -1.77
N LEU C 337 -24.89 7.84 -1.96
CA LEU C 337 -25.22 8.53 -3.20
C LEU C 337 -24.18 8.38 -4.31
N GLY C 338 -22.90 8.41 -3.94
CA GLY C 338 -21.86 8.28 -4.94
C GLY C 338 -21.71 9.60 -5.69
N PRO C 339 -20.77 9.69 -6.63
CA PRO C 339 -20.56 10.93 -7.39
C PRO C 339 -21.76 11.41 -8.21
N GLU C 340 -22.41 10.50 -8.94
CA GLU C 340 -23.55 10.89 -9.76
C GLU C 340 -24.80 11.13 -8.91
N GLY C 341 -24.96 10.34 -7.85
CA GLY C 341 -26.10 10.52 -6.98
C GLY C 341 -26.07 11.91 -6.35
N LEU C 342 -24.90 12.32 -5.88
CA LEU C 342 -24.72 13.62 -5.24
C LEU C 342 -24.97 14.74 -6.24
N ARG C 343 -24.43 14.57 -7.43
CA ARG C 343 -24.61 15.57 -8.48
C ARG C 343 -26.10 15.76 -8.80
N GLU C 344 -26.85 14.66 -8.88
CA GLU C 344 -28.28 14.72 -9.16
C GLU C 344 -29.02 15.50 -8.07
N VAL C 345 -28.74 15.17 -6.80
CA VAL C 345 -29.39 15.86 -5.69
C VAL C 345 -29.10 17.36 -5.75
N ALA C 346 -27.83 17.71 -5.93
CA ALA C 346 -27.42 19.10 -6.01
C ALA C 346 -28.13 19.81 -7.16
N LEU C 347 -28.09 19.20 -8.34
CA LEU C 347 -28.74 19.79 -9.51
C LEU C 347 -30.22 19.95 -9.29
N LYS C 348 -30.85 18.97 -8.65
CA LYS C 348 -32.28 19.04 -8.40
C LYS C 348 -32.65 20.20 -7.48
N SER C 349 -31.85 20.43 -6.44
CA SER C 349 -32.17 21.53 -5.52
C SER C 349 -31.98 22.85 -6.25
N VAL C 350 -31.00 22.91 -7.15
CA VAL C 350 -30.75 24.12 -7.91
C VAL C 350 -31.93 24.35 -8.86
N GLU C 351 -32.39 23.29 -9.51
CA GLU C 351 -33.52 23.40 -10.43
C GLU C 351 -34.74 23.96 -9.73
N MET C 352 -35.08 23.36 -8.59
CA MET C 352 -36.25 23.81 -7.85
C MET C 352 -36.09 25.24 -7.32
N ALA C 353 -34.88 25.61 -6.93
CA ALA C 353 -34.64 26.96 -6.42
C ALA C 353 -34.88 27.97 -7.55
N HIS C 354 -34.39 27.63 -8.73
CA HIS C 354 -34.54 28.49 -9.89
C HIS C 354 -36.00 28.59 -10.32
N LYS C 355 -36.74 27.49 -10.23
CA LYS C 355 -38.16 27.50 -10.57
C LYS C 355 -38.91 28.40 -9.58
N LEU C 356 -38.56 28.31 -8.31
CA LEU C 356 -39.19 29.11 -7.26
C LEU C 356 -38.92 30.60 -7.48
N HIS C 357 -37.68 30.91 -7.81
CA HIS C 357 -37.28 32.29 -8.06
C HIS C 357 -38.14 32.86 -9.19
N ALA C 358 -38.28 32.09 -10.27
CA ALA C 358 -39.09 32.52 -11.41
C ALA C 358 -40.54 32.78 -10.98
N LEU C 359 -41.08 31.90 -10.15
CA LEU C 359 -42.45 32.05 -9.68
C LEU C 359 -42.61 33.27 -8.77
N LEU C 360 -41.66 33.45 -7.85
CA LEU C 360 -41.69 34.55 -6.90
C LEU C 360 -41.53 35.92 -7.55
N LEU C 361 -40.92 35.96 -8.74
CA LEU C 361 -40.74 37.22 -9.45
C LEU C 361 -42.08 37.83 -9.86
N GLU C 362 -43.14 37.01 -9.87
CA GLU C 362 -44.47 37.51 -10.24
C GLU C 362 -45.25 38.10 -9.07
N VAL C 363 -44.75 37.93 -7.85
CA VAL C 363 -45.44 38.45 -6.67
C VAL C 363 -45.32 39.96 -6.64
N PRO C 364 -46.46 40.67 -6.50
CA PRO C 364 -46.45 42.13 -6.46
C PRO C 364 -45.49 42.74 -5.45
N GLY C 365 -44.72 43.72 -5.91
CA GLY C 365 -43.78 44.41 -5.05
C GLY C 365 -42.48 43.68 -4.79
N VAL C 366 -42.41 42.41 -5.16
CA VAL C 366 -41.20 41.64 -4.93
C VAL C 366 -40.16 41.95 -6.01
N ARG C 367 -38.91 42.11 -5.60
CA ARG C 367 -37.82 42.40 -6.52
C ARG C 367 -36.68 41.43 -6.32
N PRO C 368 -35.98 41.05 -7.39
CA PRO C 368 -34.87 40.11 -7.21
C PRO C 368 -33.70 40.87 -6.59
N PHE C 369 -32.81 40.16 -5.91
CA PHE C 369 -31.65 40.80 -5.33
C PHE C 369 -30.39 40.04 -5.72
N THR C 370 -30.30 38.80 -5.26
CA THR C 370 -29.16 37.96 -5.58
C THR C 370 -29.09 37.92 -7.11
N PRO C 371 -27.92 38.22 -7.68
CA PRO C 371 -27.78 38.20 -9.13
C PRO C 371 -27.55 36.79 -9.67
N LYS C 372 -27.81 36.61 -10.96
CA LYS C 372 -27.57 35.33 -11.58
C LYS C 372 -26.09 35.36 -11.92
N PRO C 373 -25.40 34.21 -11.86
CA PRO C 373 -25.98 32.92 -11.48
C PRO C 373 -25.96 32.66 -9.98
N PHE C 374 -26.99 31.99 -9.47
CA PHE C 374 -27.05 31.64 -8.06
C PHE C 374 -27.28 30.12 -7.98
N PHE C 375 -27.07 29.53 -6.81
CA PHE C 375 -27.20 28.08 -6.66
C PHE C 375 -28.59 27.62 -6.23
N ASN C 376 -28.72 27.06 -5.03
CA ASN C 376 -30.03 26.59 -4.58
C ASN C 376 -30.65 27.47 -3.49
N GLU C 377 -30.11 28.69 -3.37
CA GLU C 377 -30.59 29.71 -2.43
C GLU C 377 -30.47 31.04 -3.16
N PHE C 378 -31.32 31.99 -2.81
CA PHE C 378 -31.30 33.31 -3.43
C PHE C 378 -32.04 34.28 -2.51
N ALA C 379 -31.69 35.55 -2.59
CA ALA C 379 -32.32 36.57 -1.77
C ALA C 379 -33.19 37.48 -2.62
N LEU C 380 -34.33 37.88 -2.07
CA LEU C 380 -35.26 38.75 -2.74
C LEU C 380 -35.53 39.97 -1.87
N ALA C 381 -35.87 41.08 -2.50
CA ALA C 381 -36.21 42.30 -1.76
C ALA C 381 -37.72 42.24 -1.64
N LEU C 382 -38.23 42.21 -0.41
CA LEU C 382 -39.66 42.14 -0.19
C LEU C 382 -40.30 43.49 0.12
N PRO C 383 -41.61 43.64 -0.20
CA PRO C 383 -42.34 44.88 0.05
C PRO C 383 -42.78 45.03 1.50
N LYS C 384 -42.44 44.04 2.33
CA LYS C 384 -42.75 44.06 3.75
C LYS C 384 -41.54 43.52 4.49
N ASP C 385 -41.44 43.83 5.78
CA ASP C 385 -40.31 43.37 6.59
C ASP C 385 -40.21 41.84 6.56
N PRO C 386 -39.01 41.31 6.27
CA PRO C 386 -38.83 39.86 6.22
C PRO C 386 -39.28 39.09 7.48
N GLU C 387 -38.98 39.62 8.66
CA GLU C 387 -39.40 38.95 9.89
C GLU C 387 -40.92 38.91 9.95
N ALA C 388 -41.57 39.99 9.53
CA ALA C 388 -43.02 40.05 9.50
C ALA C 388 -43.57 39.04 8.49
N VAL C 389 -42.87 38.91 7.36
CA VAL C 389 -43.29 37.98 6.32
C VAL C 389 -43.13 36.52 6.77
N ARG C 390 -41.99 36.19 7.38
CA ARG C 390 -41.77 34.83 7.86
C ARG C 390 -42.88 34.44 8.83
N ARG C 391 -43.19 35.34 9.77
CA ARG C 391 -44.23 35.08 10.76
C ARG C 391 -45.59 34.81 10.14
N ALA C 392 -45.98 35.67 9.20
CA ALA C 392 -47.27 35.53 8.52
C ALA C 392 -47.31 34.24 7.71
N LEU C 393 -46.18 33.90 7.11
CA LEU C 393 -46.07 32.68 6.33
C LEU C 393 -46.31 31.50 7.27
N ALA C 394 -45.67 31.55 8.45
CA ALA C 394 -45.80 30.48 9.45
C ALA C 394 -47.25 30.30 9.87
N GLU C 395 -47.95 31.42 10.06
CA GLU C 395 -49.35 31.37 10.45
C GLU C 395 -50.19 30.62 9.43
N ARG C 396 -49.73 30.59 8.18
CA ARG C 396 -50.45 29.90 7.13
C ARG C 396 -49.91 28.49 6.94
N GLY C 397 -48.97 28.11 7.79
CA GLY C 397 -48.41 26.78 7.72
C GLY C 397 -47.20 26.61 6.82
N PHE C 398 -46.58 27.72 6.42
CA PHE C 398 -45.40 27.63 5.57
C PHE C 398 -44.16 28.20 6.25
N HIS C 399 -43.04 27.55 6.02
CA HIS C 399 -41.74 27.95 6.56
C HIS C 399 -40.94 28.57 5.42
N GLY C 400 -40.81 29.89 5.42
CA GLY C 400 -40.06 30.55 4.37
C GLY C 400 -39.72 31.99 4.71
N ALA C 401 -38.90 32.61 3.88
CA ALA C 401 -38.46 33.99 4.06
C ALA C 401 -37.48 34.12 5.23
N THR C 402 -36.26 33.63 5.02
CA THR C 402 -35.21 33.70 6.03
C THR C 402 -34.65 35.12 6.01
N PRO C 403 -34.94 35.90 7.06
CA PRO C 403 -34.45 37.28 7.13
C PRO C 403 -32.95 37.46 6.99
N VAL C 404 -32.57 38.33 6.06
CA VAL C 404 -31.19 38.67 5.79
C VAL C 404 -30.85 39.94 6.55
N PRO C 405 -29.77 39.93 7.35
CA PRO C 405 -29.41 41.14 8.12
C PRO C 405 -29.19 42.35 7.21
N ARG C 406 -29.60 43.51 7.70
CA ARG C 406 -29.51 44.76 6.94
C ARG C 406 -28.15 45.15 6.37
N GLU C 407 -27.06 44.60 6.90
CA GLU C 407 -25.73 44.92 6.37
C GLU C 407 -25.65 44.60 4.89
N TYR C 408 -26.54 43.73 4.42
CA TYR C 408 -26.58 43.32 3.01
C TYR C 408 -27.55 44.17 2.19
N GLY C 409 -28.47 44.84 2.89
CA GLY C 409 -29.46 45.66 2.21
C GLY C 409 -30.75 45.61 3.00
N GLU C 410 -31.72 46.44 2.63
CA GLU C 410 -33.00 46.50 3.34
C GLU C 410 -34.06 45.51 2.86
N ASN C 411 -34.86 45.03 3.80
CA ASN C 411 -35.94 44.10 3.51
C ASN C 411 -35.55 42.89 2.66
N LEU C 412 -34.38 42.32 2.94
CA LEU C 412 -33.95 41.16 2.17
C LEU C 412 -34.32 39.85 2.88
N ALA C 413 -34.62 38.82 2.10
CA ALA C 413 -34.97 37.51 2.64
C ALA C 413 -34.49 36.39 1.72
N LEU C 414 -33.90 35.37 2.32
CA LEU C 414 -33.39 34.22 1.59
C LEU C 414 -34.49 33.18 1.42
N PHE C 415 -34.45 32.48 0.29
CA PHE C 415 -35.38 31.40 0.00
C PHE C 415 -34.51 30.28 -0.53
N ALA C 416 -34.84 29.04 -0.17
CA ALA C 416 -34.08 27.89 -0.63
C ALA C 416 -35.03 26.79 -1.06
N ALA C 417 -34.51 25.82 -1.83
CA ALA C 417 -35.31 24.68 -2.28
C ALA C 417 -34.38 23.46 -2.33
N THR C 418 -34.96 22.28 -2.18
CA THR C 418 -34.17 21.05 -2.19
C THR C 418 -34.78 20.00 -3.09
N GLU C 419 -34.14 18.83 -3.13
CA GLU C 419 -34.59 17.72 -3.96
C GLU C 419 -35.94 17.17 -3.52
N LEU C 420 -36.41 17.51 -2.33
CA LEU C 420 -37.70 17.00 -1.91
C LEU C 420 -38.88 17.93 -2.22
N HIS C 421 -38.59 19.04 -2.88
CA HIS C 421 -39.64 19.99 -3.26
C HIS C 421 -40.16 19.68 -4.66
N GLU C 422 -41.47 19.77 -4.82
CA GLU C 422 -42.08 19.54 -6.11
C GLU C 422 -42.78 20.82 -6.55
N GLU C 423 -43.13 20.91 -7.82
CA GLU C 423 -43.79 22.09 -8.38
C GLU C 423 -44.95 22.58 -7.51
N GLU C 424 -45.83 21.66 -7.12
CA GLU C 424 -46.97 22.04 -6.30
C GLU C 424 -46.57 22.73 -4.99
N ASP C 425 -45.42 22.36 -4.44
CA ASP C 425 -44.99 23.00 -3.19
C ASP C 425 -44.61 24.46 -3.48
N LEU C 426 -43.93 24.69 -4.60
CA LEU C 426 -43.51 26.05 -4.95
C LEU C 426 -44.73 26.94 -5.17
N LEU C 427 -45.73 26.43 -5.88
CA LEU C 427 -46.95 27.20 -6.15
C LEU C 427 -47.67 27.53 -4.85
N ALA C 428 -47.75 26.55 -3.96
CA ALA C 428 -48.43 26.75 -2.68
C ALA C 428 -47.75 27.85 -1.88
N LEU C 429 -46.42 27.85 -1.90
CA LEU C 429 -45.68 28.87 -1.16
C LEU C 429 -45.94 30.24 -1.75
N ARG C 430 -45.92 30.35 -3.07
CA ARG C 430 -46.15 31.63 -3.71
C ARG C 430 -47.53 32.19 -3.38
N GLU C 431 -48.55 31.34 -3.38
CA GLU C 431 -49.88 31.83 -3.07
C GLU C 431 -49.90 32.35 -1.64
N ALA C 432 -49.24 31.61 -0.75
CA ALA C 432 -49.17 32.00 0.64
C ALA C 432 -48.48 33.36 0.76
N LEU C 433 -47.42 33.55 -0.01
CA LEU C 433 -46.70 34.82 0.04
C LEU C 433 -47.57 35.95 -0.52
N LYS C 434 -48.36 35.66 -1.55
CA LYS C 434 -49.22 36.68 -2.14
C LYS C 434 -50.29 37.08 -1.11
N GLU C 435 -50.82 36.09 -0.38
CA GLU C 435 -51.83 36.36 0.64
C GLU C 435 -51.24 37.25 1.74
N VAL C 436 -50.01 36.93 2.14
CA VAL C 436 -49.31 37.67 3.19
C VAL C 436 -49.00 39.12 2.79
N LEU C 437 -48.65 39.32 1.54
CA LEU C 437 -48.32 40.65 1.02
C LEU C 437 -49.57 41.42 0.57
N SER D 2 -9.55 -9.46 7.88
CA SER D 2 -9.43 -8.52 6.74
C SER D 2 -10.76 -7.86 6.43
N PHE D 3 -10.73 -6.61 5.96
CA PHE D 3 -11.95 -5.88 5.66
C PHE D 3 -11.69 -4.84 4.57
N PRO D 4 -12.43 -4.93 3.45
CA PRO D 4 -12.25 -3.98 2.36
C PRO D 4 -12.66 -2.55 2.67
N LEU D 5 -12.06 -1.63 1.93
CA LEU D 5 -12.36 -0.22 2.07
C LEU D 5 -13.58 0.00 1.20
N ILE D 6 -14.39 0.99 1.54
CA ILE D 6 -15.58 1.27 0.75
C ILE D 6 -15.18 1.53 -0.70
N PHE D 7 -14.01 2.14 -0.89
CA PHE D 7 -13.51 2.46 -2.22
C PHE D 7 -13.16 1.21 -3.04
N GLU D 8 -12.81 0.13 -2.35
CA GLU D 8 -12.48 -1.12 -3.03
C GLU D 8 -13.77 -1.84 -3.42
N ARG D 9 -14.84 -1.53 -2.72
CA ARG D 9 -16.14 -2.16 -2.99
C ARG D 9 -16.83 -1.52 -4.18
N SER D 10 -16.38 -0.33 -4.57
CA SER D 10 -16.97 0.40 -5.68
C SER D 10 -16.82 -0.33 -7.01
N ARG D 11 -17.68 0.02 -7.95
CA ARG D 11 -17.65 -0.54 -9.29
C ARG D 11 -18.06 0.60 -10.22
N LYS D 12 -17.29 0.80 -11.28
CA LYS D 12 -17.52 1.88 -12.22
C LYS D 12 -18.98 2.02 -12.65
N GLY D 13 -19.55 3.19 -12.38
CA GLY D 13 -20.93 3.46 -12.77
C GLY D 13 -22.03 2.86 -11.91
N ARG D 14 -21.67 2.08 -10.90
CA ARG D 14 -22.69 1.49 -10.03
C ARG D 14 -23.43 2.58 -9.26
N ARG D 15 -24.74 2.40 -9.10
CA ARG D 15 -25.55 3.38 -8.40
C ARG D 15 -26.07 2.88 -7.05
N GLY D 16 -26.20 3.82 -6.12
CA GLY D 16 -26.75 3.52 -4.80
C GLY D 16 -28.12 4.18 -4.72
N LEU D 17 -28.26 5.19 -3.86
CA LEU D 17 -29.55 5.87 -3.73
C LEU D 17 -29.85 6.64 -5.01
N LYS D 18 -31.13 6.67 -5.36
CA LYS D 18 -31.61 7.35 -6.55
C LYS D 18 -32.71 8.28 -6.04
N LEU D 19 -32.33 9.50 -5.70
CA LEU D 19 -33.26 10.47 -5.15
C LEU D 19 -33.93 11.42 -6.13
N VAL D 20 -33.57 11.33 -7.41
CA VAL D 20 -34.15 12.23 -8.41
C VAL D 20 -34.77 11.52 -9.59
N LYS D 21 -36.06 11.78 -9.81
CA LYS D 21 -36.80 11.17 -10.93
C LYS D 21 -36.32 11.67 -12.28
N ALA D 22 -36.39 12.97 -12.49
CA ALA D 22 -35.98 13.59 -13.75
C ALA D 22 -34.81 14.53 -13.48
N VAL D 23 -33.60 14.10 -13.85
CA VAL D 23 -32.40 14.89 -13.62
C VAL D 23 -32.26 16.02 -14.63
N PRO D 24 -32.09 17.26 -14.16
CA PRO D 24 -31.95 18.38 -15.09
C PRO D 24 -30.55 18.40 -15.70
N LYS D 25 -30.39 19.06 -16.83
CA LYS D 25 -29.08 19.14 -17.45
C LYS D 25 -28.35 20.29 -16.76
N ALA D 26 -27.14 20.00 -16.31
CA ALA D 26 -26.32 20.97 -15.59
C ALA D 26 -26.17 22.31 -16.29
N GLU D 27 -25.89 22.28 -17.59
CA GLU D 27 -25.68 23.52 -18.32
C GLU D 27 -26.92 24.37 -18.50
N ASP D 28 -28.09 23.84 -18.14
CA ASP D 28 -29.31 24.63 -18.24
C ASP D 28 -29.47 25.41 -16.94
N LEU D 29 -28.70 25.03 -15.92
CA LEU D 29 -28.79 25.65 -14.61
C LEU D 29 -27.54 26.36 -14.12
N ILE D 30 -26.37 25.92 -14.59
CA ILE D 30 -25.11 26.50 -14.14
C ILE D 30 -24.16 26.81 -15.29
N PRO D 31 -23.59 28.03 -15.29
CA PRO D 31 -22.65 28.43 -16.34
C PRO D 31 -21.46 27.48 -16.40
N LYS D 32 -21.11 27.05 -17.60
CA LYS D 32 -20.03 26.10 -17.84
C LYS D 32 -18.78 26.27 -16.98
N GLU D 33 -18.16 27.45 -17.00
CA GLU D 33 -16.94 27.67 -16.21
C GLU D 33 -17.09 27.42 -14.71
N HIS D 34 -18.32 27.22 -14.25
CA HIS D 34 -18.57 26.95 -12.83
C HIS D 34 -18.79 25.46 -12.57
N LEU D 35 -19.01 24.70 -13.63
CA LEU D 35 -19.27 23.28 -13.52
C LEU D 35 -18.05 22.41 -13.25
N ARG D 36 -18.23 21.42 -12.37
CA ARG D 36 -17.17 20.50 -12.04
C ARG D 36 -16.91 19.61 -13.25
N GLU D 37 -15.65 19.49 -13.65
CA GLU D 37 -15.31 18.68 -14.82
C GLU D 37 -14.95 17.25 -14.44
N VAL D 38 -14.14 17.12 -13.39
CA VAL D 38 -13.72 15.82 -12.90
C VAL D 38 -14.52 15.50 -11.64
N PRO D 39 -15.42 14.51 -11.71
CA PRO D 39 -16.23 14.15 -10.55
C PRO D 39 -15.38 13.76 -9.35
N PRO D 40 -15.89 13.98 -8.13
CA PRO D 40 -15.11 13.61 -6.94
C PRO D 40 -15.07 12.08 -6.93
N ARG D 41 -13.97 11.51 -6.46
CA ARG D 41 -13.86 10.05 -6.43
C ARG D 41 -14.53 9.41 -5.22
N LEU D 42 -15.84 9.58 -5.14
CA LEU D 42 -16.65 9.01 -4.07
C LEU D 42 -16.92 7.55 -4.37
N PRO D 43 -17.32 6.78 -3.35
CA PRO D 43 -17.59 5.38 -3.65
C PRO D 43 -18.80 5.25 -4.56
N GLU D 44 -18.86 4.17 -5.31
CA GLU D 44 -19.99 3.90 -6.20
C GLU D 44 -20.46 2.52 -5.83
N VAL D 45 -21.38 2.45 -4.86
CA VAL D 45 -21.89 1.17 -4.38
C VAL D 45 -23.41 1.15 -4.26
N ASP D 46 -23.98 -0.05 -4.29
CA ASP D 46 -25.42 -0.21 -4.15
C ASP D 46 -25.74 -0.14 -2.66
N GLU D 47 -27.02 -0.03 -2.32
CA GLU D 47 -27.42 0.09 -0.91
C GLU D 47 -27.08 -1.14 -0.07
N LEU D 48 -27.23 -2.33 -0.64
CA LEU D 48 -26.92 -3.56 0.09
C LEU D 48 -25.44 -3.54 0.47
N THR D 49 -24.58 -3.19 -0.48
CA THR D 49 -23.15 -3.13 -0.23
C THR D 49 -22.84 -2.10 0.86
N LEU D 50 -23.55 -0.98 0.81
CA LEU D 50 -23.38 0.08 1.81
C LEU D 50 -23.70 -0.46 3.20
N VAL D 51 -24.84 -1.13 3.31
CA VAL D 51 -25.29 -1.70 4.57
C VAL D 51 -24.30 -2.72 5.10
N ARG D 52 -23.85 -3.61 4.23
CA ARG D 52 -22.89 -4.63 4.67
C ARG D 52 -21.57 -3.99 5.10
N HIS D 53 -21.16 -2.95 4.38
CA HIS D 53 -19.91 -2.30 4.73
C HIS D 53 -19.97 -1.73 6.15
N TYR D 54 -20.89 -0.80 6.37
CA TYR D 54 -21.01 -0.16 7.67
C TYR D 54 -21.47 -1.06 8.80
N THR D 55 -22.26 -2.08 8.49
CA THR D 55 -22.69 -3.00 9.53
C THR D 55 -21.43 -3.83 9.88
N GLY D 56 -20.66 -4.16 8.85
CA GLY D 56 -19.44 -4.92 9.07
C GLY D 56 -18.45 -4.13 9.91
N LEU D 57 -18.35 -2.83 9.65
CA LEU D 57 -17.44 -1.99 10.41
C LEU D 57 -17.87 -1.96 11.87
N SER D 58 -19.17 -1.82 12.12
CA SER D 58 -19.67 -1.78 13.49
C SER D 58 -19.31 -3.06 14.25
N ARG D 59 -19.23 -4.16 13.52
CA ARG D 59 -18.89 -5.44 14.13
C ARG D 59 -17.38 -5.56 14.40
N ARG D 60 -16.61 -4.56 13.93
CA ARG D 60 -15.16 -4.50 14.16
C ARG D 60 -14.95 -3.34 15.14
N GLN D 61 -15.97 -3.08 15.94
CA GLN D 61 -15.94 -1.97 16.89
C GLN D 61 -16.62 -2.29 18.22
N VAL D 62 -16.16 -1.66 19.30
CA VAL D 62 -16.76 -1.86 20.60
C VAL D 62 -17.25 -0.52 21.13
N GLY D 63 -18.18 -0.57 22.09
CA GLY D 63 -18.71 0.64 22.68
C GLY D 63 -19.31 0.30 24.02
N VAL D 64 -19.94 1.27 24.67
CA VAL D 64 -20.54 1.00 25.97
C VAL D 64 -21.60 -0.10 25.82
N ASP D 65 -22.31 -0.09 24.69
CA ASP D 65 -23.36 -1.07 24.42
C ASP D 65 -22.84 -2.50 24.37
N THR D 66 -21.54 -2.65 24.12
CA THR D 66 -20.95 -3.98 24.03
C THR D 66 -19.93 -4.27 25.11
N THR D 67 -19.26 -3.24 25.62
CA THR D 67 -18.19 -3.47 26.58
C THR D 67 -18.04 -2.48 27.73
N PHE D 68 -17.58 -2.99 28.87
CA PHE D 68 -17.31 -2.18 30.06
C PHE D 68 -16.15 -1.26 29.65
N TYR D 69 -16.37 0.05 29.73
CA TYR D 69 -15.39 1.08 29.36
C TYR D 69 -15.00 1.94 30.55
N PRO D 70 -14.11 1.45 31.43
CA PRO D 70 -13.71 2.23 32.61
C PRO D 70 -12.75 3.39 32.31
N LEU D 71 -13.08 4.22 31.33
CA LEU D 71 -12.22 5.34 30.94
C LEU D 71 -12.31 6.56 31.84
N GLY D 72 -11.26 6.76 32.64
CA GLY D 72 -11.25 7.91 33.52
C GLY D 72 -11.30 9.17 32.68
N SER D 73 -11.94 10.20 33.23
CA SER D 73 -12.06 11.48 32.54
C SER D 73 -13.00 11.43 31.34
N CYS D 74 -13.76 10.33 31.21
CA CYS D 74 -14.68 10.19 30.08
C CYS D 74 -16.11 9.85 30.45
N THR D 75 -16.32 9.36 31.68
CA THR D 75 -17.65 8.99 32.15
C THR D 75 -18.43 8.21 31.09
N MET D 76 -17.96 6.99 30.82
CA MET D 76 -18.59 6.12 29.84
C MET D 76 -19.80 5.40 30.45
N LYS D 77 -20.82 6.16 30.81
CA LYS D 77 -22.02 5.58 31.41
C LYS D 77 -23.01 5.14 30.33
N TYR D 78 -24.00 4.34 30.73
CA TYR D 78 -25.01 3.86 29.77
C TYR D 78 -25.74 5.01 29.11
N ASN D 79 -25.92 4.90 27.79
CA ASN D 79 -26.61 5.92 27.00
C ASN D 79 -28.01 5.35 26.70
N PRO D 80 -29.01 5.72 27.51
CA PRO D 80 -30.37 5.22 27.27
C PRO D 80 -30.95 5.36 25.87
N LYS D 81 -31.44 4.23 25.36
CA LYS D 81 -32.05 4.21 24.04
C LYS D 81 -33.22 5.19 23.98
N LEU D 82 -33.83 5.44 25.14
CA LEU D 82 -34.95 6.36 25.24
C LEU D 82 -34.57 7.70 24.62
N HIS D 83 -33.34 8.13 24.88
CA HIS D 83 -32.86 9.42 24.39
C HIS D 83 -32.75 9.53 22.88
N GLU D 84 -32.49 8.41 22.20
CA GLU D 84 -32.39 8.45 20.76
C GLU D 84 -33.78 8.68 20.18
N GLU D 85 -34.78 8.12 20.84
CA GLU D 85 -36.16 8.29 20.41
C GLU D 85 -36.54 9.73 20.71
N ALA D 86 -36.10 10.25 21.86
CA ALA D 86 -36.41 11.63 22.23
C ALA D 86 -35.90 12.60 21.17
N ALA D 87 -34.65 12.40 20.76
CA ALA D 87 -34.03 13.25 19.75
C ALA D 87 -34.73 13.23 18.39
N ARG D 88 -35.14 12.05 17.92
CA ARG D 88 -35.78 12.01 16.61
C ARG D 88 -37.08 12.80 16.57
N LEU D 89 -37.63 13.05 17.75
CA LEU D 89 -38.87 13.80 17.88
C LEU D 89 -38.70 15.27 17.48
N PHE D 90 -37.45 15.74 17.49
CA PHE D 90 -37.17 17.14 17.16
C PHE D 90 -36.25 17.30 15.94
N ALA D 91 -36.08 16.23 15.18
CA ALA D 91 -35.22 16.24 14.01
C ALA D 91 -35.58 17.29 12.95
N ASP D 92 -36.88 17.48 12.70
CA ASP D 92 -37.31 18.42 11.68
C ASP D 92 -37.61 19.85 12.14
N LEU D 93 -36.58 20.55 12.59
CA LEU D 93 -36.72 21.92 13.02
C LEU D 93 -35.60 22.72 12.39
N HIS D 94 -35.94 23.89 11.85
CA HIS D 94 -34.95 24.75 11.21
C HIS D 94 -34.62 25.88 12.18
N PRO D 95 -33.32 26.16 12.39
CA PRO D 95 -32.94 27.22 13.33
C PRO D 95 -33.46 28.62 12.98
N TYR D 96 -33.78 28.85 11.72
CA TYR D 96 -34.27 30.16 11.33
C TYR D 96 -35.78 30.18 11.13
N GLN D 97 -36.47 29.14 11.59
CA GLN D 97 -37.92 29.13 11.43
C GLN D 97 -38.50 30.08 12.47
N ASP D 98 -39.68 30.64 12.22
CA ASP D 98 -40.29 31.57 13.16
C ASP D 98 -40.29 31.00 14.59
N PRO D 99 -39.71 31.72 15.55
CA PRO D 99 -39.64 31.26 16.95
C PRO D 99 -40.99 30.93 17.56
N ARG D 100 -42.05 31.55 17.05
CA ARG D 100 -43.39 31.28 17.54
C ARG D 100 -43.84 29.88 17.14
N THR D 101 -43.09 29.25 16.25
CA THR D 101 -43.42 27.89 15.81
C THR D 101 -42.40 26.89 16.34
N ALA D 102 -41.51 27.36 17.21
CA ALA D 102 -40.49 26.50 17.80
C ALA D 102 -40.47 26.65 19.33
N GLN D 103 -41.61 27.00 19.91
CA GLN D 103 -41.70 27.18 21.34
C GLN D 103 -41.39 25.90 22.14
N GLY D 104 -41.70 24.75 21.55
CA GLY D 104 -41.41 23.51 22.24
C GLY D 104 -39.90 23.33 22.38
N ALA D 105 -39.18 23.64 21.32
CA ALA D 105 -37.72 23.53 21.30
C ALA D 105 -37.09 24.58 22.21
N LEU D 106 -37.56 25.82 22.11
CA LEU D 106 -37.01 26.88 22.95
C LEU D 106 -37.27 26.60 24.42
N ARG D 107 -38.47 26.10 24.74
CA ARG D 107 -38.81 25.77 26.12
C ARG D 107 -37.86 24.71 26.68
N LEU D 108 -37.60 23.67 25.88
CA LEU D 108 -36.71 22.61 26.33
C LEU D 108 -35.33 23.17 26.61
N MET D 109 -34.87 24.10 25.76
CA MET D 109 -33.58 24.71 25.97
C MET D 109 -33.57 25.52 27.28
N TRP D 110 -34.61 26.32 27.48
CA TRP D 110 -34.71 27.13 28.69
C TRP D 110 -34.70 26.24 29.94
N GLU D 111 -35.60 25.26 29.97
CA GLU D 111 -35.68 24.36 31.12
C GLU D 111 -34.33 23.70 31.42
N LEU D 112 -33.70 23.15 30.39
CA LEU D 112 -32.40 22.50 30.56
C LEU D 112 -31.43 23.50 31.21
N GLY D 113 -31.46 24.73 30.71
CA GLY D 113 -30.60 25.76 31.25
C GLY D 113 -30.87 25.98 32.73
N GLU D 114 -32.15 25.91 33.11
CA GLU D 114 -32.53 26.08 34.51
C GLU D 114 -32.06 24.91 35.36
N TYR D 115 -32.17 23.70 34.82
CA TYR D 115 -31.75 22.51 35.57
C TYR D 115 -30.25 22.52 35.78
N LEU D 116 -29.51 22.87 34.74
CA LEU D 116 -28.06 22.92 34.81
C LEU D 116 -27.57 24.02 35.75
N LYS D 117 -28.27 25.16 35.76
CA LYS D 117 -27.87 26.24 36.67
C LYS D 117 -28.16 25.79 38.10
N ALA D 118 -29.26 25.08 38.28
CA ALA D 118 -29.64 24.58 39.61
C ALA D 118 -28.61 23.58 40.14
N LEU D 119 -28.07 22.75 39.26
CA LEU D 119 -27.08 21.76 39.67
C LEU D 119 -25.67 22.35 39.86
N THR D 120 -25.38 23.48 39.22
CA THR D 120 -24.05 24.08 39.35
C THR D 120 -23.99 25.34 40.21
N GLY D 121 -25.14 25.92 40.50
CA GLY D 121 -25.17 27.13 41.30
C GLY D 121 -24.73 28.34 40.50
N MET D 122 -24.99 28.34 39.20
CA MET D 122 -24.62 29.46 38.35
C MET D 122 -25.84 30.38 38.17
N ASP D 123 -25.59 31.63 37.79
CA ASP D 123 -26.69 32.59 37.62
C ASP D 123 -27.22 32.73 36.19
N ALA D 124 -26.36 32.52 35.20
CA ALA D 124 -26.75 32.61 33.81
C ALA D 124 -26.02 31.51 33.07
N ILE D 125 -26.49 31.15 31.87
CA ILE D 125 -25.85 30.05 31.15
C ILE D 125 -26.06 30.08 29.64
N THR D 126 -25.07 29.55 28.93
CA THR D 126 -25.12 29.44 27.47
C THR D 126 -25.00 27.96 27.09
N LEU D 127 -25.90 27.48 26.25
CA LEU D 127 -25.90 26.08 25.81
C LEU D 127 -25.31 25.95 24.42
N GLU D 128 -24.70 27.03 23.95
CA GLU D 128 -24.12 27.10 22.62
C GLU D 128 -22.85 26.31 22.31
N PRO D 129 -21.83 26.35 23.19
CA PRO D 129 -20.60 25.60 22.91
C PRO D 129 -20.79 24.12 22.59
N ALA D 130 -20.10 23.66 21.55
CA ALA D 130 -20.20 22.29 21.04
C ALA D 130 -19.47 21.18 21.76
N ALA D 131 -18.67 21.52 22.77
CA ALA D 131 -17.94 20.50 23.51
C ALA D 131 -17.34 21.14 24.75
N GLY D 132 -16.80 20.30 25.63
CA GLY D 132 -16.19 20.83 26.85
C GLY D 132 -15.08 21.82 26.58
N ALA D 133 -14.17 21.47 25.68
CA ALA D 133 -13.05 22.34 25.33
C ALA D 133 -13.55 23.64 24.73
N HIS D 134 -14.67 23.58 24.02
CA HIS D 134 -15.25 24.77 23.42
C HIS D 134 -15.78 25.62 24.57
N GLY D 135 -16.34 24.96 25.58
CA GLY D 135 -16.85 25.67 26.74
C GLY D 135 -15.70 26.36 27.44
N GLU D 136 -14.55 25.70 27.47
CA GLU D 136 -13.35 26.26 28.08
C GLU D 136 -12.97 27.57 27.39
N LEU D 137 -12.90 27.53 26.07
CA LEU D 137 -12.55 28.71 25.29
C LEU D 137 -13.55 29.81 25.59
N THR D 138 -14.82 29.44 25.62
CA THR D 138 -15.90 30.38 25.89
C THR D 138 -15.74 31.05 27.25
N GLY D 139 -15.54 30.25 28.29
CA GLY D 139 -15.38 30.78 29.63
C GLY D 139 -14.12 31.61 29.81
N ILE D 140 -13.03 31.21 29.16
CA ILE D 140 -11.78 31.96 29.27
C ILE D 140 -11.90 33.30 28.55
N LEU D 141 -12.58 33.31 27.41
CA LEU D 141 -12.76 34.56 26.67
C LEU D 141 -13.70 35.45 27.49
N ILE D 142 -14.62 34.83 28.21
CA ILE D 142 -15.55 35.56 29.05
C ILE D 142 -14.75 36.23 30.16
N ILE D 143 -13.86 35.48 30.79
CA ILE D 143 -13.02 36.01 31.84
C ILE D 143 -12.15 37.13 31.28
N ARG D 144 -11.65 36.94 30.05
CA ARG D 144 -10.81 37.94 29.40
C ARG D 144 -11.58 39.24 29.16
N ALA D 145 -12.83 39.12 28.71
CA ALA D 145 -13.66 40.29 28.46
C ALA D 145 -13.93 41.00 29.78
N TYR D 146 -14.06 40.22 30.84
CA TYR D 146 -14.31 40.74 32.18
C TYR D 146 -13.14 41.63 32.63
N HIS D 147 -11.93 41.11 32.54
CA HIS D 147 -10.75 41.86 32.94
C HIS D 147 -10.54 43.11 32.07
N GLU D 148 -10.71 42.96 30.77
CA GLU D 148 -10.53 44.08 29.86
C GLU D 148 -11.54 45.18 30.18
N ASP D 149 -12.75 44.77 30.56
CA ASP D 149 -13.81 45.71 30.89
C ASP D 149 -13.50 46.41 32.22
N ARG D 150 -12.47 45.92 32.91
CA ARG D 150 -12.07 46.48 34.20
C ARG D 150 -10.79 47.28 34.07
N GLY D 151 -10.30 47.40 32.85
CA GLY D 151 -9.07 48.15 32.63
C GLY D 151 -7.81 47.38 32.99
N GLU D 152 -7.96 46.08 33.23
CA GLU D 152 -6.82 45.23 33.59
C GLU D 152 -6.44 44.30 32.44
N GLY D 153 -6.90 44.64 31.24
CA GLY D 153 -6.62 43.82 30.07
C GLY D 153 -5.16 43.56 29.77
N ARG D 154 -4.30 44.55 29.98
CA ARG D 154 -2.88 44.37 29.69
C ARG D 154 -2.05 43.79 30.82
N THR D 155 -2.59 43.78 32.03
CA THR D 155 -1.86 43.23 33.16
C THR D 155 -2.23 41.76 33.43
N ARG D 156 -3.51 41.43 33.30
CA ARG D 156 -3.97 40.05 33.51
C ARG D 156 -3.63 39.29 32.23
N ARG D 157 -2.52 38.56 32.24
CA ARG D 157 -2.08 37.84 31.05
C ARG D 157 -1.77 36.37 31.27
N VAL D 158 -1.86 35.91 32.51
CA VAL D 158 -1.54 34.52 32.82
C VAL D 158 -2.70 33.69 33.36
N VAL D 159 -2.75 32.44 32.91
CA VAL D 159 -3.77 31.49 33.35
C VAL D 159 -3.05 30.37 34.10
N LEU D 160 -3.53 30.05 35.29
CA LEU D 160 -2.93 29.00 36.11
C LEU D 160 -3.71 27.69 36.00
N VAL D 161 -2.98 26.59 35.86
CA VAL D 161 -3.57 25.25 35.77
C VAL D 161 -2.71 24.28 36.56
N PRO D 162 -3.34 23.33 37.26
CA PRO D 162 -2.55 22.37 38.04
C PRO D 162 -1.77 21.44 37.11
N ASP D 163 -0.73 20.81 37.64
CA ASP D 163 0.08 19.89 36.84
C ASP D 163 -0.73 18.68 36.36
N SER D 164 -1.86 18.43 37.03
CA SER D 164 -2.73 17.31 36.70
C SER D 164 -3.89 17.67 35.77
N ALA D 165 -3.85 18.88 35.22
CA ALA D 165 -4.91 19.32 34.34
C ALA D 165 -4.94 18.61 32.98
N HIS D 166 -6.13 18.58 32.39
CA HIS D 166 -6.31 17.97 31.08
C HIS D 166 -5.62 18.89 30.09
N GLY D 167 -5.02 18.31 29.04
CA GLY D 167 -4.31 19.11 28.05
C GLY D 167 -5.08 20.27 27.46
N SER D 168 -6.40 20.14 27.38
CA SER D 168 -7.23 21.19 26.80
C SER D 168 -7.17 22.50 27.57
N ASN D 169 -6.91 22.43 28.88
CA ASN D 169 -6.85 23.63 29.71
C ASN D 169 -5.76 24.59 29.21
N PRO D 170 -4.49 24.14 29.24
CA PRO D 170 -3.44 25.04 28.76
C PRO D 170 -3.59 25.39 27.28
N ALA D 171 -4.06 24.44 26.49
CA ALA D 171 -4.25 24.67 25.06
C ALA D 171 -5.26 25.79 24.86
N THR D 172 -6.24 25.86 25.75
CA THR D 172 -7.27 26.90 25.68
C THR D 172 -6.69 28.27 25.98
N ALA D 173 -5.80 28.34 26.97
CA ALA D 173 -5.17 29.61 27.34
C ALA D 173 -4.51 30.22 26.11
N SER D 174 -3.78 29.40 25.36
CA SER D 174 -3.10 29.87 24.15
C SER D 174 -4.11 30.38 23.14
N MET D 175 -5.20 29.63 22.95
CA MET D 175 -6.24 30.04 22.00
C MET D 175 -6.86 31.36 22.43
N ALA D 176 -6.85 31.62 23.73
CA ALA D 176 -7.43 32.85 24.27
C ALA D 176 -6.39 33.97 24.35
N GLY D 177 -5.19 33.69 23.88
CA GLY D 177 -4.13 34.69 23.90
C GLY D 177 -3.47 34.89 25.24
N TYR D 178 -3.71 33.97 26.16
CA TYR D 178 -3.12 34.04 27.50
C TYR D 178 -1.87 33.18 27.58
N GLN D 179 -1.03 33.49 28.57
CA GLN D 179 0.17 32.72 28.83
C GLN D 179 -0.31 31.78 29.92
N VAL D 180 0.38 30.66 30.13
CA VAL D 180 -0.06 29.73 31.16
C VAL D 180 1.06 29.23 32.07
N ARG D 181 0.77 29.20 33.37
CA ARG D 181 1.71 28.74 34.37
C ARG D 181 1.08 27.52 35.07
N GLU D 182 1.87 26.47 35.23
CA GLU D 182 1.40 25.26 35.87
C GLU D 182 1.86 25.17 37.31
N ILE D 183 0.90 25.04 38.23
CA ILE D 183 1.21 24.94 39.65
C ILE D 183 1.28 23.48 40.06
N PRO D 184 2.27 23.11 40.87
CA PRO D 184 2.44 21.73 41.33
C PRO D 184 1.44 21.33 42.41
N SER D 185 1.08 20.05 42.43
CA SER D 185 0.13 19.52 43.41
C SER D 185 0.89 19.14 44.68
N GLY D 186 0.17 19.10 45.80
CA GLY D 186 0.78 18.74 47.07
C GLY D 186 1.08 17.25 47.18
N PRO D 187 1.59 16.80 48.34
CA PRO D 187 1.91 15.39 48.57
C PRO D 187 0.67 14.48 48.60
N GLU D 188 -0.50 15.10 48.80
CA GLU D 188 -1.76 14.36 48.85
C GLU D 188 -2.48 14.36 47.50
N GLY D 189 -1.91 15.03 46.51
CA GLY D 189 -2.52 15.08 45.20
C GLY D 189 -3.47 16.24 45.01
N GLU D 190 -3.65 17.05 46.05
CA GLU D 190 -4.52 18.21 45.97
C GLU D 190 -3.69 19.47 45.67
N VAL D 191 -4.36 20.61 45.55
CA VAL D 191 -3.65 21.86 45.25
C VAL D 191 -2.69 22.24 46.38
N ASP D 192 -1.48 22.62 46.00
CA ASP D 192 -0.47 23.06 46.98
C ASP D 192 -0.77 24.54 47.24
N LEU D 193 -1.44 24.83 48.35
CA LEU D 193 -1.79 26.19 48.71
C LEU D 193 -0.60 27.15 48.71
N GLU D 194 0.53 26.68 49.23
CA GLU D 194 1.72 27.53 49.28
C GLU D 194 2.18 27.92 47.88
N ALA D 195 2.26 26.96 46.97
CA ALA D 195 2.68 27.23 45.60
C ALA D 195 1.66 28.15 44.92
N LEU D 196 0.38 27.99 45.28
CA LEU D 196 -0.69 28.80 44.70
C LEU D 196 -0.57 30.25 45.14
N LYS D 197 -0.42 30.46 46.45
CA LYS D 197 -0.29 31.82 46.99
C LYS D 197 0.95 32.50 46.44
N ARG D 198 1.88 31.70 45.94
CA ARG D 198 3.13 32.21 45.38
C ARG D 198 2.92 32.68 43.93
N GLU D 199 1.94 32.09 43.26
CA GLU D 199 1.66 32.44 41.88
C GLU D 199 0.57 33.50 41.75
N LEU D 200 -0.34 33.55 42.71
CA LEU D 200 -1.43 34.52 42.67
C LEU D 200 -0.89 35.95 42.69
N GLY D 201 -1.40 36.77 41.76
CA GLY D 201 -0.99 38.16 41.67
C GLY D 201 -1.83 38.89 40.64
N PRO D 202 -1.69 40.23 40.54
CA PRO D 202 -2.46 41.04 39.59
C PRO D 202 -2.25 40.65 38.13
N HIS D 203 -1.25 39.80 37.89
CA HIS D 203 -0.92 39.33 36.55
C HIS D 203 -1.68 38.05 36.19
N VAL D 204 -2.41 37.49 37.15
CA VAL D 204 -3.16 36.26 36.92
C VAL D 204 -4.61 36.52 36.56
N ALA D 205 -5.02 36.05 35.39
CA ALA D 205 -6.38 36.23 34.92
C ALA D 205 -7.35 35.21 35.51
N ALA D 206 -6.90 33.96 35.63
CA ALA D 206 -7.77 32.92 36.16
C ALA D 206 -7.04 31.64 36.56
N LEU D 207 -7.74 30.81 37.31
CA LEU D 207 -7.21 29.52 37.77
C LEU D 207 -8.24 28.48 37.31
N MET D 208 -7.79 27.49 36.55
CA MET D 208 -8.69 26.45 36.06
C MET D 208 -8.51 25.17 36.88
N LEU D 209 -9.62 24.67 37.43
CA LEU D 209 -9.59 23.45 38.23
C LEU D 209 -10.79 22.53 38.00
N THR D 210 -10.58 21.24 38.19
CA THR D 210 -11.66 20.26 38.12
C THR D 210 -11.81 19.92 39.59
N ASN D 211 -13.01 19.59 40.03
CA ASN D 211 -13.23 19.23 41.41
C ASN D 211 -14.43 18.30 41.52
N PRO D 212 -14.18 17.01 41.83
CA PRO D 212 -12.88 16.38 42.09
C PRO D 212 -11.84 16.59 40.98
N ASN D 213 -10.56 16.45 41.32
CA ASN D 213 -9.51 16.62 40.32
C ASN D 213 -9.31 15.34 39.52
N THR D 214 -8.35 15.36 38.60
CA THR D 214 -8.08 14.21 37.73
C THR D 214 -7.52 12.98 38.44
N LEU D 215 -7.27 13.09 39.75
CA LEU D 215 -6.79 11.96 40.51
C LEU D 215 -8.01 11.36 41.21
N GLY D 216 -9.16 11.97 40.98
CA GLY D 216 -10.40 11.50 41.58
C GLY D 216 -10.59 11.99 43.00
N LEU D 217 -9.73 12.90 43.43
CA LEU D 217 -9.79 13.44 44.78
C LEU D 217 -10.48 14.80 44.84
N PHE D 218 -11.30 14.98 45.86
CA PHE D 218 -12.01 16.23 46.04
C PHE D 218 -11.04 17.22 46.70
N GLU D 219 -11.03 18.45 46.20
CA GLU D 219 -10.16 19.49 46.74
C GLU D 219 -10.79 19.98 48.04
N ARG D 220 -10.35 19.40 49.15
CA ARG D 220 -10.87 19.74 50.47
C ARG D 220 -10.69 21.20 50.87
N ARG D 221 -9.67 21.87 50.32
CA ARG D 221 -9.45 23.28 50.65
C ARG D 221 -9.97 24.18 49.54
N ILE D 222 -11.00 23.73 48.83
CA ILE D 222 -11.52 24.52 47.72
C ILE D 222 -12.01 25.91 48.15
N LEU D 223 -12.64 25.99 49.32
CA LEU D 223 -13.13 27.28 49.81
C LEU D 223 -11.98 28.24 50.09
N GLU D 224 -10.87 27.71 50.59
CA GLU D 224 -9.69 28.54 50.87
C GLU D 224 -9.14 29.03 49.54
N ILE D 225 -9.07 28.11 48.58
CA ILE D 225 -8.57 28.41 47.25
C ILE D 225 -9.40 29.52 46.64
N SER D 226 -10.72 29.47 46.88
CA SER D 226 -11.61 30.48 46.35
C SER D 226 -11.28 31.82 46.99
N ARG D 227 -11.15 31.82 48.32
CA ARG D 227 -10.83 33.04 49.06
C ARG D 227 -9.56 33.71 48.52
N LEU D 228 -8.51 32.91 48.36
CA LEU D 228 -7.24 33.42 47.86
C LEU D 228 -7.39 34.04 46.47
N CYS D 229 -8.16 33.37 45.61
CA CYS D 229 -8.38 33.86 44.26
C CYS D 229 -9.19 35.16 44.29
N LYS D 230 -10.23 35.20 45.12
CA LYS D 230 -11.07 36.38 45.21
C LYS D 230 -10.29 37.62 45.63
N GLU D 231 -9.48 37.52 46.67
CA GLU D 231 -8.72 38.68 47.12
C GLU D 231 -7.68 39.15 46.10
N ALA D 232 -7.24 38.24 45.23
CA ALA D 232 -6.27 38.59 44.21
C ALA D 232 -6.97 39.04 42.93
N GLY D 233 -8.29 38.95 42.91
CA GLY D 233 -9.03 39.35 41.72
C GLY D 233 -8.95 38.31 40.61
N VAL D 234 -8.53 37.11 40.96
CA VAL D 234 -8.41 36.02 39.99
C VAL D 234 -9.72 35.25 39.86
N GLN D 235 -10.17 35.03 38.63
CA GLN D 235 -11.40 34.30 38.39
C GLN D 235 -11.13 32.81 38.50
N LEU D 236 -12.02 32.09 39.17
CA LEU D 236 -11.89 30.64 39.36
C LEU D 236 -12.72 29.89 38.32
N TYR D 237 -12.06 29.20 37.39
CA TYR D 237 -12.75 28.46 36.34
C TYR D 237 -12.96 26.99 36.71
N TYR D 238 -14.17 26.50 36.50
CA TYR D 238 -14.47 25.11 36.82
C TYR D 238 -14.55 24.20 35.59
N ASP D 239 -13.57 23.31 35.45
CA ASP D 239 -13.60 22.34 34.37
C ASP D 239 -14.58 21.32 34.91
N GLY D 240 -15.82 21.33 34.40
CA GLY D 240 -16.84 20.42 34.90
C GLY D 240 -16.85 18.98 34.42
N ALA D 241 -15.73 18.50 33.89
CA ALA D 241 -15.68 17.13 33.40
C ALA D 241 -15.93 16.07 34.47
N ASN D 242 -15.58 16.38 35.72
CA ASN D 242 -15.76 15.42 36.80
C ASN D 242 -16.99 15.66 37.66
N LEU D 243 -17.99 16.31 37.08
CA LEU D 243 -19.21 16.61 37.80
C LEU D 243 -20.00 15.36 38.20
N ASN D 244 -19.79 14.24 37.48
CA ASN D 244 -20.53 13.02 37.79
C ASN D 244 -20.33 12.59 39.24
N ALA D 245 -19.15 12.88 39.79
CA ALA D 245 -18.84 12.51 41.17
C ALA D 245 -19.67 13.25 42.22
N ILE D 246 -20.09 14.48 41.94
CA ILE D 246 -20.83 15.25 42.92
C ILE D 246 -22.22 15.80 42.55
N MET D 247 -22.77 15.37 41.42
CA MET D 247 -24.10 15.85 41.00
C MET D 247 -25.09 15.77 42.14
N GLY D 248 -25.73 16.89 42.46
CA GLY D 248 -26.73 16.89 43.51
C GLY D 248 -26.23 16.90 44.94
N TRP D 249 -24.95 16.61 45.14
CA TRP D 249 -24.37 16.61 46.48
C TRP D 249 -23.67 17.93 46.79
N ALA D 250 -22.98 18.47 45.79
CA ALA D 250 -22.28 19.74 45.95
C ALA D 250 -22.27 20.46 44.61
N ARG D 251 -22.22 21.79 44.66
CA ARG D 251 -22.21 22.60 43.45
C ARG D 251 -20.96 23.47 43.37
N PRO D 252 -20.33 23.52 42.19
CA PRO D 252 -19.12 24.34 42.03
C PRO D 252 -19.37 25.80 42.42
N GLY D 253 -20.56 26.30 42.07
CA GLY D 253 -20.90 27.67 42.40
C GLY D 253 -20.80 27.95 43.89
N ASP D 254 -21.21 26.98 44.71
CA ASP D 254 -21.17 27.13 46.17
C ASP D 254 -19.74 27.00 46.67
N MET D 255 -18.84 26.55 45.80
CA MET D 255 -17.44 26.39 46.15
C MET D 255 -16.66 27.66 45.85
N GLY D 256 -17.30 28.62 45.17
CA GLY D 256 -16.62 29.86 44.84
C GLY D 256 -16.27 30.00 43.37
N PHE D 257 -16.55 28.98 42.56
CA PHE D 257 -16.25 29.04 41.14
C PHE D 257 -17.09 30.13 40.47
N ASP D 258 -16.43 30.90 39.62
CA ASP D 258 -17.05 32.01 38.90
C ASP D 258 -17.66 31.59 37.57
N VAL D 259 -17.01 30.66 36.90
CA VAL D 259 -17.47 30.18 35.61
C VAL D 259 -17.25 28.67 35.54
N VAL D 260 -18.16 27.97 34.87
CA VAL D 260 -18.10 26.53 34.74
C VAL D 260 -18.54 26.04 33.37
N HIS D 261 -18.04 24.89 32.95
CA HIS D 261 -18.46 24.29 31.69
C HIS D 261 -18.84 22.86 32.05
N LEU D 262 -19.80 22.30 31.33
CA LEU D 262 -20.23 20.93 31.58
C LEU D 262 -20.06 20.11 30.30
N ASN D 263 -20.03 18.78 30.43
CA ASN D 263 -19.91 17.90 29.27
C ASN D 263 -21.14 17.01 29.30
N LEU D 264 -22.10 17.31 28.43
CA LEU D 264 -23.34 16.53 28.38
C LEU D 264 -23.04 15.12 27.88
N HIS D 265 -22.04 15.00 27.00
CA HIS D 265 -21.67 13.72 26.43
C HIS D 265 -20.87 12.88 27.42
N LYS D 266 -20.64 13.42 28.61
CA LYS D 266 -19.92 12.68 29.62
C LYS D 266 -20.86 12.43 30.79
N THR D 267 -21.09 13.48 31.57
CA THR D 267 -21.95 13.40 32.75
C THR D 267 -23.44 13.11 32.49
N PHE D 268 -23.99 13.67 31.41
CA PHE D 268 -25.42 13.52 31.14
C PHE D 268 -25.90 12.55 30.06
N THR D 269 -25.14 11.48 29.86
CA THR D 269 -25.45 10.40 28.90
C THR D 269 -25.44 10.67 27.41
N VAL D 270 -25.18 11.89 26.95
CA VAL D 270 -25.14 12.10 25.51
C VAL D 270 -24.10 11.13 24.98
N PRO D 271 -24.48 10.30 23.98
CA PRO D 271 -23.55 9.31 23.39
C PRO D 271 -22.21 9.86 22.92
N HIS D 272 -21.14 9.10 23.18
CA HIS D 272 -19.80 9.52 22.80
C HIS D 272 -19.56 9.52 21.28
N GLY D 273 -20.35 8.73 20.56
CA GLY D 273 -20.25 8.67 19.11
C GLY D 273 -18.89 8.49 18.46
N GLY D 274 -17.99 7.81 19.15
CA GLY D 274 -16.65 7.57 18.60
C GLY D 274 -15.77 8.80 18.56
N GLY D 275 -16.09 9.80 19.37
CA GLY D 275 -15.28 11.02 19.38
C GLY D 275 -16.13 12.26 19.49
N GLY D 276 -17.37 12.16 19.02
CA GLY D 276 -18.28 13.29 19.07
C GLY D 276 -19.56 12.96 18.33
N PRO D 277 -20.51 13.90 18.23
CA PRO D 277 -20.44 15.26 18.76
C PRO D 277 -20.85 15.31 20.23
N GLY D 278 -20.67 16.46 20.86
CA GLY D 278 -21.03 16.61 22.26
C GLY D 278 -21.73 17.92 22.52
N SER D 279 -21.58 18.44 23.74
CA SER D 279 -22.18 19.71 24.11
C SER D 279 -21.47 20.20 25.37
N GLY D 280 -21.06 21.46 25.37
CA GLY D 280 -20.35 22.00 26.51
C GLY D 280 -20.94 23.29 27.08
N PRO D 281 -22.13 23.23 27.71
CA PRO D 281 -22.77 24.42 28.28
C PRO D 281 -21.81 25.15 29.23
N VAL D 282 -21.94 26.47 29.30
CA VAL D 282 -21.09 27.28 30.16
C VAL D 282 -21.95 28.15 31.07
N GLY D 283 -21.81 27.93 32.38
CA GLY D 283 -22.56 28.70 33.36
C GLY D 283 -21.63 29.68 34.03
N VAL D 284 -22.17 30.81 34.49
CA VAL D 284 -21.36 31.84 35.13
C VAL D 284 -22.13 32.57 36.22
N LYS D 285 -21.38 33.15 37.15
CA LYS D 285 -21.98 33.93 38.23
C LYS D 285 -22.45 35.24 37.61
N ALA D 286 -23.32 35.96 38.31
CA ALA D 286 -23.87 37.21 37.81
C ALA D 286 -22.85 38.21 37.23
N HIS D 287 -21.73 38.42 37.91
CA HIS D 287 -20.75 39.39 37.42
C HIS D 287 -20.11 39.06 36.07
N LEU D 288 -20.28 37.84 35.59
CA LEU D 288 -19.70 37.47 34.30
C LEU D 288 -20.77 37.28 33.24
N ALA D 289 -22.02 37.29 33.66
CA ALA D 289 -23.16 37.11 32.76
C ALA D 289 -23.20 38.01 31.51
N PRO D 290 -22.87 39.31 31.66
CA PRO D 290 -22.91 40.20 30.49
C PRO D 290 -21.97 39.83 29.34
N TYR D 291 -20.94 39.06 29.63
CA TYR D 291 -19.99 38.67 28.60
C TYR D 291 -20.31 37.34 27.89
N LEU D 292 -21.38 36.68 28.31
CA LEU D 292 -21.77 35.41 27.70
C LEU D 292 -21.99 35.52 26.20
N PRO D 293 -21.65 34.47 25.45
CA PRO D 293 -21.83 34.52 23.99
C PRO D 293 -23.32 34.60 23.68
N VAL D 294 -23.64 35.11 22.50
CA VAL D 294 -25.01 35.26 22.06
C VAL D 294 -25.38 34.09 21.14
N PRO D 295 -26.65 33.67 21.14
CA PRO D 295 -27.80 34.17 21.93
C PRO D 295 -28.06 33.33 23.16
N LEU D 296 -28.82 33.90 24.09
CA LEU D 296 -29.20 33.21 25.30
C LEU D 296 -30.67 32.92 25.17
N VAL D 297 -31.14 31.87 25.83
CA VAL D 297 -32.56 31.55 25.76
C VAL D 297 -33.22 32.16 26.97
N GLU D 298 -34.13 33.11 26.73
CA GLU D 298 -34.81 33.77 27.82
C GLU D 298 -36.30 33.49 27.77
N ARG D 299 -36.95 33.61 28.92
CA ARG D 299 -38.38 33.37 29.03
C ARG D 299 -39.08 34.71 29.18
N GLY D 300 -39.90 35.05 28.19
CA GLY D 300 -40.63 36.30 28.22
C GLY D 300 -42.10 36.01 28.47
N GLU D 301 -42.91 37.05 28.46
CA GLU D 301 -44.35 36.88 28.68
C GLU D 301 -45.06 36.36 27.42
N GLU D 302 -44.47 36.63 26.26
CA GLU D 302 -45.04 36.19 24.99
C GLU D 302 -44.65 34.72 24.77
N GLY D 303 -43.59 34.30 25.47
CA GLY D 303 -43.09 32.95 25.35
C GLY D 303 -41.57 32.96 25.46
N PHE D 304 -40.93 31.97 24.86
CA PHE D 304 -39.48 31.86 24.90
C PHE D 304 -38.87 32.55 23.69
N TYR D 305 -37.64 33.02 23.82
CA TYR D 305 -36.99 33.70 22.71
C TYR D 305 -35.48 33.70 22.84
N LEU D 306 -34.81 33.91 21.72
CA LEU D 306 -33.35 33.98 21.68
C LEU D 306 -32.98 35.44 21.90
N ASP D 307 -32.16 35.68 22.92
CA ASP D 307 -31.76 37.03 23.25
C ASP D 307 -30.38 37.40 22.70
N PHE D 308 -30.37 38.35 21.77
CA PHE D 308 -29.14 38.83 21.15
C PHE D 308 -28.76 40.22 21.66
N ASP D 309 -29.66 40.84 22.42
CA ASP D 309 -29.41 42.19 22.93
C ASP D 309 -28.50 42.18 24.15
N ARG D 310 -27.21 41.99 23.92
CA ARG D 310 -26.24 41.96 25.01
C ARG D 310 -24.96 42.62 24.53
N PRO D 311 -24.82 43.93 24.81
CA PRO D 311 -23.68 44.78 24.45
C PRO D 311 -22.27 44.32 24.81
N LYS D 312 -22.12 43.63 25.94
CA LYS D 312 -20.78 43.19 26.37
C LYS D 312 -20.46 41.75 26.01
N SER D 313 -21.30 41.12 25.20
CA SER D 313 -21.09 39.73 24.80
C SER D 313 -19.74 39.54 24.10
N ILE D 314 -19.14 38.36 24.29
CA ILE D 314 -17.88 38.06 23.63
C ILE D 314 -18.18 37.81 22.15
N GLY D 315 -19.47 37.65 21.84
CA GLY D 315 -19.87 37.40 20.46
C GLY D 315 -20.42 36.00 20.25
N ARG D 316 -20.03 35.37 19.15
CA ARG D 316 -20.47 34.02 18.79
C ARG D 316 -19.30 33.05 18.78
N VAL D 317 -19.52 31.84 19.29
CA VAL D 317 -18.46 30.82 19.31
C VAL D 317 -18.73 29.68 18.32
N ARG D 318 -19.93 29.65 17.74
CA ARG D 318 -20.30 28.66 16.74
C ARG D 318 -21.65 29.05 16.12
N SER D 319 -22.01 28.42 15.01
CA SER D 319 -23.27 28.75 14.35
C SER D 319 -24.51 28.37 15.14
N PHE D 320 -25.59 29.08 14.85
CA PHE D 320 -26.87 28.83 15.47
C PHE D 320 -26.89 28.95 17.00
N TYR D 321 -27.56 28.02 17.68
CA TYR D 321 -27.70 28.14 19.13
C TYR D 321 -27.12 27.06 20.02
N GLY D 322 -26.52 26.04 19.41
CA GLY D 322 -25.95 24.95 20.19
C GLY D 322 -26.41 23.62 19.61
N ASN D 323 -25.86 22.52 20.11
CA ASN D 323 -26.23 21.22 19.61
C ASN D 323 -27.54 20.76 20.25
N PHE D 324 -28.62 21.36 19.79
CA PHE D 324 -29.96 21.09 20.29
C PHE D 324 -30.34 19.63 20.55
N LEU D 325 -30.12 18.75 19.58
CA LEU D 325 -30.48 17.34 19.75
C LEU D 325 -29.78 16.72 20.96
N ALA D 326 -28.58 17.21 21.26
CA ALA D 326 -27.84 16.72 22.42
C ALA D 326 -28.53 17.27 23.66
N LEU D 327 -28.99 18.52 23.57
CA LEU D 327 -29.68 19.15 24.69
C LEU D 327 -30.95 18.37 25.01
N VAL D 328 -31.64 17.88 23.98
CA VAL D 328 -32.86 17.10 24.19
C VAL D 328 -32.53 15.88 25.05
N ARG D 329 -31.44 15.20 24.68
CA ARG D 329 -30.96 14.02 25.40
C ARG D 329 -30.78 14.31 26.89
N ALA D 330 -30.02 15.37 27.19
CA ALA D 330 -29.72 15.77 28.57
C ALA D 330 -30.96 16.14 29.37
N TRP D 331 -31.91 16.79 28.71
CA TRP D 331 -33.15 17.20 29.33
C TRP D 331 -33.91 15.94 29.73
N ALA D 332 -33.98 14.99 28.80
CA ALA D 332 -34.69 13.73 29.06
C ALA D 332 -34.07 12.99 30.25
N TYR D 333 -32.75 13.00 30.31
CA TYR D 333 -32.03 12.33 31.39
C TYR D 333 -32.42 12.91 32.75
N ILE D 334 -32.31 14.22 32.88
CA ILE D 334 -32.64 14.91 34.12
C ILE D 334 -34.10 14.77 34.51
N ARG D 335 -34.99 14.82 33.52
CA ARG D 335 -36.41 14.69 33.83
C ARG D 335 -36.76 13.25 34.23
N THR D 336 -35.92 12.29 33.86
CA THR D 336 -36.16 10.90 34.23
C THR D 336 -35.69 10.66 35.66
N LEU D 337 -34.43 10.98 35.93
CA LEU D 337 -33.83 10.77 37.25
C LEU D 337 -34.24 11.71 38.38
N GLY D 338 -34.41 13.00 38.07
CA GLY D 338 -34.76 13.94 39.10
C GLY D 338 -33.56 14.15 40.00
N LEU D 339 -33.70 14.96 41.05
CA LEU D 339 -32.59 15.21 41.96
C LEU D 339 -32.14 13.94 42.66
N GLU D 340 -33.10 13.18 43.16
CA GLU D 340 -32.76 11.94 43.86
C GLU D 340 -32.08 10.95 42.93
N GLY D 341 -32.51 10.92 41.67
CA GLY D 341 -31.90 10.02 40.73
C GLY D 341 -30.45 10.40 40.47
N LEU D 342 -30.21 11.68 40.27
CA LEU D 342 -28.86 12.17 40.01
C LEU D 342 -27.94 11.97 41.21
N LYS D 343 -28.46 12.21 42.41
CA LYS D 343 -27.67 12.03 43.62
C LYS D 343 -27.27 10.56 43.77
N LYS D 344 -28.24 9.67 43.58
CA LYS D 344 -27.96 8.25 43.69
C LYS D 344 -26.92 7.86 42.64
N ALA D 345 -27.00 8.47 41.47
CA ALA D 345 -26.07 8.20 40.39
C ALA D 345 -24.66 8.61 40.80
N ALA D 346 -24.54 9.79 41.39
CA ALA D 346 -23.24 10.27 41.82
C ALA D 346 -22.68 9.38 42.92
N ALA D 347 -23.50 9.07 43.91
CA ALA D 347 -23.09 8.22 45.03
C ALA D 347 -22.61 6.85 44.56
N LEU D 348 -23.38 6.22 43.68
CA LEU D 348 -23.00 4.89 43.19
C LEU D 348 -21.80 4.96 42.25
N ALA D 349 -21.64 6.08 41.56
CA ALA D 349 -20.49 6.24 40.67
C ALA D 349 -19.27 6.26 41.58
N VAL D 350 -19.39 6.98 42.70
CA VAL D 350 -18.30 7.07 43.67
C VAL D 350 -18.10 5.72 44.35
N LEU D 351 -19.19 5.07 44.76
CA LEU D 351 -19.08 3.78 45.42
C LEU D 351 -18.40 2.75 44.51
N ASN D 352 -18.78 2.72 43.24
CA ASN D 352 -18.16 1.78 42.30
C ASN D 352 -16.67 2.04 42.17
N ALA D 353 -16.30 3.31 42.14
CA ALA D 353 -14.89 3.69 42.02
C ALA D 353 -14.09 3.22 43.24
N ARG D 354 -14.57 3.54 44.44
CA ARG D 354 -13.86 3.14 45.66
C ARG D 354 -13.84 1.63 45.81
N TYR D 355 -14.95 0.98 45.46
CA TYR D 355 -15.01 -0.47 45.57
C TYR D 355 -13.97 -1.08 44.65
N LEU D 356 -14.01 -0.70 43.38
CA LEU D 356 -13.05 -1.23 42.41
C LEU D 356 -11.61 -0.91 42.82
N LYS D 357 -11.41 0.23 43.48
CA LYS D 357 -10.06 0.58 43.91
C LYS D 357 -9.59 -0.43 44.95
N GLU D 358 -10.48 -0.79 45.87
CA GLU D 358 -10.13 -1.75 46.90
C GLU D 358 -9.77 -3.10 46.27
N LEU D 359 -10.52 -3.50 45.24
CA LEU D 359 -10.27 -4.77 44.57
C LEU D 359 -8.91 -4.79 43.87
N LEU D 360 -8.55 -3.68 43.22
CA LEU D 360 -7.26 -3.63 42.51
C LEU D 360 -6.06 -3.59 43.45
N LYS D 361 -6.19 -2.89 44.56
CA LYS D 361 -5.10 -2.80 45.53
C LYS D 361 -4.89 -4.21 46.08
N GLU D 362 -5.99 -4.93 46.27
CA GLU D 362 -5.94 -6.30 46.77
C GLU D 362 -5.17 -7.17 45.78
N LYS D 363 -5.26 -6.83 44.50
CA LYS D 363 -4.58 -7.58 43.45
C LYS D 363 -3.11 -7.20 43.28
N GLY D 364 -2.68 -6.15 43.96
CA GLY D 364 -1.28 -5.75 43.84
C GLY D 364 -1.07 -4.42 43.17
N TYR D 365 -2.14 -3.79 42.71
CA TYR D 365 -2.00 -2.49 42.07
C TYR D 365 -1.80 -1.41 43.13
N ARG D 366 -1.06 -0.37 42.79
CA ARG D 366 -0.77 0.71 43.73
C ARG D 366 -1.53 2.00 43.41
N VAL D 367 -1.83 2.76 44.45
CA VAL D 367 -2.52 4.04 44.32
C VAL D 367 -1.69 5.09 45.08
N PRO D 368 -0.78 5.79 44.37
CA PRO D 368 0.07 6.81 44.98
C PRO D 368 -0.67 7.89 45.76
N TYR D 369 -1.80 8.33 45.21
CA TYR D 369 -2.59 9.37 45.86
C TYR D 369 -3.95 8.75 46.20
N ASP D 370 -4.07 8.12 47.37
CA ASP D 370 -5.36 7.50 47.65
C ASP D 370 -6.16 7.97 48.86
N GLY D 371 -6.59 9.22 48.80
CA GLY D 371 -7.44 9.73 49.85
C GLY D 371 -8.79 9.17 49.45
N PRO D 372 -9.90 9.58 50.08
CA PRO D 372 -11.19 9.03 49.65
C PRO D 372 -11.47 9.27 48.16
N SER D 373 -11.34 8.21 47.38
CA SER D 373 -11.58 8.29 45.95
C SER D 373 -13.02 8.68 45.64
N MET D 374 -13.22 9.48 44.60
CA MET D 374 -14.58 9.89 44.24
C MET D 374 -15.06 9.04 43.05
N HIS D 375 -15.40 9.68 41.94
CA HIS D 375 -15.91 8.96 40.78
C HIS D 375 -14.82 8.20 40.02
N GLU D 376 -13.57 8.42 40.39
CA GLU D 376 -12.46 7.74 39.73
C GLU D 376 -11.23 7.74 40.63
N PHE D 377 -10.21 7.01 40.21
CA PHE D 377 -8.95 6.94 40.94
C PHE D 377 -7.85 6.61 39.96
N VAL D 378 -6.61 6.84 40.37
CA VAL D 378 -5.47 6.56 39.50
C VAL D 378 -4.55 5.56 40.16
N ALA D 379 -4.44 4.38 39.54
CA ALA D 379 -3.59 3.33 40.06
C ALA D 379 -2.35 3.18 39.19
N GLN D 380 -1.40 2.41 39.69
CA GLN D 380 -0.16 2.13 38.97
C GLN D 380 0.06 0.64 39.09
N PRO D 381 0.58 0.00 38.05
CA PRO D 381 0.81 -1.44 38.16
C PRO D 381 2.03 -1.64 39.04
N PRO D 382 2.24 -2.87 39.52
CA PRO D 382 3.44 -3.05 40.34
C PRO D 382 4.66 -2.81 39.47
N GLU D 383 5.80 -2.56 40.11
CA GLU D 383 7.03 -2.30 39.38
C GLU D 383 7.33 -3.41 38.35
N GLY D 384 7.78 -3.00 37.17
CA GLY D 384 8.10 -3.97 36.14
C GLY D 384 7.07 -4.07 35.02
N PHE D 385 5.82 -3.72 35.33
CA PHE D 385 4.77 -3.78 34.32
C PHE D 385 4.44 -2.38 33.81
N ARG D 386 4.25 -2.25 32.51
CA ARG D 386 3.89 -0.97 31.94
C ARG D 386 2.40 -0.96 31.62
N ALA D 387 1.75 0.15 31.93
CA ALA D 387 0.32 0.31 31.69
C ALA D 387 -0.05 -0.12 30.26
N LEU D 388 0.75 0.33 29.30
CA LEU D 388 0.53 0.02 27.90
C LEU D 388 0.25 -1.46 27.65
N ASP D 389 1.15 -2.33 28.13
CA ASP D 389 0.98 -3.76 27.93
C ASP D 389 -0.24 -4.34 28.64
N LEU D 390 -0.50 -3.87 29.86
CA LEU D 390 -1.65 -4.37 30.59
C LEU D 390 -2.93 -3.99 29.86
N ALA D 391 -2.94 -2.80 29.28
CA ALA D 391 -4.09 -2.33 28.52
C ALA D 391 -4.34 -3.29 27.36
N LYS D 392 -3.27 -3.67 26.69
CA LYS D 392 -3.36 -4.57 25.55
C LYS D 392 -3.75 -5.97 25.99
N GLY D 393 -3.41 -6.32 27.24
CA GLY D 393 -3.76 -7.62 27.76
C GLY D 393 -5.26 -7.67 28.02
N LEU D 394 -5.80 -6.57 28.55
CA LEU D 394 -7.23 -6.50 28.84
C LEU D 394 -8.01 -6.65 27.54
N LEU D 395 -7.49 -6.04 26.47
CA LEU D 395 -8.13 -6.11 25.16
C LEU D 395 -8.26 -7.59 24.76
N GLU D 396 -7.20 -8.36 24.98
CA GLU D 396 -7.20 -9.77 24.65
C GLU D 396 -8.21 -10.56 25.48
N LEU D 397 -8.36 -10.17 26.74
CA LEU D 397 -9.28 -10.84 27.64
C LEU D 397 -10.75 -10.47 27.42
N GLY D 398 -11.02 -9.56 26.49
CA GLY D 398 -12.39 -9.17 26.20
C GLY D 398 -12.87 -7.94 26.95
N PHE D 399 -11.97 -7.26 27.64
CA PHE D 399 -12.32 -6.06 28.39
C PHE D 399 -11.71 -4.86 27.67
N HIS D 400 -12.06 -3.65 28.09
CA HIS D 400 -11.47 -2.47 27.51
C HIS D 400 -10.67 -1.84 28.66
N PRO D 401 -9.45 -1.38 28.37
CA PRO D 401 -8.64 -0.77 29.42
C PRO D 401 -9.20 0.56 29.90
N PRO D 402 -8.71 1.04 31.04
CA PRO D 402 -9.19 2.32 31.57
C PRO D 402 -8.35 3.35 30.80
N THR D 403 -8.34 4.59 31.26
CA THR D 403 -7.53 5.60 30.60
C THR D 403 -6.10 5.34 31.08
N VAL D 404 -5.13 5.44 30.16
CA VAL D 404 -3.74 5.20 30.54
C VAL D 404 -2.81 6.37 30.23
N TYR D 405 -1.80 6.53 31.09
CA TYR D 405 -0.81 7.60 30.95
C TYR D 405 -1.41 9.00 31.08
N PHE D 406 -2.34 9.13 32.02
CA PHE D 406 -2.98 10.39 32.37
C PHE D 406 -3.69 10.17 33.69
N PRO D 407 -3.60 11.14 34.62
CA PRO D 407 -2.87 12.41 34.49
C PRO D 407 -1.37 12.22 34.30
N LEU D 408 -0.72 13.27 33.81
CA LEU D 408 0.72 13.25 33.53
C LEU D 408 1.64 13.15 34.75
N ILE D 409 1.10 13.36 35.95
CA ILE D 409 1.91 13.31 37.16
C ILE D 409 2.05 11.94 37.82
N VAL D 410 1.61 10.90 37.12
CA VAL D 410 1.73 9.55 37.67
C VAL D 410 2.23 8.63 36.58
N LYS D 411 3.41 8.05 36.80
CA LYS D 411 3.99 7.14 35.83
C LYS D 411 3.12 5.90 35.68
N GLU D 412 3.03 5.38 34.46
CA GLU D 412 2.24 4.19 34.18
C GLU D 412 0.84 4.33 34.77
N ALA D 413 0.29 5.54 34.67
CA ALA D 413 -1.03 5.84 35.20
C ALA D 413 -2.16 5.01 34.61
N LEU D 414 -3.03 4.53 35.50
CA LEU D 414 -4.21 3.75 35.12
C LEU D 414 -5.38 4.52 35.73
N MET D 415 -5.95 5.43 34.94
CA MET D 415 -7.06 6.25 35.40
C MET D 415 -8.37 5.50 35.18
N VAL D 416 -8.94 5.02 36.28
CA VAL D 416 -10.16 4.21 36.25
C VAL D 416 -11.46 4.89 36.69
N GLU D 417 -12.44 4.93 35.79
CA GLU D 417 -13.73 5.52 36.07
C GLU D 417 -14.78 4.54 35.56
N PRO D 418 -15.37 3.74 36.46
CA PRO D 418 -16.39 2.76 36.05
C PRO D 418 -17.79 3.33 35.81
N THR D 419 -18.10 4.45 36.46
CA THR D 419 -19.41 5.12 36.39
C THR D 419 -20.42 4.31 37.19
N GLU D 420 -21.60 4.89 37.38
CA GLU D 420 -22.65 4.26 38.18
C GLU D 420 -23.51 3.19 37.49
N THR D 421 -23.48 3.13 36.17
CA THR D 421 -24.31 2.15 35.47
C THR D 421 -23.73 0.74 35.36
N GLU D 422 -22.50 0.57 35.83
CA GLU D 422 -21.84 -0.72 35.79
C GLU D 422 -22.10 -1.49 37.09
N ALA D 423 -22.34 -2.79 36.95
CA ALA D 423 -22.66 -3.65 38.08
C ALA D 423 -21.47 -4.17 38.89
N LYS D 424 -21.74 -4.51 40.14
CA LYS D 424 -20.74 -5.04 41.06
C LYS D 424 -19.97 -6.21 40.45
N GLU D 425 -20.70 -7.19 39.91
CA GLU D 425 -20.05 -8.36 39.32
C GLU D 425 -19.15 -8.00 38.14
N THR D 426 -19.45 -6.89 37.47
CA THR D 426 -18.63 -6.47 36.35
C THR D 426 -17.32 -5.89 36.87
N LEU D 427 -17.39 -5.13 37.96
CA LEU D 427 -16.21 -4.52 38.55
C LEU D 427 -15.28 -5.65 39.00
N GLU D 428 -15.87 -6.65 39.64
CA GLU D 428 -15.11 -7.79 40.14
C GLU D 428 -14.47 -8.59 38.99
N ALA D 429 -15.20 -8.77 37.89
CA ALA D 429 -14.65 -9.50 36.75
C ALA D 429 -13.48 -8.72 36.18
N PHE D 430 -13.62 -7.40 36.13
CA PHE D 430 -12.55 -6.54 35.62
C PHE D 430 -11.32 -6.66 36.52
N ALA D 431 -11.53 -6.58 37.84
CA ALA D 431 -10.44 -6.68 38.80
C ALA D 431 -9.72 -8.02 38.67
N GLU D 432 -10.50 -9.06 38.42
CA GLU D 432 -9.95 -10.40 38.27
C GLU D 432 -9.03 -10.43 37.05
N ALA D 433 -9.47 -9.82 35.96
CA ALA D 433 -8.67 -9.79 34.74
C ALA D 433 -7.38 -9.01 35.00
N MET D 434 -7.51 -7.89 35.70
CA MET D 434 -6.35 -7.06 36.04
C MET D 434 -5.36 -7.89 36.84
N GLY D 435 -5.88 -8.67 37.78
CA GLY D 435 -5.01 -9.50 38.60
C GLY D 435 -4.36 -10.60 37.79
N ALA D 436 -5.14 -11.24 36.92
CA ALA D 436 -4.62 -12.34 36.09
C ALA D 436 -3.49 -11.90 35.18
N LEU D 437 -3.61 -10.69 34.63
CA LEU D 437 -2.59 -10.17 33.72
C LEU D 437 -1.22 -10.03 34.39
N LEU D 438 -1.21 -9.83 35.70
CA LEU D 438 0.05 -9.70 36.42
C LEU D 438 0.77 -11.04 36.50
N LYS D 439 0.01 -12.12 36.34
CA LYS D 439 0.58 -13.46 36.39
C LYS D 439 0.98 -13.95 35.00
N LYS D 440 0.83 -13.08 34.01
CA LYS D 440 1.18 -13.43 32.63
C LYS D 440 2.63 -13.05 32.35
N PRO D 441 3.36 -13.90 31.61
CA PRO D 441 4.75 -13.61 31.30
C PRO D 441 4.89 -12.33 30.48
N LYS D 442 5.94 -11.56 30.79
CA LYS D 442 6.22 -10.29 30.11
C LYS D 442 6.02 -10.34 28.60
N GLU D 443 6.56 -11.37 27.96
CA GLU D 443 6.46 -11.50 26.51
C GLU D 443 5.02 -11.66 25.99
N TRP D 444 4.18 -12.35 26.75
CA TRP D 444 2.79 -12.52 26.34
C TRP D 444 2.13 -11.15 26.37
N LEU D 445 2.43 -10.40 27.42
CA LEU D 445 1.88 -9.07 27.62
C LEU D 445 2.34 -8.08 26.56
N GLU D 446 3.64 -8.13 26.25
CA GLU D 446 4.22 -7.23 25.27
C GLU D 446 3.82 -7.50 23.83
N ASN D 447 3.18 -8.65 23.59
CA ASN D 447 2.75 -9.01 22.25
C ASN D 447 1.23 -9.07 22.11
N ALA D 448 0.53 -8.76 23.19
CA ALA D 448 -0.93 -8.75 23.16
C ALA D 448 -1.34 -7.45 22.46
N PRO D 449 -2.53 -7.41 21.85
CA PRO D 449 -3.54 -8.46 21.73
C PRO D 449 -3.20 -9.47 20.64
N TYR D 450 -3.97 -10.55 20.58
CA TYR D 450 -3.76 -11.62 19.62
C TYR D 450 -5.02 -11.94 18.81
N SER D 451 -6.16 -11.98 19.49
CA SER D 451 -7.44 -12.33 18.89
C SER D 451 -8.28 -11.20 18.31
N THR D 452 -7.89 -9.96 18.59
CA THR D 452 -8.62 -8.80 18.10
C THR D 452 -8.56 -8.71 16.57
N PRO D 453 -9.54 -8.02 15.96
CA PRO D 453 -9.58 -7.88 14.49
C PRO D 453 -8.24 -7.45 13.89
N VAL D 454 -7.45 -6.77 14.70
CA VAL D 454 -6.13 -6.31 14.29
C VAL D 454 -5.26 -6.32 15.55
N ARG D 455 -3.98 -6.63 15.41
CA ARG D 455 -3.08 -6.64 16.55
C ARG D 455 -2.39 -5.28 16.63
N ARG D 456 -1.40 -5.14 17.52
CA ARG D 456 -0.73 -3.85 17.65
C ARG D 456 -0.33 -3.31 16.27
N LEU D 457 -0.49 -2.00 16.10
CA LEU D 457 -0.22 -1.36 14.82
C LEU D 457 1.11 -0.62 14.79
N ASP D 458 1.70 -0.55 13.59
CA ASP D 458 2.98 0.13 13.41
C ASP D 458 2.75 1.63 13.52
N GLU D 459 2.92 2.16 14.73
CA GLU D 459 2.71 3.58 14.98
C GLU D 459 3.82 4.43 14.34
N LEU D 460 5.02 3.87 14.25
CA LEU D 460 6.14 4.59 13.66
C LEU D 460 5.85 4.90 12.19
N ARG D 461 5.45 3.88 11.45
CA ARG D 461 5.15 4.03 10.03
C ARG D 461 4.05 5.08 9.82
N ALA D 462 3.01 5.01 10.64
CA ALA D 462 1.89 5.94 10.53
C ALA D 462 2.33 7.39 10.70
N ASN D 463 3.39 7.61 11.47
CA ASN D 463 3.89 8.96 11.72
C ASN D 463 4.97 9.39 10.74
N LYS D 464 5.79 8.44 10.28
CA LYS D 464 6.87 8.77 9.35
C LYS D 464 6.36 8.86 7.91
N HIS D 465 5.58 7.86 7.49
CA HIS D 465 5.02 7.83 6.15
C HIS D 465 3.50 7.81 6.27
N PRO D 466 2.91 8.93 6.71
CA PRO D 466 1.45 8.97 6.85
C PRO D 466 0.68 8.86 5.53
N LYS D 467 -0.32 7.99 5.51
CA LYS D 467 -1.20 7.81 4.36
C LYS D 467 -2.53 8.22 4.94
N LEU D 468 -2.93 9.45 4.62
CA LEU D 468 -4.14 10.05 5.17
C LEU D 468 -5.45 9.89 4.40
N THR D 469 -5.37 9.37 3.17
CA THR D 469 -6.57 9.14 2.37
C THR D 469 -6.30 7.94 1.47
N TYR D 470 -7.35 7.36 0.92
CA TYR D 470 -7.22 6.22 0.02
C TYR D 470 -6.39 6.59 -1.20
N PHE D 471 -6.52 7.84 -1.64
CA PHE D 471 -5.81 8.32 -2.81
C PHE D 471 -4.48 8.98 -2.47
N ASP D 472 -4.22 9.11 -1.17
CA ASP D 472 -3.00 9.71 -0.67
C ASP D 472 -2.35 10.68 -1.66
N GLU D 473 -3.01 11.83 -1.86
CA GLU D 473 -2.50 12.85 -2.78
C GLU D 473 -1.52 13.77 -2.06
N GLY D 474 -0.60 14.36 -2.81
CA GLY D 474 0.37 15.26 -2.21
C GLY D 474 1.70 14.59 -1.89
N MET E 1 45.99 -21.68 -19.71
CA MET E 1 45.60 -20.64 -18.72
C MET E 1 44.37 -21.11 -17.94
N ASP E 2 44.30 -20.76 -16.66
CA ASP E 2 43.17 -21.17 -15.83
C ASP E 2 43.03 -20.32 -14.58
N TYR E 3 42.00 -20.62 -13.77
CA TYR E 3 41.72 -19.82 -12.59
C TYR E 3 41.81 -20.54 -11.24
N THR E 4 42.39 -21.74 -11.21
CA THR E 4 42.51 -22.46 -9.95
C THR E 4 43.68 -21.88 -9.15
N PRO E 5 43.50 -21.72 -7.84
CA PRO E 5 44.55 -21.17 -6.97
C PRO E 5 45.57 -22.18 -6.47
N HIS E 6 45.23 -23.45 -6.59
CA HIS E 6 46.07 -24.54 -6.09
C HIS E 6 47.51 -24.63 -6.57
N THR E 7 48.45 -24.65 -5.61
CA THR E 7 49.85 -24.81 -5.93
C THR E 7 50.14 -26.31 -5.83
N GLU E 8 51.28 -26.72 -6.38
CA GLU E 8 51.68 -28.12 -6.37
C GLU E 8 51.71 -28.67 -4.93
N GLU E 9 52.22 -27.86 -4.01
CA GLU E 9 52.32 -28.27 -2.62
C GLU E 9 50.94 -28.43 -1.97
N GLU E 10 50.04 -27.50 -2.24
CA GLU E 10 48.70 -27.57 -1.68
C GLU E 10 47.96 -28.81 -2.17
N ILE E 11 48.13 -29.11 -3.46
CA ILE E 11 47.50 -30.28 -4.07
C ILE E 11 47.99 -31.58 -3.43
N ARG E 12 49.31 -31.68 -3.24
CA ARG E 12 49.91 -32.87 -2.66
C ARG E 12 49.32 -33.11 -1.26
N GLU E 13 49.26 -32.06 -0.45
CA GLU E 13 48.73 -32.14 0.90
C GLU E 13 47.25 -32.53 0.91
N MET E 14 46.47 -31.90 0.05
CA MET E 14 45.04 -32.19 -0.02
C MET E 14 44.77 -33.60 -0.50
N LEU E 15 45.56 -34.08 -1.46
CA LEU E 15 45.39 -35.43 -1.98
C LEU E 15 45.63 -36.46 -0.88
N ARG E 16 46.64 -36.22 -0.06
CA ARG E 16 46.94 -37.12 1.04
C ARG E 16 45.78 -37.16 2.02
N ARG E 17 45.26 -35.99 2.38
CA ARG E 17 44.15 -35.93 3.32
C ARG E 17 42.92 -36.70 2.84
N VAL E 18 42.68 -36.76 1.53
CA VAL E 18 41.51 -37.48 1.02
C VAL E 18 41.78 -38.92 0.59
N GLY E 19 43.04 -39.35 0.67
CA GLY E 19 43.37 -40.71 0.32
C GLY E 19 43.56 -40.99 -1.16
N ALA E 20 43.87 -39.95 -1.93
CA ALA E 20 44.08 -40.10 -3.36
C ALA E 20 45.56 -39.95 -3.66
N ALA E 21 46.07 -40.77 -4.58
CA ALA E 21 47.48 -40.75 -4.95
C ALA E 21 47.79 -39.66 -5.98
N SER E 22 46.78 -39.28 -6.75
CA SER E 22 46.94 -38.27 -7.78
C SER E 22 45.57 -37.72 -8.17
N LEU E 23 45.56 -36.70 -9.02
CA LEU E 23 44.31 -36.13 -9.46
C LEU E 23 43.53 -37.17 -10.25
N GLU E 24 44.23 -37.91 -11.12
CA GLU E 24 43.58 -38.92 -11.94
C GLU E 24 42.97 -39.99 -11.04
N ASP E 25 43.60 -40.19 -9.88
CA ASP E 25 43.12 -41.19 -8.93
C ASP E 25 41.75 -40.82 -8.37
N LEU E 26 41.40 -39.54 -8.47
CA LEU E 26 40.11 -39.07 -7.98
C LEU E 26 38.96 -39.67 -8.79
N PHE E 27 39.26 -40.11 -10.01
CA PHE E 27 38.25 -40.68 -10.90
C PHE E 27 38.43 -42.18 -11.11
N ALA E 28 39.29 -42.79 -10.31
CA ALA E 28 39.57 -44.22 -10.44
C ALA E 28 38.39 -45.16 -10.22
N HIS E 29 37.32 -44.67 -9.61
CA HIS E 29 36.16 -45.53 -9.38
C HIS E 29 35.16 -45.54 -10.54
N LEU E 30 35.40 -44.68 -11.53
CA LEU E 30 34.52 -44.63 -12.70
C LEU E 30 34.84 -45.83 -13.58
N PRO E 31 33.87 -46.29 -14.40
CA PRO E 31 34.15 -47.44 -15.26
C PRO E 31 35.28 -47.11 -16.24
N LYS E 32 36.29 -47.98 -16.29
CA LYS E 32 37.45 -47.77 -17.16
C LYS E 32 37.10 -47.53 -18.63
N GLU E 33 35.95 -48.03 -19.06
CA GLU E 33 35.52 -47.89 -20.45
C GLU E 33 35.29 -46.45 -20.89
N ILE E 34 34.90 -45.57 -19.96
CA ILE E 34 34.61 -44.18 -20.31
C ILE E 34 35.71 -43.18 -19.98
N LEU E 35 36.77 -43.62 -19.32
CA LEU E 35 37.85 -42.72 -18.97
C LEU E 35 38.72 -42.46 -20.19
N SER E 36 39.45 -41.35 -20.16
CA SER E 36 40.34 -41.00 -21.27
C SER E 36 39.63 -40.80 -22.62
N PRO E 37 38.51 -40.07 -22.63
CA PRO E 37 37.83 -39.89 -23.93
C PRO E 37 38.65 -38.96 -24.83
N PRO E 38 38.54 -39.15 -26.15
CA PRO E 38 39.25 -38.35 -27.16
C PRO E 38 38.52 -37.03 -27.40
N ILE E 39 38.77 -36.05 -26.55
CA ILE E 39 38.10 -34.76 -26.69
C ILE E 39 38.96 -33.78 -27.50
N ASP E 40 38.40 -33.34 -28.63
CA ASP E 40 39.10 -32.40 -29.50
C ASP E 40 38.67 -30.97 -29.24
N LEU E 41 39.60 -30.17 -28.73
CA LEU E 41 39.36 -28.77 -28.43
C LEU E 41 40.63 -27.99 -28.76
N PRO E 42 40.49 -26.72 -29.20
CA PRO E 42 41.68 -25.94 -29.51
C PRO E 42 42.60 -25.73 -28.30
N GLU E 43 43.90 -25.63 -28.56
CA GLU E 43 44.86 -25.44 -27.50
C GLU E 43 44.55 -24.16 -26.71
N PRO E 44 44.85 -24.14 -25.41
CA PRO E 44 44.58 -22.96 -24.58
C PRO E 44 45.28 -21.68 -25.00
N LEU E 45 44.63 -20.56 -24.78
CA LEU E 45 45.18 -19.26 -25.14
C LEU E 45 45.14 -18.27 -23.98
N PRO E 46 46.16 -17.41 -23.88
CA PRO E 46 46.19 -16.42 -22.80
C PRO E 46 45.05 -15.44 -23.04
N GLU E 47 44.57 -14.80 -21.98
CA GLU E 47 43.45 -13.87 -22.10
C GLU E 47 43.57 -12.81 -23.20
N TRP E 48 44.77 -12.24 -23.40
CA TRP E 48 44.89 -11.22 -24.43
C TRP E 48 44.68 -11.81 -25.83
N LYS E 49 45.03 -13.07 -26.01
CA LYS E 49 44.88 -13.74 -27.30
C LYS E 49 43.42 -14.16 -27.52
N VAL E 50 42.74 -14.48 -26.42
CA VAL E 50 41.33 -14.84 -26.53
C VAL E 50 40.60 -13.59 -27.00
N LEU E 51 40.99 -12.45 -26.44
CA LEU E 51 40.39 -11.18 -26.81
C LEU E 51 40.68 -10.87 -28.27
N GLU E 52 41.90 -11.12 -28.71
CA GLU E 52 42.28 -10.86 -30.08
C GLU E 52 41.39 -11.68 -31.03
N GLU E 53 41.19 -12.95 -30.70
CA GLU E 53 40.34 -13.80 -31.53
C GLU E 53 38.91 -13.30 -31.52
N LEU E 54 38.43 -12.83 -30.36
CA LEU E 54 37.08 -12.30 -30.27
C LEU E 54 36.94 -11.08 -31.16
N ARG E 55 37.95 -10.20 -31.11
CA ARG E 55 37.94 -8.99 -31.93
C ARG E 55 37.94 -9.33 -33.41
N ARG E 56 38.68 -10.37 -33.78
CA ARG E 56 38.72 -10.79 -35.18
C ARG E 56 37.35 -11.26 -35.64
N LEU E 57 36.64 -11.96 -34.75
CA LEU E 57 35.29 -12.43 -35.09
C LEU E 57 34.36 -11.22 -35.23
N ALA E 58 34.45 -10.29 -34.29
CA ALA E 58 33.63 -9.09 -34.30
C ALA E 58 33.89 -8.23 -35.54
N ALA E 59 35.14 -8.21 -35.99
CA ALA E 59 35.51 -7.42 -37.17
C ALA E 59 34.87 -7.97 -38.43
N GLN E 60 34.39 -9.21 -38.37
CA GLN E 60 33.74 -9.81 -39.52
C GLN E 60 32.30 -9.34 -39.64
N ASN E 61 31.76 -8.80 -38.55
CA ASN E 61 30.37 -8.34 -38.56
C ASN E 61 30.24 -6.85 -38.87
N LEU E 62 29.04 -6.47 -39.30
CA LEU E 62 28.72 -5.07 -39.57
C LEU E 62 27.84 -4.71 -38.37
N PRO E 63 28.37 -3.95 -37.40
CA PRO E 63 27.55 -3.58 -36.24
C PRO E 63 26.18 -3.03 -36.61
N ALA E 64 25.18 -3.39 -35.82
CA ALA E 64 23.80 -2.97 -36.07
C ALA E 64 23.40 -1.73 -35.27
N HIS E 65 24.38 -0.98 -34.80
CA HIS E 65 24.07 0.23 -34.05
C HIS E 65 23.34 1.18 -34.99
N LYS E 66 22.16 1.64 -34.57
CA LYS E 66 21.35 2.54 -35.39
C LYS E 66 20.69 1.81 -36.57
N ALA E 67 20.51 0.50 -36.44
CA ALA E 67 19.88 -0.26 -37.50
C ALA E 67 18.39 0.12 -37.58
N PHE E 68 17.78 -0.14 -38.73
CA PHE E 68 16.37 0.15 -38.93
C PHE E 68 15.62 -1.18 -38.96
N LEU E 69 16.30 -2.22 -38.47
CA LEU E 69 15.70 -3.55 -38.41
C LEU E 69 14.73 -3.61 -37.24
N GLY E 70 13.61 -4.32 -37.46
CA GLY E 70 12.61 -4.46 -36.41
C GLY E 70 12.28 -5.92 -36.17
N GLY E 71 11.03 -6.18 -35.78
CA GLY E 71 10.61 -7.55 -35.54
C GLY E 71 10.77 -8.03 -34.11
N GLY E 72 10.75 -7.11 -33.15
CA GLY E 72 10.88 -7.51 -31.76
C GLY E 72 12.10 -6.94 -31.06
N VAL E 73 13.16 -6.71 -31.82
CA VAL E 73 14.39 -6.16 -31.29
C VAL E 73 14.71 -4.88 -32.07
N ARG E 74 15.17 -3.86 -31.36
CA ARG E 74 15.50 -2.60 -32.02
C ARG E 74 16.73 -1.98 -31.39
N SER E 75 17.46 -1.20 -32.18
CA SER E 75 18.65 -0.55 -31.68
C SER E 75 18.31 0.71 -30.88
N HIS E 76 18.06 0.53 -29.59
CA HIS E 76 17.77 1.66 -28.72
C HIS E 76 19.05 2.03 -28.00
N HIS E 77 19.08 3.21 -27.39
CA HIS E 77 20.24 3.65 -26.65
C HIS E 77 20.41 2.83 -25.38
N VAL E 78 21.60 2.28 -25.19
CA VAL E 78 21.94 1.49 -24.00
C VAL E 78 22.67 2.45 -23.07
N PRO E 79 21.98 3.00 -22.07
CA PRO E 79 22.64 3.93 -21.16
C PRO E 79 23.82 3.39 -20.35
N PRO E 80 24.98 4.05 -20.46
CA PRO E 80 26.16 3.60 -19.72
C PRO E 80 25.96 3.56 -18.20
N VAL E 81 25.11 4.43 -17.67
CA VAL E 81 24.88 4.44 -16.23
C VAL E 81 24.20 3.15 -15.80
N VAL E 82 23.27 2.66 -16.62
CA VAL E 82 22.58 1.42 -16.28
C VAL E 82 23.56 0.26 -16.34
N GLN E 83 24.32 0.18 -17.42
CA GLN E 83 25.29 -0.90 -17.58
C GLN E 83 26.37 -0.87 -16.51
N ALA E 84 26.73 0.32 -16.05
CA ALA E 84 27.74 0.45 -15.01
C ALA E 84 27.20 -0.09 -13.68
N LEU E 85 25.94 0.21 -13.37
CA LEU E 85 25.34 -0.25 -12.13
C LEU E 85 25.09 -1.75 -12.12
N ALA E 86 24.67 -2.30 -13.26
CA ALA E 86 24.40 -3.72 -13.38
C ALA E 86 25.69 -4.53 -13.50
N ALA E 87 26.82 -3.83 -13.62
CA ALA E 87 28.11 -4.50 -13.73
C ALA E 87 28.74 -4.69 -12.35
N ARG E 88 28.13 -4.07 -11.34
CA ARG E 88 28.61 -4.21 -9.96
C ARG E 88 28.67 -5.70 -9.67
N GLY E 89 29.82 -6.16 -9.17
CA GLY E 89 30.01 -7.58 -8.89
C GLY E 89 28.98 -8.25 -8.00
N GLU E 90 28.40 -7.53 -7.05
CA GLU E 90 27.40 -8.12 -6.17
C GLU E 90 26.15 -8.56 -6.92
N PHE E 91 25.73 -7.75 -7.90
CA PHE E 91 24.53 -8.09 -8.69
C PHE E 91 24.85 -9.14 -9.73
N LEU E 92 26.01 -9.01 -10.36
CA LEU E 92 26.44 -9.93 -11.40
C LEU E 92 26.74 -11.36 -10.96
N THR E 93 27.38 -11.52 -9.80
CA THR E 93 27.78 -12.84 -9.35
C THR E 93 27.00 -13.47 -8.19
N ALA E 94 25.91 -12.82 -7.79
CA ALA E 94 25.08 -13.35 -6.71
C ALA E 94 24.24 -14.49 -7.30
N TYR E 95 23.78 -15.39 -6.43
CA TYR E 95 22.94 -16.49 -6.87
C TYR E 95 21.52 -16.12 -6.43
N THR E 96 20.54 -16.95 -6.79
CA THR E 96 19.16 -16.71 -6.39
C THR E 96 19.20 -16.45 -4.88
N PRO E 97 18.56 -15.37 -4.41
CA PRO E 97 18.54 -14.97 -3.01
C PRO E 97 17.77 -15.87 -2.03
N TYR E 98 18.37 -17.00 -1.65
CA TYR E 98 17.73 -17.90 -0.70
C TYR E 98 18.06 -17.59 0.76
N GLN E 99 19.15 -16.86 0.99
CA GLN E 99 19.52 -16.46 2.36
C GLN E 99 19.31 -14.95 2.36
N PRO E 100 18.04 -14.53 2.54
CA PRO E 100 17.62 -13.13 2.56
C PRO E 100 18.41 -12.15 3.41
N GLU E 101 18.84 -12.58 4.58
CA GLU E 101 19.57 -11.70 5.46
C GLU E 101 20.77 -11.03 4.78
N VAL E 102 21.38 -11.73 3.83
CA VAL E 102 22.54 -11.18 3.12
C VAL E 102 22.26 -10.87 1.65
N SER E 103 21.00 -11.03 1.23
CA SER E 103 20.65 -10.78 -0.17
C SER E 103 19.60 -9.69 -0.33
N GLN E 104 19.52 -8.78 0.63
CA GLN E 104 18.54 -7.70 0.54
C GLN E 104 18.74 -6.81 -0.67
N GLY E 105 19.98 -6.74 -1.17
CA GLY E 105 20.25 -5.94 -2.34
C GLY E 105 19.43 -6.44 -3.53
N VAL E 106 19.61 -7.72 -3.87
CA VAL E 106 18.88 -8.32 -4.98
C VAL E 106 17.38 -8.42 -4.69
N LEU E 107 17.02 -8.82 -3.47
CA LEU E 107 15.62 -8.96 -3.11
C LEU E 107 14.83 -7.66 -3.24
N GLN E 108 15.37 -6.56 -2.70
CA GLN E 108 14.65 -5.30 -2.83
C GLN E 108 14.65 -4.84 -4.28
N ALA E 109 15.76 -5.05 -4.98
CA ALA E 109 15.85 -4.64 -6.38
C ALA E 109 14.76 -5.36 -7.19
N THR E 110 14.56 -6.64 -6.89
CA THR E 110 13.55 -7.43 -7.59
C THR E 110 12.15 -6.98 -7.21
N PHE E 111 11.96 -6.58 -5.95
CA PHE E 111 10.65 -6.10 -5.50
C PHE E 111 10.31 -4.84 -6.29
N GLU E 112 11.28 -3.94 -6.43
CA GLU E 112 11.08 -2.70 -7.16
C GLU E 112 10.80 -3.03 -8.64
N TYR E 113 11.50 -4.02 -9.17
CA TYR E 113 11.29 -4.45 -10.55
C TYR E 113 9.84 -4.90 -10.73
N GLN E 114 9.39 -5.80 -9.86
CA GLN E 114 8.01 -6.31 -9.92
C GLN E 114 7.02 -5.15 -9.90
N THR E 115 7.31 -4.17 -9.04
CA THR E 115 6.48 -3.00 -8.90
C THR E 115 6.42 -2.20 -10.21
N MET E 116 7.58 -1.98 -10.81
CA MET E 116 7.63 -1.20 -12.05
C MET E 116 6.93 -1.91 -13.19
N ILE E 117 7.10 -3.22 -13.30
CA ILE E 117 6.45 -3.97 -14.38
C ILE E 117 4.94 -3.94 -14.25
N ALA E 118 4.44 -4.15 -13.03
CA ALA E 118 3.00 -4.14 -12.80
C ALA E 118 2.43 -2.78 -13.19
N GLU E 119 3.12 -1.71 -12.79
CA GLU E 119 2.69 -0.35 -13.12
C GLU E 119 2.65 -0.13 -14.62
N LEU E 120 3.72 -0.54 -15.28
CA LEU E 120 3.83 -0.40 -16.71
C LEU E 120 2.66 -1.07 -17.43
N ALA E 121 2.31 -2.28 -16.99
CA ALA E 121 1.22 -3.01 -17.61
C ALA E 121 -0.17 -2.63 -17.10
N GLY E 122 -0.20 -1.80 -16.06
CA GLY E 122 -1.48 -1.39 -15.50
C GLY E 122 -2.13 -2.55 -14.78
N LEU E 123 -1.31 -3.44 -14.24
CA LEU E 123 -1.81 -4.59 -13.50
C LEU E 123 -1.35 -4.56 -12.05
N GLU E 124 -1.71 -5.59 -11.29
CA GLU E 124 -1.38 -5.61 -9.86
C GLU E 124 -0.10 -6.27 -9.38
N ILE E 125 0.30 -7.36 -10.02
CA ILE E 125 1.52 -8.07 -9.62
C ILE E 125 2.28 -8.58 -10.84
N ALA E 126 3.53 -8.99 -10.62
CA ALA E 126 4.39 -9.53 -11.67
C ALA E 126 5.40 -10.48 -11.01
N ASN E 127 5.85 -11.50 -11.74
CA ASN E 127 6.82 -12.38 -11.13
C ASN E 127 8.20 -11.73 -11.27
N ALA E 128 9.23 -12.41 -10.78
CA ALA E 128 10.59 -11.87 -10.79
C ALA E 128 11.29 -11.88 -12.14
N SER E 129 10.67 -12.51 -13.14
CA SER E 129 11.24 -12.58 -14.49
C SER E 129 10.95 -13.91 -15.21
N MET E 130 10.89 -13.83 -16.54
CA MET E 130 10.69 -15.00 -17.42
C MET E 130 11.91 -14.95 -18.36
N TYR E 131 12.17 -16.01 -19.11
CA TYR E 131 13.32 -16.04 -20.02
C TYR E 131 13.30 -14.96 -21.10
N ASP E 132 12.13 -14.81 -21.74
CA ASP E 132 11.97 -13.83 -22.80
C ASP E 132 10.48 -13.62 -23.02
N GLY E 133 10.13 -12.76 -23.96
CA GLY E 133 8.74 -12.48 -24.24
C GLY E 133 7.94 -13.67 -24.72
N ALA E 134 8.55 -14.49 -25.59
CA ALA E 134 7.87 -15.66 -26.12
C ALA E 134 7.50 -16.67 -25.05
N THR E 135 8.46 -17.02 -24.18
CA THR E 135 8.17 -17.98 -23.12
C THR E 135 7.28 -17.34 -22.07
N ALA E 136 7.39 -16.02 -21.91
CA ALA E 136 6.55 -15.32 -20.95
C ALA E 136 5.11 -15.48 -21.43
N LEU E 137 4.90 -15.39 -22.75
CA LEU E 137 3.56 -15.54 -23.32
C LEU E 137 3.04 -16.95 -23.09
N ALA E 138 3.87 -17.94 -23.41
CA ALA E 138 3.47 -19.33 -23.24
C ALA E 138 3.06 -19.57 -21.79
N GLU E 139 3.91 -19.16 -20.85
CA GLU E 139 3.61 -19.32 -19.43
C GLU E 139 2.34 -18.55 -19.03
N GLY E 140 2.16 -17.37 -19.60
CA GLY E 140 0.98 -16.57 -19.29
C GLY E 140 -0.30 -17.24 -19.75
N VAL E 141 -0.27 -17.84 -20.94
CA VAL E 141 -1.44 -18.53 -21.47
C VAL E 141 -1.71 -19.79 -20.66
N LEU E 142 -0.65 -20.53 -20.33
CA LEU E 142 -0.81 -21.74 -19.54
C LEU E 142 -1.45 -21.39 -18.20
N LEU E 143 -1.08 -20.23 -17.67
CA LEU E 143 -1.63 -19.76 -16.40
C LEU E 143 -3.14 -19.58 -16.58
N ALA E 144 -3.52 -18.88 -17.64
CA ALA E 144 -4.93 -18.63 -17.95
C ALA E 144 -5.70 -19.95 -18.08
N LEU E 145 -5.11 -20.93 -18.75
CA LEU E 145 -5.79 -22.21 -18.93
C LEU E 145 -5.99 -22.92 -17.59
N ARG E 146 -4.99 -22.85 -16.72
CA ARG E 146 -5.09 -23.48 -15.40
C ARG E 146 -6.15 -22.79 -14.56
N GLU E 147 -6.19 -21.47 -14.65
CA GLU E 147 -7.15 -20.67 -13.88
C GLU E 147 -8.58 -20.98 -14.32
N THR E 148 -8.81 -20.98 -15.63
CA THR E 148 -10.14 -21.23 -16.17
C THR E 148 -10.49 -22.72 -16.27
N GLY E 149 -9.47 -23.58 -16.22
CA GLY E 149 -9.72 -25.00 -16.33
C GLY E 149 -10.10 -25.41 -17.74
N ARG E 150 -9.86 -24.50 -18.69
CA ARG E 150 -10.19 -24.78 -20.09
C ARG E 150 -8.93 -25.12 -20.89
N MET E 151 -9.11 -25.64 -22.10
CA MET E 151 -7.99 -26.05 -22.93
C MET E 151 -7.86 -25.32 -24.27
N GLY E 152 -8.79 -24.42 -24.57
CA GLY E 152 -8.73 -23.72 -25.84
C GLY E 152 -8.07 -22.35 -25.81
N VAL E 153 -7.44 -21.98 -26.92
CA VAL E 153 -6.76 -20.69 -27.01
C VAL E 153 -6.95 -20.06 -28.38
N LEU E 154 -7.19 -18.75 -28.39
CA LEU E 154 -7.34 -18.01 -29.63
C LEU E 154 -6.19 -17.02 -29.66
N VAL E 155 -5.40 -17.03 -30.73
CA VAL E 155 -4.27 -16.12 -30.81
C VAL E 155 -4.28 -15.33 -32.11
N SER E 156 -4.12 -14.02 -31.98
CA SER E 156 -4.09 -13.15 -33.14
C SER E 156 -2.84 -13.42 -33.96
N GLN E 157 -3.00 -13.51 -35.28
CA GLN E 157 -1.85 -13.72 -36.16
C GLN E 157 -0.94 -12.51 -35.98
N GLY E 158 -1.52 -11.43 -35.45
CA GLY E 158 -0.76 -10.22 -35.20
C GLY E 158 0.34 -10.42 -34.17
N VAL E 159 0.25 -11.52 -33.41
CA VAL E 159 1.30 -11.82 -32.44
C VAL E 159 2.53 -12.29 -33.25
N HIS E 160 3.72 -11.87 -32.82
CA HIS E 160 4.98 -12.25 -33.50
C HIS E 160 4.97 -13.74 -33.87
N PRO E 161 5.28 -14.07 -35.13
CA PRO E 161 5.27 -15.49 -35.53
C PRO E 161 6.09 -16.42 -34.63
N GLU E 162 7.23 -15.92 -34.14
CA GLU E 162 8.07 -16.75 -33.28
C GLU E 162 7.36 -17.00 -31.94
N TYR E 163 6.69 -15.98 -31.41
CA TYR E 163 5.96 -16.13 -30.16
C TYR E 163 4.87 -17.19 -30.34
N ARG E 164 4.16 -17.13 -31.47
CA ARG E 164 3.10 -18.09 -31.74
C ARG E 164 3.64 -19.51 -31.90
N ALA E 165 4.84 -19.63 -32.47
CA ALA E 165 5.45 -20.95 -32.63
C ALA E 165 5.80 -21.49 -31.25
N VAL E 166 6.38 -20.63 -30.40
CA VAL E 166 6.74 -21.05 -29.05
C VAL E 166 5.48 -21.41 -28.27
N LEU E 167 4.45 -20.58 -28.39
CA LEU E 167 3.20 -20.83 -27.68
C LEU E 167 2.67 -22.20 -28.09
N ARG E 168 2.67 -22.48 -29.39
CA ARG E 168 2.18 -23.75 -29.88
C ARG E 168 2.91 -24.94 -29.24
N ALA E 169 4.23 -24.85 -29.12
CA ALA E 169 5.00 -25.93 -28.51
C ALA E 169 4.53 -26.21 -27.08
N TYR E 170 4.49 -25.17 -26.25
CA TYR E 170 4.07 -25.31 -24.85
C TYR E 170 2.63 -25.80 -24.72
N LEU E 171 1.77 -25.31 -25.60
CA LEU E 171 0.36 -25.67 -25.58
C LEU E 171 0.12 -27.11 -26.02
N GLU E 172 0.63 -27.50 -27.18
CA GLU E 172 0.42 -28.86 -27.65
C GLU E 172 1.04 -29.87 -26.70
N ALA E 173 2.06 -29.46 -25.96
CA ALA E 173 2.73 -30.34 -25.01
C ALA E 173 1.78 -30.80 -23.91
N VAL E 174 0.91 -29.90 -23.48
CA VAL E 174 -0.04 -30.23 -22.41
C VAL E 174 -1.41 -30.60 -22.97
N GLY E 175 -1.52 -30.68 -24.29
CA GLY E 175 -2.78 -31.06 -24.91
C GLY E 175 -3.79 -29.95 -25.16
N ALA E 176 -3.36 -28.69 -25.05
CA ALA E 176 -4.26 -27.57 -25.29
C ALA E 176 -4.45 -27.41 -26.79
N LYS E 177 -5.48 -26.65 -27.18
CA LYS E 177 -5.78 -26.43 -28.60
C LYS E 177 -5.57 -24.96 -28.93
N LEU E 178 -4.89 -24.70 -30.03
CA LEU E 178 -4.61 -23.32 -30.45
C LEU E 178 -5.22 -23.01 -31.81
N LEU E 179 -5.93 -21.89 -31.88
CA LEU E 179 -6.53 -21.45 -33.13
C LEU E 179 -6.00 -20.06 -33.40
N THR E 180 -5.54 -19.83 -34.62
CA THR E 180 -4.98 -18.54 -35.00
C THR E 180 -5.98 -17.66 -35.74
N LEU E 181 -6.08 -16.40 -35.33
CA LEU E 181 -6.98 -15.45 -35.95
C LEU E 181 -6.19 -14.62 -36.96
N PRO E 182 -6.34 -14.91 -38.27
CA PRO E 182 -5.59 -14.14 -39.26
C PRO E 182 -5.90 -12.65 -39.28
N LEU E 183 -4.90 -11.87 -39.66
CA LEU E 183 -5.04 -10.42 -39.75
C LEU E 183 -5.92 -10.08 -40.96
N GLU E 184 -6.59 -8.95 -40.86
CA GLU E 184 -7.45 -8.46 -41.93
C GLU E 184 -7.05 -7.00 -42.09
N GLY E 185 -6.37 -6.67 -43.18
CA GLY E 185 -5.94 -5.30 -43.36
C GLY E 185 -4.93 -4.86 -42.31
N GLY E 186 -4.07 -5.77 -41.88
CA GLY E 186 -3.05 -5.42 -40.90
C GLY E 186 -3.45 -5.47 -39.44
N ARG E 187 -4.73 -5.68 -39.15
CA ARG E 187 -5.17 -5.76 -37.76
C ARG E 187 -6.06 -6.98 -37.57
N THR E 188 -6.33 -7.35 -36.33
CA THR E 188 -7.11 -8.55 -36.07
C THR E 188 -8.58 -8.31 -35.75
N PRO E 189 -9.47 -8.92 -36.55
CA PRO E 189 -10.90 -8.77 -36.33
C PRO E 189 -11.35 -9.44 -35.04
N LEU E 190 -12.37 -8.87 -34.40
CA LEU E 190 -12.92 -9.40 -33.16
C LEU E 190 -13.54 -10.77 -33.42
N PRO E 191 -13.08 -11.80 -32.72
CA PRO E 191 -13.64 -13.13 -32.93
C PRO E 191 -14.75 -13.47 -31.95
N GLU E 192 -15.51 -14.51 -32.27
CA GLU E 192 -16.55 -14.96 -31.36
C GLU E 192 -15.79 -15.90 -30.43
N VAL E 193 -16.03 -15.78 -29.13
CA VAL E 193 -15.31 -16.63 -28.19
C VAL E 193 -16.23 -17.68 -27.58
N GLY E 194 -15.87 -18.95 -27.78
CA GLY E 194 -16.67 -20.03 -27.26
C GLY E 194 -16.33 -20.40 -25.82
N GLU E 195 -17.17 -21.23 -25.21
CA GLU E 195 -16.95 -21.62 -23.82
C GLU E 195 -15.75 -22.54 -23.58
N GLU E 196 -15.13 -23.03 -24.66
CA GLU E 196 -13.98 -23.90 -24.50
C GLU E 196 -12.68 -23.09 -24.55
N VAL E 197 -12.81 -21.78 -24.76
CA VAL E 197 -11.65 -20.92 -24.84
C VAL E 197 -11.27 -20.38 -23.47
N GLY E 198 -10.05 -20.68 -23.04
CA GLY E 198 -9.57 -20.22 -21.76
C GLY E 198 -8.77 -18.93 -21.87
N ALA E 199 -8.26 -18.64 -23.06
CA ALA E 199 -7.47 -17.44 -23.28
C ALA E 199 -7.57 -16.87 -24.69
N VAL E 200 -7.64 -15.55 -24.77
CA VAL E 200 -7.70 -14.82 -26.03
C VAL E 200 -6.42 -13.99 -26.02
N VAL E 201 -5.58 -14.17 -27.04
CA VAL E 201 -4.29 -13.48 -27.11
C VAL E 201 -4.12 -12.48 -28.24
N VAL E 202 -3.78 -11.24 -27.88
CA VAL E 202 -3.54 -10.18 -28.87
C VAL E 202 -2.28 -9.40 -28.51
N GLN E 203 -1.54 -8.98 -29.54
CA GLN E 203 -0.32 -8.20 -29.32
C GLN E 203 -0.54 -6.75 -29.72
N ASN E 204 -0.02 -5.82 -28.93
CA ASN E 204 -0.17 -4.40 -29.22
C ASN E 204 1.05 -3.57 -28.78
N PRO E 205 1.72 -2.90 -29.72
CA PRO E 205 1.44 -2.85 -31.17
C PRO E 205 1.64 -4.26 -31.71
N ASN E 206 0.98 -4.64 -32.81
CA ASN E 206 1.18 -5.99 -33.31
C ASN E 206 2.46 -6.15 -34.13
N PHE E 207 2.73 -7.37 -34.56
CA PHE E 207 3.95 -7.68 -35.32
C PHE E 207 4.24 -6.74 -36.47
N LEU E 208 3.19 -6.27 -37.15
CA LEU E 208 3.38 -5.36 -38.27
C LEU E 208 3.45 -3.92 -37.79
N GLY E 209 3.39 -3.73 -36.48
CA GLY E 209 3.47 -2.39 -35.90
C GLY E 209 2.13 -1.67 -35.75
N ALA E 210 1.04 -2.33 -36.15
CA ALA E 210 -0.28 -1.71 -36.07
C ALA E 210 -0.85 -1.69 -34.65
N LEU E 211 -1.50 -0.59 -34.30
CA LEU E 211 -2.13 -0.48 -32.99
C LEU E 211 -3.43 -1.26 -33.09
N GLU E 212 -3.73 -2.03 -32.06
CA GLU E 212 -4.92 -2.86 -32.02
C GLU E 212 -5.90 -2.30 -30.99
N ASP E 213 -7.20 -2.48 -31.23
CA ASP E 213 -8.22 -2.01 -30.32
C ASP E 213 -8.49 -3.13 -29.33
N LEU E 214 -7.82 -3.05 -28.17
CA LEU E 214 -7.92 -4.09 -27.14
C LEU E 214 -9.20 -4.17 -26.31
N GLY E 215 -9.87 -3.04 -26.11
CA GLY E 215 -11.10 -3.03 -25.33
C GLY E 215 -12.08 -4.14 -25.64
N PRO E 216 -12.60 -4.20 -26.88
CA PRO E 216 -13.56 -5.26 -27.22
C PRO E 216 -13.05 -6.70 -27.07
N PHE E 217 -11.75 -6.90 -27.22
CA PHE E 217 -11.20 -8.26 -27.06
C PHE E 217 -11.40 -8.69 -25.61
N ALA E 218 -11.15 -7.77 -24.68
CA ALA E 218 -11.31 -8.05 -23.27
C ALA E 218 -12.77 -8.41 -22.97
N GLU E 219 -13.67 -7.64 -23.57
CA GLU E 219 -15.10 -7.87 -23.37
C GLU E 219 -15.55 -9.22 -23.94
N ALA E 220 -15.07 -9.53 -25.13
CA ALA E 220 -15.43 -10.79 -25.75
C ALA E 220 -14.93 -11.97 -24.94
N ALA E 221 -13.72 -11.84 -24.40
CA ALA E 221 -13.13 -12.91 -23.60
C ALA E 221 -13.88 -13.13 -22.28
N HIS E 222 -14.11 -12.02 -21.57
CA HIS E 222 -14.80 -12.10 -20.29
C HIS E 222 -16.24 -12.56 -20.48
N GLY E 223 -16.87 -12.13 -21.57
CA GLY E 223 -18.24 -12.55 -21.83
C GLY E 223 -18.32 -14.06 -22.00
N ALA E 224 -17.23 -14.67 -22.42
CA ALA E 224 -17.19 -16.12 -22.63
C ALA E 224 -16.65 -16.89 -21.44
N GLY E 225 -16.02 -16.18 -20.50
CA GLY E 225 -15.45 -16.85 -19.35
C GLY E 225 -13.96 -17.09 -19.56
N ALA E 226 -13.42 -16.53 -20.64
CA ALA E 226 -11.99 -16.68 -20.95
C ALA E 226 -11.23 -15.49 -20.42
N LEU E 227 -9.91 -15.65 -20.26
CA LEU E 227 -9.07 -14.55 -19.80
C LEU E 227 -8.44 -13.89 -21.02
N PHE E 228 -8.13 -12.61 -20.89
CA PHE E 228 -7.53 -11.86 -21.98
C PHE E 228 -6.05 -11.65 -21.70
N VAL E 229 -5.22 -12.19 -22.59
CA VAL E 229 -3.76 -12.08 -22.47
C VAL E 229 -3.20 -11.12 -23.50
N ALA E 230 -2.56 -10.07 -23.03
CA ALA E 230 -1.98 -9.08 -23.93
C ALA E 230 -0.45 -9.18 -24.02
N VAL E 231 0.07 -9.06 -25.23
CA VAL E 231 1.50 -9.06 -25.47
C VAL E 231 1.83 -7.61 -25.81
N ALA E 232 2.76 -7.00 -25.10
CA ALA E 232 3.07 -5.60 -25.34
C ALA E 232 4.52 -5.18 -25.09
N ASP E 233 5.09 -4.45 -26.04
CA ASP E 233 6.45 -3.96 -25.89
C ASP E 233 6.43 -2.98 -24.71
N PRO E 234 7.24 -3.22 -23.68
CA PRO E 234 7.28 -2.35 -22.51
C PRO E 234 7.58 -0.88 -22.80
N LEU E 235 8.42 -0.60 -23.79
CA LEU E 235 8.72 0.79 -24.10
C LEU E 235 7.46 1.51 -24.57
N SER E 236 6.61 0.82 -25.33
CA SER E 236 5.39 1.42 -25.84
C SER E 236 4.45 1.82 -24.69
N LEU E 237 4.50 1.06 -23.59
CA LEU E 237 3.64 1.32 -22.43
C LEU E 237 4.00 2.64 -21.74
N GLY E 238 5.02 3.33 -22.25
CA GLY E 238 5.39 4.61 -21.69
C GLY E 238 4.46 5.69 -22.22
N VAL E 239 3.75 5.37 -23.30
CA VAL E 239 2.83 6.34 -23.89
C VAL E 239 1.47 5.78 -24.25
N LEU E 240 1.40 4.48 -24.54
CA LEU E 240 0.14 3.84 -24.90
C LEU E 240 -0.65 3.34 -23.70
N LYS E 241 -1.97 3.37 -23.83
CA LYS E 241 -2.86 2.89 -22.78
C LYS E 241 -2.44 1.44 -22.54
N PRO E 242 -2.13 1.09 -21.28
CA PRO E 242 -1.71 -0.27 -20.92
C PRO E 242 -2.82 -1.32 -20.99
N PRO E 243 -2.47 -2.57 -21.29
CA PRO E 243 -3.45 -3.65 -21.38
C PRO E 243 -4.33 -3.76 -20.14
N GLY E 244 -3.75 -3.55 -18.97
CA GLY E 244 -4.52 -3.62 -17.75
C GLY E 244 -5.69 -2.64 -17.79
N ALA E 245 -5.45 -1.47 -18.39
CA ALA E 245 -6.47 -0.43 -18.51
C ALA E 245 -7.60 -0.84 -19.44
N TYR E 246 -7.31 -1.75 -20.36
CA TYR E 246 -8.32 -2.23 -21.31
C TYR E 246 -9.04 -3.45 -20.74
N GLY E 247 -8.65 -3.85 -19.54
CA GLY E 247 -9.29 -5.01 -18.92
C GLY E 247 -8.53 -6.32 -19.10
N ALA E 248 -7.28 -6.24 -19.55
CA ALA E 248 -6.48 -7.46 -19.71
C ALA E 248 -6.24 -8.10 -18.34
N ASP E 249 -6.26 -9.43 -18.31
CA ASP E 249 -6.04 -10.18 -17.07
C ASP E 249 -4.56 -10.49 -16.89
N ILE E 250 -3.87 -10.65 -18.01
CA ILE E 250 -2.46 -10.99 -18.03
C ILE E 250 -1.74 -10.22 -19.12
N ALA E 251 -0.55 -9.73 -18.82
CA ALA E 251 0.24 -8.99 -19.80
C ALA E 251 1.66 -9.51 -19.77
N VAL E 252 2.20 -9.76 -20.95
CA VAL E 252 3.57 -10.26 -21.07
C VAL E 252 4.29 -9.50 -22.19
N GLY E 253 5.60 -9.67 -22.24
CA GLY E 253 6.39 -9.00 -23.26
C GLY E 253 7.87 -9.17 -22.99
N ASP E 254 8.70 -8.80 -23.97
CA ASP E 254 10.16 -8.91 -23.86
C ASP E 254 10.74 -7.57 -23.41
N GLY E 255 11.75 -7.60 -22.55
CA GLY E 255 12.32 -6.36 -22.07
C GLY E 255 13.48 -5.76 -22.84
N GLN E 256 13.77 -6.27 -24.04
CA GLN E 256 14.88 -5.73 -24.81
C GLN E 256 14.82 -4.23 -25.02
N SER E 257 13.62 -3.72 -25.33
CA SER E 257 13.45 -2.30 -25.59
C SER E 257 13.77 -1.39 -24.41
N LEU E 258 13.91 -1.97 -23.22
CA LEU E 258 14.25 -1.18 -22.05
C LEU E 258 15.78 -0.98 -21.92
N GLY E 259 16.37 -0.42 -22.98
CA GLY E 259 17.79 -0.11 -22.99
C GLY E 259 18.80 -1.26 -22.99
N LEU E 260 18.34 -2.46 -23.30
CA LEU E 260 19.19 -3.64 -23.33
C LEU E 260 19.94 -3.85 -24.63
N PRO E 261 21.22 -4.23 -24.56
CA PRO E 261 21.95 -4.46 -25.82
C PRO E 261 21.26 -5.56 -26.60
N MET E 262 21.20 -5.39 -27.92
CA MET E 262 20.54 -6.37 -28.77
C MET E 262 21.18 -7.74 -28.65
N GLY E 263 22.51 -7.77 -28.49
CA GLY E 263 23.24 -9.00 -28.33
C GLY E 263 22.87 -10.17 -29.23
N PHE E 264 22.55 -9.87 -30.49
CA PHE E 264 22.18 -10.87 -31.48
C PHE E 264 21.05 -11.79 -31.03
N GLY E 265 20.15 -11.28 -30.19
CA GLY E 265 19.03 -12.10 -29.76
C GLY E 265 18.92 -12.48 -28.29
N GLY E 266 19.93 -12.14 -27.49
CA GLY E 266 19.85 -12.46 -26.08
C GLY E 266 21.18 -12.39 -25.34
N PRO E 267 21.14 -12.42 -24.01
CA PRO E 267 19.88 -12.51 -23.28
C PRO E 267 19.22 -11.17 -23.00
N HIS E 268 17.91 -11.21 -22.82
CA HIS E 268 17.13 -10.04 -22.47
C HIS E 268 16.33 -10.62 -21.33
N PHE E 269 15.02 -10.36 -21.28
CA PHE E 269 14.18 -10.94 -20.27
C PHE E 269 12.73 -10.82 -20.70
N GLY E 270 11.88 -11.59 -20.05
CA GLY E 270 10.46 -11.51 -20.35
C GLY E 270 9.75 -11.18 -19.05
N PHE E 271 8.64 -10.45 -19.13
CA PHE E 271 7.89 -10.12 -17.94
C PHE E 271 6.51 -10.74 -18.01
N LEU E 272 5.90 -10.93 -16.85
CA LEU E 272 4.57 -11.51 -16.78
C LEU E 272 3.88 -10.78 -15.63
N ALA E 273 2.86 -10.02 -15.96
CA ALA E 273 2.10 -9.27 -14.97
C ALA E 273 0.65 -9.74 -15.01
N THR E 274 -0.02 -9.68 -13.87
CA THR E 274 -1.39 -10.14 -13.80
C THR E 274 -2.11 -9.60 -12.56
N LYS E 275 -3.27 -10.17 -12.27
CA LYS E 275 -4.08 -9.77 -11.11
C LYS E 275 -3.62 -10.52 -9.87
N LYS E 276 -3.70 -9.86 -8.71
CA LYS E 276 -3.29 -10.49 -7.47
C LYS E 276 -4.13 -11.73 -7.21
N ALA E 277 -5.36 -11.71 -7.73
CA ALA E 277 -6.29 -12.84 -7.56
C ALA E 277 -5.81 -14.14 -8.20
N PHE E 278 -4.93 -14.03 -9.19
CA PHE E 278 -4.44 -15.23 -9.87
C PHE E 278 -3.04 -15.64 -9.41
N VAL E 279 -2.56 -15.01 -8.34
CA VAL E 279 -1.22 -15.29 -7.84
C VAL E 279 -0.93 -16.78 -7.60
N ARG E 280 -1.94 -17.54 -7.19
CA ARG E 280 -1.74 -18.97 -6.92
C ARG E 280 -1.27 -19.75 -8.14
N GLN E 281 -1.61 -19.28 -9.34
CA GLN E 281 -1.22 -19.95 -10.58
C GLN E 281 0.03 -19.35 -11.22
N LEU E 282 0.51 -18.26 -10.63
CA LEU E 282 1.69 -17.56 -11.16
C LEU E 282 2.97 -18.40 -11.07
N PRO E 283 3.68 -18.54 -12.20
CA PRO E 283 4.93 -19.33 -12.19
C PRO E 283 6.09 -18.38 -11.89
N GLY E 284 7.25 -18.95 -11.57
CA GLY E 284 8.43 -18.13 -11.31
C GLY E 284 8.59 -17.61 -9.90
N ARG E 285 9.67 -16.88 -9.66
CA ARG E 285 9.92 -16.33 -8.33
C ARG E 285 9.07 -15.11 -8.05
N LEU E 286 8.80 -14.87 -6.77
CA LEU E 286 7.95 -13.76 -6.35
C LEU E 286 8.52 -13.20 -5.04
N VAL E 287 8.81 -11.90 -5.03
CA VAL E 287 9.35 -11.29 -3.82
C VAL E 287 8.27 -10.52 -3.06
N SER E 288 8.25 -10.71 -1.75
CA SER E 288 7.29 -10.03 -0.89
C SER E 288 7.97 -9.23 0.21
N GLU E 289 7.33 -8.16 0.62
CA GLU E 289 7.87 -7.35 1.71
C GLU E 289 7.44 -8.03 3.00
N THR E 290 8.21 -7.83 4.05
CA THR E 290 7.91 -8.40 5.36
C THR E 290 8.80 -7.67 6.35
N VAL E 291 9.03 -8.28 7.51
CA VAL E 291 9.88 -7.65 8.52
C VAL E 291 10.73 -8.72 9.18
N ASP E 292 11.83 -8.31 9.82
CA ASP E 292 12.69 -9.24 10.53
C ASP E 292 12.26 -9.30 11.99
N VAL E 293 12.94 -10.12 12.80
CA VAL E 293 12.57 -10.27 14.20
C VAL E 293 12.47 -8.98 15.02
N GLU E 294 13.14 -7.92 14.56
CA GLU E 294 13.09 -6.65 15.26
C GLU E 294 12.22 -5.62 14.57
N GLY E 295 11.42 -6.06 13.61
CA GLY E 295 10.55 -5.15 12.91
C GLY E 295 11.15 -4.39 11.75
N ARG E 296 12.41 -4.67 11.41
CA ARG E 296 13.05 -3.98 10.29
C ARG E 296 12.41 -4.45 8.98
N ARG E 297 12.30 -3.55 8.00
CA ARG E 297 11.73 -3.91 6.72
C ARG E 297 12.63 -4.88 5.97
N GLY E 298 12.03 -5.92 5.43
CA GLY E 298 12.80 -6.90 4.69
C GLY E 298 12.03 -7.43 3.49
N PHE E 299 12.73 -8.09 2.60
CA PHE E 299 12.13 -8.66 1.40
C PHE E 299 12.55 -10.12 1.33
N ILE E 300 11.66 -10.96 0.84
CA ILE E 300 11.94 -12.39 0.78
C ILE E 300 11.12 -13.08 -0.30
N LEU E 301 11.62 -14.19 -0.82
CA LEU E 301 10.90 -14.95 -1.83
C LEU E 301 9.70 -15.53 -1.10
N THR E 302 8.53 -15.56 -1.75
CA THR E 302 7.33 -16.06 -1.09
C THR E 302 6.48 -16.99 -1.95
N LEU E 303 5.44 -17.57 -1.34
CA LEU E 303 4.51 -18.47 -2.00
C LEU E 303 5.24 -19.47 -2.89
N GLN E 304 6.29 -20.04 -2.32
CA GLN E 304 7.14 -20.99 -3.03
C GLN E 304 6.53 -22.33 -3.40
N ALA E 305 5.28 -22.57 -2.99
CA ALA E 305 4.62 -23.82 -3.34
C ALA E 305 4.25 -23.84 -4.82
N ARG E 306 4.39 -22.69 -5.48
CA ARG E 306 4.10 -22.57 -6.91
C ARG E 306 5.31 -23.03 -7.73
N GLU E 307 6.45 -23.18 -7.07
CA GLU E 307 7.69 -23.54 -7.76
C GLU E 307 8.16 -24.99 -7.58
N GLN E 308 9.13 -25.37 -8.42
CA GLN E 308 9.64 -26.74 -8.44
C GLN E 308 10.22 -27.38 -7.19
N TYR E 309 10.95 -26.63 -6.37
CA TYR E 309 11.54 -27.20 -5.16
C TYR E 309 10.48 -27.83 -4.26
N ILE E 310 9.46 -27.04 -3.92
CA ILE E 310 8.40 -27.53 -3.05
C ILE E 310 7.36 -28.40 -3.75
N ARG E 311 6.86 -27.94 -4.90
CA ARG E 311 5.80 -28.68 -5.60
C ARG E 311 6.22 -29.75 -6.60
N ARG E 312 7.49 -29.77 -6.99
CA ARG E 312 8.01 -30.75 -7.93
C ARG E 312 7.05 -31.00 -9.12
N ALA E 313 6.52 -32.22 -9.25
CA ALA E 313 5.62 -32.51 -10.37
C ALA E 313 4.40 -31.60 -10.50
N LYS E 314 3.96 -31.00 -9.39
CA LYS E 314 2.80 -30.11 -9.43
C LYS E 314 3.14 -28.63 -9.47
N ALA E 315 4.41 -28.30 -9.72
CA ALA E 315 4.81 -26.89 -9.78
C ALA E 315 4.11 -26.24 -10.97
N LYS E 316 3.87 -24.93 -10.88
CA LYS E 316 3.20 -24.24 -11.96
C LYS E 316 4.09 -24.20 -13.19
N SER E 317 5.38 -24.40 -12.97
CA SER E 317 6.37 -24.42 -14.04
C SER E 317 7.65 -25.04 -13.51
N ASN E 318 8.51 -25.48 -14.42
CA ASN E 318 9.77 -26.08 -14.02
C ASN E 318 10.85 -25.00 -13.91
N ILE E 319 10.49 -23.75 -14.22
CA ILE E 319 11.45 -22.66 -14.19
C ILE E 319 12.20 -22.52 -12.86
N THR E 320 13.51 -22.38 -12.98
CA THR E 320 14.42 -22.25 -11.84
C THR E 320 15.22 -20.99 -12.12
N THR E 321 16.32 -21.10 -12.87
CA THR E 321 17.08 -19.92 -13.23
C THR E 321 16.11 -19.10 -14.08
N ASN E 322 16.06 -17.79 -13.85
CA ASN E 322 15.18 -16.95 -14.65
C ASN E 322 16.01 -15.97 -15.48
N ALA E 323 15.68 -14.69 -15.47
CA ALA E 323 16.44 -13.70 -16.23
C ALA E 323 16.57 -12.49 -15.31
N GLN E 324 16.99 -12.76 -14.08
CA GLN E 324 17.09 -11.72 -13.07
C GLN E 324 17.92 -10.48 -13.37
N LEU E 325 19.18 -10.67 -13.75
CA LEU E 325 20.06 -9.53 -13.98
C LEU E 325 19.59 -8.58 -15.08
N THR E 326 19.14 -9.13 -16.20
CA THR E 326 18.64 -8.29 -17.28
C THR E 326 17.34 -7.62 -16.86
N ALA E 327 16.51 -8.32 -16.09
CA ALA E 327 15.26 -7.76 -15.59
C ALA E 327 15.63 -6.55 -14.71
N LEU E 328 16.67 -6.72 -13.90
CA LEU E 328 17.14 -5.65 -13.03
C LEU E 328 17.65 -4.49 -13.91
N MET E 329 18.22 -4.82 -15.06
CA MET E 329 18.70 -3.79 -15.99
C MET E 329 17.48 -3.01 -16.47
N GLY E 330 16.39 -3.73 -16.75
CA GLY E 330 15.18 -3.09 -17.21
C GLY E 330 14.61 -2.17 -16.13
N ALA E 331 14.70 -2.59 -14.87
CA ALA E 331 14.19 -1.76 -13.77
C ALA E 331 15.06 -0.52 -13.59
N MET E 332 16.37 -0.68 -13.73
CA MET E 332 17.30 0.45 -13.59
C MET E 332 17.02 1.47 -14.68
N TYR E 333 16.71 0.99 -15.87
CA TYR E 333 16.41 1.85 -17.00
C TYR E 333 15.11 2.59 -16.70
N LEU E 334 14.09 1.83 -16.27
CA LEU E 334 12.81 2.42 -15.93
C LEU E 334 13.00 3.51 -14.88
N ALA E 335 13.78 3.21 -13.86
CA ALA E 335 14.02 4.17 -12.80
C ALA E 335 14.84 5.37 -13.28
N ALA E 336 15.79 5.13 -14.18
CA ALA E 336 16.64 6.19 -14.71
C ALA E 336 15.89 7.21 -15.55
N LEU E 337 14.93 6.74 -16.33
CA LEU E 337 14.15 7.62 -17.20
C LEU E 337 12.89 8.18 -16.54
N GLY E 338 12.26 7.39 -15.68
CA GLY E 338 11.04 7.86 -15.04
C GLY E 338 9.88 7.84 -16.00
N PRO E 339 8.68 8.21 -15.54
CA PRO E 339 7.50 8.20 -16.41
C PRO E 339 7.63 9.11 -17.63
N GLU E 340 8.10 10.33 -17.41
CA GLU E 340 8.25 11.29 -18.51
C GLU E 340 9.42 10.95 -19.42
N GLY E 341 10.52 10.46 -18.85
CA GLY E 341 11.66 10.09 -19.67
C GLY E 341 11.31 8.96 -20.63
N LEU E 342 10.59 7.96 -20.12
CA LEU E 342 10.19 6.81 -20.94
C LEU E 342 9.21 7.24 -22.02
N ARG E 343 8.28 8.12 -21.65
CA ARG E 343 7.29 8.61 -22.58
C ARG E 343 7.98 9.34 -23.73
N GLU E 344 9.00 10.13 -23.40
CA GLU E 344 9.75 10.87 -24.41
C GLU E 344 10.43 9.92 -25.39
N VAL E 345 11.13 8.92 -24.85
CA VAL E 345 11.83 7.96 -25.70
C VAL E 345 10.86 7.27 -26.65
N ALA E 346 9.71 6.85 -26.12
CA ALA E 346 8.71 6.17 -26.94
C ALA E 346 8.21 7.10 -28.04
N LEU E 347 7.84 8.32 -27.67
CA LEU E 347 7.33 9.28 -28.64
C LEU E 347 8.33 9.58 -29.74
N LYS E 348 9.60 9.72 -29.38
CA LYS E 348 10.63 10.00 -30.36
C LYS E 348 10.79 8.86 -31.36
N SER E 349 10.75 7.62 -30.86
CA SER E 349 10.89 6.48 -31.75
C SER E 349 9.72 6.48 -32.73
N VAL E 350 8.52 6.74 -32.22
CA VAL E 350 7.32 6.77 -33.06
C VAL E 350 7.45 7.88 -34.11
N GLU E 351 7.87 9.06 -33.68
CA GLU E 351 8.04 10.19 -34.59
C GLU E 351 8.97 9.86 -35.75
N MET E 352 10.17 9.38 -35.44
CA MET E 352 11.13 9.03 -36.49
C MET E 352 10.62 7.91 -37.38
N ALA E 353 9.86 6.99 -36.78
CA ALA E 353 9.29 5.87 -37.53
C ALA E 353 8.27 6.38 -38.54
N HIS E 354 7.42 7.31 -38.12
CA HIS E 354 6.43 7.86 -39.02
C HIS E 354 7.11 8.70 -40.09
N LYS E 355 8.18 9.39 -39.70
CA LYS E 355 8.93 10.19 -40.67
C LYS E 355 9.55 9.28 -41.73
N LEU E 356 10.13 8.17 -41.29
CA LEU E 356 10.76 7.23 -42.20
C LEU E 356 9.72 6.65 -43.16
N HIS E 357 8.60 6.21 -42.61
CA HIS E 357 7.52 5.63 -43.39
C HIS E 357 7.12 6.55 -44.56
N ALA E 358 6.88 7.82 -44.27
CA ALA E 358 6.51 8.77 -45.32
C ALA E 358 7.59 8.83 -46.39
N LEU E 359 8.85 8.96 -45.96
CA LEU E 359 9.98 9.03 -46.89
C LEU E 359 10.14 7.81 -47.78
N LEU E 360 10.10 6.62 -47.17
CA LEU E 360 10.25 5.38 -47.91
C LEU E 360 9.17 5.17 -48.96
N LEU E 361 7.96 5.64 -48.64
CA LEU E 361 6.84 5.50 -49.55
C LEU E 361 6.98 6.36 -50.80
N GLU E 362 7.90 7.32 -50.75
CA GLU E 362 8.12 8.20 -51.90
C GLU E 362 8.92 7.45 -52.97
N VAL E 363 9.58 6.37 -52.57
CA VAL E 363 10.38 5.58 -53.49
C VAL E 363 9.44 4.79 -54.42
N PRO E 364 9.71 4.84 -55.73
CA PRO E 364 8.89 4.14 -56.74
C PRO E 364 8.76 2.64 -56.54
N GLY E 365 7.52 2.15 -56.62
CA GLY E 365 7.27 0.73 -56.45
C GLY E 365 7.00 0.34 -55.01
N VAL E 366 7.42 1.20 -54.09
CA VAL E 366 7.22 0.94 -52.66
C VAL E 366 5.79 1.29 -52.26
N ARG E 367 5.07 0.31 -51.75
CA ARG E 367 3.69 0.52 -51.32
C ARG E 367 3.52 0.24 -49.83
N PRO E 368 2.53 0.89 -49.20
CA PRO E 368 2.30 0.67 -47.78
C PRO E 368 1.56 -0.63 -47.51
N PHE E 369 1.67 -1.14 -46.29
CA PHE E 369 0.94 -2.34 -45.93
C PHE E 369 0.35 -2.17 -44.55
N THR E 370 1.22 -1.91 -43.57
CA THR E 370 0.75 -1.69 -42.21
C THR E 370 -0.15 -0.47 -42.26
N PRO E 371 -1.37 -0.57 -41.70
CA PRO E 371 -2.29 0.57 -41.73
C PRO E 371 -2.04 1.52 -40.58
N LYS E 372 -2.56 2.74 -40.71
CA LYS E 372 -2.42 3.72 -39.66
C LYS E 372 -3.61 3.44 -38.74
N PRO E 373 -3.44 3.60 -37.42
CA PRO E 373 -2.19 4.04 -36.78
C PRO E 373 -1.23 2.90 -36.49
N PHE E 374 0.06 3.20 -36.55
CA PHE E 374 1.09 2.21 -36.25
C PHE E 374 2.04 2.88 -35.26
N PHE E 375 2.88 2.09 -34.60
CA PHE E 375 3.78 2.63 -33.59
C PHE E 375 5.16 3.02 -34.11
N ASN E 376 6.21 2.32 -33.67
CA ASN E 376 7.56 2.64 -34.13
C ASN E 376 8.13 1.63 -35.11
N GLU E 377 7.26 0.76 -35.62
CA GLU E 377 7.62 -0.25 -36.62
C GLU E 377 6.49 -0.27 -37.65
N PHE E 378 6.81 -0.67 -38.87
CA PHE E 378 5.80 -0.74 -39.92
C PHE E 378 6.26 -1.62 -41.07
N ALA E 379 5.30 -2.27 -41.73
CA ALA E 379 5.60 -3.13 -42.86
C ALA E 379 5.22 -2.42 -44.14
N LEU E 380 6.05 -2.61 -45.17
CA LEU E 380 5.83 -2.03 -46.48
C LEU E 380 5.92 -3.14 -47.51
N ALA E 381 5.18 -3.00 -48.61
CA ALA E 381 5.22 -3.97 -49.70
C ALA E 381 6.27 -3.42 -50.65
N LEU E 382 7.32 -4.20 -50.90
CA LEU E 382 8.41 -3.76 -51.77
C LEU E 382 8.35 -4.36 -53.17
N PRO E 383 8.90 -3.63 -54.17
CA PRO E 383 8.92 -4.07 -55.56
C PRO E 383 9.95 -5.16 -55.81
N LYS E 384 10.70 -5.49 -54.76
CA LYS E 384 11.72 -6.52 -54.84
C LYS E 384 11.66 -7.39 -53.59
N ASP E 385 12.20 -8.60 -53.69
CA ASP E 385 12.21 -9.53 -52.58
C ASP E 385 12.89 -8.94 -51.34
N PRO E 386 12.20 -8.96 -50.19
CA PRO E 386 12.72 -8.43 -48.92
C PRO E 386 14.11 -8.91 -48.52
N GLU E 387 14.37 -10.20 -48.65
CA GLU E 387 15.69 -10.72 -48.31
C GLU E 387 16.73 -10.14 -49.25
N ALA E 388 16.37 -10.02 -50.52
CA ALA E 388 17.29 -9.46 -51.51
C ALA E 388 17.54 -7.99 -51.18
N VAL E 389 16.49 -7.30 -50.75
CA VAL E 389 16.60 -5.88 -50.40
C VAL E 389 17.49 -5.71 -49.17
N ARG E 390 17.30 -6.57 -48.16
CA ARG E 390 18.12 -6.50 -46.95
C ARG E 390 19.59 -6.66 -47.30
N ARG E 391 19.88 -7.62 -48.18
CA ARG E 391 21.25 -7.87 -48.61
C ARG E 391 21.87 -6.67 -49.31
N ALA E 392 21.18 -6.16 -50.33
CA ALA E 392 21.67 -5.01 -51.08
C ALA E 392 21.87 -3.81 -50.17
N LEU E 393 20.97 -3.66 -49.20
CA LEU E 393 21.05 -2.55 -48.26
C LEU E 393 22.29 -2.72 -47.40
N ALA E 394 22.55 -3.95 -46.97
CA ALA E 394 23.71 -4.25 -46.13
C ALA E 394 25.01 -3.98 -46.89
N GLU E 395 25.02 -4.27 -48.19
CA GLU E 395 26.21 -4.07 -48.99
C GLU E 395 26.55 -2.60 -49.07
N ARG E 396 25.56 -1.76 -48.81
CA ARG E 396 25.76 -0.31 -48.84
C ARG E 396 25.96 0.22 -47.42
N GLY E 397 26.11 -0.69 -46.47
CA GLY E 397 26.34 -0.28 -45.08
C GLY E 397 25.10 -0.02 -44.26
N PHE E 398 23.92 -0.34 -44.79
CA PHE E 398 22.68 -0.12 -44.04
C PHE E 398 22.03 -1.41 -43.58
N HIS E 399 21.47 -1.37 -42.38
CA HIS E 399 20.76 -2.51 -41.80
C HIS E 399 19.27 -2.17 -41.85
N GLY E 400 18.54 -2.81 -42.75
CA GLY E 400 17.12 -2.54 -42.84
C GLY E 400 16.39 -3.56 -43.68
N ALA E 401 15.07 -3.46 -43.67
CA ALA E 401 14.21 -4.36 -44.42
C ALA E 401 14.18 -5.73 -43.77
N THR E 402 13.46 -5.84 -42.65
CA THR E 402 13.33 -7.10 -41.95
C THR E 402 12.28 -7.92 -42.68
N PRO E 403 12.70 -8.98 -43.38
CA PRO E 403 11.72 -9.79 -44.12
C PRO E 403 10.55 -10.30 -43.28
N VAL E 404 9.34 -10.11 -43.80
CA VAL E 404 8.13 -10.54 -43.15
C VAL E 404 7.70 -11.86 -43.79
N PRO E 405 7.41 -12.88 -42.97
CA PRO E 405 6.99 -14.16 -43.54
C PRO E 405 5.78 -14.01 -44.46
N ARG E 406 5.75 -14.82 -45.51
CA ARG E 406 4.68 -14.78 -46.50
C ARG E 406 3.27 -15.06 -45.99
N GLU E 407 3.15 -15.55 -44.76
CA GLU E 407 1.82 -15.80 -44.21
C GLU E 407 1.10 -14.46 -44.06
N TYR E 408 1.87 -13.38 -43.94
CA TYR E 408 1.31 -12.03 -43.81
C TYR E 408 1.03 -11.37 -45.16
N GLY E 409 1.69 -11.86 -46.20
CA GLY E 409 1.53 -11.30 -47.53
C GLY E 409 2.84 -11.39 -48.28
N GLU E 410 2.83 -11.07 -49.58
CA GLU E 410 4.01 -11.14 -50.42
C GLU E 410 4.89 -9.90 -50.40
N ASN E 411 6.20 -10.12 -50.47
CA ASN E 411 7.21 -9.07 -50.49
C ASN E 411 7.08 -8.00 -49.42
N LEU E 412 6.83 -8.43 -48.19
CA LEU E 412 6.69 -7.48 -47.09
C LEU E 412 7.97 -7.40 -46.27
N ALA E 413 8.30 -6.19 -45.86
CA ALA E 413 9.49 -5.94 -45.05
C ALA E 413 9.18 -4.92 -43.96
N LEU E 414 9.66 -5.17 -42.76
CA LEU E 414 9.45 -4.28 -41.62
C LEU E 414 10.60 -3.31 -41.48
N PHE E 415 10.30 -2.11 -41.03
CA PHE E 415 11.32 -1.09 -40.79
C PHE E 415 10.99 -0.53 -39.41
N ALA E 416 12.01 -0.10 -38.68
CA ALA E 416 11.80 0.44 -37.35
C ALA E 416 12.73 1.62 -37.14
N ALA E 417 12.38 2.48 -36.19
CA ALA E 417 13.21 3.65 -35.88
C ALA E 417 13.19 3.83 -34.37
N THR E 418 14.23 4.48 -33.84
CA THR E 418 14.32 4.70 -32.40
C THR E 418 14.75 6.13 -32.07
N GLU E 419 14.88 6.40 -30.78
CA GLU E 419 15.27 7.72 -30.32
C GLU E 419 16.68 8.10 -30.73
N LEU E 420 17.45 7.16 -31.25
CA LEU E 420 18.81 7.49 -31.68
C LEU E 420 18.93 7.78 -33.17
N HIS E 421 17.82 7.73 -33.88
CA HIS E 421 17.81 8.02 -35.31
C HIS E 421 17.52 9.50 -35.53
N GLU E 422 18.25 10.13 -36.45
CA GLU E 422 18.04 11.53 -36.74
C GLU E 422 17.57 11.64 -38.19
N GLU E 423 17.06 12.81 -38.56
CA GLU E 423 16.56 13.03 -39.90
C GLU E 423 17.57 12.62 -40.97
N GLU E 424 18.83 12.99 -40.76
CA GLU E 424 19.87 12.64 -41.72
C GLU E 424 20.02 11.13 -41.89
N ASP E 425 19.72 10.37 -40.84
CA ASP E 425 19.81 8.91 -40.93
C ASP E 425 18.69 8.38 -41.82
N LEU E 426 17.49 8.93 -41.64
CA LEU E 426 16.33 8.50 -42.42
C LEU E 426 16.53 8.78 -43.90
N LEU E 427 17.04 9.97 -44.21
CA LEU E 427 17.28 10.37 -45.59
C LEU E 427 18.31 9.46 -46.26
N ALA E 428 19.39 9.17 -45.55
CA ALA E 428 20.43 8.30 -46.09
C ALA E 428 19.87 6.93 -46.45
N LEU E 429 19.03 6.38 -45.58
CA LEU E 429 18.43 5.07 -45.85
C LEU E 429 17.53 5.10 -47.09
N ARG E 430 16.70 6.14 -47.21
CA ARG E 430 15.81 6.23 -48.37
C ARG E 430 16.60 6.26 -49.66
N GLU E 431 17.67 7.04 -49.69
CA GLU E 431 18.50 7.11 -50.89
C GLU E 431 19.07 5.74 -51.21
N ALA E 432 19.49 5.00 -50.18
CA ALA E 432 20.04 3.67 -50.39
C ALA E 432 18.95 2.74 -50.93
N LEU E 433 17.77 2.80 -50.34
CA LEU E 433 16.67 1.97 -50.80
C LEU E 433 16.31 2.35 -52.23
N LYS E 434 16.31 3.65 -52.51
CA LYS E 434 15.99 4.13 -53.85
C LYS E 434 16.96 3.50 -54.84
N GLU E 435 18.23 3.51 -54.49
CA GLU E 435 19.28 2.94 -55.32
C GLU E 435 19.15 1.42 -55.43
N VAL E 436 18.75 0.76 -54.35
CA VAL E 436 18.60 -0.68 -54.33
C VAL E 436 17.41 -1.13 -55.18
N LEU E 437 16.35 -0.33 -55.17
CA LEU E 437 15.15 -0.65 -55.95
C LEU E 437 15.22 -0.07 -57.35
N SER F 2 18.56 0.21 7.92
CA SER F 2 17.43 0.32 6.96
C SER F 2 17.92 0.88 5.62
N PHE F 3 17.04 0.87 4.63
CA PHE F 3 17.40 1.37 3.30
C PHE F 3 16.13 1.74 2.54
N PRO F 4 16.05 2.98 2.05
CA PRO F 4 14.86 3.42 1.32
C PRO F 4 14.58 2.71 -0.01
N LEU F 5 13.30 2.62 -0.35
CA LEU F 5 12.87 2.01 -1.60
C LEU F 5 13.09 3.10 -2.66
N ILE F 6 13.29 2.70 -3.91
CA ILE F 6 13.52 3.68 -4.96
C ILE F 6 12.32 4.63 -5.05
N PHE F 7 11.14 4.12 -4.72
CA PHE F 7 9.92 4.91 -4.77
C PHE F 7 9.85 5.95 -3.66
N GLU F 8 10.54 5.70 -2.55
CA GLU F 8 10.54 6.65 -1.44
C GLU F 8 11.51 7.78 -1.76
N ARG F 9 12.48 7.50 -2.62
CA ARG F 9 13.47 8.49 -3.01
C ARG F 9 12.90 9.43 -4.07
N SER F 10 11.83 9.00 -4.74
CA SER F 10 11.21 9.81 -5.79
C SER F 10 10.73 11.17 -5.31
N ARG F 11 10.71 12.12 -6.24
CA ARG F 11 10.21 13.47 -5.97
C ARG F 11 9.43 13.87 -7.21
N LYS F 12 8.19 14.34 -6.99
CA LYS F 12 7.30 14.72 -8.09
C LYS F 12 7.94 15.65 -9.12
N GLY F 13 7.93 15.22 -10.37
CA GLY F 13 8.48 16.03 -11.44
C GLY F 13 9.99 15.94 -11.65
N ARG F 14 10.69 15.27 -10.74
CA ARG F 14 12.14 15.15 -10.88
C ARG F 14 12.50 14.31 -12.10
N ARG F 15 13.54 14.73 -12.81
CA ARG F 15 13.97 14.04 -14.01
C ARG F 15 15.34 13.39 -13.87
N GLY F 16 15.52 12.29 -14.59
CA GLY F 16 16.79 11.58 -14.57
C GLY F 16 17.39 11.73 -15.96
N LEU F 17 17.46 10.64 -16.72
CA LEU F 17 18.01 10.70 -18.06
C LEU F 17 17.13 11.53 -18.98
N LYS F 18 17.77 12.30 -19.85
CA LYS F 18 17.07 13.16 -20.81
C LYS F 18 17.64 12.79 -22.17
N LEU F 19 16.98 11.85 -22.85
CA LEU F 19 17.45 11.37 -24.14
C LEU F 19 16.83 12.00 -25.37
N VAL F 20 15.94 12.96 -25.17
CA VAL F 20 15.27 13.61 -26.30
C VAL F 20 15.33 15.13 -26.26
N LYS F 21 15.91 15.71 -27.31
CA LYS F 21 16.04 17.15 -27.41
C LYS F 21 14.71 17.84 -27.70
N ALA F 22 14.07 17.44 -28.80
CA ALA F 22 12.79 18.03 -29.20
C ALA F 22 11.70 16.98 -29.10
N VAL F 23 10.95 17.03 -28.00
CA VAL F 23 9.90 16.06 -27.78
C VAL F 23 8.61 16.38 -28.55
N PRO F 24 8.18 15.47 -29.42
CA PRO F 24 6.96 15.69 -30.20
C PRO F 24 5.73 15.63 -29.30
N LYS F 25 4.59 16.04 -29.82
CA LYS F 25 3.36 15.99 -29.03
C LYS F 25 2.65 14.69 -29.36
N ALA F 26 2.36 13.90 -28.35
CA ALA F 26 1.70 12.62 -28.52
C ALA F 26 0.51 12.68 -29.46
N GLU F 27 -0.37 13.67 -29.26
CA GLU F 27 -1.55 13.82 -30.09
C GLU F 27 -1.25 13.94 -31.59
N ASP F 28 -0.02 14.27 -31.95
CA ASP F 28 0.33 14.36 -33.37
C ASP F 28 0.77 13.02 -33.92
N LEU F 29 1.04 12.07 -33.03
CA LEU F 29 1.52 10.76 -33.45
C LEU F 29 0.58 9.58 -33.24
N ILE F 30 -0.20 9.58 -32.17
CA ILE F 30 -1.13 8.49 -31.94
C ILE F 30 -2.52 8.97 -31.53
N PRO F 31 -3.57 8.28 -32.00
CA PRO F 31 -4.95 8.65 -31.68
C PRO F 31 -5.20 8.69 -30.17
N LYS F 32 -5.90 9.71 -29.71
CA LYS F 32 -6.21 9.89 -28.29
C LYS F 32 -6.77 8.62 -27.65
N GLU F 33 -7.55 7.87 -28.40
CA GLU F 33 -8.16 6.64 -27.88
C GLU F 33 -7.10 5.63 -27.42
N HIS F 34 -5.89 5.72 -27.96
CA HIS F 34 -4.83 4.80 -27.60
C HIS F 34 -3.80 5.41 -26.64
N LEU F 35 -3.99 6.66 -26.27
CA LEU F 35 -3.06 7.35 -25.38
C LEU F 35 -3.26 7.07 -23.91
N ARG F 36 -2.15 6.77 -23.22
CA ARG F 36 -2.18 6.50 -21.79
C ARG F 36 -2.54 7.80 -21.07
N GLU F 37 -3.57 7.76 -20.24
CA GLU F 37 -4.03 8.93 -19.50
C GLU F 37 -3.27 9.12 -18.20
N VAL F 38 -3.11 8.04 -17.44
CA VAL F 38 -2.40 8.10 -16.16
C VAL F 38 -1.01 7.48 -16.31
N PRO F 39 0.04 8.29 -16.15
CA PRO F 39 1.41 7.80 -16.27
C PRO F 39 1.69 6.64 -15.33
N PRO F 40 2.57 5.71 -15.73
CA PRO F 40 2.86 4.61 -14.82
C PRO F 40 3.60 5.25 -13.64
N ARG F 41 3.40 4.74 -12.43
CA ARG F 41 4.06 5.31 -11.27
C ARG F 41 5.50 4.82 -11.11
N LEU F 42 6.29 5.09 -12.14
CA LEU F 42 7.71 4.72 -12.17
C LEU F 42 8.45 5.73 -11.29
N PRO F 43 9.61 5.35 -10.78
CA PRO F 43 10.33 6.32 -9.94
C PRO F 43 10.74 7.59 -10.68
N GLU F 44 10.84 8.68 -9.94
CA GLU F 44 11.24 9.97 -10.50
C GLU F 44 12.47 10.41 -9.71
N VAL F 45 13.64 9.98 -10.16
CA VAL F 45 14.89 10.30 -9.49
C VAL F 45 15.95 10.80 -10.46
N ASP F 46 16.90 11.57 -9.94
CA ASP F 46 17.98 12.09 -10.76
C ASP F 46 19.02 10.99 -10.88
N GLU F 47 19.96 11.14 -11.80
CA GLU F 47 20.98 10.11 -11.99
C GLU F 47 21.86 9.84 -10.77
N LEU F 48 22.22 10.88 -10.01
CA LEU F 48 23.05 10.69 -8.83
C LEU F 48 22.29 9.82 -7.84
N THR F 49 21.01 10.13 -7.61
CA THR F 49 20.20 9.35 -6.70
C THR F 49 20.13 7.91 -7.17
N LEU F 50 19.96 7.74 -8.48
CA LEU F 50 19.89 6.39 -9.07
C LEU F 50 21.15 5.62 -8.74
N VAL F 51 22.29 6.25 -8.96
CA VAL F 51 23.58 5.62 -8.68
C VAL F 51 23.72 5.25 -7.21
N ARG F 52 23.39 6.16 -6.31
CA ARG F 52 23.51 5.87 -4.89
C ARG F 52 22.56 4.76 -4.47
N HIS F 53 21.38 4.74 -5.06
CA HIS F 53 20.41 3.70 -4.71
C HIS F 53 20.94 2.32 -5.08
N TYR F 54 21.28 2.12 -6.35
CA TYR F 54 21.76 0.82 -6.79
C TYR F 54 23.14 0.47 -6.26
N THR F 55 24.01 1.47 -6.10
CA THR F 55 25.33 1.17 -5.55
C THR F 55 25.07 0.75 -4.10
N GLY F 56 24.11 1.43 -3.46
CA GLY F 56 23.77 1.12 -2.08
C GLY F 56 23.18 -0.27 -1.93
N LEU F 57 22.37 -0.68 -2.90
CA LEU F 57 21.77 -2.01 -2.84
C LEU F 57 22.84 -3.08 -2.97
N SER F 58 23.79 -2.87 -3.90
CA SER F 58 24.85 -3.84 -4.11
C SER F 58 25.67 -4.05 -2.84
N ARG F 59 25.79 -3.01 -2.02
CA ARG F 59 26.54 -3.10 -0.79
C ARG F 59 25.78 -3.84 0.30
N ARG F 60 24.51 -4.16 0.03
CA ARG F 60 23.66 -4.90 0.95
C ARG F 60 23.44 -6.27 0.28
N GLN F 61 24.44 -6.71 -0.47
CA GLN F 61 24.38 -7.96 -1.21
C GLN F 61 25.74 -8.62 -1.24
N VAL F 62 25.76 -9.95 -1.34
CA VAL F 62 27.01 -10.68 -1.45
C VAL F 62 26.96 -11.49 -2.74
N GLY F 63 28.12 -11.88 -3.25
CA GLY F 63 28.18 -12.66 -4.48
C GLY F 63 29.51 -13.39 -4.50
N VAL F 64 29.78 -14.15 -5.54
CA VAL F 64 31.04 -14.88 -5.62
C VAL F 64 32.20 -13.87 -5.49
N ASP F 65 32.02 -12.71 -6.10
CA ASP F 65 33.00 -11.64 -6.08
C ASP F 65 33.34 -11.18 -4.66
N THR F 66 32.45 -11.42 -3.71
CA THR F 66 32.69 -10.98 -2.34
C THR F 66 32.81 -12.10 -1.32
N THR F 67 32.15 -13.23 -1.59
CA THR F 67 32.11 -14.31 -0.62
C THR F 67 32.17 -15.72 -1.16
N PHE F 68 32.67 -16.63 -0.32
CA PHE F 68 32.76 -18.05 -0.66
C PHE F 68 31.29 -18.49 -0.64
N TYR F 69 30.83 -19.06 -1.76
CA TYR F 69 29.45 -19.50 -1.95
C TYR F 69 29.38 -21.00 -2.25
N PRO F 70 29.63 -21.86 -1.25
CA PRO F 70 29.60 -23.32 -1.46
C PRO F 70 28.22 -23.94 -1.71
N LEU F 71 27.45 -23.34 -2.60
CA LEU F 71 26.11 -23.82 -2.92
C LEU F 71 26.05 -25.09 -3.78
N GLY F 72 25.63 -26.19 -3.16
CA GLY F 72 25.53 -27.43 -3.89
C GLY F 72 24.51 -27.27 -5.01
N SER F 73 24.77 -27.92 -6.14
CA SER F 73 23.91 -27.87 -7.31
C SER F 73 23.89 -26.53 -8.04
N CYS F 74 24.83 -25.63 -7.69
CA CYS F 74 24.87 -24.31 -8.32
C CYS F 74 26.20 -23.98 -8.98
N THR F 75 27.26 -24.65 -8.57
CA THR F 75 28.60 -24.41 -9.12
C THR F 75 28.92 -22.91 -9.15
N MET F 76 29.09 -22.33 -7.97
CA MET F 76 29.40 -20.92 -7.84
C MET F 76 30.90 -20.65 -8.03
N LYS F 77 31.38 -20.88 -9.25
CA LYS F 77 32.79 -20.65 -9.55
C LYS F 77 33.04 -19.20 -9.97
N TYR F 78 34.30 -18.81 -10.00
CA TYR F 78 34.69 -17.46 -10.39
C TYR F 78 34.21 -17.12 -11.81
N ASN F 79 33.63 -15.94 -11.96
CA ASN F 79 33.14 -15.47 -13.25
C ASN F 79 34.18 -14.46 -13.73
N PRO F 80 35.11 -14.91 -14.60
CA PRO F 80 36.14 -13.99 -15.10
C PRO F 80 35.71 -12.68 -15.72
N LYS F 81 36.33 -11.60 -15.26
CA LYS F 81 36.03 -10.26 -15.76
C LYS F 81 36.29 -10.20 -17.26
N LEU F 82 37.21 -11.05 -17.73
CA LEU F 82 37.52 -11.11 -19.14
C LEU F 82 36.26 -11.32 -19.98
N HIS F 83 35.40 -12.21 -19.50
CA HIS F 83 34.18 -12.55 -20.22
C HIS F 83 33.19 -11.41 -20.40
N GLU F 84 33.17 -10.47 -19.46
CA GLU F 84 32.26 -9.33 -19.58
C GLU F 84 32.72 -8.44 -20.72
N GLU F 85 34.03 -8.29 -20.86
CA GLU F 85 34.60 -7.50 -21.94
C GLU F 85 34.32 -8.22 -23.27
N ALA F 86 34.48 -9.54 -23.28
CA ALA F 86 34.25 -10.31 -24.49
C ALA F 86 32.81 -10.08 -24.98
N ALA F 87 31.87 -10.12 -24.05
CA ALA F 87 30.45 -9.93 -24.37
C ALA F 87 30.14 -8.57 -24.98
N ARG F 88 30.68 -7.50 -24.40
CA ARG F 88 30.38 -6.18 -24.93
C ARG F 88 30.80 -6.04 -26.38
N LEU F 89 31.76 -6.86 -26.81
CA LEU F 89 32.24 -6.83 -28.19
C LEU F 89 31.15 -7.23 -29.18
N PHE F 90 30.09 -7.88 -28.70
CA PHE F 90 29.01 -8.31 -29.58
C PHE F 90 27.67 -7.73 -29.18
N ALA F 91 27.70 -6.65 -28.42
CA ALA F 91 26.50 -6.00 -27.94
C ALA F 91 25.60 -5.47 -29.06
N ASP F 92 26.19 -4.82 -30.06
CA ASP F 92 25.41 -4.24 -31.15
C ASP F 92 25.19 -5.10 -32.38
N LEU F 93 24.51 -6.22 -32.21
CA LEU F 93 24.19 -7.10 -33.32
C LEU F 93 22.71 -7.37 -33.26
N HIS F 94 22.05 -7.29 -34.41
CA HIS F 94 20.62 -7.53 -34.48
C HIS F 94 20.38 -8.94 -35.03
N PRO F 95 19.50 -9.71 -34.37
CA PRO F 95 19.21 -11.08 -34.81
C PRO F 95 18.68 -11.20 -36.23
N TYR F 96 18.10 -10.13 -36.77
CA TYR F 96 17.59 -10.21 -38.13
C TYR F 96 18.42 -9.45 -39.16
N GLN F 97 19.68 -9.15 -38.83
CA GLN F 97 20.51 -8.45 -39.79
C GLN F 97 21.00 -9.49 -40.81
N ASP F 98 21.35 -9.03 -42.00
CA ASP F 98 21.82 -9.91 -43.07
C ASP F 98 22.84 -10.89 -42.51
N PRO F 99 22.57 -12.19 -42.59
CA PRO F 99 23.52 -13.18 -42.06
C PRO F 99 24.94 -13.03 -42.61
N ARG F 100 25.07 -12.42 -43.79
CA ARG F 100 26.40 -12.21 -44.36
C ARG F 100 27.18 -11.17 -43.58
N THR F 101 26.49 -10.41 -42.74
CA THR F 101 27.14 -9.38 -41.93
C THR F 101 27.26 -9.81 -40.47
N ALA F 102 26.97 -11.08 -40.20
CA ALA F 102 27.06 -11.60 -38.84
C ALA F 102 27.81 -12.93 -38.81
N GLN F 103 28.76 -13.09 -39.72
CA GLN F 103 29.54 -14.33 -39.79
C GLN F 103 30.41 -14.55 -38.56
N GLY F 104 30.82 -13.47 -37.92
CA GLY F 104 31.65 -13.60 -36.73
C GLY F 104 30.81 -14.20 -35.60
N ALA F 105 29.59 -13.70 -35.44
CA ALA F 105 28.69 -14.20 -34.41
C ALA F 105 28.30 -15.64 -34.70
N LEU F 106 27.94 -15.92 -35.96
CA LEU F 106 27.54 -17.26 -36.36
C LEU F 106 28.66 -18.28 -36.21
N ARG F 107 29.88 -17.87 -36.53
CA ARG F 107 31.01 -18.79 -36.38
C ARG F 107 31.20 -19.10 -34.91
N LEU F 108 31.11 -18.08 -34.06
CA LEU F 108 31.30 -18.30 -32.62
C LEU F 108 30.27 -19.32 -32.14
N MET F 109 29.03 -19.17 -32.58
CA MET F 109 27.97 -20.09 -32.18
C MET F 109 28.29 -21.51 -32.65
N TRP F 110 28.67 -21.66 -33.91
CA TRP F 110 28.99 -22.98 -34.42
C TRP F 110 30.16 -23.60 -33.64
N GLU F 111 31.19 -22.80 -33.38
CA GLU F 111 32.35 -23.28 -32.64
C GLU F 111 32.00 -23.75 -31.23
N LEU F 112 31.21 -22.96 -30.50
CA LEU F 112 30.82 -23.36 -29.14
C LEU F 112 30.05 -24.67 -29.22
N GLY F 113 29.12 -24.78 -30.16
CA GLY F 113 28.36 -26.00 -30.30
C GLY F 113 29.27 -27.20 -30.51
N GLU F 114 30.31 -27.03 -31.32
CA GLU F 114 31.26 -28.11 -31.57
C GLU F 114 32.02 -28.45 -30.27
N TYR F 115 32.43 -27.43 -29.53
CA TYR F 115 33.15 -27.67 -28.29
C TYR F 115 32.27 -28.40 -27.27
N LEU F 116 31.00 -28.01 -27.18
CA LEU F 116 30.09 -28.65 -26.23
C LEU F 116 29.77 -30.08 -26.65
N LYS F 117 29.65 -30.32 -27.95
CA LYS F 117 29.39 -31.67 -28.42
C LYS F 117 30.62 -32.54 -28.17
N ALA F 118 31.80 -31.95 -28.24
CA ALA F 118 33.03 -32.70 -28.01
C ALA F 118 33.12 -33.11 -26.53
N LEU F 119 32.75 -32.18 -25.64
CA LEU F 119 32.80 -32.43 -24.21
C LEU F 119 31.71 -33.38 -23.70
N THR F 120 30.60 -33.46 -24.41
CA THR F 120 29.48 -34.30 -23.99
C THR F 120 29.32 -35.61 -24.77
N GLY F 121 29.94 -35.66 -25.95
CA GLY F 121 29.83 -36.86 -26.77
C GLY F 121 28.52 -36.92 -27.54
N MET F 122 27.94 -35.75 -27.82
CA MET F 122 26.67 -35.67 -28.55
C MET F 122 26.96 -35.42 -30.03
N ASP F 123 25.98 -35.71 -30.88
CA ASP F 123 26.13 -35.55 -32.33
C ASP F 123 25.57 -34.24 -32.90
N ALA F 124 24.47 -33.77 -32.33
CA ALA F 124 23.86 -32.53 -32.79
C ALA F 124 23.51 -31.70 -31.57
N ILE F 125 23.45 -30.39 -31.71
CA ILE F 125 23.14 -29.57 -30.55
C ILE F 125 22.41 -28.26 -30.88
N THR F 126 21.59 -27.81 -29.95
CA THR F 126 20.89 -26.54 -30.08
C THR F 126 21.37 -25.65 -28.94
N LEU F 127 21.67 -24.40 -29.24
CA LEU F 127 22.15 -23.46 -28.22
C LEU F 127 21.03 -22.49 -27.84
N GLU F 128 19.81 -22.82 -28.28
CA GLU F 128 18.63 -22.00 -28.07
C GLU F 128 18.03 -21.89 -26.67
N PRO F 129 17.83 -23.03 -25.97
CA PRO F 129 17.23 -22.99 -24.62
C PRO F 129 17.88 -21.97 -23.68
N ALA F 130 17.04 -21.25 -22.95
CA ALA F 130 17.47 -20.18 -22.05
C ALA F 130 17.98 -20.56 -20.68
N ALA F 131 17.91 -21.84 -20.33
CA ALA F 131 18.37 -22.30 -19.01
C ALA F 131 18.29 -23.81 -18.93
N GLY F 132 18.81 -24.36 -17.83
CA GLY F 132 18.79 -25.80 -17.65
C GLY F 132 17.40 -26.39 -17.75
N ALA F 133 16.47 -25.88 -16.95
CA ALA F 133 15.09 -26.36 -16.94
C ALA F 133 14.46 -26.24 -18.33
N HIS F 134 14.82 -25.18 -19.05
CA HIS F 134 14.31 -24.98 -20.39
C HIS F 134 14.89 -26.08 -21.29
N GLY F 135 16.14 -26.43 -21.03
CA GLY F 135 16.78 -27.47 -21.81
C GLY F 135 16.10 -28.81 -21.52
N GLU F 136 15.69 -28.99 -20.27
CA GLU F 136 14.99 -30.22 -19.85
C GLU F 136 13.71 -30.37 -20.65
N LEU F 137 12.92 -29.30 -20.71
CA LEU F 137 11.67 -29.33 -21.45
C LEU F 137 11.97 -29.62 -22.93
N THR F 138 13.01 -28.98 -23.45
CA THR F 138 13.42 -29.18 -24.84
C THR F 138 13.77 -30.65 -25.08
N GLY F 139 14.60 -31.22 -24.22
CA GLY F 139 15.01 -32.61 -24.37
C GLY F 139 13.89 -33.62 -24.21
N ILE F 140 13.01 -33.38 -23.24
CA ILE F 140 11.90 -34.30 -23.02
C ILE F 140 10.92 -34.23 -24.19
N LEU F 141 10.74 -33.04 -24.75
CA LEU F 141 9.86 -32.85 -25.89
C LEU F 141 10.47 -33.55 -27.12
N ILE F 142 11.80 -33.59 -27.17
CA ILE F 142 12.51 -34.24 -28.27
C ILE F 142 12.26 -35.75 -28.16
N ILE F 143 12.37 -36.26 -26.94
CA ILE F 143 12.15 -37.68 -26.68
C ILE F 143 10.70 -38.05 -27.02
N ARG F 144 9.78 -37.19 -26.63
CA ARG F 144 8.37 -37.42 -26.91
C ARG F 144 8.15 -37.48 -28.42
N ALA F 145 8.78 -36.57 -29.15
CA ALA F 145 8.65 -36.53 -30.61
C ALA F 145 9.19 -37.82 -31.22
N TYR F 146 10.24 -38.35 -30.61
CA TYR F 146 10.89 -39.58 -31.06
C TYR F 146 9.94 -40.77 -30.93
N HIS F 147 9.31 -40.91 -29.76
CA HIS F 147 8.38 -42.03 -29.55
C HIS F 147 7.14 -41.90 -30.44
N GLU F 148 6.63 -40.68 -30.59
CA GLU F 148 5.45 -40.47 -31.42
C GLU F 148 5.77 -40.84 -32.87
N ASP F 149 6.96 -40.46 -33.33
CA ASP F 149 7.38 -40.76 -34.69
C ASP F 149 7.52 -42.27 -34.91
N ARG F 150 7.78 -43.01 -33.83
CA ARG F 150 7.94 -44.46 -33.93
C ARG F 150 6.63 -45.18 -33.70
N GLY F 151 5.56 -44.41 -33.51
CA GLY F 151 4.25 -44.99 -33.30
C GLY F 151 3.93 -45.43 -31.89
N GLU F 152 4.72 -44.99 -30.91
CA GLU F 152 4.46 -45.38 -29.53
C GLU F 152 4.09 -44.19 -28.67
N GLY F 153 3.61 -43.13 -29.32
CA GLY F 153 3.23 -41.92 -28.60
C GLY F 153 2.15 -42.14 -27.56
N ARG F 154 1.27 -43.11 -27.77
CA ARG F 154 0.21 -43.38 -26.81
C ARG F 154 0.61 -44.28 -25.65
N THR F 155 1.57 -45.17 -25.89
CA THR F 155 2.01 -46.09 -24.85
C THR F 155 3.13 -45.52 -23.94
N ARG F 156 4.10 -44.84 -24.54
CA ARG F 156 5.19 -44.24 -23.77
C ARG F 156 4.61 -43.02 -23.05
N ARG F 157 4.25 -43.19 -21.78
CA ARG F 157 3.63 -42.11 -21.03
C ARG F 157 4.28 -41.72 -19.70
N VAL F 158 5.31 -42.43 -19.30
CA VAL F 158 5.96 -42.17 -18.01
C VAL F 158 7.45 -41.81 -18.05
N VAL F 159 7.81 -40.81 -17.26
CA VAL F 159 9.19 -40.38 -17.13
C VAL F 159 9.62 -40.79 -15.72
N LEU F 160 10.76 -41.47 -15.61
CA LEU F 160 11.25 -41.90 -14.31
C LEU F 160 12.33 -40.94 -13.82
N VAL F 161 12.26 -40.57 -12.55
CA VAL F 161 13.25 -39.69 -11.96
C VAL F 161 13.63 -40.26 -10.60
N PRO F 162 14.90 -40.11 -10.19
CA PRO F 162 15.29 -40.63 -8.89
C PRO F 162 14.75 -39.75 -7.76
N ASP F 163 14.62 -40.32 -6.57
CA ASP F 163 14.12 -39.55 -5.42
C ASP F 163 15.02 -38.36 -5.09
N SER F 164 16.28 -38.42 -5.53
CA SER F 164 17.23 -37.34 -5.27
C SER F 164 17.27 -36.30 -6.39
N ALA F 165 16.37 -36.43 -7.37
CA ALA F 165 16.35 -35.50 -8.50
C ALA F 165 15.96 -34.07 -8.10
N HIS F 166 16.45 -33.11 -8.88
CA HIS F 166 16.13 -31.72 -8.66
C HIS F 166 14.66 -31.58 -9.02
N GLY F 167 13.94 -30.72 -8.30
CA GLY F 167 12.53 -30.54 -8.56
C GLY F 167 12.14 -30.22 -9.99
N SER F 168 13.05 -29.59 -10.74
CA SER F 168 12.75 -29.24 -12.12
C SER F 168 12.50 -30.47 -13.00
N ASN F 169 13.11 -31.60 -12.65
CA ASN F 169 12.93 -32.81 -13.45
C ASN F 169 11.46 -33.24 -13.49
N PRO F 170 10.85 -33.54 -12.33
CA PRO F 170 9.44 -33.96 -12.37
C PRO F 170 8.53 -32.83 -12.88
N ALA F 171 8.89 -31.59 -12.60
CA ALA F 171 8.09 -30.46 -13.06
C ALA F 171 8.11 -30.44 -14.59
N THR F 172 9.28 -30.72 -15.17
CA THR F 172 9.42 -30.76 -16.62
C THR F 172 8.51 -31.81 -17.22
N ALA F 173 8.49 -33.01 -16.62
CA ALA F 173 7.66 -34.09 -17.13
C ALA F 173 6.21 -33.63 -17.28
N SER F 174 5.71 -32.91 -16.29
CA SER F 174 4.33 -32.43 -16.33
C SER F 174 4.15 -31.43 -17.46
N MET F 175 5.09 -30.49 -17.61
CA MET F 175 4.99 -29.51 -18.69
C MET F 175 4.99 -30.20 -20.05
N ALA F 176 5.56 -31.40 -20.12
CA ALA F 176 5.62 -32.14 -21.37
C ALA F 176 4.47 -33.14 -21.53
N GLY F 177 3.52 -33.08 -20.60
CA GLY F 177 2.37 -33.97 -20.67
C GLY F 177 2.62 -35.40 -20.24
N TYR F 178 3.71 -35.64 -19.50
CA TYR F 178 4.03 -36.98 -19.04
C TYR F 178 3.72 -37.18 -17.57
N GLN F 179 3.51 -38.45 -17.20
CA GLN F 179 3.26 -38.77 -15.80
C GLN F 179 4.68 -38.95 -15.29
N VAL F 180 4.89 -38.83 -13.98
CA VAL F 180 6.22 -39.01 -13.43
C VAL F 180 6.20 -40.00 -12.29
N ARG F 181 7.21 -40.86 -12.26
CA ARG F 181 7.34 -41.87 -11.22
C ARG F 181 8.74 -41.78 -10.65
N GLU F 182 8.85 -41.66 -9.34
CA GLU F 182 10.15 -41.56 -8.69
C GLU F 182 10.64 -42.92 -8.25
N ILE F 183 11.92 -43.19 -8.51
CA ILE F 183 12.50 -44.47 -8.10
C ILE F 183 13.41 -44.24 -6.91
N PRO F 184 13.25 -45.04 -5.85
CA PRO F 184 14.05 -44.94 -4.62
C PRO F 184 15.51 -45.25 -4.86
N SER F 185 16.40 -44.52 -4.19
CA SER F 185 17.83 -44.75 -4.33
C SER F 185 18.24 -45.95 -3.47
N GLY F 186 19.40 -46.53 -3.79
CA GLY F 186 19.88 -47.68 -3.05
C GLY F 186 20.53 -47.25 -1.73
N PRO F 187 21.04 -48.21 -0.94
CA PRO F 187 21.67 -47.89 0.34
C PRO F 187 22.94 -47.03 0.25
N GLU F 188 23.60 -47.04 -0.91
CA GLU F 188 24.82 -46.24 -1.08
C GLU F 188 24.54 -44.87 -1.67
N GLY F 189 23.29 -44.59 -1.98
CA GLY F 189 22.95 -43.31 -2.55
C GLY F 189 22.92 -43.32 -4.07
N GLU F 190 23.13 -44.49 -4.67
CA GLU F 190 23.11 -44.62 -6.11
C GLU F 190 21.80 -45.26 -6.53
N VAL F 191 21.53 -45.28 -7.84
CA VAL F 191 20.32 -45.87 -8.37
C VAL F 191 20.11 -47.31 -7.92
N ASP F 192 18.88 -47.64 -7.51
CA ASP F 192 18.55 -48.99 -7.09
C ASP F 192 18.15 -49.74 -8.36
N LEU F 193 19.07 -50.56 -8.87
CA LEU F 193 18.83 -51.32 -10.09
C LEU F 193 17.57 -52.18 -10.08
N GLU F 194 17.30 -52.82 -8.95
CA GLU F 194 16.12 -53.67 -8.85
C GLU F 194 14.84 -52.85 -8.92
N ALA F 195 14.82 -51.73 -8.20
CA ALA F 195 13.67 -50.85 -8.23
C ALA F 195 13.50 -50.32 -9.66
N LEU F 196 14.63 -50.08 -10.33
CA LEU F 196 14.60 -49.58 -11.69
C LEU F 196 14.02 -50.60 -12.68
N LYS F 197 14.43 -51.86 -12.56
CA LYS F 197 13.94 -52.90 -13.46
C LYS F 197 12.44 -53.10 -13.29
N ARG F 198 11.94 -52.87 -12.08
CA ARG F 198 10.53 -53.01 -11.81
C ARG F 198 9.72 -51.91 -12.48
N GLU F 199 10.37 -50.80 -12.81
CA GLU F 199 9.69 -49.68 -13.46
C GLU F 199 9.83 -49.69 -14.99
N LEU F 200 10.97 -50.17 -15.48
CA LEU F 200 11.21 -50.21 -16.91
C LEU F 200 10.22 -51.07 -17.69
N GLY F 201 9.69 -50.51 -18.76
CA GLY F 201 8.73 -51.21 -19.58
C GLY F 201 8.35 -50.35 -20.77
N PRO F 202 7.48 -50.85 -21.67
CA PRO F 202 7.08 -50.07 -22.84
C PRO F 202 6.26 -48.83 -22.51
N HIS F 203 5.92 -48.67 -21.23
CA HIS F 203 5.14 -47.50 -20.81
C HIS F 203 6.05 -46.34 -20.36
N VAL F 204 7.35 -46.62 -20.27
CA VAL F 204 8.32 -45.60 -19.85
C VAL F 204 8.94 -44.88 -21.04
N ALA F 205 8.80 -43.56 -21.06
CA ALA F 205 9.36 -42.74 -22.13
C ALA F 205 10.83 -42.44 -21.91
N ALA F 206 11.20 -42.14 -20.68
CA ALA F 206 12.58 -41.81 -20.38
C ALA F 206 12.94 -41.89 -18.91
N LEU F 207 14.24 -41.85 -18.65
CA LEU F 207 14.80 -41.85 -17.31
C LEU F 207 15.75 -40.65 -17.26
N MET F 208 15.50 -39.74 -16.32
CA MET F 208 16.32 -38.55 -16.17
C MET F 208 17.30 -38.71 -15.01
N LEU F 209 18.59 -38.56 -15.29
CA LEU F 209 19.62 -38.69 -14.27
C LEU F 209 20.69 -37.61 -14.36
N THR F 210 21.29 -37.32 -13.21
CA THR F 210 22.43 -36.42 -13.14
C THR F 210 23.52 -37.42 -12.86
N ASN F 211 24.76 -37.11 -13.25
CA ASN F 211 25.85 -38.02 -12.99
C ASN F 211 27.14 -37.23 -13.08
N PRO F 212 27.81 -37.01 -11.93
CA PRO F 212 27.44 -37.42 -10.57
C PRO F 212 26.02 -37.02 -10.18
N ASN F 213 25.44 -37.73 -9.20
CA ASN F 213 24.08 -37.42 -8.75
C ASN F 213 24.09 -36.28 -7.73
N THR F 214 22.91 -35.93 -7.21
CA THR F 214 22.78 -34.83 -6.27
C THR F 214 23.40 -35.08 -4.89
N LEU F 215 23.92 -36.28 -4.68
CA LEU F 215 24.60 -36.61 -3.41
C LEU F 215 26.09 -36.42 -3.70
N GLY F 216 26.41 -36.13 -4.96
CA GLY F 216 27.79 -35.92 -5.37
C GLY F 216 28.48 -37.23 -5.71
N LEU F 217 27.70 -38.29 -5.87
CA LEU F 217 28.25 -39.59 -6.17
C LEU F 217 28.09 -39.99 -7.64
N PHE F 218 29.18 -40.51 -8.21
CA PHE F 218 29.14 -40.98 -9.59
C PHE F 218 28.32 -42.26 -9.59
N GLU F 219 27.47 -42.43 -10.60
CA GLU F 219 26.65 -43.63 -10.72
C GLU F 219 27.55 -44.70 -11.36
N ARG F 220 28.18 -45.50 -10.51
CA ARG F 220 29.10 -46.54 -10.95
C ARG F 220 28.51 -47.57 -11.90
N ARG F 221 27.21 -47.82 -11.81
CA ARG F 221 26.57 -48.80 -12.70
C ARG F 221 25.83 -48.12 -13.86
N ILE F 222 26.28 -46.93 -14.25
CA ILE F 222 25.63 -46.20 -15.33
C ILE F 222 25.55 -46.95 -16.65
N LEU F 223 26.57 -47.74 -16.96
CA LEU F 223 26.55 -48.50 -18.22
C LEU F 223 25.46 -49.55 -18.17
N GLU F 224 25.24 -50.12 -16.98
CA GLU F 224 24.22 -51.13 -16.81
C GLU F 224 22.84 -50.47 -16.88
N ILE F 225 22.74 -49.28 -16.32
CA ILE F 225 21.49 -48.53 -16.35
C ILE F 225 21.14 -48.24 -17.81
N SER F 226 22.14 -47.84 -18.59
CA SER F 226 21.95 -47.55 -20.01
C SER F 226 21.53 -48.80 -20.79
N ARG F 227 22.12 -49.94 -20.44
CA ARG F 227 21.81 -51.19 -21.11
C ARG F 227 20.34 -51.54 -20.91
N LEU F 228 19.90 -51.43 -19.66
CA LEU F 228 18.52 -51.73 -19.31
C LEU F 228 17.56 -50.80 -20.04
N CYS F 229 17.90 -49.51 -20.09
CA CYS F 229 17.05 -48.54 -20.76
C CYS F 229 16.94 -48.81 -22.26
N LYS F 230 18.07 -49.01 -22.92
CA LYS F 230 18.05 -49.25 -24.35
C LYS F 230 17.28 -50.53 -24.67
N GLU F 231 17.46 -51.53 -23.83
CA GLU F 231 16.78 -52.80 -23.99
C GLU F 231 15.27 -52.63 -23.92
N ALA F 232 14.82 -51.65 -23.14
CA ALA F 232 13.39 -51.40 -22.98
C ALA F 232 12.89 -50.29 -23.92
N GLY F 233 13.81 -49.70 -24.67
CA GLY F 233 13.45 -48.62 -25.58
C GLY F 233 13.33 -47.28 -24.89
N VAL F 234 13.72 -47.26 -23.62
CA VAL F 234 13.67 -46.04 -22.81
C VAL F 234 14.84 -45.12 -23.10
N GLN F 235 14.55 -43.86 -23.41
CA GLN F 235 15.59 -42.89 -23.69
C GLN F 235 16.23 -42.39 -22.39
N LEU F 236 17.56 -42.28 -22.37
CA LEU F 236 18.28 -41.83 -21.19
C LEU F 236 18.63 -40.34 -21.28
N TYR F 237 18.05 -39.54 -20.39
CA TYR F 237 18.27 -38.10 -20.38
C TYR F 237 19.30 -37.69 -19.32
N TYR F 238 20.25 -36.86 -19.72
CA TYR F 238 21.31 -36.40 -18.83
C TYR F 238 21.10 -34.97 -18.32
N ASP F 239 20.77 -34.82 -17.04
CA ASP F 239 20.61 -33.51 -16.43
C ASP F 239 22.06 -33.07 -16.22
N GLY F 240 22.57 -32.22 -17.10
CA GLY F 240 23.96 -31.79 -17.03
C GLY F 240 24.43 -30.81 -15.97
N ALA F 241 23.63 -30.58 -14.93
CA ALA F 241 24.02 -29.64 -13.87
C ALA F 241 25.31 -29.98 -13.14
N ASN F 242 25.65 -31.27 -13.04
CA ASN F 242 26.86 -31.68 -12.32
C ASN F 242 28.03 -32.00 -13.25
N LEU F 243 28.00 -31.48 -14.46
CA LEU F 243 29.05 -31.73 -15.43
C LEU F 243 30.44 -31.27 -14.96
N ASN F 244 30.48 -30.25 -14.11
CA ASN F 244 31.76 -29.71 -13.62
C ASN F 244 32.63 -30.78 -12.96
N ALA F 245 31.99 -31.78 -12.36
CA ALA F 245 32.72 -32.86 -11.70
C ALA F 245 33.49 -33.76 -12.66
N ILE F 246 33.05 -33.85 -13.91
CA ILE F 246 33.69 -34.76 -14.86
C ILE F 246 34.12 -34.22 -16.23
N MET F 247 33.91 -32.95 -16.52
CA MET F 247 34.30 -32.48 -17.85
C MET F 247 35.75 -32.78 -18.16
N GLY F 248 35.97 -33.36 -19.34
CA GLY F 248 37.32 -33.73 -19.74
C GLY F 248 37.69 -35.13 -19.29
N TRP F 249 37.08 -35.61 -18.20
CA TRP F 249 37.38 -36.95 -17.69
C TRP F 249 36.42 -38.04 -18.19
N ALA F 250 35.15 -37.68 -18.36
CA ALA F 250 34.15 -38.63 -18.86
C ALA F 250 33.02 -37.87 -19.56
N ARG F 251 32.39 -38.50 -20.54
CA ARG F 251 31.31 -37.87 -21.30
C ARG F 251 30.00 -38.61 -21.16
N PRO F 252 28.91 -37.87 -20.89
CA PRO F 252 27.62 -38.55 -20.76
C PRO F 252 27.30 -39.39 -21.99
N GLY F 253 27.69 -38.89 -23.16
CA GLY F 253 27.45 -39.61 -24.40
C GLY F 253 28.09 -41.00 -24.41
N ASP F 254 29.28 -41.13 -23.85
CA ASP F 254 29.96 -42.44 -23.81
C ASP F 254 29.33 -43.33 -22.73
N MET F 255 28.54 -42.74 -21.85
CA MET F 255 27.88 -43.46 -20.77
C MET F 255 26.54 -44.05 -21.20
N GLY F 256 26.07 -43.69 -22.39
CA GLY F 256 24.80 -44.22 -22.87
C GLY F 256 23.66 -43.21 -22.93
N PHE F 257 23.88 -42.00 -22.44
CA PHE F 257 22.83 -40.98 -22.48
C PHE F 257 22.50 -40.59 -23.92
N ASP F 258 21.21 -40.46 -24.20
CA ASP F 258 20.71 -40.12 -25.54
C ASP F 258 20.57 -38.62 -25.78
N VAL F 259 20.37 -37.86 -24.72
CA VAL F 259 20.19 -36.43 -24.82
C VAL F 259 20.71 -35.77 -23.56
N VAL F 260 21.24 -34.56 -23.69
CA VAL F 260 21.77 -33.84 -22.54
C VAL F 260 21.48 -32.36 -22.60
N HIS F 261 21.46 -31.73 -21.43
CA HIS F 261 21.32 -30.28 -21.37
C HIS F 261 22.49 -29.86 -20.50
N LEU F 262 23.04 -28.69 -20.78
CA LEU F 262 24.16 -28.16 -20.01
C LEU F 262 23.74 -26.83 -19.40
N ASN F 263 24.44 -26.41 -18.35
CA ASN F 263 24.15 -25.14 -17.69
C ASN F 263 25.38 -24.26 -17.81
N LEU F 264 25.37 -23.34 -18.77
CA LEU F 264 26.51 -22.46 -18.97
C LEU F 264 26.73 -21.54 -17.77
N HIS F 265 25.64 -21.15 -17.10
CA HIS F 265 25.72 -20.26 -15.94
C HIS F 265 26.15 -20.98 -14.68
N LYS F 266 26.38 -22.28 -14.79
CA LYS F 266 26.86 -23.05 -13.66
C LYS F 266 28.27 -23.54 -13.99
N THR F 267 28.34 -24.52 -14.88
CA THR F 267 29.60 -25.14 -15.28
C THR F 267 30.59 -24.26 -16.04
N PHE F 268 30.08 -23.44 -16.97
CA PHE F 268 30.97 -22.63 -17.79
C PHE F 268 31.17 -21.14 -17.47
N THR F 269 30.99 -20.78 -16.19
CA THR F 269 31.20 -19.43 -15.66
C THR F 269 30.24 -18.30 -16.00
N VAL F 270 29.22 -18.56 -16.82
CA VAL F 270 28.28 -17.49 -17.11
C VAL F 270 27.81 -17.01 -15.74
N PRO F 271 27.86 -15.69 -15.47
CA PRO F 271 27.44 -15.18 -14.17
C PRO F 271 26.01 -15.53 -13.73
N HIS F 272 25.85 -15.84 -12.45
CA HIS F 272 24.54 -16.22 -11.93
C HIS F 272 23.53 -15.06 -11.92
N GLY F 273 24.05 -13.84 -11.87
CA GLY F 273 23.19 -12.66 -11.90
C GLY F 273 22.04 -12.54 -10.93
N GLY F 274 22.18 -13.13 -9.74
CA GLY F 274 21.12 -13.06 -8.75
C GLY F 274 19.91 -13.90 -9.10
N GLY F 275 20.08 -14.88 -10.00
CA GLY F 275 18.97 -15.72 -10.38
C GLY F 275 18.97 -16.04 -11.85
N GLY F 276 19.51 -15.12 -12.66
CA GLY F 276 19.58 -15.34 -14.10
C GLY F 276 20.13 -14.10 -14.80
N PRO F 277 20.21 -14.10 -16.14
CA PRO F 277 19.83 -15.18 -17.05
C PRO F 277 20.93 -16.21 -17.25
N GLY F 278 20.59 -17.32 -17.89
CA GLY F 278 21.58 -18.36 -18.16
C GLY F 278 21.50 -18.83 -19.59
N SER F 279 21.83 -20.11 -19.80
CA SER F 279 21.79 -20.72 -21.12
C SER F 279 21.83 -22.23 -20.88
N GLY F 280 20.91 -22.95 -21.52
CA GLY F 280 20.85 -24.38 -21.34
C GLY F 280 20.93 -25.15 -22.64
N PRO F 281 22.11 -25.20 -23.28
CA PRO F 281 22.28 -25.92 -24.54
C PRO F 281 21.81 -27.38 -24.41
N VAL F 282 21.26 -27.93 -25.50
CA VAL F 282 20.80 -29.32 -25.48
C VAL F 282 21.44 -30.11 -26.61
N GLY F 283 22.15 -31.18 -26.25
CA GLY F 283 22.79 -32.02 -27.25
C GLY F 283 22.12 -33.37 -27.32
N VAL F 284 22.19 -34.03 -28.46
CA VAL F 284 21.57 -35.33 -28.62
C VAL F 284 22.35 -36.24 -29.56
N LYS F 285 22.05 -37.54 -29.48
CA LYS F 285 22.65 -38.54 -30.36
C LYS F 285 21.90 -38.41 -31.68
N ALA F 286 22.55 -38.80 -32.77
CA ALA F 286 21.98 -38.71 -34.11
C ALA F 286 20.52 -39.15 -34.28
N HIS F 287 20.12 -40.24 -33.63
CA HIS F 287 18.75 -40.72 -33.78
C HIS F 287 17.68 -39.76 -33.26
N LEU F 288 18.09 -38.78 -32.46
CA LEU F 288 17.16 -37.80 -31.92
C LEU F 288 17.37 -36.43 -32.53
N ALA F 289 18.45 -36.29 -33.28
CA ALA F 289 18.80 -35.03 -33.92
C ALA F 289 17.71 -34.40 -34.78
N PRO F 290 16.95 -35.21 -35.54
CA PRO F 290 15.92 -34.56 -36.35
C PRO F 290 14.78 -33.86 -35.58
N TYR F 291 14.68 -34.11 -34.28
CA TYR F 291 13.61 -33.49 -33.48
C TYR F 291 14.08 -32.22 -32.79
N LEU F 292 15.33 -31.86 -32.98
CA LEU F 292 15.86 -30.65 -32.37
C LEU F 292 15.10 -29.41 -32.81
N PRO F 293 14.91 -28.45 -31.90
CA PRO F 293 14.19 -27.22 -32.25
C PRO F 293 15.03 -26.41 -33.24
N VAL F 294 14.37 -25.56 -34.01
CA VAL F 294 15.05 -24.73 -35.00
C VAL F 294 15.33 -23.34 -34.42
N PRO F 295 16.33 -22.63 -34.95
CA PRO F 295 17.20 -23.08 -36.04
C PRO F 295 18.52 -23.61 -35.49
N LEU F 296 19.23 -24.38 -36.31
CA LEU F 296 20.52 -24.92 -35.90
C LEU F 296 21.60 -24.21 -36.71
N VAL F 297 22.76 -23.98 -36.10
CA VAL F 297 23.81 -23.29 -36.82
C VAL F 297 24.61 -24.34 -37.60
N GLU F 298 24.76 -24.11 -38.90
CA GLU F 298 25.48 -25.03 -39.77
C GLU F 298 26.47 -24.22 -40.60
N ARG F 299 27.45 -24.90 -41.19
CA ARG F 299 28.38 -24.20 -42.05
C ARG F 299 28.21 -24.77 -43.45
N GLY F 300 27.86 -23.91 -44.40
CA GLY F 300 27.66 -24.37 -45.75
C GLY F 300 28.71 -23.88 -46.72
N GLU F 301 28.48 -24.15 -48.00
CA GLU F 301 29.37 -23.73 -49.06
C GLU F 301 29.60 -22.22 -48.96
N GLU F 302 28.52 -21.46 -48.80
CA GLU F 302 28.61 -20.00 -48.69
C GLU F 302 29.38 -19.63 -47.42
N GLY F 303 28.79 -19.95 -46.27
CA GLY F 303 29.40 -19.65 -44.98
C GLY F 303 28.51 -20.21 -43.89
N PHE F 304 28.61 -19.68 -42.68
CA PHE F 304 27.77 -20.17 -41.58
C PHE F 304 26.35 -19.64 -41.76
N TYR F 305 25.36 -20.49 -41.45
CA TYR F 305 23.97 -20.07 -41.56
C TYR F 305 23.06 -20.73 -40.53
N LEU F 306 21.88 -20.15 -40.35
CA LEU F 306 20.88 -20.66 -39.43
C LEU F 306 19.98 -21.57 -40.25
N ASP F 307 20.01 -22.86 -39.94
CA ASP F 307 19.22 -23.84 -40.67
C ASP F 307 17.84 -24.11 -40.06
N PHE F 308 16.79 -23.76 -40.80
CA PHE F 308 15.41 -23.95 -40.35
C PHE F 308 14.75 -25.14 -41.06
N ASP F 309 15.46 -25.76 -42.00
CA ASP F 309 14.90 -26.88 -42.74
C ASP F 309 15.04 -28.19 -42.00
N ARG F 310 14.08 -28.46 -41.11
CA ARG F 310 14.11 -29.68 -40.33
C ARG F 310 12.67 -30.08 -40.04
N PRO F 311 12.07 -30.82 -40.98
CA PRO F 311 10.70 -31.33 -40.95
C PRO F 311 10.21 -31.99 -39.66
N LYS F 312 11.11 -32.67 -38.96
CA LYS F 312 10.69 -33.34 -37.73
C LYS F 312 10.99 -32.55 -36.45
N SER F 313 11.38 -31.29 -36.60
CA SER F 313 11.69 -30.48 -35.44
C SER F 313 10.49 -30.29 -34.52
N ILE F 314 10.74 -30.22 -33.21
CA ILE F 314 9.65 -30.01 -32.27
C ILE F 314 9.17 -28.56 -32.41
N GLY F 315 9.93 -27.77 -33.15
CA GLY F 315 9.57 -26.36 -33.35
C GLY F 315 10.52 -25.37 -32.71
N ARG F 316 9.97 -24.36 -32.05
CA ARG F 316 10.76 -23.32 -31.38
C ARG F 316 10.46 -23.33 -29.88
N VAL F 317 11.48 -23.10 -29.05
CA VAL F 317 11.23 -23.08 -27.60
C VAL F 317 11.40 -21.70 -27.00
N ARG F 318 11.92 -20.76 -27.78
CA ARG F 318 12.10 -19.37 -27.33
C ARG F 318 12.41 -18.53 -28.56
N SER F 319 12.41 -17.21 -28.40
CA SER F 319 12.67 -16.30 -29.51
C SER F 319 14.12 -16.27 -29.97
N PHE F 320 14.29 -16.04 -31.27
CA PHE F 320 15.60 -15.96 -31.87
C PHE F 320 16.43 -17.25 -31.82
N TYR F 321 17.70 -17.15 -31.47
CA TYR F 321 18.56 -18.33 -31.53
C TYR F 321 19.24 -18.81 -30.24
N GLY F 322 19.05 -18.08 -29.16
CA GLY F 322 19.67 -18.45 -27.89
C GLY F 322 20.28 -17.22 -27.27
N ASN F 323 20.71 -17.33 -26.01
CA ASN F 323 21.30 -16.20 -25.32
C ASN F 323 22.75 -16.02 -25.73
N PHE F 324 22.91 -15.49 -26.94
CA PHE F 324 24.20 -15.27 -27.55
C PHE F 324 25.30 -14.69 -26.66
N LEU F 325 25.01 -13.63 -25.92
CA LEU F 325 26.03 -13.04 -25.07
C LEU F 325 26.53 -14.00 -24.00
N ALA F 326 25.71 -14.99 -23.66
CA ALA F 326 26.10 -16.00 -22.69
C ALA F 326 26.99 -17.00 -23.43
N LEU F 327 26.65 -17.25 -24.68
CA LEU F 327 27.42 -18.17 -25.51
C LEU F 327 28.83 -17.61 -25.73
N VAL F 328 28.93 -16.28 -25.86
CA VAL F 328 30.23 -15.65 -26.07
C VAL F 328 31.13 -15.93 -24.86
N ARG F 329 30.57 -15.75 -23.67
CA ARG F 329 31.30 -15.98 -22.43
C ARG F 329 31.77 -17.42 -22.30
N ALA F 330 30.88 -18.36 -22.62
CA ALA F 330 31.23 -19.78 -22.54
C ALA F 330 32.34 -20.09 -23.54
N TRP F 331 32.22 -19.52 -24.74
CA TRP F 331 33.21 -19.73 -25.79
C TRP F 331 34.58 -19.24 -25.28
N ALA F 332 34.60 -18.06 -24.69
CA ALA F 332 35.84 -17.48 -24.17
C ALA F 332 36.46 -18.39 -23.10
N TYR F 333 35.61 -18.94 -22.23
CA TYR F 333 36.07 -19.82 -21.16
C TYR F 333 36.74 -21.05 -21.73
N ILE F 334 36.07 -21.72 -22.67
CA ILE F 334 36.61 -22.93 -23.27
C ILE F 334 37.91 -22.65 -24.04
N ARG F 335 37.95 -21.55 -24.78
CA ARG F 335 39.14 -21.20 -25.55
C ARG F 335 40.30 -20.75 -24.66
N THR F 336 40.00 -20.38 -23.41
CA THR F 336 41.05 -19.95 -22.49
C THR F 336 41.68 -21.19 -21.82
N LEU F 337 40.83 -22.05 -21.27
CA LEU F 337 41.31 -23.25 -20.58
C LEU F 337 41.75 -24.41 -21.46
N GLY F 338 41.03 -24.66 -22.56
CA GLY F 338 41.36 -25.78 -23.41
C GLY F 338 41.01 -27.06 -22.66
N LEU F 339 41.18 -28.22 -23.29
CA LEU F 339 40.86 -29.47 -22.64
C LEU F 339 41.60 -29.64 -21.30
N GLU F 340 42.91 -29.41 -21.31
CA GLU F 340 43.67 -29.57 -20.08
C GLU F 340 43.22 -28.66 -18.95
N GLY F 341 42.84 -27.43 -19.27
CA GLY F 341 42.38 -26.53 -18.23
C GLY F 341 41.04 -26.99 -17.66
N LEU F 342 40.16 -27.46 -18.54
CA LEU F 342 38.85 -27.94 -18.11
C LEU F 342 38.99 -29.20 -17.26
N LYS F 343 39.89 -30.09 -17.66
CA LYS F 343 40.12 -31.32 -16.90
C LYS F 343 40.69 -30.99 -15.53
N LYS F 344 41.59 -30.01 -15.47
CA LYS F 344 42.18 -29.63 -14.19
C LYS F 344 41.10 -29.00 -13.31
N ALA F 345 40.23 -28.22 -13.93
CA ALA F 345 39.14 -27.57 -13.19
C ALA F 345 38.27 -28.62 -12.52
N ALA F 346 37.87 -29.63 -13.28
CA ALA F 346 37.03 -30.70 -12.77
C ALA F 346 37.74 -31.43 -11.63
N ALA F 347 39.01 -31.76 -11.86
CA ALA F 347 39.82 -32.48 -10.88
C ALA F 347 39.92 -31.71 -9.57
N LEU F 348 40.18 -30.41 -9.65
CA LEU F 348 40.30 -29.60 -8.45
C LEU F 348 38.94 -29.33 -7.80
N ALA F 349 37.87 -29.41 -8.59
CA ALA F 349 36.53 -29.21 -8.07
C ALA F 349 36.24 -30.41 -7.16
N VAL F 350 36.66 -31.59 -7.61
CA VAL F 350 36.46 -32.82 -6.87
C VAL F 350 37.37 -32.84 -5.65
N LEU F 351 38.63 -32.46 -5.83
CA LEU F 351 39.58 -32.43 -4.73
C LEU F 351 39.10 -31.49 -3.62
N ASN F 352 38.67 -30.29 -4.00
CA ASN F 352 38.18 -29.32 -3.02
C ASN F 352 37.00 -29.90 -2.23
N ALA F 353 36.05 -30.51 -2.94
CA ALA F 353 34.87 -31.07 -2.31
C ALA F 353 35.22 -32.21 -1.36
N ARG F 354 35.97 -33.17 -1.87
CA ARG F 354 36.38 -34.32 -1.09
C ARG F 354 37.19 -33.88 0.14
N TYR F 355 38.04 -32.87 -0.05
CA TYR F 355 38.86 -32.34 1.02
C TYR F 355 38.02 -31.67 2.10
N LEU F 356 37.12 -30.78 1.68
CA LEU F 356 36.26 -30.09 2.61
C LEU F 356 35.36 -31.08 3.36
N LYS F 357 35.01 -32.18 2.70
CA LYS F 357 34.17 -33.17 3.34
C LYS F 357 34.95 -33.70 4.56
N GLU F 358 36.20 -34.06 4.36
CA GLU F 358 37.04 -34.58 5.45
C GLU F 358 37.10 -33.62 6.63
N LEU F 359 37.33 -32.34 6.34
CA LEU F 359 37.41 -31.33 7.40
C LEU F 359 36.13 -31.24 8.22
N LEU F 360 34.99 -31.31 7.54
CA LEU F 360 33.69 -31.23 8.21
C LEU F 360 33.42 -32.47 9.06
N LYS F 361 33.77 -33.65 8.55
CA LYS F 361 33.56 -34.88 9.30
C LYS F 361 34.39 -34.81 10.57
N GLU F 362 35.59 -34.24 10.44
CA GLU F 362 36.50 -34.08 11.56
C GLU F 362 35.85 -33.23 12.65
N LYS F 363 35.01 -32.28 12.23
CA LYS F 363 34.32 -31.39 13.15
C LYS F 363 33.07 -32.03 13.75
N GLY F 364 32.72 -33.23 13.28
CA GLY F 364 31.55 -33.89 13.81
C GLY F 364 30.36 -33.95 12.87
N TYR F 365 30.50 -33.41 11.66
CA TYR F 365 29.41 -33.47 10.70
C TYR F 365 29.33 -34.88 10.13
N ARG F 366 28.11 -35.32 9.84
CA ARG F 366 27.90 -36.66 9.31
C ARG F 366 27.64 -36.65 7.81
N VAL F 367 28.04 -37.73 7.15
CA VAL F 367 27.82 -37.87 5.72
C VAL F 367 27.14 -39.23 5.54
N PRO F 368 25.80 -39.24 5.50
CA PRO F 368 25.03 -40.48 5.34
C PRO F 368 25.39 -41.34 4.12
N TYR F 369 25.79 -40.69 3.03
CA TYR F 369 26.19 -41.41 1.83
C TYR F 369 27.59 -40.93 1.49
N ASP F 370 28.60 -41.47 2.14
CA ASP F 370 29.94 -40.99 1.85
C ASP F 370 30.86 -41.88 1.04
N GLY F 371 30.42 -42.19 -0.18
CA GLY F 371 31.26 -42.96 -1.08
C GLY F 371 32.23 -41.92 -1.61
N PRO F 372 33.09 -42.25 -2.59
CA PRO F 372 34.03 -41.26 -3.11
C PRO F 372 33.32 -40.02 -3.65
N SER F 373 33.42 -38.93 -2.91
CA SER F 373 32.79 -37.67 -3.26
C SER F 373 33.34 -37.02 -4.52
N MET F 374 32.44 -36.54 -5.38
CA MET F 374 32.88 -35.87 -6.61
C MET F 374 32.91 -34.36 -6.40
N HIS F 375 32.15 -33.59 -7.17
CA HIS F 375 32.20 -32.14 -7.03
C HIS F 375 31.47 -31.54 -5.83
N GLU F 376 30.70 -32.37 -5.15
CA GLU F 376 29.95 -31.90 -3.98
C GLU F 376 29.63 -33.08 -3.08
N PHE F 377 29.12 -32.81 -1.89
CA PHE F 377 28.76 -33.87 -0.95
C PHE F 377 27.61 -33.39 -0.08
N VAL F 378 26.92 -34.32 0.58
CA VAL F 378 25.81 -33.94 1.44
C VAL F 378 26.06 -34.37 2.88
N ALA F 379 26.23 -33.37 3.75
CA ALA F 379 26.47 -33.62 5.15
C ALA F 379 25.21 -33.34 5.97
N GLN F 380 25.26 -33.73 7.24
CA GLN F 380 24.15 -33.51 8.17
C GLN F 380 24.82 -33.01 9.44
N PRO F 381 24.18 -32.06 10.13
CA PRO F 381 24.81 -31.59 11.36
C PRO F 381 24.71 -32.71 12.38
N PRO F 382 25.49 -32.65 13.46
CA PRO F 382 25.35 -33.72 14.43
C PRO F 382 23.94 -33.64 15.00
N GLU F 383 23.41 -34.78 15.45
CA GLU F 383 22.06 -34.82 16.03
C GLU F 383 21.88 -33.68 17.02
N GLY F 384 20.71 -33.05 16.98
CA GLY F 384 20.44 -31.95 17.89
C GLY F 384 20.47 -30.60 17.22
N PHE F 385 21.26 -30.47 16.16
CA PHE F 385 21.36 -29.19 15.43
C PHE F 385 20.59 -29.27 14.11
N ARG F 386 19.97 -28.16 13.73
CA ARG F 386 19.25 -28.13 12.46
C ARG F 386 20.04 -27.29 11.45
N ALA F 387 20.08 -27.77 10.21
CA ALA F 387 20.82 -27.10 9.15
C ALA F 387 20.47 -25.61 9.04
N LEU F 388 19.21 -25.28 9.22
CA LEU F 388 18.75 -23.90 9.14
C LEU F 388 19.49 -22.97 10.07
N ASP F 389 19.53 -23.32 11.35
CA ASP F 389 20.21 -22.50 12.35
C ASP F 389 21.71 -22.39 12.09
N LEU F 390 22.31 -23.47 11.61
CA LEU F 390 23.74 -23.47 11.30
C LEU F 390 23.98 -22.52 10.12
N ALA F 391 23.05 -22.52 9.16
CA ALA F 391 23.16 -21.65 8.01
C ALA F 391 23.18 -20.18 8.45
N LYS F 392 22.24 -19.81 9.32
CA LYS F 392 22.16 -18.44 9.81
C LYS F 392 23.39 -18.07 10.65
N GLY F 393 23.94 -19.05 11.35
CA GLY F 393 25.12 -18.81 12.16
C GLY F 393 26.27 -18.46 11.24
N LEU F 394 26.38 -19.18 10.12
CA LEU F 394 27.45 -18.91 9.17
C LEU F 394 27.33 -17.47 8.68
N LEU F 395 26.09 -17.04 8.45
CA LEU F 395 25.82 -15.68 8.01
C LEU F 395 26.36 -14.69 9.03
N GLU F 396 26.15 -14.97 10.30
CA GLU F 396 26.61 -14.08 11.35
C GLU F 396 28.13 -14.04 11.38
N LEU F 397 28.76 -15.15 11.02
CA LEU F 397 30.21 -15.24 11.00
C LEU F 397 30.83 -14.65 9.73
N GLY F 398 29.99 -14.12 8.85
CA GLY F 398 30.50 -13.53 7.62
C GLY F 398 30.72 -14.49 6.46
N PHE F 399 30.15 -15.69 6.57
CA PHE F 399 30.28 -16.68 5.51
C PHE F 399 28.91 -16.91 4.88
N HIS F 400 28.87 -17.67 3.79
CA HIS F 400 27.60 -18.00 3.16
C HIS F 400 27.45 -19.50 3.30
N PRO F 401 26.25 -19.96 3.69
CA PRO F 401 26.04 -21.40 3.84
C PRO F 401 25.98 -22.13 2.52
N PRO F 402 26.02 -23.48 2.58
CA PRO F 402 25.94 -24.28 1.37
C PRO F 402 24.45 -24.38 1.09
N THR F 403 24.07 -25.24 0.15
CA THR F 403 22.66 -25.43 -0.12
C THR F 403 22.10 -26.23 1.07
N VAL F 404 20.94 -25.85 1.56
CA VAL F 404 20.35 -26.55 2.69
C VAL F 404 19.02 -27.21 2.33
N TYR F 405 18.75 -28.36 2.94
CA TYR F 405 17.51 -29.10 2.72
C TYR F 405 17.28 -29.62 1.30
N PHE F 406 18.37 -30.08 0.69
CA PHE F 406 18.34 -30.68 -0.64
C PHE F 406 19.65 -31.46 -0.79
N PRO F 407 19.61 -32.66 -1.35
CA PRO F 407 18.39 -33.33 -1.86
C PRO F 407 17.45 -33.70 -0.73
N LEU F 408 16.20 -33.98 -1.09
CA LEU F 408 15.17 -34.30 -0.12
C LEU F 408 15.32 -35.62 0.65
N ILE F 409 16.18 -36.51 0.20
CA ILE F 409 16.34 -37.78 0.90
C ILE F 409 17.31 -37.76 2.07
N VAL F 410 17.72 -36.55 2.48
CA VAL F 410 18.64 -36.42 3.61
C VAL F 410 18.15 -35.35 4.57
N LYS F 411 17.77 -35.76 5.78
CA LYS F 411 17.28 -34.81 6.77
C LYS F 411 18.38 -33.82 7.15
N GLU F 412 17.99 -32.55 7.25
CA GLU F 412 18.92 -31.48 7.62
C GLU F 412 20.10 -31.45 6.66
N ALA F 413 19.83 -31.68 5.39
CA ALA F 413 20.86 -31.69 4.37
C ALA F 413 21.68 -30.42 4.25
N LEU F 414 22.99 -30.60 4.10
CA LEU F 414 23.95 -29.52 3.92
C LEU F 414 24.68 -29.95 2.65
N MET F 415 24.19 -29.47 1.51
CA MET F 415 24.73 -29.79 0.20
C MET F 415 25.86 -28.81 -0.13
N VAL F 416 27.09 -29.30 -0.04
CA VAL F 416 28.28 -28.47 -0.25
C VAL F 416 29.07 -28.67 -1.54
N GLU F 417 29.21 -27.58 -2.31
CA GLU F 417 29.97 -27.59 -3.55
C GLU F 417 30.86 -26.34 -3.57
N PRO F 418 32.15 -26.52 -3.28
CA PRO F 418 33.07 -25.37 -3.27
C PRO F 418 33.56 -24.87 -4.63
N THR F 419 33.54 -25.76 -5.64
CA THR F 419 34.03 -25.48 -6.99
C THR F 419 35.55 -25.40 -6.96
N GLU F 420 36.17 -25.42 -8.14
CA GLU F 420 37.63 -25.41 -8.27
C GLU F 420 38.34 -24.09 -8.02
N THR F 421 37.61 -22.97 -8.06
CA THR F 421 38.26 -21.68 -7.89
C THR F 421 38.48 -21.19 -6.45
N GLU F 422 38.01 -21.97 -5.47
CA GLU F 422 38.20 -21.60 -4.07
C GLU F 422 39.53 -22.20 -3.57
N ALA F 423 40.23 -21.45 -2.72
CA ALA F 423 41.52 -21.87 -2.19
C ALA F 423 41.45 -22.76 -0.95
N LYS F 424 42.47 -23.59 -0.80
CA LYS F 424 42.58 -24.51 0.32
C LYS F 424 42.29 -23.81 1.64
N GLU F 425 42.94 -22.67 1.87
CA GLU F 425 42.75 -21.92 3.11
C GLU F 425 41.33 -21.43 3.31
N THR F 426 40.61 -21.19 2.22
CA THR F 426 39.24 -20.72 2.31
C THR F 426 38.36 -21.87 2.79
N LEU F 427 38.61 -23.07 2.27
CA LEU F 427 37.86 -24.26 2.67
C LEU F 427 38.06 -24.48 4.17
N GLU F 428 39.30 -24.35 4.63
CA GLU F 428 39.66 -24.55 6.03
C GLU F 428 39.02 -23.51 6.93
N ALA F 429 39.00 -22.25 6.49
CA ALA F 429 38.39 -21.19 7.27
C ALA F 429 36.89 -21.50 7.41
N PHE F 430 36.29 -22.01 6.34
CA PHE F 430 34.87 -22.35 6.32
C PHE F 430 34.61 -23.51 7.29
N ALA F 431 35.43 -24.55 7.22
CA ALA F 431 35.27 -25.70 8.09
C ALA F 431 35.42 -25.28 9.55
N GLU F 432 36.35 -24.38 9.81
CA GLU F 432 36.58 -23.89 11.16
C GLU F 432 35.33 -23.17 11.68
N ALA F 433 34.68 -22.43 10.80
CA ALA F 433 33.45 -21.71 11.17
C ALA F 433 32.34 -22.73 11.46
N MET F 434 32.27 -23.77 10.63
CA MET F 434 31.28 -24.82 10.78
C MET F 434 31.46 -25.52 12.13
N GLY F 435 32.73 -25.74 12.50
CA GLY F 435 33.02 -26.39 13.75
C GLY F 435 32.66 -25.52 14.93
N ALA F 436 33.06 -24.25 14.88
CA ALA F 436 32.80 -23.31 15.95
C ALA F 436 31.30 -23.13 16.24
N LEU F 437 30.48 -23.26 15.21
CA LEU F 437 29.04 -23.09 15.37
C LEU F 437 28.42 -24.17 16.24
N LEU F 438 29.04 -25.35 16.25
CA LEU F 438 28.53 -26.46 17.05
C LEU F 438 28.79 -26.26 18.54
N LYS F 439 29.60 -25.24 18.86
CA LYS F 439 29.93 -24.94 20.25
C LYS F 439 29.11 -23.77 20.77
N LYS F 440 28.41 -23.08 19.87
CA LYS F 440 27.58 -21.95 20.27
C LYS F 440 26.32 -22.45 20.96
N PRO F 441 25.82 -21.67 21.93
CA PRO F 441 24.60 -22.08 22.63
C PRO F 441 23.42 -22.18 21.66
N LYS F 442 22.54 -23.13 21.92
CA LYS F 442 21.37 -23.35 21.09
C LYS F 442 20.59 -22.05 20.86
N GLU F 443 20.45 -21.24 21.90
CA GLU F 443 19.72 -19.99 21.80
C GLU F 443 20.38 -19.03 20.82
N TRP F 444 21.71 -18.93 20.89
CA TRP F 444 22.46 -18.03 20.01
C TRP F 444 22.25 -18.42 18.55
N LEU F 445 22.26 -19.71 18.29
CA LEU F 445 22.09 -20.27 16.96
C LEU F 445 20.68 -20.00 16.42
N GLU F 446 19.67 -20.31 17.23
CA GLU F 446 18.28 -20.13 16.83
C GLU F 446 17.89 -18.68 16.57
N ASN F 447 18.63 -17.74 17.14
CA ASN F 447 18.31 -16.33 16.96
C ASN F 447 19.27 -15.58 16.04
N ALA F 448 20.13 -16.32 15.35
CA ALA F 448 21.09 -15.72 14.42
C ALA F 448 20.33 -15.49 13.11
N PRO F 449 20.80 -14.55 12.26
CA PRO F 449 21.97 -13.68 12.43
C PRO F 449 21.66 -12.50 13.36
N TYR F 450 22.67 -11.68 13.61
CA TYR F 450 22.52 -10.53 14.49
C TYR F 450 23.03 -9.24 13.88
N SER F 451 24.14 -9.34 13.13
CA SER F 451 24.79 -8.18 12.53
C SER F 451 24.54 -7.89 11.05
N THR F 452 23.83 -8.78 10.36
CA THR F 452 23.51 -8.60 8.95
C THR F 452 22.52 -7.44 8.76
N PRO F 453 22.42 -6.89 7.54
CA PRO F 453 21.50 -5.77 7.28
C PRO F 453 20.11 -5.96 7.89
N VAL F 454 19.61 -7.19 7.88
CA VAL F 454 18.34 -7.51 8.52
C VAL F 454 18.54 -8.88 9.14
N ARG F 455 17.77 -9.21 10.17
CA ARG F 455 17.90 -10.51 10.82
C ARG F 455 16.85 -11.44 10.22
N ARG F 456 16.63 -12.61 10.81
CA ARG F 456 15.64 -13.54 10.25
C ARG F 456 14.33 -12.82 9.92
N LEU F 457 13.77 -13.14 8.77
CA LEU F 457 12.54 -12.50 8.30
C LEU F 457 11.29 -13.31 8.61
N ASP F 458 10.18 -12.62 8.85
CA ASP F 458 8.92 -13.27 9.13
C ASP F 458 8.36 -13.89 7.86
N GLU F 459 8.63 -15.18 7.65
CA GLU F 459 8.16 -15.88 6.46
C GLU F 459 6.65 -16.10 6.46
N LEU F 460 6.09 -16.31 7.65
CA LEU F 460 4.66 -16.51 7.78
C LEU F 460 3.95 -15.29 7.25
N ARG F 461 4.41 -14.10 7.64
CA ARG F 461 3.78 -12.87 7.19
C ARG F 461 3.83 -12.74 5.66
N ALA F 462 4.96 -13.08 5.07
CA ALA F 462 5.14 -12.97 3.63
C ALA F 462 4.23 -13.91 2.85
N ASN F 463 3.88 -15.05 3.46
CA ASN F 463 3.02 -16.02 2.79
C ASN F 463 1.54 -15.85 3.10
N LYS F 464 1.22 -15.40 4.32
CA LYS F 464 -0.18 -15.22 4.70
C LYS F 464 -0.70 -13.85 4.29
N HIS F 465 0.16 -12.84 4.36
CA HIS F 465 -0.20 -11.48 3.97
C HIS F 465 0.88 -10.89 3.08
N PRO F 466 1.05 -11.46 1.89
CA PRO F 466 2.07 -10.99 0.94
C PRO F 466 1.81 -9.59 0.38
N LYS F 467 2.88 -8.82 0.29
CA LYS F 467 2.83 -7.48 -0.29
C LYS F 467 3.80 -7.65 -1.46
N LEU F 468 3.25 -7.79 -2.66
CA LEU F 468 4.03 -8.03 -3.87
C LEU F 468 4.56 -6.85 -4.68
N THR F 469 4.11 -5.64 -4.34
CA THR F 469 4.57 -4.43 -5.03
C THR F 469 4.44 -3.29 -4.04
N TYR F 470 5.15 -2.20 -4.32
CA TYR F 470 5.10 -1.01 -3.47
C TYR F 470 3.69 -0.44 -3.39
N PHE F 471 2.92 -0.61 -4.47
CA PHE F 471 1.56 -0.07 -4.49
C PHE F 471 0.51 -1.03 -4.00
N ASP F 472 0.93 -2.29 -3.79
CA ASP F 472 0.08 -3.33 -3.27
C ASP F 472 -1.37 -3.35 -3.77
N GLU F 473 -1.57 -3.07 -5.06
CA GLU F 473 -2.91 -3.07 -5.65
C GLU F 473 -3.49 -4.48 -5.57
N GLY F 474 -4.82 -4.56 -5.61
CA GLY F 474 -5.49 -5.85 -5.55
C GLY F 474 -5.55 -6.44 -4.15
N MET G 1 20.75 18.98 -21.60
CA MET G 1 20.82 17.85 -20.63
C MET G 1 21.79 18.20 -19.50
N ASP G 2 21.45 17.79 -18.28
CA ASP G 2 22.29 18.08 -17.12
C ASP G 2 22.00 17.09 -16.00
N TYR G 3 22.69 17.24 -14.89
CA TYR G 3 22.54 16.33 -13.76
C TYR G 3 21.95 16.88 -12.47
N THR G 4 21.37 18.09 -12.52
CA THR G 4 20.79 18.65 -11.30
C THR G 4 19.42 18.05 -11.05
N PRO G 5 19.16 17.62 -9.81
CA PRO G 5 17.90 17.01 -9.38
C PRO G 5 16.73 17.96 -9.19
N HIS G 6 17.05 19.23 -8.95
CA HIS G 6 16.04 20.25 -8.67
C HIS G 6 14.87 20.38 -9.64
N THR G 7 13.66 20.39 -9.07
CA THR G 7 12.43 20.58 -9.84
C THR G 7 12.17 22.08 -9.72
N GLU G 8 11.34 22.63 -10.60
CA GLU G 8 11.05 24.06 -10.56
C GLU G 8 10.50 24.49 -9.21
N GLU G 9 9.58 23.70 -8.64
CA GLU G 9 8.99 24.01 -7.35
C GLU G 9 10.02 24.05 -6.21
N GLU G 10 11.01 23.16 -6.25
CA GLU G 10 12.04 23.12 -5.23
C GLU G 10 12.95 24.34 -5.38
N ILE G 11 13.24 24.71 -6.62
CA ILE G 11 14.09 25.86 -6.88
C ILE G 11 13.41 27.14 -6.35
N ARG G 12 12.12 27.29 -6.61
CA ARG G 12 11.41 28.47 -6.14
C ARG G 12 11.38 28.53 -4.61
N GLU G 13 11.20 27.38 -3.96
CA GLU G 13 11.16 27.33 -2.49
C GLU G 13 12.52 27.67 -1.89
N MET G 14 13.57 27.11 -2.45
CA MET G 14 14.92 27.37 -1.96
C MET G 14 15.27 28.84 -2.17
N LEU G 15 14.87 29.35 -3.32
CA LEU G 15 15.12 30.75 -3.68
C LEU G 15 14.47 31.67 -2.65
N ARG G 16 13.23 31.34 -2.29
CA ARG G 16 12.51 32.11 -1.30
C ARG G 16 13.21 32.06 0.05
N ARG G 17 13.69 30.88 0.40
CA ARG G 17 14.37 30.70 1.69
C ARG G 17 15.69 31.47 1.81
N VAL G 18 16.38 31.71 0.70
CA VAL G 18 17.65 32.45 0.78
C VAL G 18 17.48 33.92 0.42
N GLY G 19 16.23 34.34 0.24
CA GLY G 19 15.96 35.72 -0.07
C GLY G 19 16.42 36.16 -1.45
N ALA G 20 16.47 35.22 -2.40
CA ALA G 20 16.87 35.55 -3.75
C ALA G 20 15.61 35.56 -4.59
N ALA G 21 15.53 36.48 -5.54
CA ALA G 21 14.34 36.60 -6.40
C ALA G 21 14.38 35.66 -7.59
N SER G 22 15.58 35.22 -7.96
CA SER G 22 15.75 34.30 -9.09
C SER G 22 17.16 33.74 -9.10
N LEU G 23 17.44 32.86 -10.05
CA LEU G 23 18.78 32.27 -10.14
C LEU G 23 19.76 33.37 -10.52
N GLU G 24 19.36 34.22 -11.45
CA GLU G 24 20.19 35.32 -11.91
C GLU G 24 20.49 36.26 -10.74
N ASP G 25 19.53 36.39 -9.84
CA ASP G 25 19.67 37.26 -8.67
C ASP G 25 20.75 36.82 -7.69
N LEU G 26 21.15 35.56 -7.78
CA LEU G 26 22.19 35.02 -6.90
C LEU G 26 23.54 35.67 -7.22
N PHE G 27 23.67 36.19 -8.43
CA PHE G 27 24.91 36.81 -8.89
C PHE G 27 24.82 38.34 -8.96
N ALA G 28 23.67 38.87 -8.56
CA ALA G 28 23.42 40.31 -8.59
C ALA G 28 24.45 41.16 -7.86
N HIS G 29 25.17 40.58 -6.90
CA HIS G 29 26.16 41.35 -6.17
C HIS G 29 27.52 41.45 -6.86
N LEU G 30 27.64 40.83 -8.04
CA LEU G 30 28.91 40.87 -8.77
C LEU G 30 28.93 42.13 -9.62
N PRO G 31 30.15 42.63 -9.95
CA PRO G 31 30.26 43.84 -10.77
C PRO G 31 29.54 43.67 -12.10
N LYS G 32 28.56 44.54 -12.33
CA LYS G 32 27.75 44.52 -13.54
C LYS G 32 28.56 44.35 -14.83
N GLU G 33 29.74 44.94 -14.87
CA GLU G 33 30.57 44.86 -16.07
C GLU G 33 31.04 43.46 -16.49
N ILE G 34 31.06 42.51 -15.57
CA ILE G 34 31.51 41.17 -15.93
C ILE G 34 30.34 40.20 -16.19
N LEU G 35 29.13 40.64 -15.86
CA LEU G 35 27.95 39.80 -16.06
C LEU G 35 27.53 39.70 -17.52
N SER G 36 26.81 38.62 -17.84
CA SER G 36 26.32 38.38 -19.20
C SER G 36 27.40 38.31 -20.27
N PRO G 37 28.54 37.66 -19.98
CA PRO G 37 29.57 37.59 -21.02
C PRO G 37 29.09 36.70 -22.17
N PRO G 38 29.29 37.15 -23.42
CA PRO G 38 28.86 36.34 -24.57
C PRO G 38 29.79 35.16 -24.77
N ILE G 39 29.46 34.05 -24.11
CA ILE G 39 30.26 32.84 -24.21
C ILE G 39 29.73 31.98 -25.35
N ASP G 40 30.63 31.59 -26.24
CA ASP G 40 30.24 30.76 -27.38
C ASP G 40 30.62 29.30 -27.15
N LEU G 41 29.60 28.45 -27.06
CA LEU G 41 29.78 27.03 -26.85
C LEU G 41 28.72 26.30 -27.65
N PRO G 42 29.05 25.09 -28.15
CA PRO G 42 28.05 24.35 -28.94
C PRO G 42 26.79 24.04 -28.13
N GLU G 43 25.66 23.93 -28.83
CA GLU G 43 24.40 23.64 -28.18
C GLU G 43 24.45 22.29 -27.48
N PRO G 44 23.77 22.18 -26.32
CA PRO G 44 23.73 20.94 -25.54
C PRO G 44 23.24 19.73 -26.34
N LEU G 45 23.75 18.56 -25.99
CA LEU G 45 23.38 17.33 -26.68
C LEU G 45 23.06 16.22 -25.69
N PRO G 46 22.12 15.32 -26.03
CA PRO G 46 21.79 14.22 -25.12
C PRO G 46 22.96 13.22 -25.13
N GLU G 47 23.11 12.45 -24.06
CA GLU G 47 24.21 11.50 -23.93
C GLU G 47 24.47 10.59 -25.13
N TRP G 48 23.42 10.06 -25.76
CA TRP G 48 23.63 9.18 -26.90
C TRP G 48 24.24 9.93 -28.07
N LYS G 49 23.98 11.24 -28.16
CA LYS G 49 24.52 12.03 -29.25
C LYS G 49 25.97 12.40 -28.93
N VAL G 50 26.25 12.65 -27.66
CA VAL G 50 27.60 12.97 -27.25
C VAL G 50 28.46 11.74 -27.59
N LEU G 51 27.95 10.56 -27.30
CA LEU G 51 28.68 9.33 -27.61
C LEU G 51 28.88 9.17 -29.12
N GLU G 52 27.86 9.52 -29.91
CA GLU G 52 27.97 9.41 -31.36
C GLU G 52 29.11 10.30 -31.86
N GLU G 53 29.22 11.50 -31.30
CA GLU G 53 30.28 12.41 -31.70
C GLU G 53 31.63 11.85 -31.28
N LEU G 54 31.71 11.28 -30.09
CA LEU G 54 32.96 10.70 -29.61
C LEU G 54 33.39 9.55 -30.52
N ARG G 55 32.43 8.70 -30.91
CA ARG G 55 32.76 7.59 -31.79
C ARG G 55 33.19 8.10 -33.16
N ARG G 56 32.64 9.24 -33.56
CA ARG G 56 32.96 9.85 -34.84
C ARG G 56 34.41 10.31 -34.81
N LEU G 57 34.82 10.91 -33.70
CA LEU G 57 36.19 11.38 -33.54
C LEU G 57 37.12 10.18 -33.45
N ALA G 58 36.73 9.18 -32.67
CA ALA G 58 37.54 7.98 -32.50
C ALA G 58 37.73 7.27 -33.84
N ALA G 59 36.70 7.30 -34.68
CA ALA G 59 36.78 6.66 -35.99
C ALA G 59 37.81 7.33 -36.90
N GLN G 60 38.17 8.58 -36.60
CA GLN G 60 39.14 9.30 -37.40
C GLN G 60 40.56 8.85 -37.08
N ASN G 61 40.72 8.19 -35.95
CA ASN G 61 42.04 7.72 -35.55
C ASN G 61 42.30 6.29 -35.98
N LEU G 62 43.58 5.95 -36.04
CA LEU G 62 43.99 4.59 -36.36
C LEU G 62 44.39 4.05 -35.00
N PRO G 63 43.63 3.08 -34.45
CA PRO G 63 43.97 2.54 -33.14
C PRO G 63 45.42 2.08 -33.06
N ALA G 64 46.05 2.28 -31.90
CA ALA G 64 47.44 1.92 -31.72
C ALA G 64 47.61 0.58 -30.98
N HIS G 65 46.53 -0.19 -30.93
CA HIS G 65 46.59 -1.49 -30.27
C HIS G 65 47.63 -2.30 -31.05
N LYS G 66 48.59 -2.89 -30.35
CA LYS G 66 49.64 -3.68 -30.98
C LYS G 66 50.63 -2.84 -31.79
N ALA G 67 50.75 -1.57 -31.45
CA ALA G 67 51.68 -0.69 -32.12
C ALA G 67 53.10 -1.10 -31.74
N PHE G 68 54.07 -0.70 -32.56
CA PHE G 68 55.47 -0.99 -32.31
C PHE G 68 56.19 0.28 -31.87
N LEU G 69 55.41 1.29 -31.49
CA LEU G 69 55.94 2.58 -31.05
C LEU G 69 56.45 2.46 -29.61
N GLY G 70 57.53 3.18 -29.32
CA GLY G 70 58.09 3.16 -27.98
C GLY G 70 58.30 4.57 -27.44
N GLY G 71 59.40 4.78 -26.74
CA GLY G 71 59.68 6.10 -26.21
C GLY G 71 59.03 6.35 -24.86
N GLY G 72 58.80 5.30 -24.09
CA GLY G 72 58.20 5.48 -22.78
C GLY G 72 56.82 4.88 -22.62
N VAL G 73 56.08 4.81 -23.71
CA VAL G 73 54.74 4.24 -23.70
C VAL G 73 54.74 3.08 -24.70
N ARG G 74 54.07 2.00 -24.36
CA ARG G 74 54.01 0.83 -25.23
C ARG G 74 52.63 0.17 -25.12
N SER G 75 52.25 -0.55 -26.16
CA SER G 75 50.96 -1.20 -26.16
C SER G 75 51.01 -2.55 -25.45
N HIS G 76 50.85 -2.52 -24.13
CA HIS G 76 50.87 -3.72 -23.31
C HIS G 76 49.42 -4.15 -23.08
N HIS G 77 49.21 -5.38 -22.64
CA HIS G 77 47.86 -5.85 -22.39
C HIS G 77 47.26 -5.17 -21.16
N VAL G 78 46.05 -4.65 -21.33
CA VAL G 78 45.33 -3.98 -20.24
C VAL G 78 44.34 -5.02 -19.73
N PRO G 79 44.64 -5.66 -18.59
CA PRO G 79 43.71 -6.67 -18.09
C PRO G 79 42.32 -6.20 -17.68
N PRO G 80 41.28 -6.79 -18.27
CA PRO G 80 39.92 -6.40 -17.92
C PRO G 80 39.61 -6.57 -16.43
N VAL G 81 40.28 -7.52 -15.78
CA VAL G 81 40.01 -7.70 -14.36
C VAL G 81 40.48 -6.47 -13.58
N VAL G 82 41.60 -5.88 -13.98
CA VAL G 82 42.11 -4.70 -13.30
C VAL G 82 41.18 -3.51 -13.54
N GLN G 83 40.79 -3.30 -14.79
CA GLN G 83 39.92 -2.19 -15.11
C GLN G 83 38.56 -2.33 -14.45
N ALA G 84 38.10 -3.56 -14.25
CA ALA G 84 36.80 -3.79 -13.63
C ALA G 84 36.85 -3.37 -12.16
N LEU G 85 37.92 -3.75 -11.46
CA LEU G 85 38.08 -3.43 -10.05
C LEU G 85 38.29 -1.92 -9.81
N ALA G 86 39.09 -1.29 -10.67
CA ALA G 86 39.36 0.14 -10.55
C ALA G 86 38.17 0.98 -10.98
N ALA G 87 37.19 0.34 -11.63
CA ALA G 87 35.98 1.03 -12.08
C ALA G 87 34.93 1.08 -10.97
N ARG G 88 35.16 0.34 -9.87
CA ARG G 88 34.24 0.33 -8.74
C ARG G 88 34.04 1.79 -8.27
N GLY G 89 32.77 2.20 -8.20
CA GLY G 89 32.44 3.55 -7.80
C GLY G 89 33.15 4.10 -6.58
N GLU G 90 33.33 3.27 -5.56
CA GLU G 90 34.00 3.71 -4.34
C GLU G 90 35.43 4.18 -4.59
N PHE G 91 36.17 3.46 -5.45
CA PHE G 91 37.54 3.84 -5.78
C PHE G 91 37.56 5.03 -6.71
N LEU G 92 36.64 5.00 -7.68
CA LEU G 92 36.55 6.04 -8.69
C LEU G 92 36.14 7.42 -8.20
N THR G 93 35.14 7.46 -7.32
CA THR G 93 34.61 8.74 -6.84
C THR G 93 34.97 9.19 -5.44
N ALA G 94 35.88 8.48 -4.78
CA ALA G 94 36.30 8.86 -3.44
C ALA G 94 37.24 10.05 -3.56
N TYR G 95 37.37 10.82 -2.47
CA TYR G 95 38.28 11.95 -2.46
C TYR G 95 39.49 11.52 -1.64
N THR G 96 40.51 12.37 -1.55
CA THR G 96 41.69 12.06 -0.75
C THR G 96 41.14 11.62 0.61
N PRO G 97 41.63 10.47 1.13
CA PRO G 97 41.20 9.90 2.41
C PRO G 97 41.56 10.62 3.70
N TYR G 98 40.97 11.79 3.93
CA TYR G 98 41.23 12.56 5.13
C TYR G 98 40.39 12.11 6.33
N GLN G 99 39.33 11.37 6.06
CA GLN G 99 38.46 10.85 7.12
C GLN G 99 38.68 9.34 7.08
N PRO G 100 39.81 8.88 7.64
CA PRO G 100 40.24 7.49 7.70
C PRO G 100 39.25 6.41 8.10
N GLU G 101 38.38 6.71 9.05
CA GLU G 101 37.42 5.71 9.52
C GLU G 101 36.51 5.14 8.43
N VAL G 102 36.17 5.96 7.45
CA VAL G 102 35.32 5.50 6.35
C VAL G 102 36.09 5.35 5.05
N SER G 103 37.41 5.52 5.10
CA SER G 103 38.23 5.40 3.89
C SER G 103 39.34 4.36 4.01
N GLN G 104 39.10 3.31 4.78
CA GLN G 104 40.11 2.26 4.94
C GLN G 104 40.37 1.53 3.63
N GLY G 105 39.38 1.55 2.74
CA GLY G 105 39.53 0.90 1.46
C GLY G 105 40.65 1.52 0.66
N VAL G 106 40.57 2.83 0.43
CA VAL G 106 41.61 3.52 -0.32
C VAL G 106 42.92 3.59 0.47
N LEU G 107 42.83 3.84 1.77
CA LEU G 107 44.02 3.91 2.61
C LEU G 107 44.79 2.60 2.59
N GLN G 108 44.11 1.48 2.74
CA GLN G 108 44.82 0.20 2.72
C GLN G 108 45.41 -0.08 1.34
N ALA G 109 44.63 0.20 0.29
CA ALA G 109 45.09 -0.04 -1.07
C ALA G 109 46.35 0.78 -1.36
N THR G 110 46.39 2.00 -0.85
CA THR G 110 47.53 2.89 -1.06
C THR G 110 48.75 2.36 -0.32
N PHE G 111 48.52 1.86 0.90
CA PHE G 111 49.59 1.28 1.70
C PHE G 111 50.18 0.10 0.95
N GLU G 112 49.31 -0.72 0.36
CA GLU G 112 49.74 -1.88 -0.40
C GLU G 112 50.48 -1.41 -1.65
N TYR G 113 49.99 -0.33 -2.26
CA TYR G 113 50.65 0.23 -3.44
C TYR G 113 52.08 0.65 -3.07
N GLN G 114 52.22 1.38 -1.97
CA GLN G 114 53.52 1.84 -1.52
C GLN G 114 54.46 0.66 -1.34
N THR G 115 53.95 -0.40 -0.72
CA THR G 115 54.73 -1.60 -0.48
C THR G 115 55.24 -2.20 -1.78
N MET G 116 54.35 -2.40 -2.75
CA MET G 116 54.74 -3.00 -4.02
C MET G 116 55.76 -2.20 -4.80
N ILE G 117 55.61 -0.88 -4.81
CA ILE G 117 56.54 -0.01 -5.51
C ILE G 117 57.92 -0.08 -4.86
N ALA G 118 57.95 0.01 -3.54
CA ALA G 118 59.20 -0.06 -2.80
C ALA G 118 59.89 -1.37 -3.13
N GLU G 119 59.13 -2.46 -3.09
CA GLU G 119 59.66 -3.79 -3.40
C GLU G 119 60.19 -3.87 -4.83
N LEU G 120 59.40 -3.37 -5.76
CA LEU G 120 59.76 -3.41 -7.17
C LEU G 120 61.10 -2.68 -7.39
N ALA G 121 61.23 -1.52 -6.77
CA ALA G 121 62.44 -0.71 -6.90
C ALA G 121 63.58 -1.21 -6.00
N GLY G 122 63.26 -2.13 -5.10
CA GLY G 122 64.27 -2.65 -4.20
C GLY G 122 64.63 -1.63 -3.14
N LEU G 123 63.70 -0.72 -2.86
CA LEU G 123 63.92 0.31 -1.84
C LEU G 123 63.06 0.07 -0.59
N GLU G 124 63.04 1.04 0.33
CA GLU G 124 62.31 0.88 1.58
C GLU G 124 60.94 1.52 1.73
N ILE G 125 60.78 2.71 1.15
CA ILE G 125 59.53 3.44 1.22
C ILE G 125 59.20 4.05 -0.14
N ALA G 126 57.96 4.51 -0.29
CA ALA G 126 57.50 5.15 -1.51
C ALA G 126 56.29 5.99 -1.17
N ASN G 127 56.11 7.13 -1.83
CA ASN G 127 54.94 7.94 -1.53
C ASN G 127 53.72 7.37 -2.23
N ALA G 128 52.57 8.02 -2.05
CA ALA G 128 51.31 7.57 -2.61
C ALA G 128 51.15 7.72 -4.13
N SER G 129 52.13 8.37 -4.77
CA SER G 129 52.17 8.57 -6.23
C SER G 129 52.49 10.01 -6.65
N MET G 130 53.04 10.12 -7.85
CA MET G 130 53.41 11.40 -8.45
C MET G 130 52.59 11.47 -9.75
N TYR G 131 52.55 12.64 -10.39
CA TYR G 131 51.78 12.81 -11.63
C TYR G 131 52.19 11.86 -12.76
N ASP G 132 53.50 11.75 -12.98
CA ASP G 132 54.01 10.89 -14.03
C ASP G 132 55.49 10.65 -13.80
N GLY G 133 56.12 9.91 -14.70
CA GLY G 133 57.52 9.61 -14.55
C GLY G 133 58.42 10.84 -14.54
N ALA G 134 58.19 11.76 -15.46
CA ALA G 134 59.00 12.97 -15.57
C ALA G 134 58.95 13.84 -14.30
N THR G 135 57.77 14.10 -13.78
CA THR G 135 57.65 14.91 -12.58
C THR G 135 58.18 14.15 -11.37
N ALA G 136 58.07 12.82 -11.41
CA ALA G 136 58.57 12.00 -10.31
C ALA G 136 60.08 12.20 -10.24
N LEU G 137 60.72 12.25 -11.41
CA LEU G 137 62.16 12.46 -11.49
C LEU G 137 62.55 13.81 -10.91
N ALA G 138 61.85 14.86 -11.35
CA ALA G 138 62.13 16.20 -10.86
C ALA G 138 62.02 16.25 -9.34
N GLU G 139 60.93 15.71 -8.79
CA GLU G 139 60.74 15.70 -7.34
C GLU G 139 61.81 14.85 -6.65
N GLY G 140 62.21 13.76 -7.31
CA GLY G 140 63.22 12.89 -6.75
C GLY G 140 64.59 13.56 -6.69
N VAL G 141 64.91 14.33 -7.73
CA VAL G 141 66.19 15.03 -7.77
C VAL G 141 66.15 16.18 -6.75
N LEU G 142 65.02 16.87 -6.68
CA LEU G 142 64.88 17.98 -5.74
C LEU G 142 65.03 17.46 -4.31
N LEU G 143 64.56 16.23 -4.08
CA LEU G 143 64.66 15.61 -2.76
C LEU G 143 66.14 15.40 -2.43
N ALA G 144 66.88 14.90 -3.42
CA ALA G 144 68.31 14.66 -3.23
C ALA G 144 69.05 15.95 -2.88
N LEU G 145 68.77 17.01 -3.61
CA LEU G 145 69.44 18.29 -3.36
C LEU G 145 69.15 18.81 -1.95
N ARG G 146 67.89 18.67 -1.51
CA ARG G 146 67.52 19.11 -0.17
C ARG G 146 68.20 18.25 0.88
N GLU G 147 68.36 16.96 0.57
CA GLU G 147 69.00 16.03 1.48
C GLU G 147 70.51 16.29 1.62
N THR G 148 71.16 16.60 0.50
CA THR G 148 72.60 16.85 0.49
C THR G 148 72.94 18.31 0.69
N GLY G 149 71.97 19.19 0.49
CA GLY G 149 72.21 20.61 0.63
C GLY G 149 73.08 21.13 -0.49
N ARG G 150 73.06 20.44 -1.62
CA ARG G 150 73.87 20.82 -2.78
C ARG G 150 72.96 21.28 -3.92
N MET G 151 73.54 21.90 -4.94
CA MET G 151 72.77 22.40 -6.07
C MET G 151 73.16 21.82 -7.42
N GLY G 152 74.17 20.97 -7.45
CA GLY G 152 74.61 20.39 -8.71
C GLY G 152 73.94 19.07 -9.06
N VAL G 153 73.65 18.88 -10.34
CA VAL G 153 73.02 17.65 -10.82
C VAL G 153 73.61 17.20 -12.14
N LEU G 154 73.97 15.93 -12.23
CA LEU G 154 74.49 15.34 -13.45
C LEU G 154 73.44 14.36 -13.97
N VAL G 155 73.03 14.52 -15.22
CA VAL G 155 72.03 13.61 -15.77
C VAL G 155 72.50 12.99 -17.07
N SER G 156 72.31 11.68 -17.19
CA SER G 156 72.69 10.97 -18.40
C SER G 156 71.79 11.41 -19.55
N GLN G 157 72.37 11.56 -20.74
CA GLN G 157 71.59 11.94 -21.90
C GLN G 157 70.67 10.75 -22.21
N GLY G 158 71.02 9.60 -21.63
CA GLY G 158 70.23 8.39 -21.82
C GLY G 158 68.86 8.47 -21.18
N VAL G 159 68.65 9.50 -20.36
CA VAL G 159 67.35 9.69 -19.75
C VAL G 159 66.45 10.29 -20.85
N HIS G 160 65.20 9.83 -20.91
CA HIS G 160 64.25 10.30 -21.90
C HIS G 160 64.38 11.81 -22.01
N PRO G 161 64.48 12.33 -23.25
CA PRO G 161 64.63 13.77 -23.47
C PRO G 161 63.55 14.62 -22.79
N GLU G 162 62.31 14.12 -22.79
CA GLU G 162 61.23 14.84 -22.15
C GLU G 162 61.42 14.87 -20.64
N TYR G 163 61.94 13.78 -20.09
CA TYR G 163 62.19 13.73 -18.65
C TYR G 163 63.26 14.77 -18.31
N ARG G 164 64.28 14.88 -19.15
CA ARG G 164 65.36 15.83 -18.93
C ARG G 164 64.90 17.28 -19.05
N ALA G 165 63.93 17.54 -19.94
CA ALA G 165 63.42 18.90 -20.11
C ALA G 165 62.60 19.28 -18.88
N VAL G 166 61.80 18.35 -18.37
CA VAL G 166 60.99 18.61 -17.19
C VAL G 166 61.89 18.84 -15.99
N LEU G 167 62.93 18.02 -15.89
CA LEU G 167 63.89 18.11 -14.80
C LEU G 167 64.52 19.49 -14.78
N ARG G 168 64.95 19.96 -15.95
CA ARG G 168 65.58 21.27 -16.08
C ARG G 168 64.64 22.37 -15.60
N ALA G 169 63.39 22.29 -16.01
CA ALA G 169 62.40 23.29 -15.61
C ALA G 169 62.34 23.39 -14.08
N TYR G 170 62.11 22.27 -13.42
CA TYR G 170 62.02 22.26 -11.96
C TYR G 170 63.32 22.70 -11.29
N LEU G 171 64.44 22.24 -11.82
CA LEU G 171 65.75 22.56 -11.27
C LEU G 171 66.12 24.04 -11.36
N GLU G 172 66.07 24.60 -12.56
CA GLU G 172 66.41 25.99 -12.75
C GLU G 172 65.49 26.91 -11.96
N ALA G 173 64.27 26.45 -11.69
CA ALA G 173 63.31 27.25 -10.95
C ALA G 173 63.79 27.57 -9.53
N VAL G 174 64.54 26.65 -8.93
CA VAL G 174 65.06 26.87 -7.58
C VAL G 174 66.57 27.14 -7.59
N GLY G 175 67.11 27.43 -8.77
CA GLY G 175 68.52 27.75 -8.88
C GLY G 175 69.51 26.60 -8.96
N ALA G 176 69.00 25.38 -9.09
CA ALA G 176 69.90 24.23 -9.18
C ALA G 176 70.57 24.24 -10.55
N LYS G 177 71.72 23.59 -10.64
CA LYS G 177 72.45 23.52 -11.90
C LYS G 177 72.43 22.10 -12.46
N LEU G 178 72.18 22.01 -13.76
CA LEU G 178 72.12 20.72 -14.43
C LEU G 178 73.14 20.58 -15.54
N LEU G 179 73.81 19.43 -15.57
CA LEU G 179 74.80 19.14 -16.60
C LEU G 179 74.44 17.77 -17.19
N THR G 180 74.36 17.71 -18.52
CA THR G 180 74.00 16.48 -19.21
C THR G 180 75.22 15.70 -19.69
N LEU G 181 75.23 14.41 -19.38
CA LEU G 181 76.33 13.53 -19.78
C LEU G 181 75.92 12.87 -21.09
N PRO G 182 76.57 13.27 -22.20
CA PRO G 182 76.25 12.69 -23.51
C PRO G 182 76.51 11.20 -23.64
N LEU G 183 75.67 10.53 -24.41
CA LEU G 183 75.81 9.11 -24.64
C LEU G 183 76.97 8.84 -25.59
N GLU G 184 77.59 7.68 -25.45
CA GLU G 184 78.70 7.28 -26.30
C GLU G 184 78.46 5.82 -26.63
N GLY G 185 78.22 5.53 -27.90
CA GLY G 185 77.97 4.16 -28.29
C GLY G 185 76.64 3.69 -27.70
N GLY G 186 75.74 4.64 -27.45
CA GLY G 186 74.44 4.29 -26.91
C GLY G 186 74.37 4.13 -25.39
N ARG G 187 75.50 4.31 -24.71
CA ARG G 187 75.51 4.18 -23.25
C ARG G 187 76.15 5.38 -22.57
N THR G 188 75.95 5.48 -21.26
CA THR G 188 76.50 6.59 -20.50
C THR G 188 77.88 6.30 -19.91
N PRO G 189 78.89 7.09 -20.30
CA PRO G 189 80.23 6.86 -19.74
C PRO G 189 80.26 7.33 -18.29
N LEU G 190 81.03 6.65 -17.46
CA LEU G 190 81.12 7.00 -16.05
C LEU G 190 81.77 8.38 -15.90
N PRO G 191 81.09 9.31 -15.21
CA PRO G 191 81.64 10.64 -15.02
C PRO G 191 82.33 10.82 -13.68
N GLU G 192 83.12 11.89 -13.57
CA GLU G 192 83.78 12.23 -12.31
C GLU G 192 82.79 13.09 -11.58
N VAL G 193 82.47 12.74 -10.34
CA VAL G 193 81.51 13.50 -9.57
C VAL G 193 82.19 14.36 -8.50
N GLY G 194 81.94 15.67 -8.57
CA GLY G 194 82.55 16.59 -7.62
C GLY G 194 81.67 16.87 -6.41
N GLU G 195 82.26 17.55 -5.42
CA GLU G 195 81.57 17.89 -4.17
C GLU G 195 80.36 18.79 -4.38
N GLU G 196 80.28 19.41 -5.55
CA GLU G 196 79.18 20.32 -5.84
C GLU G 196 77.94 19.56 -6.32
N VAL G 197 78.13 18.30 -6.69
CA VAL G 197 77.03 17.48 -7.19
C VAL G 197 76.17 16.87 -6.09
N GLY G 198 74.88 17.21 -6.10
CA GLY G 198 73.98 16.65 -5.11
C GLY G 198 73.32 15.39 -5.62
N ALA G 199 73.20 15.25 -6.94
CA ALA G 199 72.55 14.07 -7.50
C ALA G 199 73.07 13.64 -8.86
N VAL G 200 73.19 12.33 -9.04
CA VAL G 200 73.62 11.74 -10.30
C VAL G 200 72.40 10.95 -10.80
N VAL G 201 72.01 11.19 -12.06
CA VAL G 201 70.82 10.56 -12.62
C VAL G 201 71.07 9.72 -13.87
N VAL G 202 70.62 8.47 -13.84
CA VAL G 202 70.77 7.55 -14.96
C VAL G 202 69.49 6.75 -15.16
N GLN G 203 69.17 6.43 -16.42
CA GLN G 203 67.96 5.67 -16.73
C GLN G 203 68.31 4.27 -17.20
N ASN G 204 67.58 3.27 -16.71
CA ASN G 204 67.83 1.90 -17.12
C ASN G 204 66.52 1.10 -17.17
N PRO G 205 66.18 0.57 -18.36
CA PRO G 205 66.92 0.69 -19.63
C PRO G 205 66.85 2.15 -20.07
N ASN G 206 67.87 2.64 -20.76
CA ASN G 206 67.83 4.04 -21.17
C ASN G 206 66.90 4.31 -22.35
N PHE G 207 66.84 5.59 -22.76
CA PHE G 207 65.96 6.02 -23.84
C PHE G 207 66.09 5.24 -25.14
N LEU G 208 67.29 4.78 -25.45
CA LEU G 208 67.51 4.03 -26.69
C LEU G 208 67.29 2.52 -26.48
N GLY G 209 66.92 2.15 -25.25
CA GLY G 209 66.66 0.75 -24.95
C GLY G 209 67.85 0.01 -24.39
N ALA G 210 69.00 0.65 -24.37
CA ALA G 210 70.22 0.03 -23.87
C ALA G 210 70.26 -0.13 -22.36
N LEU G 211 70.77 -1.27 -21.91
CA LEU G 211 70.90 -1.53 -20.48
C LEU G 211 72.18 -0.84 -20.03
N GLU G 212 72.13 -0.18 -18.87
CA GLU G 212 73.28 0.54 -18.34
C GLU G 212 73.76 -0.11 -17.04
N ASP G 213 75.07 -0.12 -16.83
CA ASP G 213 75.65 -0.69 -15.62
C ASP G 213 75.58 0.38 -14.53
N LEU G 214 74.55 0.28 -13.69
CA LEU G 214 74.29 1.26 -12.66
C LEU G 214 75.18 1.29 -11.42
N GLY G 215 75.70 0.13 -11.03
CA GLY G 215 76.56 0.06 -9.84
C GLY G 215 77.66 1.11 -9.81
N PRO G 216 78.51 1.19 -10.85
CA PRO G 216 79.59 2.18 -10.86
C PRO G 216 79.12 3.63 -10.71
N PHE G 217 77.90 3.90 -11.17
CA PHE G 217 77.35 5.25 -11.06
C PHE G 217 77.01 5.53 -9.59
N ALA G 218 76.48 4.52 -8.90
CA ALA G 218 76.13 4.68 -7.49
C ALA G 218 77.41 4.94 -6.69
N GLU G 219 78.46 4.16 -6.96
CA GLU G 219 79.72 4.32 -6.27
C GLU G 219 80.34 5.69 -6.49
N ALA G 220 80.26 6.18 -7.73
CA ALA G 220 80.83 7.48 -8.06
C ALA G 220 80.12 8.57 -7.27
N ALA G 221 78.79 8.51 -7.27
CA ALA G 221 77.99 9.50 -6.55
C ALA G 221 78.31 9.46 -5.05
N HIS G 222 78.23 8.29 -4.46
CA HIS G 222 78.50 8.14 -3.03
C HIS G 222 79.92 8.54 -2.66
N GLY G 223 80.86 8.29 -3.57
CA GLY G 223 82.25 8.66 -3.30
C GLY G 223 82.42 10.15 -3.15
N ALA G 224 81.53 10.92 -3.79
CA ALA G 224 81.58 12.38 -3.73
C ALA G 224 80.61 12.92 -2.68
N GLY G 225 79.76 12.05 -2.16
CA GLY G 225 78.79 12.48 -1.16
C GLY G 225 77.45 12.84 -1.78
N ALA G 226 77.27 12.51 -3.06
CA ALA G 226 76.00 12.80 -3.73
C ALA G 226 75.10 11.57 -3.68
N LEU G 227 73.82 11.75 -4.02
CA LEU G 227 72.89 10.64 -4.03
C LEU G 227 72.71 10.14 -5.46
N PHE G 228 72.35 8.87 -5.62
CA PHE G 228 72.15 8.33 -6.95
C PHE G 228 70.67 8.14 -7.22
N VAL G 229 70.20 8.73 -8.31
CA VAL G 229 68.80 8.63 -8.70
C VAL G 229 68.65 7.79 -9.95
N ALA G 230 67.88 6.72 -9.86
CA ALA G 230 67.65 5.87 -11.01
C ALA G 230 66.24 6.04 -11.57
N VAL G 231 66.15 6.12 -12.89
CA VAL G 231 64.86 6.23 -13.59
C VAL G 231 64.70 4.82 -14.17
N ALA G 232 63.61 4.14 -13.86
CA ALA G 232 63.43 2.79 -14.37
C ALA G 232 61.99 2.39 -14.65
N ASP G 233 61.76 1.82 -15.83
CA ASP G 233 60.44 1.35 -16.22
C ASP G 233 60.08 0.26 -15.20
N PRO G 234 58.94 0.40 -14.51
CA PRO G 234 58.54 -0.61 -13.52
C PRO G 234 58.37 -2.04 -14.04
N LEU G 235 57.89 -2.20 -15.27
CA LEU G 235 57.72 -3.54 -15.82
C LEU G 235 59.06 -4.26 -15.95
N SER G 236 60.08 -3.52 -16.39
CA SER G 236 61.41 -4.08 -16.56
C SER G 236 61.93 -4.60 -15.22
N LEU G 237 61.50 -3.98 -14.13
CA LEU G 237 61.93 -4.40 -12.80
C LEU G 237 61.42 -5.79 -12.42
N GLY G 238 60.60 -6.37 -13.29
CA GLY G 238 60.09 -7.70 -13.02
C GLY G 238 61.17 -8.73 -13.30
N VAL G 239 62.23 -8.31 -14.00
CA VAL G 239 63.31 -9.22 -14.35
C VAL G 239 64.72 -8.62 -14.25
N LEU G 240 64.83 -7.29 -14.26
CA LEU G 240 66.13 -6.64 -14.17
C LEU G 240 66.51 -6.29 -12.72
N LYS G 241 67.80 -6.37 -12.41
CA LYS G 241 68.30 -6.02 -11.09
C LYS G 241 67.81 -4.60 -10.81
N PRO G 242 67.05 -4.40 -9.73
CA PRO G 242 66.49 -3.09 -9.37
C PRO G 242 67.52 -2.07 -8.87
N PRO G 243 67.23 -0.77 -9.08
CA PRO G 243 68.12 0.30 -8.64
C PRO G 243 68.58 0.16 -7.19
N GLY G 244 67.67 -0.26 -6.31
CA GLY G 244 68.02 -0.43 -4.92
C GLY G 244 69.12 -1.46 -4.71
N ALA G 245 69.15 -2.49 -5.58
CA ALA G 245 70.16 -3.53 -5.50
C ALA G 245 71.53 -3.01 -5.90
N TYR G 246 71.56 -1.94 -6.70
CA TYR G 246 72.80 -1.32 -7.17
C TYR G 246 73.27 -0.22 -6.21
N GLY G 247 72.46 0.06 -5.20
CA GLY G 247 72.83 1.10 -4.25
C GLY G 247 72.17 2.44 -4.54
N ALA G 248 71.11 2.43 -5.34
CA ALA G 248 70.41 3.67 -5.65
C ALA G 248 69.76 4.19 -4.37
N ASP G 249 69.71 5.50 -4.22
CA ASP G 249 69.10 6.11 -3.05
C ASP G 249 67.65 6.43 -3.35
N ILE G 250 67.39 6.68 -4.63
CA ILE G 250 66.06 7.05 -5.07
C ILE G 250 65.78 6.40 -6.42
N ALA G 251 64.54 5.95 -6.60
CA ALA G 251 64.13 5.34 -7.86
C ALA G 251 62.81 5.97 -8.27
N VAL G 252 62.71 6.33 -9.55
CA VAL G 252 61.49 6.94 -10.08
C VAL G 252 61.18 6.33 -11.43
N GLY G 253 59.96 6.55 -11.90
CA GLY G 253 59.53 6.02 -13.19
C GLY G 253 58.06 6.23 -13.43
N ASP G 254 57.62 5.89 -14.64
CA ASP G 254 56.22 6.03 -15.02
C ASP G 254 55.53 4.66 -14.94
N GLY G 255 54.28 4.66 -14.48
CA GLY G 255 53.57 3.40 -14.33
C GLY G 255 52.79 2.86 -15.51
N GLN G 256 52.84 3.54 -16.66
CA GLN G 256 52.09 3.10 -17.84
C GLN G 256 52.28 1.64 -18.20
N SER G 257 53.51 1.15 -18.10
CA SER G 257 53.79 -0.24 -18.47
C SER G 257 53.16 -1.26 -17.52
N LEU G 258 52.51 -0.79 -16.45
CA LEU G 258 51.86 -1.71 -15.52
C LEU G 258 50.38 -1.88 -15.91
N GLY G 259 50.17 -2.35 -17.14
CA GLY G 259 48.83 -2.61 -17.63
C GLY G 259 47.88 -1.44 -17.85
N LEU G 260 48.42 -0.23 -17.92
CA LEU G 260 47.61 0.97 -18.12
C LEU G 260 47.35 1.31 -19.58
N PRO G 261 46.13 1.79 -19.88
CA PRO G 261 45.83 2.16 -21.27
C PRO G 261 46.72 3.34 -21.69
N MET G 262 47.22 3.29 -22.91
CA MET G 262 48.10 4.35 -23.40
C MET G 262 47.46 5.74 -23.30
N GLY G 263 46.15 5.81 -23.54
CA GLY G 263 45.41 7.05 -23.44
C GLY G 263 46.02 8.29 -24.06
N PHE G 264 46.74 8.09 -25.17
CA PHE G 264 47.39 9.17 -25.88
C PHE G 264 48.29 10.00 -24.96
N GLY G 265 48.88 9.34 -23.97
CA GLY G 265 49.78 10.05 -23.07
C GLY G 265 49.36 10.30 -21.64
N GLY G 266 48.13 9.95 -21.28
CA GLY G 266 47.72 10.16 -19.91
C GLY G 266 46.24 9.99 -19.64
N PRO G 267 45.85 9.82 -18.37
CA PRO G 267 46.79 9.80 -17.24
C PRO G 267 47.33 8.42 -16.90
N HIS G 268 48.53 8.40 -16.36
CA HIS G 268 49.19 7.19 -15.90
C HIS G 268 49.56 7.63 -14.49
N PHE G 269 50.75 7.31 -14.03
CA PHE G 269 51.19 7.76 -12.71
C PHE G 269 52.71 7.66 -12.62
N GLY G 270 53.26 8.30 -11.60
CA GLY G 270 54.68 8.26 -11.41
C GLY G 270 54.94 7.70 -10.03
N PHE G 271 56.04 6.98 -9.87
CA PHE G 271 56.37 6.42 -8.57
C PHE G 271 57.70 7.01 -8.09
N LEU G 272 57.83 7.15 -6.79
CA LEU G 272 59.03 7.68 -6.18
C LEU G 272 59.31 6.84 -4.95
N ALA G 273 60.38 6.07 -4.99
CA ALA G 273 60.76 5.21 -3.87
C ALA G 273 62.14 5.66 -3.39
N THR G 274 62.41 5.45 -2.10
CA THR G 274 63.70 5.85 -1.53
C THR G 274 63.95 5.14 -0.20
N LYS G 275 64.93 5.64 0.56
CA LYS G 275 65.27 5.08 1.86
C LYS G 275 64.38 5.67 2.94
N LYS G 276 64.07 4.89 3.97
CA LYS G 276 63.23 5.40 5.04
C LYS G 276 63.94 6.55 5.74
N ALA G 277 65.27 6.52 5.71
CA ALA G 277 66.08 7.55 6.33
C ALA G 277 65.85 8.92 5.70
N PHE G 278 65.38 8.94 4.45
CA PHE G 278 65.14 10.21 3.77
C PHE G 278 63.67 10.61 3.76
N VAL G 279 62.86 9.96 4.60
CA VAL G 279 61.44 10.25 4.63
C VAL G 279 61.07 11.71 4.92
N ARG G 280 61.89 12.41 5.69
CA ARG G 280 61.63 13.80 6.05
C ARG G 280 61.55 14.71 4.83
N GLN G 281 62.31 14.38 3.78
CA GLN G 281 62.31 15.18 2.56
C GLN G 281 61.34 14.66 1.48
N LEU G 282 60.70 13.52 1.76
CA LEU G 282 59.77 12.92 0.81
C LEU G 282 58.54 13.79 0.55
N PRO G 283 58.22 14.07 -0.72
CA PRO G 283 57.06 14.89 -1.02
C PRO G 283 55.85 13.99 -1.32
N GLY G 284 54.65 14.55 -1.25
CA GLY G 284 53.45 13.78 -1.55
C GLY G 284 52.81 13.10 -0.35
N ARG G 285 51.74 12.35 -0.60
CA ARG G 285 51.06 11.65 0.47
C ARG G 285 51.80 10.41 0.88
N LEU G 286 51.61 10.01 2.13
CA LEU G 286 52.28 8.84 2.69
C LEU G 286 51.33 8.16 3.66
N VAL G 287 51.07 6.88 3.44
CA VAL G 287 50.17 6.15 4.32
C VAL G 287 50.94 5.31 5.31
N SER G 288 50.45 5.28 6.54
CA SER G 288 51.10 4.48 7.58
C SER G 288 50.09 3.59 8.29
N GLU G 289 50.53 2.41 8.67
CA GLU G 289 49.66 1.52 9.42
C GLU G 289 49.61 2.08 10.84
N THR G 290 48.52 1.83 11.54
CA THR G 290 48.37 2.27 12.91
C THR G 290 47.25 1.45 13.54
N VAL G 291 46.67 1.98 14.61
CA VAL G 291 45.62 1.25 15.29
C VAL G 291 44.53 2.20 15.77
N ASP G 292 43.29 1.72 15.90
CA ASP G 292 42.22 2.59 16.39
C ASP G 292 42.12 2.49 17.91
N VAL G 293 41.18 3.23 18.49
CA VAL G 293 40.99 3.26 19.93
C VAL G 293 40.81 1.88 20.58
N GLU G 294 40.36 0.90 19.81
CA GLU G 294 40.16 -0.44 20.35
C GLU G 294 41.23 -1.43 19.89
N GLY G 295 42.29 -0.90 19.30
CA GLY G 295 43.38 -1.76 18.86
C GLY G 295 43.21 -2.40 17.49
N ARG G 296 42.20 -2.01 16.74
CA ARG G 296 41.99 -2.59 15.40
C ARG G 296 43.03 -2.03 14.44
N ARG G 297 43.50 -2.86 13.51
CA ARG G 297 44.47 -2.38 12.54
C ARG G 297 43.83 -1.29 11.69
N GLY G 298 44.58 -0.23 11.43
CA GLY G 298 44.07 0.86 10.62
C GLY G 298 45.18 1.51 9.81
N PHE G 299 44.80 2.33 8.83
CA PHE G 299 45.78 3.01 8.00
C PHE G 299 45.41 4.48 7.98
N ILE G 300 46.41 5.35 7.88
CA ILE G 300 46.17 6.78 7.90
C ILE G 300 47.29 7.56 7.22
N LEU G 301 46.96 8.73 6.67
CA LEU G 301 47.98 9.57 6.04
C LEU G 301 48.85 10.08 7.19
N THR G 302 50.16 10.13 6.99
CA THR G 302 51.04 10.56 8.07
C THR G 302 52.14 11.52 7.64
N LEU G 303 52.90 12.00 8.63
CA LEU G 303 54.01 12.91 8.41
C LEU G 303 53.60 14.02 7.46
N GLN G 304 52.42 14.57 7.70
CA GLN G 304 51.86 15.62 6.86
C GLN G 304 52.55 16.97 6.94
N ALA G 305 53.60 17.09 7.75
CA ALA G 305 54.32 18.35 7.85
C ALA G 305 55.13 18.54 6.56
N ARG G 306 55.20 17.48 5.76
CA ARG G 306 55.91 17.49 4.48
C ARG G 306 55.01 18.10 3.41
N GLU G 307 53.72 18.11 3.68
CA GLU G 307 52.72 18.60 2.72
C GLU G 307 52.24 20.04 2.86
N GLN G 308 51.68 20.55 1.76
CA GLN G 308 51.20 21.93 1.67
C GLN G 308 50.23 22.45 2.71
N TYR G 309 49.27 21.64 3.13
CA TYR G 309 48.30 22.13 4.12
C TYR G 309 48.97 22.62 5.40
N ILE G 310 49.86 21.80 5.95
CA ILE G 310 50.55 22.13 7.19
C ILE G 310 51.77 23.04 7.01
N ARG G 311 52.62 22.71 6.05
CA ARG G 311 53.84 23.47 5.83
C ARG G 311 53.75 24.65 4.86
N ARG G 312 52.69 24.70 4.08
CA ARG G 312 52.50 25.78 3.12
C ARG G 312 53.80 26.16 2.39
N ALA G 313 54.24 27.41 2.52
CA ALA G 313 55.46 27.86 1.86
C ALA G 313 56.69 26.96 2.07
N LYS G 314 56.70 26.21 3.15
CA LYS G 314 57.84 25.33 3.43
C LYS G 314 57.59 23.86 3.11
N ALA G 315 56.49 23.58 2.43
CA ALA G 315 56.18 22.20 2.05
C ALA G 315 57.22 21.69 1.08
N LYS G 316 57.50 20.39 1.13
CA LYS G 316 58.50 19.79 0.25
C LYS G 316 58.09 19.88 -1.21
N SER G 317 56.79 20.12 -1.44
CA SER G 317 56.23 20.25 -2.78
C SER G 317 54.84 20.83 -2.65
N ASN G 318 54.34 21.41 -3.73
CA ASN G 318 53.00 22.00 -3.72
C ASN G 318 51.97 20.94 -4.05
N ILE G 319 52.42 19.71 -4.34
CA ILE G 319 51.50 18.65 -4.74
C ILE G 319 50.34 18.39 -3.79
N THR G 320 49.15 18.31 -4.37
CA THR G 320 47.91 18.07 -3.63
C THR G 320 47.30 16.86 -4.31
N THR G 321 46.44 17.07 -5.32
CA THR G 321 45.88 15.95 -6.05
C THR G 321 47.08 15.21 -6.64
N ASN G 322 47.08 13.88 -6.59
CA ASN G 322 48.20 13.12 -7.15
C ASN G 322 47.71 12.28 -8.34
N ALA G 323 48.03 10.99 -8.35
CA ALA G 323 47.58 10.11 -9.43
C ALA G 323 47.17 8.81 -8.75
N GLN G 324 46.38 8.95 -7.70
CA GLN G 324 45.95 7.81 -6.89
C GLN G 324 45.27 6.64 -7.59
N LEU G 325 44.22 6.90 -8.36
CA LEU G 325 43.50 5.80 -9.01
C LEU G 325 44.37 5.01 -9.98
N THR G 326 45.15 5.68 -10.81
CA THR G 326 46.00 4.98 -11.75
C THR G 326 47.10 4.24 -11.00
N ALA G 327 47.51 4.77 -9.85
CA ALA G 327 48.54 4.11 -9.04
C ALA G 327 47.93 2.83 -8.49
N LEU G 328 46.65 2.89 -8.11
CA LEU G 328 45.97 1.70 -7.59
C LEU G 328 45.81 0.67 -8.70
N MET G 329 45.63 1.14 -9.94
CA MET G 329 45.51 0.21 -11.07
C MET G 329 46.85 -0.51 -11.20
N GLY G 330 47.94 0.24 -11.07
CA GLY G 330 49.26 -0.37 -11.18
C GLY G 330 49.43 -1.40 -10.07
N ALA G 331 48.99 -1.06 -8.86
CA ALA G 331 49.09 -1.98 -7.73
C ALA G 331 48.25 -3.24 -7.99
N MET G 332 47.07 -3.07 -8.58
CA MET G 332 46.22 -4.20 -8.89
C MET G 332 46.88 -5.09 -9.92
N TYR G 333 47.54 -4.47 -10.89
CA TYR G 333 48.25 -5.18 -11.95
C TYR G 333 49.36 -6.03 -11.32
N LEU G 334 50.16 -5.39 -10.48
CA LEU G 334 51.26 -6.07 -9.80
C LEU G 334 50.76 -7.25 -8.97
N ALA G 335 49.66 -7.04 -8.24
CA ALA G 335 49.08 -8.09 -7.42
C ALA G 335 48.49 -9.19 -8.31
N ALA G 336 47.94 -8.77 -9.45
CA ALA G 336 47.32 -9.71 -10.38
C ALA G 336 48.33 -10.65 -11.03
N LEU G 337 49.51 -10.12 -11.36
CA LEU G 337 50.56 -10.91 -11.99
C LEU G 337 51.50 -11.57 -11.00
N GLY G 338 51.78 -10.89 -9.90
CA GLY G 338 52.70 -11.44 -8.91
C GLY G 338 54.12 -11.35 -9.41
N PRO G 339 55.11 -11.83 -8.64
CA PRO G 339 56.50 -11.77 -9.09
C PRO G 339 56.82 -12.51 -10.38
N GLU G 340 56.32 -13.74 -10.51
CA GLU G 340 56.59 -14.55 -11.69
C GLU G 340 55.79 -14.12 -12.91
N GLY G 341 54.54 -13.72 -12.70
CA GLY G 341 53.74 -13.28 -13.82
C GLY G 341 54.34 -12.02 -14.44
N LEU G 342 54.84 -11.12 -13.59
CA LEU G 342 55.44 -9.89 -14.07
C LEU G 342 56.75 -10.21 -14.80
N ARG G 343 57.50 -11.15 -14.26
CA ARG G 343 58.76 -11.55 -14.86
C ARG G 343 58.51 -12.13 -16.26
N GLU G 344 57.43 -12.90 -16.41
CA GLU G 344 57.08 -13.49 -17.70
C GLU G 344 56.70 -12.44 -18.73
N VAL G 345 55.87 -11.49 -18.33
CA VAL G 345 55.43 -10.42 -19.23
C VAL G 345 56.65 -9.65 -19.73
N ALA G 346 57.49 -9.21 -18.79
CA ALA G 346 58.70 -8.47 -19.15
C ALA G 346 59.58 -9.27 -20.10
N LEU G 347 59.81 -10.54 -19.77
CA LEU G 347 60.63 -11.39 -20.61
C LEU G 347 60.07 -11.53 -22.02
N LYS G 348 58.76 -11.73 -22.12
CA LYS G 348 58.14 -11.90 -23.44
C LYS G 348 58.30 -10.65 -24.29
N SER G 349 58.14 -9.47 -23.71
CA SER G 349 58.28 -8.25 -24.50
C SER G 349 59.73 -8.11 -24.95
N VAL G 350 60.67 -8.54 -24.13
CA VAL G 350 62.07 -8.46 -24.50
C VAL G 350 62.32 -9.42 -25.66
N GLU G 351 61.79 -10.64 -25.54
CA GLU G 351 61.96 -11.63 -26.58
C GLU G 351 61.44 -11.12 -27.92
N MET G 352 60.21 -10.61 -27.93
CA MET G 352 59.65 -10.12 -29.18
C MET G 352 60.41 -8.92 -29.74
N ALA G 353 60.94 -8.06 -28.86
CA ALA G 353 61.70 -6.91 -29.31
C ALA G 353 62.98 -7.41 -29.97
N HIS G 354 63.61 -8.41 -29.37
CA HIS G 354 64.84 -8.95 -29.93
C HIS G 354 64.58 -9.66 -31.26
N LYS G 355 63.42 -10.31 -31.38
CA LYS G 355 63.09 -10.98 -32.63
C LYS G 355 62.86 -9.97 -33.74
N LEU G 356 62.20 -8.86 -33.40
CA LEU G 356 61.92 -7.80 -34.37
C LEU G 356 63.23 -7.18 -34.86
N HIS G 357 64.12 -6.88 -33.91
CA HIS G 357 65.42 -6.31 -34.24
C HIS G 357 66.15 -7.19 -35.26
N ALA G 358 66.17 -8.49 -35.01
CA ALA G 358 66.84 -9.44 -35.90
C ALA G 358 66.26 -9.38 -37.30
N LEU G 359 64.93 -9.32 -37.38
CA LEU G 359 64.26 -9.24 -38.67
C LEU G 359 64.54 -7.92 -39.39
N LEU G 360 64.47 -6.81 -38.67
CA LEU G 360 64.68 -5.50 -39.26
C LEU G 360 66.10 -5.28 -39.78
N LEU G 361 67.04 -6.07 -39.28
CA LEU G 361 68.43 -5.95 -39.72
C LEU G 361 68.58 -6.40 -41.17
N GLU G 362 67.56 -7.05 -41.72
CA GLU G 362 67.61 -7.53 -43.10
C GLU G 362 67.04 -6.52 -44.08
N VAL G 363 66.42 -5.47 -43.57
CA VAL G 363 65.82 -4.46 -44.45
C VAL G 363 66.95 -3.63 -45.08
N PRO G 364 66.92 -3.49 -46.41
CA PRO G 364 67.96 -2.72 -47.11
C PRO G 364 68.17 -1.30 -46.58
N GLY G 365 69.44 -0.95 -46.43
CA GLY G 365 69.80 0.37 -45.95
C GLY G 365 69.65 0.58 -44.45
N VAL G 366 69.03 -0.39 -43.77
CA VAL G 366 68.82 -0.28 -42.33
C VAL G 366 70.06 -0.71 -41.54
N ARG G 367 70.38 0.06 -40.50
CA ARG G 367 71.54 -0.23 -39.67
C ARG G 367 71.19 -0.18 -38.18
N PRO G 368 71.87 -0.98 -37.36
CA PRO G 368 71.58 -0.97 -35.93
C PRO G 368 72.24 0.25 -35.28
N PHE G 369 71.69 0.69 -34.17
CA PHE G 369 72.26 1.83 -33.45
C PHE G 369 72.38 1.44 -31.99
N THR G 370 71.24 1.17 -31.36
CA THR G 370 71.29 0.78 -29.96
C THR G 370 72.16 -0.46 -29.87
N PRO G 371 73.18 -0.43 -29.01
CA PRO G 371 74.04 -1.62 -28.90
C PRO G 371 73.42 -2.65 -27.97
N LYS G 372 73.90 -3.89 -28.09
CA LYS G 372 73.44 -4.95 -27.21
C LYS G 372 74.28 -4.76 -25.96
N PRO G 373 73.73 -5.06 -24.78
CA PRO G 373 72.38 -5.58 -24.60
C PRO G 373 71.33 -4.47 -24.48
N PHE G 374 70.17 -4.69 -25.08
CA PHE G 374 69.07 -3.74 -24.98
C PHE G 374 67.87 -4.50 -24.43
N PHE G 375 66.84 -3.77 -24.00
CA PHE G 375 65.68 -4.42 -23.41
C PHE G 375 64.54 -4.70 -24.39
N ASN G 376 63.43 -3.99 -24.26
CA ASN G 376 62.30 -4.22 -25.17
C ASN G 376 62.06 -3.07 -26.17
N GLU G 377 63.05 -2.20 -26.28
CA GLU G 377 63.02 -1.07 -27.21
C GLU G 377 64.43 -0.98 -27.77
N PHE G 378 64.56 -0.45 -28.98
CA PHE G 378 65.88 -0.31 -29.60
C PHE G 378 65.79 0.70 -30.73
N ALA G 379 66.90 1.33 -31.05
CA ALA G 379 66.92 2.32 -32.11
C ALA G 379 67.72 1.81 -33.30
N LEU G 380 67.21 2.11 -34.49
CA LEU G 380 67.87 1.72 -35.72
C LEU G 380 68.11 2.98 -36.55
N ALA G 381 69.17 2.98 -37.35
CA ALA G 381 69.44 4.11 -38.22
C ALA G 381 68.73 3.73 -39.52
N LEU G 382 67.86 4.59 -40.02
CA LEU G 382 67.12 4.29 -41.23
C LEU G 382 67.64 5.04 -42.45
N PRO G 383 67.46 4.46 -43.66
CA PRO G 383 67.90 5.09 -44.92
C PRO G 383 66.98 6.22 -45.36
N LYS G 384 65.94 6.48 -44.58
CA LYS G 384 64.99 7.55 -44.86
C LYS G 384 64.64 8.26 -43.55
N ASP G 385 64.12 9.47 -43.64
CA ASP G 385 63.75 10.24 -42.45
C ASP G 385 62.72 9.50 -41.60
N PRO G 386 62.98 9.33 -40.30
CA PRO G 386 62.05 8.63 -39.40
C PRO G 386 60.62 9.16 -39.40
N GLU G 387 60.44 10.47 -39.39
CA GLU G 387 59.09 11.02 -39.41
C GLU G 387 58.39 10.60 -40.71
N ALA G 388 59.12 10.61 -41.81
CA ALA G 388 58.55 10.21 -43.09
C ALA G 388 58.22 8.72 -43.06
N VAL G 389 59.11 7.92 -42.48
CA VAL G 389 58.87 6.48 -42.39
C VAL G 389 57.63 6.20 -41.54
N ARG G 390 57.57 6.81 -40.35
CA ARG G 390 56.41 6.59 -39.49
C ARG G 390 55.12 6.90 -40.26
N ARG G 391 55.14 7.99 -41.01
CA ARG G 391 53.97 8.40 -41.79
C ARG G 391 53.58 7.37 -42.85
N ALA G 392 54.55 6.91 -43.63
CA ALA G 392 54.29 5.93 -44.68
C ALA G 392 53.83 4.60 -44.08
N LEU G 393 54.42 4.24 -42.95
CA LEU G 393 54.08 3.01 -42.25
C LEU G 393 52.60 3.09 -41.84
N ALA G 394 52.21 4.24 -41.30
CA ALA G 394 50.83 4.44 -40.86
C ALA G 394 49.85 4.34 -42.02
N GLU G 395 50.26 4.81 -43.20
CA GLU G 395 49.41 4.75 -44.37
C GLU G 395 49.09 3.30 -44.71
N ARG G 396 50.00 2.40 -44.37
CA ARG G 396 49.81 0.98 -44.66
C ARG G 396 49.18 0.29 -43.45
N GLY G 397 48.69 1.08 -42.50
CA GLY G 397 48.05 0.52 -41.33
C GLY G 397 48.95 0.07 -40.18
N PHE G 398 50.22 0.46 -40.21
CA PHE G 398 51.13 0.07 -39.13
C PHE G 398 51.66 1.24 -38.32
N HIS G 399 51.72 1.07 -37.00
CA HIS G 399 52.23 2.09 -36.10
C HIS G 399 53.64 1.73 -35.69
N GLY G 400 54.62 2.50 -36.16
CA GLY G 400 56.00 2.21 -35.83
C GLY G 400 56.98 3.27 -36.24
N ALA G 401 58.23 3.08 -35.84
CA ALA G 401 59.31 4.02 -36.14
C ALA G 401 59.10 5.32 -35.36
N THR G 402 59.37 5.27 -34.06
CA THR G 402 59.24 6.44 -33.21
C THR G 402 60.47 7.31 -33.46
N PRO G 403 60.28 8.50 -34.03
CA PRO G 403 61.43 9.37 -34.30
C PRO G 403 62.25 9.77 -33.06
N VAL G 404 63.56 9.62 -33.18
CA VAL G 404 64.50 9.94 -32.11
C VAL G 404 65.13 11.30 -32.42
N PRO G 405 65.01 12.25 -31.48
CA PRO G 405 65.60 13.59 -31.71
C PRO G 405 67.05 13.49 -32.16
N ARG G 406 67.45 14.38 -33.07
CA ARG G 406 68.80 14.36 -33.61
C ARG G 406 69.96 14.52 -32.64
N GLU G 407 69.68 14.90 -31.40
CA GLU G 407 70.75 15.04 -30.41
C GLU G 407 71.42 13.69 -30.17
N TYR G 408 70.72 12.61 -30.54
CA TYR G 408 71.24 11.26 -30.35
C TYR G 408 71.93 10.76 -31.61
N GLY G 409 71.65 11.43 -32.73
CA GLY G 409 72.22 11.04 -34.00
C GLY G 409 71.21 11.28 -35.10
N GLU G 410 71.64 11.08 -36.34
CA GLU G 410 70.78 11.29 -37.49
C GLU G 410 69.94 10.08 -37.91
N ASN G 411 68.75 10.37 -38.41
CA ASN G 411 67.83 9.34 -38.90
C ASN G 411 67.61 8.14 -38.00
N LEU G 412 67.44 8.40 -36.71
CA LEU G 412 67.23 7.32 -35.76
C LEU G 412 65.75 7.16 -35.45
N ALA G 413 65.32 5.92 -35.24
CA ALA G 413 63.92 5.65 -34.92
C ALA G 413 63.87 4.48 -33.93
N LEU G 414 63.00 4.62 -32.94
CA LEU G 414 62.81 3.60 -31.92
C LEU G 414 61.72 2.59 -32.29
N PHE G 415 61.93 1.34 -31.91
CA PHE G 415 60.96 0.29 -32.13
C PHE G 415 60.79 -0.45 -30.80
N ALA G 416 59.58 -0.91 -30.53
CA ALA G 416 59.31 -1.63 -29.29
C ALA G 416 58.35 -2.78 -29.57
N ALA G 417 58.39 -3.79 -28.71
CA ALA G 417 57.51 -4.96 -28.84
C ALA G 417 57.01 -5.33 -27.44
N THR G 418 55.85 -5.97 -27.38
CA THR G 418 55.28 -6.34 -26.08
C THR G 418 54.79 -7.79 -26.06
N GLU G 419 54.26 -8.21 -24.90
CA GLU G 419 53.77 -9.58 -24.76
C GLU G 419 52.57 -9.81 -25.68
N LEU G 420 52.04 -8.74 -26.26
CA LEU G 420 50.89 -8.82 -27.16
C LEU G 420 51.27 -9.18 -28.59
N HIS G 421 52.55 -9.01 -28.91
CA HIS G 421 53.00 -9.28 -30.27
C HIS G 421 53.37 -10.73 -30.53
N GLU G 422 53.01 -11.19 -31.72
CA GLU G 422 53.31 -12.54 -32.16
C GLU G 422 54.19 -12.44 -33.41
N GLU G 423 54.83 -13.55 -33.74
CA GLU G 423 55.72 -13.64 -34.89
C GLU G 423 55.15 -12.99 -36.15
N GLU G 424 53.92 -13.36 -36.51
CA GLU G 424 53.29 -12.82 -37.71
C GLU G 424 53.18 -11.28 -37.69
N ASP G 425 53.10 -10.70 -36.49
CA ASP G 425 53.00 -9.25 -36.39
C ASP G 425 54.33 -8.63 -36.79
N LEU G 426 55.42 -9.23 -36.34
CA LEU G 426 56.76 -8.73 -36.65
C LEU G 426 57.05 -8.81 -38.14
N LEU G 427 56.67 -9.92 -38.76
CA LEU G 427 56.90 -10.10 -40.19
C LEU G 427 56.13 -9.08 -41.01
N ALA G 428 54.87 -8.88 -40.63
CA ALA G 428 54.01 -7.94 -41.32
C ALA G 428 54.59 -6.53 -41.24
N LEU G 429 55.11 -6.14 -40.08
CA LEU G 429 55.70 -4.82 -39.94
C LEU G 429 56.95 -4.71 -40.82
N ARG G 430 57.76 -5.76 -40.85
CA ARG G 430 58.96 -5.69 -41.67
C ARG G 430 58.63 -5.49 -43.15
N GLU G 431 57.66 -6.25 -43.65
CA GLU G 431 57.28 -6.12 -45.06
C GLU G 431 56.80 -4.70 -45.36
N ALA G 432 56.02 -4.13 -44.45
CA ALA G 432 55.53 -2.77 -44.64
C ALA G 432 56.73 -1.81 -44.68
N LEU G 433 57.70 -2.03 -43.81
CA LEU G 433 58.88 -1.17 -43.78
C LEU G 433 59.63 -1.28 -45.09
N LYS G 434 59.82 -2.51 -45.58
CA LYS G 434 60.53 -2.70 -46.84
C LYS G 434 59.80 -1.97 -47.96
N GLU G 435 58.46 -2.04 -47.95
CA GLU G 435 57.66 -1.36 -48.96
C GLU G 435 57.87 0.16 -48.89
N VAL G 436 57.91 0.71 -47.68
CA VAL G 436 58.09 2.15 -47.55
C VAL G 436 59.49 2.62 -47.93
N LEU G 437 60.48 1.75 -47.75
CA LEU G 437 61.87 2.11 -48.06
C LEU G 437 62.27 1.85 -49.52
N SER H 2 37.72 -6.32 10.86
CA SER H 2 39.11 -6.41 10.36
C SER H 2 39.09 -6.81 8.90
N PHE H 3 40.23 -6.64 8.22
CA PHE H 3 40.33 -6.97 6.82
C PHE H 3 41.78 -7.33 6.47
N PRO H 4 42.00 -8.51 5.87
CA PRO H 4 43.35 -8.92 5.52
C PRO H 4 44.08 -8.06 4.49
N LEU H 5 45.40 -8.03 4.60
CA LEU H 5 46.23 -7.29 3.66
C LEU H 5 46.45 -8.22 2.48
N ILE H 6 46.63 -7.65 1.29
CA ILE H 6 46.83 -8.46 0.09
C ILE H 6 48.03 -9.40 0.30
N PHE H 7 48.99 -8.95 1.11
CA PHE H 7 50.19 -9.74 1.39
C PHE H 7 49.89 -10.93 2.30
N GLU H 8 48.89 -10.80 3.16
CA GLU H 8 48.51 -11.88 4.06
C GLU H 8 47.74 -12.95 3.28
N ARG H 9 47.05 -12.53 2.23
CA ARG H 9 46.28 -13.47 1.39
C ARG H 9 47.21 -14.25 0.48
N SER H 10 48.40 -13.71 0.27
CA SER H 10 49.37 -14.33 -0.60
C SER H 10 49.79 -15.75 -0.15
N ARG H 11 50.05 -16.61 -1.12
CA ARG H 11 50.50 -17.98 -0.82
C ARG H 11 51.67 -18.29 -1.75
N LYS H 12 52.73 -18.86 -1.18
CA LYS H 12 53.94 -19.17 -1.93
C LYS H 12 53.70 -19.96 -3.21
N GLY H 13 54.16 -19.40 -4.32
CA GLY H 13 54.02 -20.09 -5.60
C GLY H 13 52.67 -19.99 -6.29
N ARG H 14 51.68 -19.37 -5.65
CA ARG H 14 50.37 -19.26 -6.27
C ARG H 14 50.40 -18.31 -7.47
N ARG H 15 49.69 -18.68 -8.53
CA ARG H 15 49.64 -17.85 -9.73
C ARG H 15 48.31 -17.15 -9.96
N GLY H 16 48.39 -15.99 -10.59
CA GLY H 16 47.20 -15.20 -10.91
C GLY H 16 47.10 -15.18 -12.43
N LEU H 17 47.28 -14.02 -13.03
CA LEU H 17 47.20 -13.90 -14.49
C LEU H 17 48.36 -14.62 -15.15
N LYS H 18 48.06 -15.29 -16.25
CA LYS H 18 49.05 -16.03 -17.01
C LYS H 18 48.95 -15.50 -18.43
N LEU H 19 49.76 -14.48 -18.71
CA LEU H 19 49.75 -13.82 -20.02
C LEU H 19 50.75 -14.33 -21.04
N VAL H 20 51.57 -15.29 -20.67
CA VAL H 20 52.57 -15.81 -21.60
C VAL H 20 52.49 -17.31 -21.79
N LYS H 21 52.30 -17.73 -23.02
CA LYS H 21 52.19 -19.15 -23.36
C LYS H 21 53.54 -19.87 -23.22
N ALA H 22 54.56 -19.37 -23.93
CA ALA H 22 55.89 -19.96 -23.88
C ALA H 22 56.88 -18.97 -23.28
N VAL H 23 57.21 -19.17 -22.01
CA VAL H 23 58.13 -18.28 -21.32
C VAL H 23 59.57 -18.48 -21.79
N PRO H 24 60.24 -17.41 -22.23
CA PRO H 24 61.62 -17.55 -22.69
C PRO H 24 62.57 -17.64 -21.50
N LYS H 25 63.76 -18.18 -21.70
CA LYS H 25 64.72 -18.27 -20.61
C LYS H 25 65.46 -16.93 -20.56
N ALA H 26 65.49 -16.34 -19.37
CA ALA H 26 66.12 -15.04 -19.17
C ALA H 26 67.57 -14.97 -19.64
N GLU H 27 68.33 -16.05 -19.43
CA GLU H 27 69.73 -16.10 -19.82
C GLU H 27 69.91 -15.87 -21.32
N ASP H 28 68.93 -16.28 -22.11
CA ASP H 28 69.03 -16.13 -23.56
C ASP H 28 68.76 -14.71 -24.04
N LEU H 29 68.19 -13.87 -23.19
CA LEU H 29 67.84 -12.52 -23.59
C LEU H 29 68.59 -11.41 -22.88
N ILE H 30 68.99 -11.65 -21.64
CA ILE H 30 69.68 -10.65 -20.85
C ILE H 30 70.91 -11.21 -20.14
N PRO H 31 72.02 -10.44 -20.13
CA PRO H 31 73.25 -10.89 -19.46
C PRO H 31 72.94 -11.09 -17.99
N LYS H 32 73.41 -12.18 -17.40
CA LYS H 32 73.10 -12.45 -16.00
C LYS H 32 73.50 -11.34 -15.04
N GLU H 33 74.50 -10.54 -15.39
CA GLU H 33 74.91 -9.44 -14.52
C GLU H 33 73.79 -8.41 -14.37
N HIS H 34 72.80 -8.47 -15.26
CA HIS H 34 71.68 -7.52 -15.22
C HIS H 34 70.39 -8.12 -14.67
N LEU H 35 70.37 -9.43 -14.49
CA LEU H 35 69.17 -10.11 -14.01
C LEU H 35 68.93 -9.98 -12.51
N ARG H 36 67.67 -9.76 -12.15
CA ARG H 36 67.28 -9.63 -10.76
C ARG H 36 67.50 -11.00 -10.10
N GLU H 37 68.17 -11.02 -8.95
CA GLU H 37 68.44 -12.29 -8.28
C GLU H 37 67.36 -12.60 -7.24
N VAL H 38 66.90 -11.57 -6.55
CA VAL H 38 65.87 -11.73 -5.54
C VAL H 38 64.59 -11.09 -6.05
N PRO H 39 63.57 -11.90 -6.34
CA PRO H 39 62.29 -11.38 -6.84
C PRO H 39 61.63 -10.35 -5.92
N PRO H 40 60.86 -9.43 -6.49
CA PRO H 40 60.20 -8.45 -5.62
C PRO H 40 59.14 -9.24 -4.85
N ARG H 41 58.90 -8.85 -3.60
CA ARG H 41 57.91 -9.58 -2.79
C ARG H 41 56.48 -9.12 -3.07
N LEU H 42 56.10 -9.27 -4.33
CA LEU H 42 54.78 -8.92 -4.80
C LEU H 42 53.79 -9.98 -4.33
N PRO H 43 52.51 -9.62 -4.21
CA PRO H 43 51.59 -10.65 -3.75
C PRO H 43 51.48 -11.78 -4.75
N GLU H 44 51.18 -12.99 -4.25
CA GLU H 44 51.01 -14.15 -5.09
C GLU H 44 49.59 -14.65 -4.80
N VAL H 45 48.64 -14.13 -5.56
CA VAL H 45 47.23 -14.47 -5.39
C VAL H 45 46.57 -14.82 -6.71
N ASP H 46 45.56 -15.69 -6.64
CA ASP H 46 44.81 -16.09 -7.81
C ASP H 46 43.85 -14.94 -8.13
N GLU H 47 43.25 -14.96 -9.32
CA GLU H 47 42.34 -13.89 -9.72
C GLU H 47 41.11 -13.72 -8.83
N LEU H 48 40.52 -14.83 -8.37
CA LEU H 48 39.33 -14.74 -7.52
C LEU H 48 39.68 -14.01 -6.24
N THR H 49 40.83 -14.37 -5.66
CA THR H 49 41.28 -13.72 -4.43
C THR H 49 41.50 -12.24 -4.71
N LEU H 50 42.08 -11.94 -5.87
CA LEU H 50 42.33 -10.54 -6.26
C LEU H 50 41.00 -9.78 -6.29
N VAL H 51 39.99 -10.38 -6.91
CA VAL H 51 38.67 -9.75 -7.00
C VAL H 51 38.06 -9.54 -5.61
N ARG H 52 38.09 -10.58 -4.77
CA ARG H 52 37.53 -10.46 -3.44
C ARG H 52 38.27 -9.44 -2.60
N HIS H 53 39.57 -9.36 -2.78
CA HIS H 53 40.35 -8.40 -2.02
C HIS H 53 39.95 -6.97 -2.34
N TYR H 54 40.05 -6.61 -3.62
CA TYR H 54 39.71 -5.26 -4.02
C TYR H 54 38.23 -4.92 -3.95
N THR H 55 37.36 -5.90 -4.17
CA THR H 55 35.94 -5.64 -4.08
C THR H 55 35.67 -5.40 -2.59
N GLY H 56 36.35 -6.16 -1.74
CA GLY H 56 36.19 -6.01 -0.31
C GLY H 56 36.68 -4.65 0.18
N LEU H 57 37.77 -4.18 -0.41
CA LEU H 57 38.29 -2.87 -0.03
C LEU H 57 37.31 -1.78 -0.44
N SER H 58 36.73 -1.89 -1.63
CA SER H 58 35.78 -0.88 -2.07
C SER H 58 34.59 -0.80 -1.11
N ARG H 59 34.18 -1.95 -0.57
CA ARG H 59 33.07 -1.98 0.36
C ARG H 59 33.44 -1.42 1.74
N ARG H 60 34.72 -1.07 1.92
CA ARG H 60 35.20 -0.46 3.17
C ARG H 60 35.59 0.97 2.81
N GLN H 61 34.94 1.49 1.77
CA GLN H 61 35.22 2.83 1.26
C GLN H 61 33.94 3.53 0.84
N VAL H 62 33.93 4.86 0.91
CA VAL H 62 32.77 5.62 0.47
C VAL H 62 33.23 6.62 -0.58
N GLY H 63 32.31 7.08 -1.41
CA GLY H 63 32.64 8.03 -2.45
C GLY H 63 31.38 8.75 -2.85
N VAL H 64 31.45 9.63 -3.84
CA VAL H 64 30.26 10.35 -4.26
C VAL H 64 29.16 9.36 -4.68
N ASP H 65 29.55 8.26 -5.31
CA ASP H 65 28.59 7.24 -5.75
C ASP H 65 27.79 6.61 -4.60
N THR H 66 28.29 6.76 -3.37
CA THR H 66 27.59 6.19 -2.22
C THR H 66 27.15 7.20 -1.19
N THR H 67 27.85 8.34 -1.11
CA THR H 67 27.55 9.31 -0.06
C THR H 67 27.69 10.78 -0.44
N PHE H 68 26.91 11.62 0.22
CA PHE H 68 26.96 13.07 0.04
C PHE H 68 28.29 13.51 0.65
N TYR H 69 29.11 14.20 -0.15
CA TYR H 69 30.44 14.67 0.26
C TYR H 69 30.52 16.18 0.18
N PRO H 70 30.01 16.91 1.17
CA PRO H 70 30.05 18.37 1.14
C PRO H 70 31.43 18.98 1.41
N LEU H 71 32.45 18.49 0.73
CA LEU H 71 33.81 18.99 0.94
C LEU H 71 34.10 20.32 0.25
N GLY H 72 34.19 21.38 1.06
CA GLY H 72 34.50 22.68 0.51
C GLY H 72 35.86 22.62 -0.14
N SER H 73 36.01 23.34 -1.26
CA SER H 73 37.27 23.39 -1.99
C SER H 73 37.53 22.13 -2.83
N CYS H 74 36.56 21.20 -2.87
CA CYS H 74 36.76 19.96 -3.61
C CYS H 74 35.75 19.71 -4.72
N THR H 75 34.60 20.38 -4.66
CA THR H 75 33.54 20.22 -5.65
C THR H 75 33.30 18.75 -5.96
N MET H 76 32.77 18.04 -4.97
CA MET H 76 32.47 16.61 -5.10
C MET H 76 31.14 16.39 -5.80
N LYS H 77 31.05 16.79 -7.06
CA LYS H 77 29.82 16.64 -7.83
C LYS H 77 29.75 15.26 -8.49
N TYR H 78 28.57 14.90 -8.98
CA TYR H 78 28.39 13.61 -9.63
C TYR H 78 29.30 13.44 -10.84
N ASN H 79 29.92 12.27 -10.94
CA ASN H 79 30.81 11.95 -12.06
C ASN H 79 30.02 11.02 -12.99
N PRO H 80 29.41 11.57 -14.03
CA PRO H 80 28.62 10.74 -14.96
C PRO H 80 29.29 9.51 -15.53
N LYS H 81 28.60 8.38 -15.41
CA LYS H 81 29.12 7.12 -15.94
C LYS H 81 29.37 7.23 -17.43
N LEU H 82 28.61 8.10 -18.10
CA LEU H 82 28.75 8.32 -19.53
C LEU H 82 30.22 8.62 -19.88
N HIS H 83 30.87 9.39 -19.02
CA HIS H 83 32.26 9.79 -19.25
C HIS H 83 33.26 8.63 -19.22
N GLU H 84 32.98 7.63 -18.39
CA GLU H 84 33.88 6.48 -18.32
C GLU H 84 33.86 5.74 -19.64
N GLU H 85 32.67 5.64 -20.24
CA GLU H 85 32.53 4.98 -21.52
C GLU H 85 33.21 5.83 -22.58
N ALA H 86 33.11 7.16 -22.42
CA ALA H 86 33.73 8.07 -23.38
C ALA H 86 35.24 7.84 -23.36
N ALA H 87 35.80 7.76 -22.16
CA ALA H 87 37.23 7.55 -22.00
C ALA H 87 37.77 6.27 -22.64
N ARG H 88 37.12 5.13 -22.39
CA ARG H 88 37.62 3.89 -22.96
C ARG H 88 37.69 3.93 -24.47
N LEU H 89 36.87 4.76 -25.08
CA LEU H 89 36.83 4.91 -26.53
C LEU H 89 38.17 5.40 -27.09
N PHE H 90 38.98 6.04 -26.25
CA PHE H 90 40.27 6.54 -26.70
C PHE H 90 41.45 5.89 -25.97
N ALA H 91 41.18 4.75 -25.34
CA ALA H 91 42.20 4.03 -24.59
C ALA H 91 43.43 3.63 -25.42
N ASP H 92 43.20 3.16 -26.64
CA ASP H 92 44.29 2.69 -27.50
C ASP H 92 44.91 3.70 -28.45
N LEU H 93 45.51 4.74 -27.91
CA LEU H 93 46.19 5.75 -28.73
C LEU H 93 47.57 5.95 -28.11
N HIS H 94 48.58 5.97 -28.97
CA HIS H 94 49.94 6.18 -28.52
C HIS H 94 50.30 7.63 -28.78
N PRO H 95 50.91 8.32 -27.80
CA PRO H 95 51.29 9.73 -27.96
C PRO H 95 52.24 9.99 -29.11
N TYR H 96 52.99 8.97 -29.52
CA TYR H 96 53.92 9.15 -30.62
C TYR H 96 53.47 8.57 -31.95
N GLN H 97 52.20 8.22 -32.08
CA GLN H 97 51.74 7.69 -33.36
C GLN H 97 51.63 8.86 -34.35
N ASP H 98 51.64 8.57 -35.63
CA ASP H 98 51.55 9.61 -36.64
C ASP H 98 50.39 10.56 -36.34
N PRO H 99 50.67 11.86 -36.20
CA PRO H 99 49.59 12.80 -35.92
C PRO H 99 48.46 12.75 -36.95
N ARG H 100 48.78 12.34 -38.17
CA ARG H 100 47.76 12.23 -39.21
C ARG H 100 46.78 11.11 -38.88
N THR H 101 47.14 10.24 -37.92
CA THR H 101 46.26 9.13 -37.54
C THR H 101 45.63 9.36 -36.16
N ALA H 102 45.75 10.57 -35.64
CA ALA H 102 45.20 10.90 -34.34
C ALA H 102 44.44 12.23 -34.38
N GLN H 103 43.90 12.56 -35.56
CA GLN H 103 43.17 13.81 -35.72
C GLN H 103 41.92 13.88 -34.85
N GLY H 104 41.35 12.73 -34.53
CA GLY H 104 40.17 12.73 -33.67
C GLY H 104 40.58 13.15 -32.28
N ALA H 105 41.70 12.64 -31.79
CA ALA H 105 42.19 12.99 -30.46
C ALA H 105 42.64 14.44 -30.41
N LEU H 106 43.40 14.87 -31.42
CA LEU H 106 43.89 16.25 -31.48
C LEU H 106 42.75 17.24 -31.59
N ARG H 107 41.73 16.89 -32.38
CA ARG H 107 40.59 17.79 -32.52
C ARG H 107 39.90 17.94 -31.17
N LEU H 108 39.76 16.84 -30.45
CA LEU H 108 39.10 16.88 -29.16
C LEU H 108 39.85 17.82 -28.23
N MET H 109 41.17 17.71 -28.22
CA MET H 109 42.01 18.56 -27.38
C MET H 109 41.88 20.01 -27.81
N TRP H 110 41.87 20.26 -29.11
CA TRP H 110 41.74 21.62 -29.60
C TRP H 110 40.38 22.19 -29.18
N GLU H 111 39.32 21.40 -29.41
CA GLU H 111 37.98 21.85 -29.06
C GLU H 111 37.84 22.16 -27.57
N LEU H 112 38.32 21.25 -26.71
CA LEU H 112 38.24 21.49 -25.28
C LEU H 112 38.96 22.78 -24.93
N GLY H 113 40.13 22.98 -25.53
CA GLY H 113 40.91 24.18 -25.28
C GLY H 113 40.10 25.42 -25.63
N GLU H 114 39.42 25.36 -26.76
CA GLU H 114 38.59 26.48 -27.20
C GLU H 114 37.45 26.73 -26.23
N TYR H 115 36.87 25.67 -25.67
CA TYR H 115 35.76 25.83 -24.74
C TYR H 115 36.21 26.44 -23.41
N LEU H 116 37.31 25.94 -22.87
CA LEU H 116 37.82 26.45 -21.60
C LEU H 116 38.25 27.90 -21.72
N LYS H 117 38.83 28.27 -22.87
CA LYS H 117 39.24 29.65 -23.09
C LYS H 117 37.98 30.50 -23.13
N ALA H 118 36.94 29.98 -23.78
CA ALA H 118 35.67 30.69 -23.88
C ALA H 118 35.08 30.93 -22.49
N LEU H 119 35.25 29.96 -21.61
CA LEU H 119 34.73 30.06 -20.25
C LEU H 119 35.59 30.93 -19.34
N THR H 120 36.88 31.03 -19.65
CA THR H 120 37.79 31.81 -18.82
C THR H 120 38.18 33.17 -19.40
N GLY H 121 37.91 33.38 -20.69
CA GLY H 121 38.27 34.63 -21.31
C GLY H 121 39.77 34.72 -21.55
N MET H 122 40.42 33.58 -21.72
CA MET H 122 41.85 33.54 -21.95
C MET H 122 42.14 33.50 -23.45
N ASP H 123 43.33 33.93 -23.84
CA ASP H 123 43.69 33.95 -25.25
C ASP H 123 44.43 32.73 -25.77
N ALA H 124 45.14 32.04 -24.87
CA ALA H 124 45.89 30.85 -25.24
C ALA H 124 45.85 29.89 -24.05
N ILE H 125 45.94 28.60 -24.33
CA ILE H 125 45.87 27.62 -23.25
C ILE H 125 46.70 26.37 -23.47
N THR H 126 47.08 25.74 -22.36
CA THR H 126 47.83 24.50 -22.38
C THR H 126 47.02 23.51 -21.57
N LEU H 127 46.83 22.31 -22.10
CA LEU H 127 46.08 21.28 -21.39
C LEU H 127 47.07 20.27 -20.77
N GLU H 128 48.34 20.65 -20.72
CA GLU H 128 49.40 19.78 -20.22
C GLU H 128 49.50 19.48 -18.71
N PRO H 129 49.45 20.50 -17.84
CA PRO H 129 49.55 20.27 -16.39
C PRO H 129 48.65 19.15 -15.84
N ALA H 130 49.21 18.31 -14.97
CA ALA H 130 48.51 17.16 -14.40
C ALA H 130 47.48 17.43 -13.31
N ALA H 131 47.48 18.63 -12.75
CA ALA H 131 46.54 18.96 -11.68
C ALA H 131 46.59 20.46 -11.40
N GLY H 132 45.71 20.93 -10.53
CA GLY H 132 45.68 22.35 -10.21
C GLY H 132 47.03 22.88 -9.74
N ALA H 133 47.60 22.24 -8.73
CA ALA H 133 48.89 22.67 -8.19
C ALA H 133 49.94 22.67 -9.29
N HIS H 134 49.85 21.70 -10.20
CA HIS H 134 50.81 21.64 -11.31
C HIS H 134 50.56 22.84 -12.21
N GLY H 135 49.29 23.21 -12.33
CA GLY H 135 48.94 24.36 -13.15
C GLY H 135 49.50 25.63 -12.50
N GLU H 136 49.43 25.69 -11.17
CA GLU H 136 49.93 26.85 -10.44
C GLU H 136 51.41 27.05 -10.73
N LEU H 137 52.18 25.97 -10.65
CA LEU H 137 53.61 26.03 -10.90
C LEU H 137 53.83 26.50 -12.32
N THR H 138 53.06 25.95 -13.25
CA THR H 138 53.15 26.33 -14.66
C THR H 138 52.89 27.83 -14.83
N GLY H 139 51.82 28.32 -14.22
CA GLY H 139 51.47 29.73 -14.32
C GLY H 139 52.48 30.67 -13.69
N ILE H 140 52.92 30.34 -12.48
CA ILE H 140 53.90 31.17 -11.79
C ILE H 140 55.20 31.18 -12.57
N LEU H 141 55.54 30.05 -13.20
CA LEU H 141 56.76 29.97 -13.99
C LEU H 141 56.59 30.84 -15.23
N ILE H 142 55.38 30.91 -15.76
CA ILE H 142 55.10 31.72 -16.93
C ILE H 142 55.25 33.19 -16.56
N ILE H 143 54.83 33.53 -15.36
CA ILE H 143 54.94 34.90 -14.88
C ILE H 143 56.41 35.24 -14.68
N ARG H 144 57.17 34.28 -14.17
CA ARG H 144 58.59 34.51 -13.94
C ARG H 144 59.30 34.75 -15.27
N ALA H 145 58.95 33.97 -16.29
CA ALA H 145 59.57 34.12 -17.61
C ALA H 145 59.21 35.51 -18.15
N TYR H 146 57.97 35.92 -17.90
CA TYR H 146 57.47 37.21 -18.34
C TYR H 146 58.34 38.34 -17.77
N HIS H 147 58.50 38.35 -16.46
CA HIS H 147 59.29 39.38 -15.79
C HIS H 147 60.74 39.36 -16.22
N GLU H 148 61.33 38.17 -16.29
CA GLU H 148 62.72 38.01 -16.68
C GLU H 148 62.95 38.55 -18.09
N ASP H 149 62.00 38.25 -18.98
CA ASP H 149 62.09 38.69 -20.36
C ASP H 149 62.00 40.20 -20.47
N ARG H 150 61.69 40.86 -19.36
CA ARG H 150 61.56 42.32 -19.35
C ARG H 150 62.65 42.98 -18.49
N GLY H 151 63.69 42.22 -18.18
CA GLY H 151 64.79 42.75 -17.39
C GLY H 151 64.49 43.01 -15.92
N GLU H 152 63.33 42.58 -15.45
CA GLU H 152 62.95 42.76 -14.06
C GLU H 152 63.00 41.45 -13.27
N GLY H 153 63.75 40.49 -13.81
CA GLY H 153 63.86 39.18 -13.17
C GLY H 153 64.55 39.21 -11.81
N ARG H 154 65.47 40.14 -11.62
CA ARG H 154 66.19 40.23 -10.35
C ARG H 154 65.45 41.03 -9.29
N THR H 155 64.51 41.86 -9.71
CA THR H 155 63.75 42.69 -8.78
C THR H 155 62.40 42.09 -8.40
N ARG H 156 61.73 41.43 -9.35
CA ARG H 156 60.44 40.81 -9.07
C ARG H 156 60.73 39.52 -8.32
N ARG H 157 60.64 39.56 -7.00
CA ARG H 157 60.96 38.38 -6.19
C ARG H 157 59.90 37.91 -5.21
N VAL H 158 58.77 38.60 -5.11
CA VAL H 158 57.73 38.17 -4.17
C VAL H 158 56.37 37.90 -4.79
N VAL H 159 55.71 36.88 -4.27
CA VAL H 159 54.37 36.49 -4.70
C VAL H 159 53.46 36.75 -3.51
N LEU H 160 52.36 37.45 -3.73
CA LEU H 160 51.42 37.73 -2.65
C LEU H 160 50.28 36.71 -2.66
N VAL H 161 49.86 36.29 -1.47
CA VAL H 161 48.77 35.34 -1.33
C VAL H 161 47.89 35.76 -0.16
N PRO H 162 46.57 35.62 -0.32
CA PRO H 162 45.69 36.00 0.79
C PRO H 162 45.89 35.02 1.93
N ASP H 163 45.61 35.44 3.15
CA ASP H 163 45.78 34.57 4.30
C ASP H 163 44.89 33.32 4.21
N SER H 164 43.79 33.45 3.48
CA SER H 164 42.85 32.35 3.31
C SER H 164 43.20 31.44 2.13
N ALA H 165 44.33 31.69 1.48
CA ALA H 165 44.72 30.88 0.34
C ALA H 165 44.99 29.42 0.68
N HIS H 166 44.82 28.55 -0.32
CA HIS H 166 45.08 27.13 -0.16
C HIS H 166 46.59 26.97 0.00
N GLY H 167 47.00 26.00 0.80
CA GLY H 167 48.41 25.76 1.04
C GLY H 167 49.29 25.60 -0.19
N SER H 168 48.72 25.11 -1.28
CA SER H 168 49.50 24.92 -2.50
C SER H 168 50.02 26.23 -3.09
N ASN H 169 49.33 27.34 -2.85
CA ASN H 169 49.75 28.64 -3.39
C ASN H 169 51.15 29.05 -2.89
N PRO H 170 51.34 29.17 -1.57
CA PRO H 170 52.67 29.56 -1.07
C PRO H 170 53.71 28.48 -1.37
N ALA H 171 53.27 27.23 -1.40
CA ALA H 171 54.17 26.12 -1.69
C ALA H 171 54.67 26.29 -3.11
N THR H 172 53.77 26.69 -4.01
CA THR H 172 54.13 26.90 -5.42
C THR H 172 55.16 28.02 -5.57
N ALA H 173 54.95 29.11 -4.85
CA ALA H 173 55.86 30.25 -4.90
C ALA H 173 57.29 29.78 -4.62
N SER H 174 57.44 28.93 -3.61
CA SER H 174 58.75 28.39 -3.25
C SER H 174 59.35 27.53 -4.37
N MET H 175 58.52 26.69 -4.99
CA MET H 175 58.99 25.83 -6.08
C MET H 175 59.45 26.65 -7.26
N ALA H 176 58.85 27.82 -7.44
CA ALA H 176 59.20 28.69 -8.56
C ALA H 176 60.35 29.66 -8.23
N GLY H 177 60.93 29.49 -7.04
CA GLY H 177 62.05 30.34 -6.64
C GLY H 177 61.65 31.70 -6.09
N TYR H 178 60.37 31.87 -5.81
CA TYR H 178 59.88 33.15 -5.29
C TYR H 178 59.66 33.13 -3.79
N GLN H 179 59.71 34.32 -3.19
CA GLN H 179 59.46 34.47 -1.77
C GLN H 179 57.97 34.71 -1.72
N VAL H 180 57.33 34.43 -0.59
CA VAL H 180 55.90 34.64 -0.48
C VAL H 180 55.55 35.47 0.74
N ARG H 181 54.60 36.38 0.56
CA ARG H 181 54.15 37.24 1.64
C ARG H 181 52.62 37.18 1.68
N GLU H 182 52.07 36.86 2.85
CA GLU H 182 50.62 36.75 2.99
C GLU H 182 49.97 38.07 3.34
N ILE H 183 48.88 38.39 2.66
CA ILE H 183 48.15 39.62 2.92
C ILE H 183 46.87 39.26 3.69
N PRO H 184 46.59 39.98 4.78
CA PRO H 184 45.40 39.72 5.58
C PRO H 184 44.10 40.10 4.87
N SER H 185 43.03 39.40 5.22
CA SER H 185 41.72 39.67 4.63
C SER H 185 41.02 40.75 5.46
N GLY H 186 40.03 41.39 4.86
CA GLY H 186 39.29 42.43 5.56
C GLY H 186 38.28 41.85 6.52
N PRO H 187 37.44 42.71 7.13
CA PRO H 187 36.41 42.28 8.09
C PRO H 187 35.28 41.52 7.42
N GLU H 188 35.13 41.70 6.12
CA GLU H 188 34.09 41.02 5.36
C GLU H 188 34.60 39.75 4.71
N GLY H 189 35.87 39.41 4.98
CA GLY H 189 36.44 38.21 4.42
C GLY H 189 37.07 38.36 3.05
N GLU H 190 36.97 39.56 2.48
CA GLU H 190 37.56 39.82 1.17
C GLU H 190 38.93 40.49 1.31
N VAL H 191 39.58 40.75 0.18
CA VAL H 191 40.90 41.36 0.19
C VAL H 191 40.91 42.73 0.88
N ASP H 192 41.93 42.96 1.71
CA ASP H 192 42.08 44.24 2.39
C ASP H 192 42.86 45.12 1.43
N LEU H 193 42.14 45.98 0.71
CA LEU H 193 42.75 46.86 -0.28
C LEU H 193 43.90 47.70 0.30
N GLU H 194 43.76 48.15 1.54
CA GLU H 194 44.80 48.96 2.14
C GLU H 194 46.05 48.13 2.36
N ALA H 195 45.87 46.92 2.88
CA ALA H 195 46.99 46.02 3.12
C ALA H 195 47.64 45.67 1.78
N LEU H 196 46.83 45.55 0.73
CA LEU H 196 47.35 45.23 -0.59
C LEU H 196 48.23 46.36 -1.13
N LYS H 197 47.70 47.59 -1.08
CA LYS H 197 48.44 48.76 -1.56
C LYS H 197 49.76 48.87 -0.82
N ARG H 198 49.78 48.33 0.40
CA ARG H 198 50.95 48.35 1.26
C ARG H 198 51.99 47.36 0.73
N GLU H 199 51.51 46.26 0.17
CA GLU H 199 52.40 45.22 -0.35
C GLU H 199 52.79 45.39 -1.80
N LEU H 200 51.89 45.93 -2.62
CA LEU H 200 52.18 46.12 -4.04
C LEU H 200 53.40 46.99 -4.25
N GLY H 201 54.23 46.59 -5.19
CA GLY H 201 55.44 47.34 -5.50
C GLY H 201 56.23 46.69 -6.61
N PRO H 202 57.36 47.30 -7.02
CA PRO H 202 58.18 46.75 -8.10
C PRO H 202 58.85 45.43 -7.74
N HIS H 203 58.75 45.05 -6.46
CA HIS H 203 59.35 43.81 -5.97
C HIS H 203 58.37 42.64 -6.00
N VAL H 204 57.11 42.92 -6.32
CA VAL H 204 56.07 41.89 -6.37
C VAL H 204 55.90 41.32 -7.77
N ALA H 205 56.08 40.01 -7.90
CA ALA H 205 55.93 39.32 -9.18
C ALA H 205 54.48 39.05 -9.52
N ALA H 206 53.71 38.60 -8.53
CA ALA H 206 52.31 38.29 -8.77
C ALA H 206 51.48 38.20 -7.50
N LEU H 207 50.17 38.20 -7.69
CA LEU H 207 49.21 38.07 -6.60
C LEU H 207 48.32 36.91 -7.02
N MET H 208 48.16 35.93 -6.14
CA MET H 208 47.33 34.75 -6.43
C MET H 208 46.03 34.79 -5.65
N LEU H 209 44.91 34.67 -6.37
CA LEU H 209 43.60 34.69 -5.73
C LEU H 209 42.63 33.69 -6.34
N THR H 210 41.64 33.29 -5.54
CA THR H 210 40.57 32.42 -6.00
C THR H 210 39.42 33.41 -6.00
N ASN H 211 38.40 33.16 -6.80
CA ASN H 211 37.27 34.07 -6.81
C ASN H 211 36.08 33.39 -7.46
N PRO H 212 35.04 33.11 -6.66
CA PRO H 212 34.90 33.38 -5.22
C PRO H 212 36.10 32.91 -4.40
N ASN H 213 36.33 33.55 -3.25
CA ASN H 213 37.47 33.18 -2.41
C ASN H 213 37.17 31.91 -1.61
N THR H 214 38.12 31.49 -0.80
CA THR H 214 37.98 30.28 0.01
C THR H 214 36.93 30.36 1.12
N LEU H 215 36.31 31.53 1.27
CA LEU H 215 35.26 31.72 2.27
C LEU H 215 33.94 31.60 1.51
N GLY H 216 34.05 31.37 0.21
CA GLY H 216 32.89 31.23 -0.64
C GLY H 216 32.31 32.58 -1.00
N LEU H 217 33.11 33.63 -0.80
CA LEU H 217 32.67 35.00 -1.09
C LEU H 217 33.32 35.57 -2.34
N PHE H 218 32.51 36.21 -3.17
CA PHE H 218 33.03 36.82 -4.38
C PHE H 218 33.79 38.09 -3.98
N GLU H 219 34.91 38.35 -4.64
CA GLU H 219 35.70 39.55 -4.36
C GLU H 219 35.07 40.69 -5.16
N ARG H 220 34.08 41.34 -4.55
CA ARG H 220 33.36 42.44 -5.17
C ARG H 220 34.22 43.57 -5.74
N ARG H 221 35.42 43.75 -5.19
CA ARG H 221 36.30 44.79 -5.68
C ARG H 221 37.46 44.22 -6.49
N ILE H 222 37.19 43.13 -7.21
CA ILE H 222 38.21 42.48 -8.02
C ILE H 222 38.73 43.40 -9.12
N LEU H 223 37.85 44.20 -9.70
CA LEU H 223 38.28 45.11 -10.75
C LEU H 223 39.27 46.13 -10.21
N GLU H 224 39.08 46.56 -8.96
CA GLU H 224 40.00 47.52 -8.36
C GLU H 224 41.33 46.83 -8.05
N ILE H 225 41.23 45.59 -7.58
CA ILE H 225 42.43 44.82 -7.26
C ILE H 225 43.22 44.66 -8.55
N SER H 226 42.50 44.40 -9.63
CA SER H 226 43.12 44.22 -10.95
C SER H 226 43.84 45.50 -11.38
N ARG H 227 43.15 46.64 -11.24
CA ARG H 227 43.71 47.93 -11.63
C ARG H 227 44.99 48.21 -10.85
N LEU H 228 44.95 48.00 -9.53
CA LEU H 228 46.11 48.24 -8.70
C LEU H 228 47.28 47.36 -9.09
N CYS H 229 47.00 46.09 -9.39
CA CYS H 229 48.06 45.18 -9.79
C CYS H 229 48.68 45.62 -11.11
N LYS H 230 47.84 45.95 -12.07
CA LYS H 230 48.33 46.37 -13.37
C LYS H 230 49.20 47.62 -13.32
N GLU H 231 48.83 48.60 -12.51
CA GLU H 231 49.63 49.82 -12.43
C GLU H 231 50.93 49.60 -11.67
N ALA H 232 51.07 48.42 -11.06
CA ALA H 232 52.27 48.08 -10.31
C ALA H 232 53.10 47.07 -11.10
N GLY H 233 52.55 46.65 -12.24
CA GLY H 233 53.24 45.68 -13.08
C GLY H 233 53.11 44.27 -12.55
N VAL H 234 52.29 44.10 -11.53
CA VAL H 234 52.06 42.80 -10.90
C VAL H 234 51.04 41.96 -11.67
N GLN H 235 51.41 40.72 -11.98
CA GLN H 235 50.52 39.82 -12.69
C GLN H 235 49.50 39.20 -11.72
N LEU H 236 48.24 39.13 -12.14
CA LEU H 236 47.18 38.57 -11.31
C LEU H 236 46.90 37.13 -11.70
N TYR H 237 47.18 36.19 -10.79
CA TYR H 237 46.97 34.78 -11.05
C TYR H 237 45.66 34.26 -10.47
N TYR H 238 44.92 33.52 -11.29
CA TYR H 238 43.64 32.97 -10.87
C TYR H 238 43.69 31.49 -10.49
N ASP H 239 43.54 31.22 -9.20
CA ASP H 239 43.50 29.85 -8.72
C ASP H 239 42.05 29.49 -9.08
N GLY H 240 41.88 28.69 -10.12
CA GLY H 240 40.54 28.34 -10.58
C GLY H 240 39.74 27.25 -9.90
N ALA H 241 40.13 26.85 -8.70
CA ALA H 241 39.41 25.80 -7.99
C ALA H 241 37.94 26.11 -7.67
N ASN H 242 37.60 27.39 -7.60
CA ASN H 242 36.22 27.76 -7.28
C ASN H 242 35.42 28.23 -8.49
N LEU H 243 35.85 27.83 -9.67
CA LEU H 243 35.20 28.18 -10.92
C LEU H 243 33.74 27.70 -11.01
N ASN H 244 33.42 26.64 -10.26
CA ASN H 244 32.07 26.09 -10.29
C ASN H 244 31.00 27.09 -9.87
N ALA H 245 31.38 28.02 -9.00
CA ALA H 245 30.45 29.04 -8.52
C ALA H 245 30.02 30.02 -9.60
N ILE H 246 30.90 30.29 -10.56
CA ILE H 246 30.57 31.27 -11.60
C ILE H 246 30.56 30.80 -13.05
N MET H 247 30.70 29.50 -13.28
CA MET H 247 30.69 28.94 -14.62
C MET H 247 29.63 29.60 -15.50
N GLY H 248 30.05 30.18 -16.62
CA GLY H 248 29.08 30.80 -17.52
C GLY H 248 28.48 32.12 -17.08
N TRP H 249 28.69 32.52 -15.84
CA TRP H 249 28.13 33.78 -15.35
C TRP H 249 29.14 34.92 -15.37
N ALA H 250 30.41 34.58 -15.15
CA ALA H 250 31.48 35.57 -15.15
C ALA H 250 32.80 34.89 -15.50
N ARG H 251 33.69 35.61 -16.15
CA ARG H 251 34.98 35.05 -16.54
C ARG H 251 36.14 35.75 -15.85
N PRO H 252 37.08 34.98 -15.27
CA PRO H 252 38.24 35.56 -14.59
C PRO H 252 39.04 36.48 -15.51
N GLY H 253 39.00 36.19 -16.81
CA GLY H 253 39.71 37.02 -17.76
C GLY H 253 39.12 38.41 -17.81
N ASP H 254 37.81 38.50 -17.70
CA ASP H 254 37.13 39.79 -17.73
C ASP H 254 37.33 40.55 -16.42
N MET H 255 37.78 39.83 -15.39
CA MET H 255 38.03 40.43 -14.08
C MET H 255 39.42 41.04 -13.99
N GLY H 256 40.25 40.79 -15.00
CA GLY H 256 41.59 41.33 -15.00
C GLY H 256 42.67 40.30 -14.69
N PHE H 257 42.30 39.03 -14.65
CA PHE H 257 43.28 37.98 -14.38
C PHE H 257 44.11 37.75 -15.64
N ASP H 258 45.42 37.63 -15.47
CA ASP H 258 46.35 37.44 -16.57
C ASP H 258 46.61 35.97 -16.92
N VAL H 259 46.58 35.13 -15.90
CA VAL H 259 46.81 33.71 -16.10
C VAL H 259 45.88 32.92 -15.19
N VAL H 260 45.48 31.75 -15.66
CA VAL H 260 44.54 30.93 -14.91
C VAL H 260 44.83 29.44 -15.01
N HIS H 261 44.41 28.69 -14.00
CA HIS H 261 44.54 27.25 -14.02
C HIS H 261 43.15 26.76 -13.65
N LEU H 262 42.72 25.65 -14.23
CA LEU H 262 41.41 25.08 -13.93
C LEU H 262 41.60 23.69 -13.34
N ASN H 263 40.60 23.22 -12.62
CA ASN H 263 40.66 21.88 -12.03
C ASN H 263 39.53 21.06 -12.67
N LEU H 264 39.88 20.28 -13.68
CA LEU H 264 38.87 19.45 -14.36
C LEU H 264 38.28 18.42 -13.41
N HIS H 265 39.11 17.89 -12.50
CA HIS H 265 38.66 16.88 -11.54
C HIS H 265 37.82 17.48 -10.41
N LYS H 266 37.55 18.78 -10.48
CA LYS H 266 36.71 19.39 -9.47
C LYS H 266 35.48 19.95 -10.20
N THR H 267 35.68 21.03 -10.92
CA THR H 267 34.61 21.70 -11.67
C THR H 267 33.98 20.91 -12.82
N PHE H 268 34.79 20.21 -13.60
CA PHE H 268 34.30 19.50 -14.77
C PHE H 268 34.04 17.98 -14.70
N THR H 269 33.74 17.49 -13.50
CA THR H 269 33.41 16.07 -13.22
C THR H 269 34.42 14.95 -13.40
N VAL H 270 35.67 15.25 -13.71
CA VAL H 270 36.64 14.17 -13.83
C VAL H 270 36.67 13.57 -12.41
N PRO H 271 36.53 12.24 -12.29
CA PRO H 271 36.54 11.59 -10.98
C PRO H 271 37.72 11.91 -10.06
N HIS H 272 37.45 12.04 -8.77
CA HIS H 272 38.49 12.36 -7.79
C HIS H 272 39.46 11.20 -7.57
N GLY H 273 38.99 9.99 -7.86
CA GLY H 273 39.83 8.80 -7.74
C GLY H 273 40.60 8.52 -6.47
N GLY H 274 40.09 8.97 -5.32
CA GLY H 274 40.79 8.71 -4.06
C GLY H 274 42.05 9.55 -3.89
N GLY H 275 42.16 10.61 -4.67
CA GLY H 275 43.32 11.47 -4.57
C GLY H 275 43.82 11.96 -5.91
N GLY H 276 43.43 11.27 -6.98
CA GLY H 276 43.86 11.65 -8.32
C GLY H 276 43.61 10.49 -9.28
N PRO H 277 44.00 10.60 -10.56
CA PRO H 277 44.67 11.74 -11.22
C PRO H 277 43.69 12.86 -11.56
N GLY H 278 44.25 14.01 -11.95
CA GLY H 278 43.42 15.13 -12.33
C GLY H 278 43.92 15.77 -13.60
N SER H 279 43.68 17.07 -13.73
CA SER H 279 44.10 17.83 -14.90
C SER H 279 43.92 19.29 -14.55
N GLY H 280 44.97 20.08 -14.75
CA GLY H 280 44.90 21.49 -14.44
C GLY H 280 45.26 22.37 -15.61
N PRO H 281 44.37 22.48 -16.61
CA PRO H 281 44.67 23.33 -17.76
C PRO H 281 45.02 24.73 -17.32
N VAL H 282 45.94 25.37 -18.04
CA VAL H 282 46.36 26.72 -17.73
C VAL H 282 46.15 27.61 -18.95
N GLY H 283 45.35 28.65 -18.78
CA GLY H 283 45.07 29.59 -19.85
C GLY H 283 45.75 30.91 -19.51
N VAL H 284 46.06 31.70 -20.53
CA VAL H 284 46.72 32.98 -20.31
C VAL H 284 46.29 34.05 -21.31
N LYS H 285 46.51 35.31 -20.94
CA LYS H 285 46.20 36.43 -21.83
C LYS H 285 47.31 36.47 -22.87
N ALA H 286 47.03 37.14 -23.98
CA ALA H 286 47.99 37.24 -25.08
C ALA H 286 49.44 37.57 -24.74
N HIS H 287 49.67 38.46 -23.77
CA HIS H 287 51.04 38.82 -23.44
C HIS H 287 51.86 37.76 -22.71
N LEU H 288 51.20 36.72 -22.20
CA LEU H 288 51.93 35.66 -21.50
C LEU H 288 51.99 34.38 -22.34
N ALA H 289 51.22 34.35 -23.42
CA ALA H 289 51.15 33.20 -24.31
C ALA H 289 52.50 32.67 -24.83
N PRO H 290 53.44 33.57 -25.15
CA PRO H 290 54.74 33.09 -25.66
C PRO H 290 55.54 32.25 -24.66
N TYR H 291 55.18 32.32 -23.39
CA TYR H 291 55.89 31.57 -22.36
C TYR H 291 55.24 30.23 -22.02
N LEU H 292 54.11 29.94 -22.65
CA LEU H 292 53.40 28.69 -22.41
C LEU H 292 54.29 27.47 -22.63
N PRO H 293 54.10 26.41 -21.82
CA PRO H 293 54.94 25.23 -22.03
C PRO H 293 54.53 24.57 -23.34
N VAL H 294 55.44 23.78 -23.91
CA VAL H 294 55.16 23.08 -25.16
C VAL H 294 54.70 21.65 -24.85
N PRO H 295 53.91 21.06 -25.76
CA PRO H 295 53.46 21.65 -27.01
C PRO H 295 52.04 22.18 -26.86
N LEU H 296 51.64 23.05 -27.79
CA LEU H 296 50.30 23.59 -27.78
C LEU H 296 49.57 22.93 -28.92
N VAL H 297 48.26 22.75 -28.79
CA VAL H 297 47.49 22.15 -29.86
C VAL H 297 46.95 23.25 -30.77
N GLU H 298 47.39 23.23 -32.02
CA GLU H 298 46.96 24.22 -32.99
C GLU H 298 46.33 23.47 -34.15
N ARG H 299 45.82 24.22 -35.13
CA ARG H 299 45.23 23.57 -36.29
C ARG H 299 45.76 24.27 -37.53
N GLY H 300 46.13 23.48 -38.53
CA GLY H 300 46.65 24.04 -39.75
C GLY H 300 45.91 23.56 -40.98
N GLU H 301 46.49 23.82 -42.14
CA GLU H 301 45.90 23.42 -43.41
C GLU H 301 45.79 21.90 -43.45
N GLU H 302 46.80 21.22 -42.92
CA GLU H 302 46.85 19.77 -42.90
C GLU H 302 46.33 19.12 -41.62
N GLY H 303 45.30 19.73 -41.00
CA GLY H 303 44.75 19.17 -39.79
C GLY H 303 45.36 19.72 -38.51
N PHE H 304 44.92 19.18 -37.37
CA PHE H 304 45.44 19.63 -36.08
C PHE H 304 46.84 19.09 -35.86
N TYR H 305 47.66 19.84 -35.12
CA TYR H 305 49.02 19.41 -34.83
C TYR H 305 49.52 19.93 -33.50
N LEU H 306 50.64 19.37 -33.04
CA LEU H 306 51.25 19.76 -31.77
C LEU H 306 52.32 20.79 -32.11
N ASP H 307 52.17 21.99 -31.58
CA ASP H 307 53.13 23.05 -31.87
C ASP H 307 54.24 23.17 -30.82
N PHE H 308 55.47 22.91 -31.25
CA PHE H 308 56.62 22.99 -30.38
C PHE H 308 57.47 24.21 -30.72
N ASP H 309 57.11 24.89 -31.80
CA ASP H 309 57.86 26.06 -32.26
C ASP H 309 57.51 27.32 -31.48
N ARG H 310 58.04 27.41 -30.26
CA ARG H 310 57.77 28.54 -29.40
C ARG H 310 59.04 28.87 -28.60
N PRO H 311 59.90 29.74 -29.18
CA PRO H 311 61.18 30.18 -28.62
C PRO H 311 61.22 30.71 -27.19
N LYS H 312 60.11 31.24 -26.69
CA LYS H 312 60.12 31.77 -25.33
C LYS H 312 59.45 30.88 -24.28
N SER H 313 58.98 29.72 -24.72
CA SER H 313 58.32 28.77 -23.83
C SER H 313 59.14 28.46 -22.58
N ILE H 314 58.45 28.24 -21.46
CA ILE H 314 59.15 27.89 -20.23
C ILE H 314 59.67 26.46 -20.36
N GLY H 315 59.23 25.77 -21.41
CA GLY H 315 59.67 24.39 -21.61
C GLY H 315 58.56 23.37 -21.47
N ARG H 316 58.87 22.24 -20.82
CA ARG H 316 57.91 21.16 -20.58
C ARG H 316 57.72 21.01 -19.08
N VAL H 317 56.49 20.73 -18.63
CA VAL H 317 56.23 20.56 -17.21
C VAL H 317 55.85 19.11 -16.84
N ARG H 318 55.66 18.26 -17.84
CA ARG H 318 55.34 16.85 -17.63
C ARG H 318 55.50 16.16 -18.98
N SER H 319 55.45 14.83 -19.01
CA SER H 319 55.62 14.10 -20.26
C SER H 319 54.42 14.21 -21.18
N PHE H 320 54.67 14.03 -22.47
CA PHE H 320 53.64 14.06 -23.48
C PHE H 320 52.84 15.36 -23.56
N TYR H 321 51.53 15.28 -23.74
CA TYR H 321 50.71 16.47 -23.92
C TYR H 321 49.64 16.79 -22.89
N GLY H 322 49.51 15.94 -21.88
CA GLY H 322 48.50 16.17 -20.86
C GLY H 322 47.70 14.91 -20.59
N ASN H 323 46.92 14.91 -19.52
CA ASN H 323 46.11 13.75 -19.18
C ASN H 323 44.90 13.68 -20.09
N PHE H 324 45.15 13.26 -21.33
CA PHE H 324 44.14 13.16 -22.38
C PHE H 324 42.81 12.51 -22.01
N LEU H 325 42.85 11.38 -21.31
CA LEU H 325 41.60 10.70 -20.95
C LEU H 325 40.73 11.56 -20.03
N ALA H 326 41.37 12.46 -19.30
CA ALA H 326 40.62 13.35 -18.42
C ALA H 326 40.02 14.43 -19.31
N LEU H 327 40.77 14.83 -20.33
CA LEU H 327 40.31 15.87 -21.25
C LEU H 327 39.04 15.37 -21.96
N VAL H 328 39.01 14.09 -22.28
CA VAL H 328 37.86 13.48 -22.95
C VAL H 328 36.62 13.62 -22.07
N ARG H 329 36.79 13.37 -20.77
CA ARG H 329 35.68 13.46 -19.81
C ARG H 329 35.13 14.89 -19.79
N ALA H 330 36.02 15.86 -19.65
CA ALA H 330 35.64 17.27 -19.58
C ALA H 330 34.96 17.72 -20.86
N TRP H 331 35.50 17.28 -22.00
CA TRP H 331 34.95 17.64 -23.31
C TRP H 331 33.51 17.13 -23.39
N ALA H 332 33.29 15.92 -22.90
CA ALA H 332 31.96 15.30 -22.92
C ALA H 332 30.99 16.04 -22.02
N TYR H 333 31.47 16.45 -20.85
CA TYR H 333 30.65 17.17 -19.90
C TYR H 333 30.17 18.46 -20.53
N ILE H 334 31.10 19.21 -21.12
CA ILE H 334 30.78 20.48 -21.75
C ILE H 334 29.84 20.30 -22.94
N ARG H 335 30.08 19.29 -23.77
CA ARG H 335 29.25 19.06 -24.94
C ARG H 335 27.85 18.57 -24.57
N THR H 336 27.71 18.07 -23.34
CA THR H 336 26.44 17.58 -22.86
C THR H 336 25.59 18.74 -22.29
N LEU H 337 26.20 19.54 -21.43
CA LEU H 337 25.49 20.65 -20.79
C LEU H 337 25.34 21.92 -21.61
N GLY H 338 26.37 22.30 -22.36
CA GLY H 338 26.30 23.53 -23.14
C GLY H 338 26.39 24.71 -22.19
N LEU H 339 26.42 25.93 -22.74
CA LEU H 339 26.49 27.12 -21.91
C LEU H 339 25.37 27.18 -20.89
N GLU H 340 24.16 26.83 -21.30
CA GLU H 340 23.01 26.87 -20.40
C GLU H 340 23.07 25.85 -19.27
N GLY H 341 23.54 24.63 -19.57
CA GLY H 341 23.64 23.61 -18.55
C GLY H 341 24.72 23.99 -17.53
N LEU H 342 25.81 24.56 -18.01
CA LEU H 342 26.90 24.96 -17.14
C LEU H 342 26.45 26.12 -16.23
N LYS H 343 25.69 27.06 -16.80
CA LYS H 343 25.20 28.19 -16.02
C LYS H 343 24.22 27.72 -14.96
N LYS H 344 23.32 26.82 -15.35
CA LYS H 344 22.35 26.29 -14.40
C LYS H 344 23.11 25.57 -13.30
N ALA H 345 24.16 24.84 -13.68
CA ALA H 345 24.97 24.10 -12.72
C ALA H 345 25.58 25.05 -11.69
N ALA H 346 26.16 26.14 -12.17
CA ALA H 346 26.76 27.11 -11.27
C ALA H 346 25.70 27.69 -10.34
N ALA H 347 24.58 28.11 -10.91
CA ALA H 347 23.49 28.71 -10.16
C ALA H 347 22.94 27.81 -9.04
N LEU H 348 22.70 26.54 -9.34
CA LEU H 348 22.18 25.63 -8.35
C LEU H 348 23.25 25.24 -7.33
N ALA H 349 24.51 25.32 -7.74
CA ALA H 349 25.60 25.01 -6.83
C ALA H 349 25.58 26.11 -5.77
N VAL H 350 25.40 27.35 -6.22
CA VAL H 350 25.35 28.48 -5.31
C VAL H 350 24.07 28.40 -4.48
N LEU H 351 22.96 28.10 -5.15
CA LEU H 351 21.69 27.99 -4.44
C LEU H 351 21.75 26.94 -3.36
N ASN H 352 22.38 25.81 -3.64
CA ASN H 352 22.50 24.75 -2.64
C ASN H 352 23.32 25.21 -1.45
N ALA H 353 24.43 25.88 -1.72
CA ALA H 353 25.29 26.37 -0.65
C ALA H 353 24.55 27.36 0.24
N ARG H 354 23.87 28.34 -0.35
CA ARG H 354 23.13 29.33 0.43
C ARG H 354 21.99 28.71 1.23
N TYR H 355 21.31 27.75 0.63
CA TYR H 355 20.19 27.09 1.30
C TYR H 355 20.68 26.32 2.53
N LEU H 356 21.69 25.47 2.33
CA LEU H 356 22.23 24.69 3.43
C LEU H 356 22.81 25.62 4.50
N LYS H 357 23.30 26.76 4.06
CA LYS H 357 23.86 27.75 4.98
C LYS H 357 22.75 28.16 5.94
N GLU H 358 21.61 28.54 5.38
CA GLU H 358 20.47 28.95 6.17
C GLU H 358 20.02 27.85 7.13
N LEU H 359 19.99 26.61 6.63
CA LEU H 359 19.56 25.49 7.46
C LEU H 359 20.51 25.23 8.63
N LEU H 360 21.81 25.46 8.43
CA LEU H 360 22.77 25.23 9.51
C LEU H 360 22.72 26.33 10.56
N LYS H 361 22.55 27.57 10.13
CA LYS H 361 22.46 28.69 11.06
C LYS H 361 21.24 28.48 11.95
N GLU H 362 20.17 27.96 11.37
CA GLU H 362 18.94 27.70 12.11
C GLU H 362 19.19 26.68 13.21
N LYS H 363 20.18 25.81 13.01
CA LYS H 363 20.50 24.78 14.00
C LYS H 363 21.45 25.30 15.07
N GLY H 364 21.94 26.51 14.91
CA GLY H 364 22.85 27.05 15.90
C GLY H 364 24.27 27.25 15.43
N TYR H 365 24.59 26.79 14.22
CA TYR H 365 25.94 26.96 13.70
C TYR H 365 26.15 28.41 13.30
N ARG H 366 27.38 28.90 13.46
CA ARG H 366 27.71 30.28 13.14
C ARG H 366 28.47 30.42 11.83
N VAL H 367 28.34 31.59 11.20
CA VAL H 367 29.03 31.88 9.95
C VAL H 367 29.74 33.22 10.14
N PRO H 368 31.02 33.20 10.55
CA PRO H 368 31.79 34.41 10.78
C PRO H 368 31.71 35.44 9.65
N TYR H 369 31.91 34.98 8.42
CA TYR H 369 31.82 35.89 7.28
C TYR H 369 30.63 35.43 6.45
N ASP H 370 29.43 35.90 6.78
CA ASP H 370 28.27 35.46 6.02
C ASP H 370 27.67 36.46 5.04
N GLY H 371 28.48 36.88 4.07
CA GLY H 371 27.98 37.77 3.04
C GLY H 371 27.27 36.82 2.08
N PRO H 372 26.84 37.26 0.90
CA PRO H 372 26.15 36.35 -0.02
C PRO H 372 27.03 35.17 -0.46
N SER H 373 26.80 34.01 0.15
CA SER H 373 27.56 32.81 -0.17
C SER H 373 27.45 32.39 -1.62
N MET H 374 28.55 31.88 -2.16
CA MET H 374 28.55 31.40 -3.54
C MET H 374 28.44 29.87 -3.50
N HIS H 375 29.40 29.15 -4.06
CA HIS H 375 29.32 27.69 -4.06
C HIS H 375 29.62 27.03 -2.72
N GLU H 376 30.10 27.82 -1.76
CA GLU H 376 30.42 27.28 -0.45
C GLU H 376 30.38 28.37 0.61
N PHE H 377 30.51 27.95 1.87
CA PHE H 377 30.50 28.86 3.00
C PHE H 377 31.21 28.19 4.16
N VAL H 378 31.76 29.00 5.06
CA VAL H 378 32.47 28.47 6.21
C VAL H 378 31.74 28.78 7.50
N ALA H 379 31.35 27.74 8.22
CA ALA H 379 30.64 27.89 9.48
C ALA H 379 31.51 27.44 10.63
N GLN H 380 31.01 27.65 11.83
CA GLN H 380 31.70 27.26 13.06
C GLN H 380 30.65 26.62 13.95
N PRO H 381 31.04 25.62 14.74
CA PRO H 381 30.06 25.01 15.61
C PRO H 381 29.74 25.99 16.73
N PRO H 382 28.61 25.81 17.42
CA PRO H 382 28.35 26.77 18.48
C PRO H 382 29.45 26.63 19.53
N GLU H 383 29.63 27.67 20.34
CA GLU H 383 30.64 27.66 21.38
C GLU H 383 30.64 26.37 22.19
N GLY H 384 31.81 25.78 22.37
CA GLY H 384 31.90 24.55 23.13
C GLY H 384 32.17 23.28 22.32
N PHE H 385 31.78 23.27 21.05
CA PHE H 385 31.98 22.10 20.21
C PHE H 385 33.14 22.32 19.24
N ARG H 386 33.84 21.24 18.90
CA ARG H 386 34.94 21.33 17.96
C ARG H 386 34.57 20.60 16.68
N ALA H 387 34.96 21.16 15.54
CA ALA H 387 34.65 20.57 14.24
C ALA H 387 35.07 19.11 14.14
N LEU H 388 36.19 18.78 14.76
CA LEU H 388 36.71 17.42 14.74
C LEU H 388 35.69 16.39 15.22
N ASP H 389 35.13 16.64 16.39
CA ASP H 389 34.15 15.71 16.96
C ASP H 389 32.84 15.68 16.19
N LEU H 390 32.41 16.83 15.68
CA LEU H 390 31.17 16.88 14.92
C LEU H 390 31.36 16.09 13.64
N ALA H 391 32.58 16.14 13.10
CA ALA H 391 32.91 15.43 11.88
C ALA H 391 32.82 13.92 12.11
N LYS H 392 33.38 13.47 13.23
CA LYS H 392 33.35 12.05 13.57
C LYS H 392 31.93 11.61 13.89
N GLY H 393 31.14 12.51 14.45
CA GLY H 393 29.75 12.18 14.76
C GLY H 393 28.99 11.94 13.48
N LEU H 394 29.27 12.78 12.48
CA LEU H 394 28.63 12.65 11.17
C LEU H 394 28.90 11.26 10.63
N LEU H 395 30.17 10.85 10.69
CA LEU H 395 30.59 9.54 10.22
C LEU H 395 29.72 8.45 10.84
N GLU H 396 29.47 8.55 12.14
CA GLU H 396 28.65 7.57 12.83
C GLU H 396 27.21 7.59 12.33
N LEU H 397 26.74 8.76 11.92
CA LEU H 397 25.37 8.90 11.42
C LEU H 397 25.22 8.45 9.96
N GLY H 398 26.33 8.08 9.33
CA GLY H 398 26.26 7.63 7.95
C GLY H 398 26.49 8.72 6.93
N PHE H 399 26.90 9.89 7.39
CA PHE H 399 27.17 11.01 6.49
C PHE H 399 28.68 11.24 6.45
N HIS H 400 29.12 12.08 5.53
CA HIS H 400 30.53 12.41 5.46
C HIS H 400 30.58 13.89 5.79
N PRO H 401 31.55 14.31 6.60
CA PRO H 401 31.67 15.72 6.97
C PRO H 401 32.18 16.60 5.84
N PRO H 402 32.09 17.92 6.01
CA PRO H 402 32.58 18.85 4.99
C PRO H 402 34.07 18.98 5.28
N THR H 403 34.73 19.92 4.64
CA THR H 403 36.15 20.13 4.89
C THR H 403 36.23 20.76 6.27
N VAL H 404 37.19 20.34 7.08
CA VAL H 404 37.34 20.91 8.42
C VAL H 404 38.70 21.57 8.62
N TYR H 405 38.70 22.65 9.39
CA TYR H 405 39.92 23.37 9.71
C TYR H 405 40.61 24.06 8.52
N PHE H 406 39.80 24.58 7.62
CA PHE H 406 40.28 25.31 6.44
C PHE H 406 39.09 26.07 5.89
N PRO H 407 39.29 27.34 5.47
CA PRO H 407 40.57 28.05 5.51
C PRO H 407 41.09 28.21 6.94
N LEU H 408 42.35 28.62 7.05
CA LEU H 408 42.98 28.76 8.36
C LEU H 408 42.55 29.98 9.18
N ILE H 409 41.87 30.94 8.56
CA ILE H 409 41.45 32.13 9.28
C ILE H 409 40.17 31.96 10.10
N VAL H 410 39.60 30.76 10.09
CA VAL H 410 38.39 30.50 10.86
C VAL H 410 38.60 29.33 11.83
N LYS H 411 38.44 29.61 13.12
CA LYS H 411 38.61 28.59 14.16
C LYS H 411 37.52 27.53 14.03
N GLU H 412 37.90 26.27 14.22
CA GLU H 412 36.96 25.16 14.13
C GLU H 412 36.13 25.28 12.84
N ALA H 413 36.81 25.61 11.75
CA ALA H 413 36.15 25.80 10.46
C ALA H 413 35.43 24.58 9.89
N LEU H 414 34.24 24.84 9.33
CA LEU H 414 33.42 23.81 8.70
C LEU H 414 33.15 24.38 7.31
N MET H 415 34.02 24.02 6.37
CA MET H 415 33.94 24.49 4.99
C MET H 415 32.99 23.59 4.21
N VAL H 416 31.80 24.09 3.95
CA VAL H 416 30.76 23.31 3.27
C VAL H 416 30.46 23.69 1.81
N GLU H 417 30.61 22.70 0.92
CA GLU H 417 30.33 22.87 -0.50
C GLU H 417 29.51 21.67 -0.97
N PRO H 418 28.18 21.85 -1.13
CA PRO H 418 27.33 20.74 -1.57
C PRO H 418 27.38 20.37 -3.06
N THR H 419 27.64 21.36 -3.90
CA THR H 419 27.67 21.23 -5.38
C THR H 419 26.22 21.18 -5.87
N GLU H 420 26.05 21.35 -7.17
CA GLU H 420 24.72 21.38 -7.78
C GLU H 420 24.00 20.04 -7.95
N THR H 421 24.74 18.94 -7.92
CA THR H 421 24.13 17.64 -8.12
C THR H 421 23.43 17.03 -6.90
N GLU H 422 23.53 17.70 -5.76
CA GLU H 422 22.88 17.19 -4.54
C GLU H 422 21.47 17.76 -4.44
N ALA H 423 20.56 16.93 -3.94
CA ALA H 423 19.15 17.30 -3.82
C ALA H 423 18.76 18.04 -2.54
N LYS H 424 17.67 18.79 -2.64
CA LYS H 424 17.14 19.56 -1.53
C LYS H 424 16.96 18.74 -0.26
N GLU H 425 16.34 17.56 -0.39
CA GLU H 425 16.11 16.70 0.77
C GLU H 425 17.42 16.19 1.37
N THR H 426 18.45 16.08 0.54
CA THR H 426 19.75 15.61 1.02
C THR H 426 20.40 16.70 1.87
N LEU H 427 20.28 17.95 1.43
CA LEU H 427 20.84 19.06 2.18
C LEU H 427 20.14 19.16 3.54
N GLU H 428 18.82 18.97 3.54
CA GLU H 428 18.02 19.04 4.76
C GLU H 428 18.33 17.89 5.73
N ALA H 429 18.44 16.68 5.20
CA ALA H 429 18.73 15.54 6.06
C ALA H 429 20.10 15.76 6.70
N PHE H 430 21.02 16.33 5.92
CA PHE H 430 22.38 16.60 6.41
C PHE H 430 22.33 17.60 7.57
N ALA H 431 21.60 18.70 7.36
CA ALA H 431 21.46 19.75 8.36
C ALA H 431 20.83 19.16 9.61
N GLU H 432 19.84 18.31 9.43
CA GLU H 432 19.16 17.67 10.55
C GLU H 432 20.19 16.89 11.37
N ALA H 433 21.09 16.19 10.69
CA ALA H 433 22.12 15.43 11.37
C ALA H 433 23.07 16.38 12.10
N MET H 434 23.39 17.50 11.47
CA MET H 434 24.28 18.49 12.07
C MET H 434 23.64 19.02 13.36
N GLY H 435 22.32 19.18 13.34
CA GLY H 435 21.62 19.67 14.50
C GLY H 435 21.51 18.64 15.60
N ALA H 436 21.31 17.38 15.22
CA ALA H 436 21.17 16.31 16.20
C ALA H 436 22.48 16.06 16.95
N LEU H 437 23.60 16.32 16.30
CA LEU H 437 24.89 16.11 16.94
C LEU H 437 25.16 17.11 18.06
N LEU H 438 24.59 18.29 17.95
CA LEU H 438 24.77 19.31 18.97
C LEU H 438 24.00 18.94 20.23
N LYS H 439 23.07 18.01 20.10
CA LYS H 439 22.26 17.56 21.21
C LYS H 439 22.87 16.34 21.90
N LYS H 440 23.92 15.79 21.29
CA LYS H 440 24.58 14.62 21.85
C LYS H 440 25.52 14.96 23.00
N PRO H 441 25.62 14.07 24.01
CA PRO H 441 26.51 14.33 25.15
C PRO H 441 27.95 14.42 24.66
N LYS H 442 28.65 15.43 25.16
CA LYS H 442 30.04 15.68 24.78
C LYS H 442 30.91 14.42 24.74
N GLU H 443 30.68 13.49 25.66
CA GLU H 443 31.46 12.27 25.69
C GLU H 443 31.16 11.39 24.48
N TRP H 444 29.92 11.45 23.99
CA TRP H 444 29.53 10.65 22.84
C TRP H 444 30.28 11.13 21.60
N LEU H 445 30.37 12.45 21.44
CA LEU H 445 31.06 13.04 20.29
C LEU H 445 32.56 12.78 20.31
N GLU H 446 33.19 13.01 21.45
CA GLU H 446 34.63 12.82 21.59
C GLU H 446 35.10 11.39 21.36
N ASN H 447 34.18 10.44 21.45
CA ASN H 447 34.56 9.04 21.24
C ASN H 447 33.97 8.41 19.99
N ALA H 448 33.34 9.24 19.16
CA ALA H 448 32.75 8.77 17.91
C ALA H 448 33.87 8.75 16.85
N PRO H 449 33.72 7.94 15.80
CA PRO H 449 32.60 7.05 15.48
C PRO H 449 32.69 5.71 16.23
N TYR H 450 31.64 4.91 16.11
CA TYR H 450 31.56 3.62 16.80
C TYR H 450 31.28 2.45 15.87
N SER H 451 30.46 2.68 14.86
CA SER H 451 30.03 1.65 13.93
C SER H 451 30.84 1.51 12.63
N THR H 452 31.77 2.42 12.39
CA THR H 452 32.59 2.38 11.18
C THR H 452 33.56 1.20 11.21
N PRO H 453 34.06 0.77 10.03
CA PRO H 453 35.00 -0.36 9.97
C PRO H 453 36.20 -0.20 10.90
N VAL H 454 36.46 1.04 11.26
CA VAL H 454 37.55 1.38 12.15
C VAL H 454 37.15 2.67 12.86
N ARG H 455 37.46 2.76 14.16
CA ARG H 455 37.13 3.95 14.93
C ARG H 455 38.32 4.91 14.89
N ARG H 456 38.31 5.95 15.72
CA ARG H 456 39.42 6.91 15.70
C ARG H 456 40.78 6.23 15.74
N LEU H 457 41.66 6.65 14.84
CA LEU H 457 43.00 6.08 14.73
C LEU H 457 44.06 6.83 15.51
N ASP H 458 45.03 6.08 16.03
CA ASP H 458 46.13 6.63 16.80
C ASP H 458 47.11 7.34 15.89
N GLU H 459 46.97 8.67 15.78
CA GLU H 459 47.84 9.46 14.94
C GLU H 459 49.26 9.51 15.48
N LEU H 460 49.38 9.62 16.81
CA LEU H 460 50.70 9.69 17.43
C LEU H 460 51.57 8.50 17.01
N ARG H 461 51.02 7.30 17.07
CA ARG H 461 51.77 6.11 16.68
C ARG H 461 52.19 6.20 15.22
N ALA H 462 51.27 6.63 14.38
CA ALA H 462 51.52 6.75 12.93
C ALA H 462 52.66 7.71 12.63
N ASN H 463 52.75 8.79 13.38
CA ASN H 463 53.79 9.79 13.18
C ASN H 463 55.08 9.52 13.96
N LYS H 464 54.96 8.84 15.09
CA LYS H 464 56.12 8.54 15.91
C LYS H 464 56.79 7.21 15.53
N HIS H 465 55.97 6.19 15.32
CA HIS H 465 56.46 4.87 14.92
C HIS H 465 55.80 4.51 13.60
N PRO H 466 56.12 5.26 12.55
CA PRO H 466 55.53 4.99 11.23
C PRO H 466 55.91 3.66 10.60
N LYS H 467 54.90 3.01 10.02
CA LYS H 467 55.11 1.75 9.32
C LYS H 467 54.57 2.05 7.93
N LEU H 468 55.49 2.37 7.03
CA LEU H 468 55.19 2.76 5.65
C LEU H 468 54.98 1.68 4.59
N THR H 469 55.27 0.43 4.92
CA THR H 469 55.08 -0.67 3.98
C THR H 469 54.89 -1.94 4.80
N TYR H 470 54.35 -2.97 4.17
CA TYR H 470 54.13 -4.23 4.84
C TYR H 470 55.45 -4.81 5.38
N PHE H 471 56.55 -4.58 4.67
CA PHE H 471 57.83 -5.11 5.09
C PHE H 471 58.58 -4.18 6.04
N ASP H 472 58.10 -2.95 6.16
CA ASP H 472 58.68 -1.97 7.06
C ASP H 472 60.20 -2.03 7.09
N GLU H 473 60.81 -1.89 5.93
CA GLU H 473 62.26 -1.92 5.78
C GLU H 473 62.87 -0.59 6.21
N GLY H 474 64.11 -0.64 6.70
CA GLY H 474 64.78 0.57 7.11
C GLY H 474 64.26 1.14 8.43
#